data_2QG4
#
_entry.id   2QG4
#
_cell.length_a   193.868
_cell.length_b   193.868
_cell.length_c   352.223
_cell.angle_alpha   90.00
_cell.angle_beta   90.00
_cell.angle_gamma   120.00
#
_symmetry.space_group_name_H-M   'H 3'
#
loop_
_entity.id
_entity.type
_entity.pdbx_description
1 polymer 'UDP-glucose 6-dehydrogenase'
2 non-polymer NICOTINAMIDE-ADENINE-DINUCLEOTIDE
3 non-polymer "URIDINE-5'-DIPHOSPHATE-GLUCURONIC ACID"
4 non-polymer 'CHLORIDE ION'
5 non-polymer 1,2-ETHANEDIOL
6 water water
#
_entity_poly.entity_id   1
_entity_poly.type   'polypeptide(L)'
_entity_poly.pdbx_seq_one_letter_code
;SMFEIKKICCIGAGYVGGPTCSVIAHMCPEIRVTVVDVNESRINAWNSPTLPIYEPGLKEVVESCRGKNLFFSTNIDDAI
KEADLVFISVNTPTKTYGMGKGRAADLKYIEACARRIVQNSNGYKIVTEKSTVPVRAAESIRRIFDANTKPNLNLQVLSN
PEFLAEGTAIKDLKNPDRVLIGGDETPEGQRAVQALCAVYEHWVPREKILTTNTWSSELSKLAANAFLAQRISSINSISA
LCEATGADVEEVATAIGMDQRIGNKFLKASVGFGGSCFQKDVLNLVYLCEALNLPEVARYWQQVIDMNDYQRRRFASRII
DSLFNTVTDKKIAILGFAFKKDTGDTRESSSIYISKYLMDEGAHLHIYDPKVPREQIVVDLSHPGVSEDDQVSRLVTISK
DPYEACDGAHAVVICTEWDMFKELDYERIHKKMLKPAFIFDGRRVLDGLHNELQTIGFQIETIGKKV
;
_entity_poly.pdbx_strand_id   A,B,C,D,E,F,G,H
#
loop_
_chem_comp.id
_chem_comp.type
_chem_comp.name
_chem_comp.formula
CL non-polymer 'CHLORIDE ION' 'Cl -1'
EDO non-polymer 1,2-ETHANEDIOL 'C2 H6 O2'
NAD non-polymer NICOTINAMIDE-ADENINE-DINUCLEOTIDE 'C21 H27 N7 O14 P2'
UGA non-polymer 'URIDINE-5'-DIPHOSPHATE-GLUCURONIC ACID' 'C15 H22 N2 O18 P2'
#
# COMPACT_ATOMS: atom_id res chain seq x y z
N MET A 2 -82.29 40.36 -23.83
CA MET A 2 -82.87 39.18 -23.14
C MET A 2 -84.38 39.36 -22.98
N PHE A 3 -85.14 38.30 -23.20
CA PHE A 3 -86.61 38.32 -23.11
C PHE A 3 -87.11 38.42 -21.65
N GLU A 4 -87.95 39.42 -21.36
CA GLU A 4 -88.55 39.57 -20.02
C GLU A 4 -89.99 39.03 -19.96
N ILE A 5 -90.18 38.09 -19.02
CA ILE A 5 -91.49 37.55 -18.67
C ILE A 5 -92.19 38.52 -17.71
N LYS A 6 -93.35 39.01 -18.12
CA LYS A 6 -94.11 39.98 -17.34
C LYS A 6 -95.57 39.54 -17.07
N LYS A 7 -96.05 38.54 -17.78
CA LYS A 7 -97.34 37.92 -17.44
C LYS A 7 -97.18 36.42 -17.36
N ILE A 8 -97.48 35.88 -16.18
CA ILE A 8 -97.48 34.44 -15.97
C ILE A 8 -98.93 33.98 -15.77
N CYS A 9 -99.32 32.96 -16.54
CA CYS A 9 -100.57 32.26 -16.30
C CYS A 9 -100.20 30.89 -15.72
N CYS A 10 -100.92 30.44 -14.70
CA CYS A 10 -100.71 29.08 -14.19
C CYS A 10 -102.03 28.30 -14.23
N ILE A 11 -102.08 27.30 -15.11
CA ILE A 11 -103.25 26.42 -15.21
C ILE A 11 -103.18 25.37 -14.10
N GLY A 12 -104.10 25.46 -13.15
CA GLY A 12 -104.09 24.60 -11.96
C GLY A 12 -103.80 25.39 -10.69
N ALA A 13 -104.86 25.72 -9.95
CA ALA A 13 -104.75 26.42 -8.67
C ALA A 13 -104.81 25.43 -7.50
N GLY A 14 -103.96 24.40 -7.55
CA GLY A 14 -103.92 23.39 -6.51
C GLY A 14 -102.81 23.63 -5.50
N TYR A 15 -102.36 22.53 -4.90
CA TYR A 15 -101.35 22.54 -3.85
C TYR A 15 -99.96 22.99 -4.33
N VAL A 16 -99.61 22.67 -5.58
CA VAL A 16 -98.36 23.14 -6.16
C VAL A 16 -98.54 24.55 -6.76
N GLY A 17 -99.50 24.69 -7.68
CA GLY A 17 -99.68 25.92 -8.44
C GLY A 17 -100.02 27.17 -7.64
N GLY A 18 -100.95 27.04 -6.69
CA GLY A 18 -101.33 28.16 -5.86
C GLY A 18 -100.18 28.79 -5.10
N PRO A 19 -99.52 28.02 -4.22
CA PRO A 19 -98.38 28.55 -3.45
C PRO A 19 -97.15 28.96 -4.30
N THR A 20 -96.78 28.15 -5.30
CA THR A 20 -95.66 28.49 -6.17
C THR A 20 -95.86 29.89 -6.77
N CYS A 21 -97.04 30.12 -7.35
CA CYS A 21 -97.34 31.39 -8.00
C CYS A 21 -97.48 32.57 -7.08
N SER A 22 -97.98 32.30 -5.87
CA SER A 22 -98.07 33.34 -4.83
C SER A 22 -96.69 33.84 -4.39
N VAL A 23 -95.75 32.93 -4.26
CA VAL A 23 -94.39 33.29 -3.92
C VAL A 23 -93.74 34.06 -5.10
N ILE A 24 -93.96 33.61 -6.34
CA ILE A 24 -93.42 34.33 -7.50
C ILE A 24 -93.91 35.78 -7.52
N ALA A 25 -95.22 35.98 -7.37
CA ALA A 25 -95.81 37.33 -7.35
C ALA A 25 -95.20 38.20 -6.23
N HIS A 26 -95.11 37.60 -5.05
CA HIS A 26 -94.55 38.22 -3.86
C HIS A 26 -93.10 38.66 -4.08
N MET A 27 -92.31 37.85 -4.78
CA MET A 27 -90.89 38.12 -5.01
C MET A 27 -90.61 38.96 -6.27
N CYS A 28 -91.57 38.98 -7.19
CA CYS A 28 -91.42 39.65 -8.46
C CYS A 28 -92.57 40.62 -8.69
N PRO A 29 -92.54 41.79 -8.04
CA PRO A 29 -93.68 42.74 -8.15
C PRO A 29 -94.00 43.23 -9.57
N GLU A 30 -93.02 43.16 -10.46
CA GLU A 30 -93.18 43.65 -11.83
C GLU A 30 -93.71 42.57 -12.79
N ILE A 31 -94.06 41.40 -12.25
CA ILE A 31 -94.72 40.35 -13.05
C ILE A 31 -96.17 40.18 -12.57
N ARG A 32 -97.11 40.20 -13.52
CA ARG A 32 -98.51 39.88 -13.22
C ARG A 32 -98.71 38.36 -13.27
N VAL A 33 -99.12 37.78 -12.13
CA VAL A 33 -99.24 36.33 -11.97
C VAL A 33 -100.73 35.98 -11.81
N THR A 34 -101.27 35.28 -12.79
CA THR A 34 -102.68 34.87 -12.79
C THR A 34 -102.79 33.33 -12.72
N VAL A 35 -103.38 32.86 -11.63
CA VAL A 35 -103.57 31.44 -11.37
C VAL A 35 -105.01 31.10 -11.76
N VAL A 36 -105.17 30.09 -12.62
CA VAL A 36 -106.50 29.76 -13.15
C VAL A 36 -106.86 28.27 -12.93
N ASP A 37 -108.14 27.99 -12.93
CA ASP A 37 -108.64 26.65 -12.68
C ASP A 37 -110.06 26.53 -13.21
N VAL A 38 -110.45 25.32 -13.62
CA VAL A 38 -111.83 25.04 -14.00
C VAL A 38 -112.72 25.02 -12.75
N ASN A 39 -112.14 24.71 -11.60
CA ASN A 39 -112.90 24.59 -10.35
C ASN A 39 -113.20 25.96 -9.77
N GLU A 40 -114.45 26.39 -9.96
CA GLU A 40 -114.89 27.74 -9.64
C GLU A 40 -114.89 28.04 -8.14
N SER A 41 -115.30 27.06 -7.34
CA SER A 41 -115.33 27.25 -5.89
C SER A 41 -113.92 27.29 -5.29
N ARG A 42 -113.01 26.54 -5.91
CA ARG A 42 -111.59 26.60 -5.53
C ARG A 42 -111.02 27.99 -5.79
N ILE A 43 -111.27 28.54 -6.98
CA ILE A 43 -110.81 29.90 -7.32
C ILE A 43 -111.41 30.96 -6.39
N ASN A 44 -112.71 30.83 -6.11
CA ASN A 44 -113.41 31.79 -5.25
C ASN A 44 -112.88 31.73 -3.82
N ALA A 45 -112.46 30.54 -3.41
CA ALA A 45 -111.83 30.33 -2.10
C ALA A 45 -110.45 30.98 -2.02
N TRP A 46 -109.68 30.94 -3.11
CA TRP A 46 -108.37 31.63 -3.15
C TRP A 46 -108.50 33.14 -2.99
N ASN A 47 -109.65 33.69 -3.37
CA ASN A 47 -109.93 35.10 -3.15
C ASN A 47 -110.65 35.38 -1.82
N SER A 48 -110.85 34.34 -1.00
CA SER A 48 -111.57 34.46 0.27
C SER A 48 -110.63 34.59 1.47
N PRO A 49 -111.18 34.91 2.66
CA PRO A 49 -110.40 34.86 3.89
C PRO A 49 -109.91 33.48 4.32
N THR A 50 -110.42 32.42 3.70
CA THR A 50 -110.00 31.06 4.02
C THR A 50 -109.61 30.35 2.75
N LEU A 51 -108.30 30.20 2.56
CA LEU A 51 -107.75 29.67 1.33
C LEU A 51 -108.06 28.17 1.25
N PRO A 52 -108.15 27.64 0.03
CA PRO A 52 -108.50 26.24 -0.15
C PRO A 52 -107.32 25.27 0.09
N ILE A 53 -106.15 25.82 0.43
CA ILE A 53 -104.98 25.05 0.78
C ILE A 53 -104.47 25.65 2.09
N TYR A 54 -104.25 24.83 3.11
CA TYR A 54 -103.58 25.31 4.32
C TYR A 54 -102.08 25.00 4.27
N GLU A 55 -101.27 26.05 4.19
CA GLU A 55 -99.83 25.96 4.38
C GLU A 55 -99.40 27.12 5.27
N PRO A 56 -98.57 26.86 6.29
CA PRO A 56 -98.02 27.96 7.11
C PRO A 56 -97.34 29.02 6.24
N GLY A 57 -97.69 30.28 6.49
CA GLY A 57 -97.13 31.39 5.72
C GLY A 57 -97.89 31.74 4.46
N LEU A 58 -98.69 30.83 3.92
CA LEU A 58 -99.33 31.04 2.60
C LEU A 58 -100.29 32.23 2.61
N LYS A 59 -101.08 32.35 3.67
CA LYS A 59 -102.11 33.39 3.77
C LYS A 59 -101.48 34.76 3.71
N GLU A 60 -100.39 34.92 4.45
CA GLU A 60 -99.62 36.14 4.47
C GLU A 60 -99.01 36.46 3.10
N VAL A 61 -98.45 35.46 2.42
CA VAL A 61 -97.90 35.68 1.08
C VAL A 61 -99.04 36.12 0.13
N VAL A 62 -100.09 35.33 0.07
CA VAL A 62 -101.22 35.64 -0.80
C VAL A 62 -101.76 37.05 -0.55
N GLU A 63 -102.06 37.35 0.72
CA GLU A 63 -102.66 38.64 1.06
C GLU A 63 -101.73 39.81 0.81
N SER A 64 -100.43 39.56 0.75
CA SER A 64 -99.47 40.62 0.46
C SER A 64 -99.52 41.12 -0.97
N CYS A 65 -100.00 40.30 -1.91
CA CYS A 65 -99.99 40.71 -3.33
C CYS A 65 -101.26 40.42 -4.15
N ARG A 66 -102.19 39.66 -3.59
CA ARG A 66 -103.45 39.38 -4.27
C ARG A 66 -104.16 40.69 -4.62
N GLY A 67 -104.64 40.78 -5.85
CA GLY A 67 -105.27 42.00 -6.34
C GLY A 67 -104.28 43.06 -6.79
N LYS A 68 -102.99 42.90 -6.49
CA LYS A 68 -101.95 43.80 -6.98
C LYS A 68 -101.31 43.21 -8.21
N ASN A 69 -100.52 42.15 -8.03
CA ASN A 69 -99.94 41.42 -9.15
C ASN A 69 -100.22 39.91 -9.10
N LEU A 70 -101.08 39.50 -8.17
CA LEU A 70 -101.47 38.11 -8.03
C LEU A 70 -102.99 38.03 -8.17
N PHE A 71 -103.46 37.16 -9.08
CA PHE A 71 -104.87 37.02 -9.40
C PHE A 71 -105.24 35.55 -9.53
N PHE A 72 -106.49 35.24 -9.13
CA PHE A 72 -107.08 33.92 -9.26
C PHE A 72 -108.39 34.02 -10.07
N SER A 73 -108.49 33.25 -11.15
CA SER A 73 -109.63 33.40 -12.04
C SER A 73 -110.05 32.11 -12.74
N THR A 74 -111.34 32.00 -13.06
CA THR A 74 -111.81 30.90 -13.91
C THR A 74 -111.71 31.25 -15.40
N ASN A 75 -111.31 32.50 -15.69
CA ASN A 75 -111.11 32.93 -17.07
C ASN A 75 -109.73 32.49 -17.57
N ILE A 76 -109.68 31.22 -17.96
CA ILE A 76 -108.47 30.52 -18.40
C ILE A 76 -107.98 31.04 -19.77
N ASP A 77 -108.90 31.23 -20.71
CA ASP A 77 -108.53 31.63 -22.07
C ASP A 77 -107.84 32.98 -22.15
N ASP A 78 -108.29 33.95 -21.36
CA ASP A 78 -107.70 35.29 -21.38
C ASP A 78 -106.34 35.30 -20.68
N ALA A 79 -106.22 34.52 -19.61
CA ALA A 79 -104.94 34.38 -18.93
C ALA A 79 -103.89 33.75 -19.84
N ILE A 80 -104.27 32.72 -20.60
CA ILE A 80 -103.35 32.06 -21.54
C ILE A 80 -102.95 33.07 -22.62
N LYS A 81 -103.95 33.70 -23.21
CA LYS A 81 -103.78 34.61 -24.33
C LYS A 81 -102.79 35.74 -24.01
N GLU A 82 -102.86 36.26 -22.79
CA GLU A 82 -102.00 37.35 -22.34
C GLU A 82 -100.61 36.95 -21.84
N ALA A 83 -100.44 35.67 -21.49
CA ALA A 83 -99.24 35.22 -20.79
C ALA A 83 -98.03 35.16 -21.71
N ASP A 84 -96.90 35.58 -21.16
CA ASP A 84 -95.58 35.22 -21.67
C ASP A 84 -95.19 33.78 -21.32
N LEU A 85 -95.50 33.39 -20.07
CA LEU A 85 -95.20 32.06 -19.55
C LEU A 85 -96.49 31.40 -19.03
N VAL A 86 -96.72 30.16 -19.44
CA VAL A 86 -97.86 29.38 -18.96
C VAL A 86 -97.31 28.18 -18.24
N PHE A 87 -97.54 28.12 -16.94
CA PHE A 87 -97.28 26.90 -16.15
C PHE A 87 -98.47 25.94 -16.33
N ILE A 88 -98.15 24.67 -16.60
CA ILE A 88 -99.15 23.61 -16.53
C ILE A 88 -98.94 22.97 -15.16
N SER A 89 -99.86 23.24 -14.25
CA SER A 89 -99.78 22.76 -12.88
C SER A 89 -101.02 21.94 -12.49
N VAL A 90 -101.51 21.14 -13.44
CA VAL A 90 -102.65 20.28 -13.18
C VAL A 90 -102.17 18.95 -12.56
N ASN A 91 -103.11 18.19 -12.01
CA ASN A 91 -102.78 16.89 -11.40
C ASN A 91 -102.54 15.81 -12.45
N THR A 92 -101.66 14.87 -12.11
CA THR A 92 -101.44 13.69 -12.93
C THR A 92 -101.66 12.50 -12.00
N PRO A 93 -102.93 12.13 -11.80
CA PRO A 93 -103.28 11.07 -10.85
C PRO A 93 -102.90 9.70 -11.38
N THR A 94 -102.79 8.72 -10.48
CA THR A 94 -102.51 7.36 -10.92
C THR A 94 -103.70 6.81 -11.69
N LYS A 95 -103.45 6.08 -12.77
CA LYS A 95 -104.50 5.40 -13.51
C LYS A 95 -105.11 4.33 -12.60
N THR A 96 -106.43 4.31 -12.53
CA THR A 96 -107.17 3.30 -11.75
C THR A 96 -107.79 2.28 -12.70
N TYR A 97 -107.21 2.14 -13.89
CA TYR A 97 -107.84 1.40 -14.97
C TYR A 97 -106.83 1.14 -16.09
N GLY A 98 -107.11 0.10 -16.88
CA GLY A 98 -106.40 -0.14 -18.14
C GLY A 98 -104.91 -0.37 -18.00
N MET A 99 -104.18 -0.02 -19.07
CA MET A 99 -102.71 -0.05 -19.10
C MET A 99 -102.11 0.73 -17.94
N GLY A 100 -101.29 0.06 -17.14
CA GLY A 100 -100.56 0.69 -16.05
C GLY A 100 -101.40 0.95 -14.81
N LYS A 101 -102.58 0.32 -14.74
CA LYS A 101 -103.47 0.45 -13.58
C LYS A 101 -102.68 0.37 -12.27
N GLY A 102 -102.95 1.32 -11.38
CA GLY A 102 -102.29 1.37 -10.08
C GLY A 102 -100.87 1.92 -10.05
N ARG A 103 -100.27 2.17 -11.22
CA ARG A 103 -98.87 2.61 -11.31
C ARG A 103 -98.58 3.72 -12.33
N ALA A 104 -99.16 3.63 -13.52
CA ALA A 104 -99.02 4.66 -14.56
C ALA A 104 -99.69 5.97 -14.11
N ALA A 105 -99.08 7.10 -14.49
CA ALA A 105 -99.73 8.42 -14.34
C ALA A 105 -100.77 8.63 -15.45
N ASP A 106 -101.88 9.26 -15.12
CA ASP A 106 -102.90 9.61 -16.11
C ASP A 106 -102.62 11.02 -16.62
N LEU A 107 -102.41 11.15 -17.95
CA LEU A 107 -102.01 12.41 -18.57
C LEU A 107 -103.17 13.24 -19.12
N LYS A 108 -104.42 12.85 -18.85
CA LYS A 108 -105.56 13.51 -19.48
C LYS A 108 -105.67 15.01 -19.22
N TYR A 109 -105.34 15.45 -18.02
CA TYR A 109 -105.41 16.86 -17.66
C TYR A 109 -104.31 17.66 -18.35
N ILE A 110 -103.10 17.12 -18.36
CA ILE A 110 -101.95 17.72 -19.06
C ILE A 110 -102.30 17.92 -20.54
N GLU A 111 -102.86 16.87 -21.14
CA GLU A 111 -103.18 16.91 -22.57
C GLU A 111 -104.25 17.98 -22.83
N ALA A 112 -105.32 17.97 -22.04
CA ALA A 112 -106.34 19.01 -22.10
C ALA A 112 -105.73 20.42 -22.05
N CYS A 113 -104.83 20.65 -21.10
CA CYS A 113 -104.14 21.95 -21.00
C CYS A 113 -103.37 22.25 -22.28
N ALA A 114 -102.59 21.28 -22.74
CA ALA A 114 -101.81 21.43 -23.96
C ALA A 114 -102.72 21.88 -25.11
N ARG A 115 -103.84 21.19 -25.29
CA ARG A 115 -104.76 21.51 -26.37
C ARG A 115 -105.37 22.90 -26.22
N ARG A 116 -105.69 23.26 -24.98
CA ARG A 116 -106.26 24.57 -24.70
C ARG A 116 -105.25 25.69 -24.88
N ILE A 117 -103.99 25.45 -24.52
CA ILE A 117 -102.95 26.44 -24.69
C ILE A 117 -102.79 26.75 -26.18
N VAL A 118 -102.59 25.71 -26.99
CA VAL A 118 -102.29 25.92 -28.41
C VAL A 118 -103.47 26.63 -29.08
N GLN A 119 -104.67 26.28 -28.65
CA GLN A 119 -105.90 26.86 -29.15
C GLN A 119 -106.03 28.35 -28.85
N ASN A 120 -105.56 28.78 -27.69
CA ASN A 120 -105.74 30.16 -27.24
C ASN A 120 -104.49 31.01 -27.36
N SER A 121 -103.51 30.50 -28.11
CA SER A 121 -102.22 31.16 -28.20
C SER A 121 -101.92 31.65 -29.62
N ASN A 122 -101.34 32.83 -29.67
CA ASN A 122 -100.69 33.35 -30.86
C ASN A 122 -99.32 33.88 -30.45
N GLY A 123 -98.40 33.91 -31.41
CA GLY A 123 -97.07 34.44 -31.15
C GLY A 123 -96.22 33.55 -30.26
N TYR A 124 -95.33 34.20 -29.51
CA TYR A 124 -94.37 33.52 -28.63
C TYR A 124 -94.91 33.33 -27.21
N LYS A 125 -94.80 32.11 -26.68
CA LYS A 125 -95.00 31.82 -25.25
C LYS A 125 -94.07 30.71 -24.76
N ILE A 126 -93.71 30.78 -23.49
CA ILE A 126 -92.99 29.70 -22.83
C ILE A 126 -94.00 28.86 -22.04
N VAL A 127 -94.00 27.56 -22.28
CA VAL A 127 -94.93 26.61 -21.64
C VAL A 127 -94.11 25.65 -20.80
N THR A 128 -94.40 25.65 -19.49
CA THR A 128 -93.54 25.01 -18.49
C THR A 128 -94.33 23.99 -17.65
N GLU A 129 -93.83 22.75 -17.61
CA GLU A 129 -94.40 21.70 -16.76
C GLU A 129 -93.98 21.95 -15.33
N LYS A 130 -94.92 22.30 -14.48
CA LYS A 130 -94.65 22.56 -13.07
C LYS A 130 -95.00 21.30 -12.27
N SER A 131 -95.99 20.55 -12.75
CA SER A 131 -96.51 19.37 -12.07
C SER A 131 -95.62 18.15 -12.30
N THR A 132 -95.64 17.21 -11.34
CA THR A 132 -94.93 15.95 -11.50
C THR A 132 -95.55 15.17 -12.64
N VAL A 133 -94.71 14.74 -13.57
CA VAL A 133 -95.14 14.10 -14.80
C VAL A 133 -94.24 12.89 -15.09
N PRO A 134 -94.73 11.92 -15.89
CA PRO A 134 -93.86 10.86 -16.40
C PRO A 134 -92.83 11.39 -17.39
N VAL A 135 -91.70 10.69 -17.50
CA VAL A 135 -90.61 11.12 -18.37
C VAL A 135 -91.02 11.07 -19.84
N ARG A 136 -90.69 12.13 -20.57
CA ARG A 136 -91.06 12.37 -21.98
C ARG A 136 -92.51 12.85 -22.20
N ALA A 137 -93.19 13.22 -21.11
CA ALA A 137 -94.46 13.93 -21.18
C ALA A 137 -94.33 15.26 -21.95
N ALA A 138 -93.16 15.88 -21.86
CA ALA A 138 -92.90 17.13 -22.58
C ALA A 138 -92.95 16.91 -24.09
N GLU A 139 -92.50 15.73 -24.54
CA GLU A 139 -92.53 15.41 -25.98
C GLU A 139 -93.97 15.35 -26.52
N SER A 140 -94.91 14.89 -25.70
CA SER A 140 -96.30 14.82 -26.11
C SER A 140 -96.88 16.22 -26.30
N ILE A 141 -96.55 17.11 -25.36
CA ILE A 141 -96.95 18.51 -25.44
C ILE A 141 -96.39 19.15 -26.72
N ARG A 142 -95.10 18.96 -26.98
CA ARG A 142 -94.50 19.44 -28.25
C ARG A 142 -95.21 18.90 -29.49
N ARG A 143 -95.57 17.62 -29.46
CA ARG A 143 -96.27 17.00 -30.60
C ARG A 143 -97.67 17.57 -30.81
N ILE A 144 -98.41 17.77 -29.72
CA ILE A 144 -99.70 18.42 -29.77
C ILE A 144 -99.57 19.85 -30.34
N PHE A 145 -98.57 20.59 -29.85
CA PHE A 145 -98.28 21.90 -30.39
C PHE A 145 -97.89 21.84 -31.87
N ASP A 146 -96.99 20.94 -32.25
CA ASP A 146 -96.57 20.83 -33.66
C ASP A 146 -97.73 20.48 -34.61
N ALA A 147 -98.56 19.52 -34.21
CA ALA A 147 -99.74 19.13 -34.99
C ALA A 147 -100.80 20.22 -35.12
N ASN A 148 -100.78 21.20 -34.19
CA ASN A 148 -101.80 22.25 -34.15
C ASN A 148 -101.23 23.64 -34.34
N THR A 149 -100.15 23.70 -35.11
CA THR A 149 -99.46 24.97 -35.31
C THR A 149 -100.24 25.97 -36.18
N LYS A 150 -99.91 27.24 -36.01
CA LYS A 150 -100.44 28.37 -36.78
C LYS A 150 -99.26 29.24 -37.21
N PRO A 151 -99.47 30.15 -38.17
CA PRO A 151 -98.42 31.11 -38.53
C PRO A 151 -97.92 31.97 -37.34
N ASN A 152 -96.61 32.04 -37.17
CA ASN A 152 -95.98 32.84 -36.11
C ASN A 152 -96.15 32.35 -34.67
N LEU A 153 -96.71 31.15 -34.49
CA LEU A 153 -96.84 30.54 -33.16
C LEU A 153 -95.51 29.91 -32.78
N ASN A 154 -94.97 30.31 -31.63
CA ASN A 154 -93.72 29.78 -31.13
C ASN A 154 -93.88 29.44 -29.65
N LEU A 155 -94.27 28.20 -29.38
CA LEU A 155 -94.41 27.68 -28.02
C LEU A 155 -93.20 26.83 -27.65
N GLN A 156 -92.43 27.30 -26.67
CA GLN A 156 -91.26 26.60 -26.18
C GLN A 156 -91.65 25.85 -24.92
N VAL A 157 -91.34 24.55 -24.89
CA VAL A 157 -91.67 23.68 -23.76
C VAL A 157 -90.49 23.50 -22.81
N LEU A 158 -90.73 23.76 -21.53
CA LEU A 158 -89.74 23.62 -20.47
C LEU A 158 -90.27 22.68 -19.41
N SER A 159 -89.36 22.02 -18.70
CA SER A 159 -89.71 21.30 -17.47
C SER A 159 -89.22 22.11 -16.28
N ASN A 160 -90.05 22.25 -15.25
CA ASN A 160 -89.69 22.96 -14.02
C ASN A 160 -90.39 22.30 -12.81
N PRO A 161 -89.83 21.17 -12.33
CA PRO A 161 -90.49 20.41 -11.27
C PRO A 161 -90.60 21.11 -9.91
N GLU A 162 -91.53 20.63 -9.12
CA GLU A 162 -91.80 21.12 -7.78
C GLU A 162 -91.11 20.24 -6.77
N PHE A 163 -90.47 20.86 -5.78
CA PHE A 163 -89.88 20.18 -4.64
C PHE A 163 -90.44 20.73 -3.32
N LEU A 164 -91.76 20.68 -3.15
CA LEU A 164 -92.42 21.15 -1.93
C LEU A 164 -92.66 20.00 -0.94
N ALA A 165 -92.27 20.18 0.31
CA ALA A 165 -92.64 19.19 1.34
C ALA A 165 -93.89 19.72 2.06
N GLU A 166 -94.81 18.81 2.36
CA GLU A 166 -96.07 19.17 3.01
C GLU A 166 -95.79 19.81 4.37
N GLY A 167 -96.46 20.92 4.62
CA GLY A 167 -96.27 21.69 5.86
C GLY A 167 -95.13 22.70 5.84
N THR A 168 -94.28 22.65 4.81
CA THR A 168 -93.13 23.56 4.72
C THR A 168 -93.02 24.20 3.35
N ALA A 169 -94.14 24.28 2.64
CA ALA A 169 -94.16 24.67 1.24
C ALA A 169 -93.60 26.08 1.04
N ILE A 170 -94.06 27.03 1.85
CA ILE A 170 -93.60 28.41 1.73
C ILE A 170 -92.08 28.54 2.00
N LYS A 171 -91.57 27.87 3.03
CA LYS A 171 -90.12 27.91 3.31
C LYS A 171 -89.33 27.18 2.21
N ASP A 172 -89.88 26.08 1.68
CA ASP A 172 -89.23 25.38 0.57
C ASP A 172 -89.18 26.28 -0.67
N LEU A 173 -90.27 26.98 -0.92
CA LEU A 173 -90.37 27.92 -2.04
C LEU A 173 -89.43 29.13 -1.91
N LYS A 174 -89.35 29.74 -0.73
CA LYS A 174 -88.52 30.94 -0.53
C LYS A 174 -87.03 30.64 -0.43
N ASN A 175 -86.68 29.41 -0.05
CA ASN A 175 -85.30 29.02 0.16
C ASN A 175 -85.05 27.59 -0.30
N PRO A 176 -85.21 27.34 -1.60
CA PRO A 176 -85.09 25.99 -2.11
C PRO A 176 -83.62 25.53 -2.16
N ASP A 177 -83.40 24.25 -1.89
CA ASP A 177 -82.08 23.64 -2.09
C ASP A 177 -81.61 23.84 -3.51
N ARG A 178 -82.52 23.62 -4.46
CA ARG A 178 -82.30 24.02 -5.84
C ARG A 178 -83.61 24.26 -6.60
N VAL A 179 -83.50 25.04 -7.67
CA VAL A 179 -84.53 25.18 -8.69
C VAL A 179 -84.02 24.44 -9.91
N LEU A 180 -84.89 23.63 -10.49
CA LEU A 180 -84.55 22.78 -11.61
C LEU A 180 -85.36 23.20 -12.84
N ILE A 181 -84.65 23.47 -13.94
CA ILE A 181 -85.28 23.86 -15.20
C ILE A 181 -84.68 23.06 -16.35
N GLY A 182 -85.55 22.36 -17.10
CA GLY A 182 -85.15 21.64 -18.28
C GLY A 182 -85.69 22.28 -19.54
N GLY A 183 -84.87 22.30 -20.58
CA GLY A 183 -85.28 22.76 -21.90
C GLY A 183 -84.39 22.08 -22.88
N ASP A 184 -84.70 22.18 -24.17
CA ASP A 184 -83.84 21.57 -25.16
C ASP A 184 -82.63 22.46 -25.41
N GLU A 185 -81.60 21.85 -26.00
CA GLU A 185 -80.31 22.51 -26.20
C GLU A 185 -80.26 23.25 -27.54
N THR A 186 -81.33 23.94 -27.90
CA THR A 186 -81.36 24.79 -29.09
C THR A 186 -81.32 26.25 -28.66
N PRO A 187 -80.98 27.17 -29.58
CA PRO A 187 -81.04 28.61 -29.25
C PRO A 187 -82.37 29.06 -28.64
N GLU A 188 -83.49 28.62 -29.21
CA GLU A 188 -84.82 28.96 -28.69
C GLU A 188 -85.09 28.39 -27.29
N GLY A 189 -84.74 27.12 -27.08
CA GLY A 189 -84.94 26.47 -25.81
C GLY A 189 -84.12 27.10 -24.71
N GLN A 190 -82.93 27.57 -25.08
CA GLN A 190 -82.01 28.17 -24.11
C GLN A 190 -82.39 29.59 -23.74
N ARG A 191 -83.01 30.33 -24.67
CA ARG A 191 -83.56 31.64 -24.34
C ARG A 191 -84.81 31.53 -23.47
N ALA A 192 -85.61 30.50 -23.73
CA ALA A 192 -86.74 30.17 -22.88
C ALA A 192 -86.28 29.81 -21.46
N VAL A 193 -85.28 28.94 -21.35
CA VAL A 193 -84.73 28.53 -20.05
C VAL A 193 -84.25 29.76 -19.29
N GLN A 194 -83.45 30.58 -19.97
CA GLN A 194 -82.87 31.80 -19.44
C GLN A 194 -83.94 32.77 -18.92
N ALA A 195 -85.02 32.93 -19.69
CA ALA A 195 -86.15 33.80 -19.30
C ALA A 195 -86.80 33.40 -17.98
N LEU A 196 -86.95 32.09 -17.78
CA LEU A 196 -87.48 31.55 -16.53
C LEU A 196 -86.45 31.63 -15.38
N CYS A 197 -85.18 31.40 -15.67
CA CYS A 197 -84.12 31.61 -14.67
C CYS A 197 -84.17 33.02 -14.07
N ALA A 198 -84.39 34.01 -14.93
CA ALA A 198 -84.45 35.41 -14.53
C ALA A 198 -85.61 35.68 -13.56
N VAL A 199 -86.67 34.90 -13.67
CA VAL A 199 -87.77 35.01 -12.72
C VAL A 199 -87.30 34.53 -11.36
N TYR A 200 -86.77 33.31 -11.30
CA TYR A 200 -86.29 32.73 -10.03
C TYR A 200 -85.15 33.52 -9.40
N GLU A 201 -84.33 34.16 -10.24
CA GLU A 201 -83.21 34.99 -9.76
C GLU A 201 -83.63 36.23 -8.97
N HIS A 202 -84.92 36.58 -8.97
CA HIS A 202 -85.40 37.63 -8.10
C HIS A 202 -85.21 37.24 -6.64
N TRP A 203 -85.17 35.94 -6.33
CA TRP A 203 -84.95 35.50 -4.95
C TRP A 203 -84.08 34.26 -4.72
N VAL A 204 -83.66 33.59 -5.77
CA VAL A 204 -82.85 32.39 -5.65
C VAL A 204 -81.47 32.67 -6.26
N PRO A 205 -80.40 32.46 -5.46
CA PRO A 205 -79.06 32.67 -5.99
C PRO A 205 -78.86 31.84 -7.24
N ARG A 206 -78.12 32.37 -8.20
CA ARG A 206 -77.96 31.70 -9.47
C ARG A 206 -77.31 30.32 -9.27
N GLU A 207 -76.42 30.20 -8.30
CA GLU A 207 -75.73 28.94 -8.03
C GLU A 207 -76.68 27.80 -7.64
N LYS A 208 -77.90 28.14 -7.17
CA LYS A 208 -78.89 27.12 -6.78
C LYS A 208 -79.96 26.91 -7.85
N ILE A 209 -79.74 27.44 -9.06
CA ILE A 209 -80.63 27.20 -10.20
C ILE A 209 -79.87 26.29 -11.18
N LEU A 210 -80.41 25.09 -11.42
CA LEU A 210 -79.76 24.11 -12.29
C LEU A 210 -80.56 23.93 -13.57
N THR A 211 -79.89 24.10 -14.69
CA THR A 211 -80.51 23.92 -15.98
C THR A 211 -79.99 22.64 -16.64
N THR A 212 -80.93 21.82 -17.09
CA THR A 212 -80.62 20.54 -17.72
C THR A 212 -81.39 20.44 -19.05
N ASN A 213 -81.29 19.30 -19.73
CA ASN A 213 -82.24 18.98 -20.80
C ASN A 213 -83.58 18.60 -20.17
N THR A 214 -84.63 18.58 -20.98
CA THR A 214 -86.01 18.43 -20.50
C THR A 214 -86.25 17.08 -19.84
N TRP A 215 -85.69 16.03 -20.43
CA TRP A 215 -85.85 14.66 -19.95
C TRP A 215 -85.11 14.45 -18.63
N SER A 216 -83.86 14.93 -18.56
CA SER A 216 -83.11 14.94 -17.31
C SER A 216 -83.95 15.59 -16.19
N SER A 217 -84.59 16.72 -16.49
CA SER A 217 -85.38 17.44 -15.50
C SER A 217 -86.55 16.58 -15.04
N GLU A 218 -87.33 16.05 -15.99
CA GLU A 218 -88.48 15.18 -15.64
C GLU A 218 -88.06 13.96 -14.83
N LEU A 219 -86.94 13.33 -15.20
CA LEU A 219 -86.50 12.09 -14.55
C LEU A 219 -85.93 12.37 -13.15
N SER A 220 -85.31 13.54 -12.98
CA SER A 220 -84.71 13.95 -11.71
C SER A 220 -85.70 14.05 -10.56
N LYS A 221 -86.92 14.51 -10.86
CA LYS A 221 -87.96 14.61 -9.84
C LYS A 221 -88.34 13.22 -9.28
N LEU A 222 -88.55 12.24 -10.16
CA LEU A 222 -88.89 10.90 -9.72
C LEU A 222 -87.72 10.22 -9.02
N ALA A 223 -86.53 10.37 -9.58
CA ALA A 223 -85.32 9.75 -9.02
C ALA A 223 -85.03 10.29 -7.63
N ALA A 224 -85.22 11.61 -7.45
CA ALA A 224 -85.03 12.27 -6.16
C ALA A 224 -85.93 11.65 -5.08
N ASN A 225 -87.22 11.54 -5.35
CA ASN A 225 -88.14 10.92 -4.39
C ASN A 225 -87.79 9.44 -4.14
N ALA A 226 -87.42 8.72 -5.20
CA ALA A 226 -86.96 7.33 -5.10
C ALA A 226 -85.68 7.17 -4.24
N PHE A 227 -84.70 8.05 -4.42
CA PHE A 227 -83.51 8.07 -3.56
C PHE A 227 -83.92 8.38 -2.09
N LEU A 228 -84.84 9.32 -1.89
CA LEU A 228 -85.32 9.65 -0.54
C LEU A 228 -86.04 8.46 0.14
N ALA A 229 -87.01 7.87 -0.57
CA ALA A 229 -87.77 6.73 -0.03
C ALA A 229 -86.86 5.52 0.20
N GLN A 230 -85.80 5.39 -0.61
CA GLN A 230 -84.83 4.31 -0.51
C GLN A 230 -83.97 4.39 0.76
N ARG A 231 -83.66 5.60 1.19
CA ARG A 231 -82.93 5.78 2.44
C ARG A 231 -83.74 5.26 3.62
N ILE A 232 -85.04 5.58 3.63
CA ILE A 232 -85.97 5.11 4.65
C ILE A 232 -86.13 3.58 4.61
N SER A 233 -86.35 3.02 3.43
CA SER A 233 -86.45 1.56 3.34
C SER A 233 -85.13 0.85 3.73
N SER A 234 -83.99 1.47 3.43
CA SER A 234 -82.70 0.90 3.80
C SER A 234 -82.46 0.88 5.30
N ILE A 235 -82.78 1.98 5.99
CA ILE A 235 -82.59 2.04 7.44
C ILE A 235 -83.62 1.16 8.16
N ASN A 236 -84.83 1.09 7.61
CA ASN A 236 -85.85 0.15 8.10
C ASN A 236 -85.45 -1.32 7.96
N SER A 237 -84.86 -1.69 6.83
CA SER A 237 -84.35 -3.05 6.65
C SER A 237 -83.31 -3.34 7.72
N ILE A 238 -82.46 -2.35 7.98
CA ILE A 238 -81.42 -2.46 9.02
C ILE A 238 -82.06 -2.59 10.43
N SER A 239 -83.16 -1.90 10.68
CA SER A 239 -83.88 -1.99 11.96
C SER A 239 -84.28 -3.41 12.30
N ALA A 240 -84.70 -4.18 11.29
CA ALA A 240 -85.11 -5.58 11.51
C ALA A 240 -83.90 -6.44 11.89
N LEU A 241 -82.77 -6.22 11.23
CA LEU A 241 -81.53 -6.93 11.57
C LEU A 241 -81.02 -6.57 12.98
N CYS A 242 -81.19 -5.30 13.37
CA CYS A 242 -80.84 -4.83 14.71
C CYS A 242 -81.62 -5.63 15.76
N GLU A 243 -82.92 -5.75 15.57
CA GLU A 243 -83.76 -6.51 16.49
C GLU A 243 -83.30 -7.96 16.59
N ALA A 244 -82.76 -8.50 15.50
CA ALA A 244 -82.30 -9.90 15.48
C ALA A 244 -80.91 -10.10 16.10
N THR A 245 -80.16 -9.01 16.30
CA THR A 245 -78.73 -9.14 16.60
C THR A 245 -78.26 -8.46 17.89
N GLY A 246 -79.14 -7.71 18.55
CA GLY A 246 -78.76 -6.95 19.75
C GLY A 246 -78.15 -5.58 19.43
N ALA A 247 -78.27 -5.17 18.17
CA ALA A 247 -77.85 -3.85 17.73
C ALA A 247 -79.01 -2.86 17.85
N ASP A 248 -78.68 -1.58 17.89
CA ASP A 248 -79.66 -0.50 18.01
C ASP A 248 -79.61 0.35 16.74
N VAL A 249 -80.74 0.44 16.03
CA VAL A 249 -80.78 1.16 14.76
C VAL A 249 -80.49 2.66 14.90
N GLU A 250 -80.78 3.25 16.05
CA GLU A 250 -80.42 4.65 16.29
C GLU A 250 -78.91 4.83 16.41
N GLU A 251 -78.22 3.89 17.03
CA GLU A 251 -76.77 3.90 17.09
C GLU A 251 -76.16 3.70 15.71
N VAL A 252 -76.72 2.76 14.95
CA VAL A 252 -76.26 2.48 13.60
C VAL A 252 -76.47 3.69 12.69
N ALA A 253 -77.65 4.31 12.74
CA ALA A 253 -77.95 5.50 11.94
C ALA A 253 -76.96 6.64 12.18
N THR A 254 -76.62 6.91 13.45
CA THR A 254 -75.63 7.91 13.79
C THR A 254 -74.26 7.56 13.18
N ALA A 255 -73.85 6.31 13.36
CA ALA A 255 -72.55 5.83 12.88
C ALA A 255 -72.44 5.99 11.35
N ILE A 256 -73.45 5.55 10.61
CA ILE A 256 -73.37 5.65 9.15
C ILE A 256 -73.57 7.09 8.66
N GLY A 257 -74.44 7.87 9.33
CA GLY A 257 -74.74 9.24 8.95
C GLY A 257 -73.59 10.23 9.13
N MET A 258 -72.62 9.85 9.94
CA MET A 258 -71.43 10.65 10.14
C MET A 258 -70.46 10.55 9.00
N ASP A 259 -70.67 9.59 8.10
CA ASP A 259 -69.93 9.54 6.83
C ASP A 259 -70.53 10.62 5.96
N GLN A 260 -69.75 11.65 5.64
CA GLN A 260 -70.29 12.76 4.84
C GLN A 260 -70.66 12.39 3.39
N ARG A 261 -70.22 11.23 2.94
CA ARG A 261 -70.68 10.69 1.66
C ARG A 261 -72.09 10.08 1.76
N ILE A 262 -72.46 9.61 2.95
CA ILE A 262 -73.80 9.09 3.19
C ILE A 262 -74.70 10.22 3.67
N GLY A 263 -74.26 10.98 4.67
CA GLY A 263 -75.06 12.05 5.28
C GLY A 263 -76.06 11.54 6.31
N ASN A 264 -76.61 12.46 7.10
CA ASN A 264 -77.35 12.11 8.33
C ASN A 264 -78.86 12.35 8.28
N LYS A 265 -79.37 12.74 7.11
CA LYS A 265 -80.79 12.97 6.92
C LYS A 265 -81.47 11.72 6.37
N PHE A 266 -82.76 11.62 6.64
CA PHE A 266 -83.61 10.52 6.15
C PHE A 266 -83.13 9.12 6.57
N LEU A 267 -82.65 9.03 7.81
CA LEU A 267 -82.23 7.76 8.43
C LEU A 267 -83.01 7.47 9.73
N LYS A 268 -84.22 8.00 9.85
CA LYS A 268 -85.06 7.75 11.02
C LYS A 268 -85.96 6.57 10.75
N ALA A 269 -85.64 5.43 11.35
CA ALA A 269 -86.46 4.23 11.14
C ALA A 269 -87.90 4.50 11.57
N SER A 270 -88.84 3.88 10.87
CA SER A 270 -90.28 4.04 11.11
C SER A 270 -91.02 2.76 10.77
N VAL A 271 -92.27 2.70 11.20
CA VAL A 271 -93.24 1.69 10.78
C VAL A 271 -93.43 1.69 9.24
N GLY A 272 -93.08 2.80 8.60
CA GLY A 272 -93.06 2.90 7.14
C GLY A 272 -93.36 4.30 6.67
N PHE A 273 -92.78 4.71 5.55
CA PHE A 273 -93.08 6.03 4.98
C PHE A 273 -94.48 6.06 4.36
N GLY A 274 -95.14 7.21 4.50
CA GLY A 274 -96.42 7.48 3.85
C GLY A 274 -96.33 8.78 3.10
N GLY A 275 -97.49 9.39 2.85
CA GLY A 275 -97.58 10.59 2.03
C GLY A 275 -98.06 10.26 0.63
N SER A 276 -98.63 11.26 -0.03
CA SER A 276 -99.19 11.09 -1.36
C SER A 276 -98.15 11.07 -2.50
N CYS A 277 -96.85 11.15 -2.19
CA CYS A 277 -95.83 11.30 -3.21
C CYS A 277 -94.92 10.09 -3.43
N PHE A 278 -94.36 9.58 -2.34
CA PHE A 278 -93.26 8.59 -2.41
C PHE A 278 -93.65 7.29 -3.08
N GLN A 279 -94.72 6.66 -2.62
CA GLN A 279 -95.11 5.39 -3.22
C GLN A 279 -95.56 5.63 -4.66
N LYS A 280 -96.31 6.70 -4.86
CA LYS A 280 -96.85 7.00 -6.17
C LYS A 280 -95.73 7.22 -7.17
N ASP A 281 -94.73 8.02 -6.80
CA ASP A 281 -93.64 8.36 -7.70
C ASP A 281 -92.69 7.18 -7.93
N VAL A 282 -92.49 6.34 -6.92
CA VAL A 282 -91.65 5.15 -7.08
C VAL A 282 -92.35 4.08 -7.95
N LEU A 283 -93.63 3.87 -7.71
CA LEU A 283 -94.42 2.98 -8.60
C LEU A 283 -94.42 3.47 -10.04
N ASN A 284 -94.55 4.78 -10.23
CA ASN A 284 -94.50 5.34 -11.58
C ASN A 284 -93.15 5.05 -12.25
N LEU A 285 -92.07 5.31 -11.51
CA LEU A 285 -90.71 4.94 -11.96
C LEU A 285 -90.56 3.48 -12.33
N VAL A 286 -91.12 2.59 -11.51
CA VAL A 286 -91.09 1.16 -11.82
C VAL A 286 -91.87 0.87 -13.11
N TYR A 287 -93.05 1.48 -13.26
CA TYR A 287 -93.85 1.26 -14.48
C TYR A 287 -93.13 1.75 -15.74
N LEU A 288 -92.50 2.92 -15.65
CA LEU A 288 -91.71 3.50 -16.73
C LEU A 288 -90.56 2.58 -17.17
N CYS A 289 -89.94 1.91 -16.20
CA CYS A 289 -88.86 0.97 -16.43
C CYS A 289 -89.36 -0.25 -17.16
N GLU A 290 -90.51 -0.77 -16.74
CA GLU A 290 -91.10 -1.92 -17.44
C GLU A 290 -91.46 -1.53 -18.87
N ALA A 291 -92.05 -0.34 -19.04
CA ALA A 291 -92.41 0.18 -20.36
C ALA A 291 -91.20 0.38 -21.26
N LEU A 292 -90.07 0.80 -20.68
CA LEU A 292 -88.84 1.01 -21.45
C LEU A 292 -88.03 -0.28 -21.60
N ASN A 293 -88.62 -1.42 -21.23
CA ASN A 293 -87.92 -2.72 -21.24
C ASN A 293 -86.63 -2.72 -20.41
N LEU A 294 -86.73 -2.15 -19.21
CA LEU A 294 -85.65 -2.14 -18.24
C LEU A 294 -86.14 -2.91 -17.00
N PRO A 295 -86.28 -4.26 -17.12
CA PRO A 295 -86.77 -5.06 -16.01
C PRO A 295 -85.83 -5.16 -14.80
N GLU A 296 -84.52 -5.19 -15.03
CA GLU A 296 -83.55 -5.17 -13.93
C GLU A 296 -83.71 -3.91 -13.09
N VAL A 297 -83.83 -2.77 -13.77
CA VAL A 297 -84.06 -1.48 -13.10
C VAL A 297 -85.43 -1.40 -12.39
N ALA A 298 -86.45 -1.99 -13.00
CA ALA A 298 -87.80 -1.98 -12.45
C ALA A 298 -87.80 -2.68 -11.09
N ARG A 299 -87.23 -3.87 -11.02
CA ARG A 299 -87.26 -4.62 -9.78
C ARG A 299 -86.23 -4.15 -8.75
N TYR A 300 -85.21 -3.42 -9.20
CA TYR A 300 -84.32 -2.74 -8.25
C TYR A 300 -85.13 -1.73 -7.41
N TRP A 301 -85.86 -0.86 -8.09
CA TRP A 301 -86.66 0.16 -7.41
C TRP A 301 -87.91 -0.38 -6.71
N GLN A 302 -88.49 -1.46 -7.24
CA GLN A 302 -89.64 -2.10 -6.57
C GLN A 302 -89.35 -2.49 -5.12
N GLN A 303 -88.09 -2.88 -4.85
CA GLN A 303 -87.67 -3.21 -3.50
C GLN A 303 -87.93 -2.11 -2.45
N VAL A 304 -87.84 -0.85 -2.86
CA VAL A 304 -88.15 0.24 -1.93
C VAL A 304 -89.59 0.14 -1.39
N ILE A 305 -90.51 -0.23 -2.29
CA ILE A 305 -91.92 -0.40 -1.94
C ILE A 305 -92.12 -1.71 -1.16
N ASP A 306 -91.54 -2.80 -1.66
CA ASP A 306 -91.67 -4.09 -0.97
C ASP A 306 -91.09 -4.07 0.44
N MET A 307 -90.02 -3.30 0.64
CA MET A 307 -89.44 -3.16 1.97
C MET A 307 -90.33 -2.32 2.90
N ASN A 308 -90.89 -1.24 2.37
CA ASN A 308 -91.86 -0.46 3.12
C ASN A 308 -93.05 -1.30 3.56
N ASP A 309 -93.56 -2.13 2.63
CA ASP A 309 -94.74 -2.97 2.88
C ASP A 309 -94.41 -4.04 3.90
N TYR A 310 -93.19 -4.58 3.85
CA TYR A 310 -92.73 -5.55 4.85
C TYR A 310 -92.59 -4.93 6.26
N GLN A 311 -92.07 -3.70 6.33
CA GLN A 311 -91.94 -2.99 7.60
C GLN A 311 -93.30 -2.85 8.31
N ARG A 312 -94.35 -2.52 7.57
CA ARG A 312 -95.69 -2.41 8.14
C ARG A 312 -96.23 -3.78 8.52
N ARG A 313 -96.15 -4.72 7.58
CA ARG A 313 -96.64 -6.08 7.79
C ARG A 313 -95.99 -6.70 9.03
N ARG A 314 -94.68 -6.64 9.13
CA ARG A 314 -93.98 -7.29 10.25
C ARG A 314 -94.29 -6.64 11.62
N PHE A 315 -94.52 -5.32 11.61
CA PHE A 315 -94.92 -4.59 12.81
C PHE A 315 -96.30 -5.02 13.33
N ALA A 316 -97.27 -5.19 12.43
CA ALA A 316 -98.59 -5.69 12.80
C ALA A 316 -98.54 -7.14 13.32
N SER A 317 -97.76 -7.98 12.65
CA SER A 317 -97.58 -9.35 13.09
C SER A 317 -96.92 -9.43 14.46
N ARG A 318 -96.02 -8.48 14.77
CA ARG A 318 -95.40 -8.42 16.09
C ARG A 318 -96.43 -8.15 17.17
N ILE A 319 -97.33 -7.21 16.89
CA ILE A 319 -98.43 -6.87 17.79
C ILE A 319 -99.29 -8.12 18.04
N ILE A 320 -99.67 -8.79 16.96
CA ILE A 320 -100.53 -9.98 17.03
C ILE A 320 -99.83 -11.12 17.78
N ASP A 321 -98.60 -11.41 17.39
CA ASP A 321 -97.85 -12.47 18.05
C ASP A 321 -97.58 -12.17 19.53
N SER A 322 -97.40 -10.90 19.87
CA SER A 322 -97.20 -10.49 21.26
C SER A 322 -98.46 -10.72 22.10
N LEU A 323 -99.62 -10.43 21.51
CA LEU A 323 -100.90 -10.64 22.19
C LEU A 323 -101.39 -12.10 21.97
N PHE A 324 -100.48 -13.05 22.17
CA PHE A 324 -100.79 -14.49 22.13
C PHE A 324 -101.54 -14.94 20.87
N ASN A 325 -101.19 -14.32 19.75
CA ASN A 325 -101.74 -14.66 18.43
C ASN A 325 -103.25 -14.60 18.33
N THR A 326 -103.88 -13.76 19.15
CA THR A 326 -105.33 -13.52 19.04
C THR A 326 -105.62 -12.10 19.52
N VAL A 327 -106.28 -11.33 18.66
CA VAL A 327 -106.73 -9.98 19.02
C VAL A 327 -108.22 -9.81 18.73
N THR A 328 -108.93 -10.92 18.53
CA THR A 328 -110.38 -10.86 18.36
C THR A 328 -110.98 -10.19 19.59
N ASP A 329 -111.71 -9.11 19.34
CA ASP A 329 -112.36 -8.32 20.40
C ASP A 329 -111.40 -7.74 21.44
N LYS A 330 -110.10 -7.70 21.14
CA LYS A 330 -109.15 -7.08 22.03
C LYS A 330 -109.09 -5.59 21.73
N LYS A 331 -109.17 -4.77 22.76
CA LYS A 331 -109.06 -3.32 22.60
C LYS A 331 -107.59 -2.93 22.45
N ILE A 332 -107.31 -2.16 21.40
CA ILE A 332 -105.97 -1.69 21.08
C ILE A 332 -106.05 -0.21 20.75
N ALA A 333 -105.19 0.58 21.38
CA ALA A 333 -105.10 2.01 21.11
C ALA A 333 -104.08 2.27 19.99
N ILE A 334 -104.55 2.93 18.94
CA ILE A 334 -103.70 3.44 17.87
C ILE A 334 -103.48 4.93 18.13
N LEU A 335 -102.25 5.29 18.51
CA LEU A 335 -101.89 6.69 18.72
C LEU A 335 -101.12 7.20 17.50
N GLY A 336 -101.78 8.06 16.73
CA GLY A 336 -101.22 8.62 15.51
C GLY A 336 -101.81 8.00 14.26
N PHE A 337 -102.44 8.85 13.44
CA PHE A 337 -103.02 8.45 12.16
C PHE A 337 -102.48 9.24 10.96
N ALA A 338 -101.99 10.45 11.19
CA ALA A 338 -101.41 11.26 10.12
C ALA A 338 -100.16 10.55 9.60
N PHE A 339 -99.74 10.86 8.37
CA PHE A 339 -98.61 10.13 7.74
C PHE A 339 -97.26 10.54 8.33
N LYS A 340 -97.25 11.67 9.02
CA LYS A 340 -96.11 12.14 9.81
C LYS A 340 -96.71 13.10 10.82
N LYS A 341 -95.90 13.64 11.73
CA LYS A 341 -96.44 14.58 12.73
C LYS A 341 -96.69 15.95 12.09
N ASP A 342 -97.41 16.77 12.84
CA ASP A 342 -97.73 18.16 12.48
C ASP A 342 -98.54 18.30 11.19
N THR A 343 -99.43 17.33 10.93
CA THR A 343 -100.38 17.42 9.83
C THR A 343 -101.63 16.60 10.13
N GLY A 344 -102.72 16.93 9.45
CA GLY A 344 -103.94 16.10 9.45
C GLY A 344 -104.02 15.23 8.20
N ASP A 345 -102.98 15.31 7.36
CA ASP A 345 -102.90 14.52 6.12
C ASP A 345 -102.63 13.06 6.49
N THR A 346 -103.44 12.17 5.92
CA THR A 346 -103.36 10.74 6.21
C THR A 346 -102.97 9.90 4.99
N ARG A 347 -102.69 10.57 3.87
CA ARG A 347 -102.53 9.85 2.61
C ARG A 347 -101.37 8.86 2.67
N GLU A 348 -101.69 7.62 2.31
CA GLU A 348 -100.80 6.47 2.42
C GLU A 348 -100.11 6.33 3.79
N SER A 349 -100.76 6.83 4.83
CA SER A 349 -100.25 6.70 6.19
C SER A 349 -100.14 5.22 6.59
N SER A 350 -99.00 4.89 7.20
CA SER A 350 -98.76 3.57 7.76
C SER A 350 -99.82 3.15 8.78
N SER A 351 -100.40 4.15 9.47
CA SER A 351 -101.48 3.94 10.43
C SER A 351 -102.69 3.27 9.79
N ILE A 352 -102.97 3.62 8.54
CA ILE A 352 -104.07 2.99 7.81
C ILE A 352 -103.79 1.48 7.68
N TYR A 353 -102.57 1.14 7.25
CA TYR A 353 -102.21 -0.25 6.96
C TYR A 353 -102.09 -1.10 8.22
N ILE A 354 -101.48 -0.56 9.28
CA ILE A 354 -101.40 -1.26 10.56
C ILE A 354 -102.81 -1.48 11.14
N SER A 355 -103.65 -0.42 11.11
CA SER A 355 -105.04 -0.52 11.57
C SER A 355 -105.82 -1.59 10.81
N LYS A 356 -105.72 -1.59 9.48
CA LYS A 356 -106.43 -2.57 8.66
C LYS A 356 -105.99 -4.01 8.93
N TYR A 357 -104.70 -4.23 9.16
CA TYR A 357 -104.19 -5.53 9.56
C TYR A 357 -104.79 -6.03 10.88
N LEU A 358 -104.93 -5.12 11.83
CA LEU A 358 -105.50 -5.46 13.12
C LEU A 358 -107.02 -5.62 13.00
N MET A 359 -107.67 -4.79 12.18
CA MET A 359 -109.08 -4.96 11.87
C MET A 359 -109.36 -6.32 11.25
N ASP A 360 -108.47 -6.80 10.39
CA ASP A 360 -108.62 -8.11 9.76
C ASP A 360 -108.57 -9.26 10.77
N GLU A 361 -108.05 -8.98 11.96
CA GLU A 361 -107.97 -9.97 13.03
C GLU A 361 -109.10 -9.86 14.06
N GLY A 362 -110.01 -8.89 13.86
CA GLY A 362 -111.13 -8.66 14.76
C GLY A 362 -110.85 -7.75 15.95
N ALA A 363 -109.73 -7.01 15.91
CA ALA A 363 -109.37 -6.10 17.00
C ALA A 363 -110.33 -4.93 17.06
N HIS A 364 -110.58 -4.47 18.28
CA HIS A 364 -111.31 -3.24 18.55
C HIS A 364 -110.35 -2.05 18.67
N LEU A 365 -110.23 -1.29 17.57
CA LEU A 365 -109.28 -0.18 17.52
C LEU A 365 -109.90 1.09 18.08
N HIS A 366 -109.16 1.73 18.97
CA HIS A 366 -109.49 3.08 19.43
C HIS A 366 -108.38 4.01 18.98
N ILE A 367 -108.71 4.89 18.04
CA ILE A 367 -107.73 5.70 17.31
C ILE A 367 -107.77 7.14 17.82
N TYR A 368 -106.65 7.61 18.35
CA TYR A 368 -106.48 9.02 18.70
C TYR A 368 -105.46 9.69 17.79
N ASP A 369 -105.84 10.82 17.21
CA ASP A 369 -104.88 11.72 16.58
C ASP A 369 -105.26 13.18 16.88
N PRO A 370 -104.28 14.02 17.29
CA PRO A 370 -104.62 15.39 17.71
C PRO A 370 -105.06 16.33 16.58
N LYS A 371 -104.82 15.96 15.33
CA LYS A 371 -105.07 16.85 14.19
C LYS A 371 -105.88 16.24 13.05
N VAL A 372 -105.85 14.91 12.89
CA VAL A 372 -106.62 14.27 11.80
C VAL A 372 -108.11 14.30 12.16
N PRO A 373 -108.97 14.79 11.23
CA PRO A 373 -110.41 14.81 11.53
C PRO A 373 -110.99 13.40 11.58
N ARG A 374 -111.92 13.12 12.50
CA ARG A 374 -112.41 11.74 12.66
C ARG A 374 -113.12 11.20 11.41
N GLU A 375 -113.66 12.12 10.62
CA GLU A 375 -114.33 11.78 9.38
C GLU A 375 -113.37 11.18 8.34
N GLN A 376 -112.13 11.66 8.33
CA GLN A 376 -111.11 11.10 7.43
C GLN A 376 -110.73 9.69 7.87
N ILE A 377 -110.58 9.48 9.18
CA ILE A 377 -110.20 8.16 9.71
C ILE A 377 -111.22 7.10 9.29
N VAL A 378 -112.50 7.46 9.36
CA VAL A 378 -113.58 6.55 8.98
C VAL A 378 -113.50 6.19 7.50
N VAL A 379 -113.37 7.21 6.65
CA VAL A 379 -113.19 7.00 5.21
C VAL A 379 -111.98 6.10 4.90
N ASP A 380 -110.83 6.43 5.50
CA ASP A 380 -109.59 5.69 5.29
C ASP A 380 -109.70 4.21 5.67
N LEU A 381 -110.45 3.92 6.73
CA LEU A 381 -110.61 2.55 7.20
C LEU A 381 -111.85 1.86 6.62
N SER A 382 -112.56 2.54 5.73
CA SER A 382 -113.69 1.96 5.01
C SER A 382 -113.28 1.42 3.63
N HIS A 383 -114.08 0.51 3.09
CA HIS A 383 -113.81 -0.11 1.79
C HIS A 383 -114.76 0.42 0.72
N ASP A 390 -119.21 -1.68 7.18
CA ASP A 390 -119.12 -3.03 7.69
C ASP A 390 -118.23 -3.08 8.95
N GLN A 391 -116.94 -3.31 8.74
CA GLN A 391 -115.99 -3.57 9.83
C GLN A 391 -115.58 -2.32 10.62
N VAL A 392 -115.70 -1.13 10.01
CA VAL A 392 -115.35 0.12 10.70
C VAL A 392 -116.31 0.39 11.87
N SER A 393 -117.61 0.43 11.57
CA SER A 393 -118.62 0.63 12.61
C SER A 393 -118.54 -0.49 13.66
N ARG A 394 -118.26 -1.71 13.23
CA ARG A 394 -118.12 -2.84 14.14
C ARG A 394 -116.87 -2.72 15.02
N LEU A 395 -115.72 -2.38 14.41
CA LEU A 395 -114.43 -2.52 15.08
C LEU A 395 -113.72 -1.23 15.49
N VAL A 396 -114.03 -0.10 14.85
CA VAL A 396 -113.24 1.14 15.02
C VAL A 396 -113.94 2.22 15.85
N THR A 397 -113.23 2.73 16.87
CA THR A 397 -113.70 3.85 17.69
C THR A 397 -112.72 5.01 17.57
N ILE A 398 -113.21 6.22 17.35
CA ILE A 398 -112.35 7.40 17.27
C ILE A 398 -112.37 8.13 18.61
N SER A 399 -111.24 8.10 19.32
CA SER A 399 -111.15 8.66 20.67
C SER A 399 -110.92 10.17 20.64
N LYS A 400 -111.39 10.84 21.70
CA LYS A 400 -111.24 12.28 21.85
C LYS A 400 -109.93 12.63 22.58
N ASP A 401 -109.39 11.65 23.31
CA ASP A 401 -108.08 11.82 23.94
C ASP A 401 -107.38 10.47 24.10
N PRO A 402 -106.05 10.49 24.32
CA PRO A 402 -105.30 9.23 24.36
C PRO A 402 -105.67 8.30 25.53
N TYR A 403 -106.15 8.88 26.62
CA TYR A 403 -106.46 8.11 27.83
C TYR A 403 -107.71 7.24 27.67
N GLU A 404 -108.73 7.80 27.03
CA GLU A 404 -109.89 7.04 26.55
C GLU A 404 -109.42 5.85 25.74
N ALA A 405 -108.56 6.13 24.74
CA ALA A 405 -108.06 5.14 23.80
C ALA A 405 -107.36 3.98 24.48
N CYS A 406 -106.60 4.30 25.54
CA CYS A 406 -105.81 3.30 26.28
C CYS A 406 -106.55 2.59 27.40
N ASP A 407 -107.76 3.06 27.71
CA ASP A 407 -108.54 2.53 28.82
C ASP A 407 -109.11 1.14 28.51
N GLY A 408 -108.67 0.14 29.28
CA GLY A 408 -109.04 -1.25 29.03
C GLY A 408 -108.27 -1.90 27.89
N ALA A 409 -107.28 -1.20 27.35
CA ALA A 409 -106.52 -1.67 26.19
C ALA A 409 -105.47 -2.73 26.58
N HIS A 410 -105.19 -3.64 25.64
CA HIS A 410 -104.11 -4.62 25.77
C HIS A 410 -102.77 -4.04 25.30
N ALA A 411 -102.83 -3.16 24.30
CA ALA A 411 -101.64 -2.60 23.70
C ALA A 411 -101.86 -1.15 23.28
N VAL A 412 -100.80 -0.36 23.39
CA VAL A 412 -100.76 1.01 22.88
C VAL A 412 -99.79 0.99 21.69
N VAL A 413 -100.27 1.39 20.52
CA VAL A 413 -99.46 1.32 19.30
C VAL A 413 -99.27 2.73 18.72
N ILE A 414 -98.02 3.20 18.71
CA ILE A 414 -97.69 4.55 18.25
C ILE A 414 -97.24 4.45 16.80
N CYS A 415 -98.01 5.08 15.93
CA CYS A 415 -97.77 5.03 14.48
C CYS A 415 -97.33 6.36 13.88
N THR A 416 -97.58 7.47 14.58
CA THR A 416 -97.16 8.79 14.14
C THR A 416 -96.39 9.52 15.26
N GLU A 417 -95.33 10.22 14.88
CA GLU A 417 -94.35 10.75 15.85
C GLU A 417 -94.71 12.09 16.53
N TRP A 418 -95.98 12.28 16.86
CA TRP A 418 -96.45 13.45 17.60
C TRP A 418 -95.74 13.64 18.95
N ASP A 419 -95.18 14.84 19.16
CA ASP A 419 -94.35 15.11 20.36
C ASP A 419 -95.10 14.88 21.67
N MET A 420 -96.42 15.04 21.64
CA MET A 420 -97.25 14.87 22.83
C MET A 420 -97.24 13.45 23.40
N PHE A 421 -96.99 12.44 22.56
CA PHE A 421 -97.11 11.04 23.01
C PHE A 421 -96.05 10.63 24.05
N LYS A 422 -94.88 11.26 24.02
CA LYS A 422 -93.86 10.98 25.04
C LYS A 422 -94.15 11.72 26.36
N GLU A 423 -95.12 12.65 26.33
CA GLU A 423 -95.50 13.42 27.50
C GLU A 423 -96.70 12.82 28.24
N LEU A 424 -97.22 11.69 27.75
CA LEU A 424 -98.39 11.07 28.35
C LEU A 424 -98.09 10.52 29.76
N ASP A 425 -99.16 10.37 30.55
CA ASP A 425 -99.08 9.83 31.91
C ASP A 425 -99.19 8.32 31.82
N TYR A 426 -98.06 7.65 31.68
CA TYR A 426 -98.03 6.21 31.42
C TYR A 426 -98.34 5.36 32.64
N GLU A 427 -98.12 5.90 33.83
CA GLU A 427 -98.58 5.26 35.07
C GLU A 427 -100.11 5.23 35.10
N ARG A 428 -100.71 6.37 34.79
CA ARG A 428 -102.16 6.41 34.64
C ARG A 428 -102.64 5.36 33.62
N ILE A 429 -101.98 5.32 32.47
CA ILE A 429 -102.34 4.38 31.40
C ILE A 429 -102.19 2.92 31.86
N HIS A 430 -101.07 2.58 32.45
CA HIS A 430 -100.80 1.21 32.87
C HIS A 430 -101.87 0.69 33.82
N LYS A 431 -102.30 1.53 34.77
CA LYS A 431 -103.27 1.11 35.77
C LYS A 431 -104.53 0.56 35.14
N LYS A 432 -105.05 1.25 34.12
CA LYS A 432 -106.32 0.86 33.51
C LYS A 432 -106.17 -0.07 32.28
N MET A 433 -104.93 -0.42 31.92
CA MET A 433 -104.71 -1.40 30.85
C MET A 433 -104.86 -2.82 31.37
N LEU A 434 -105.29 -3.73 30.49
CA LEU A 434 -105.29 -5.17 30.79
C LEU A 434 -103.84 -5.66 30.77
N LYS A 435 -103.57 -6.71 31.55
CA LYS A 435 -102.21 -7.21 31.76
C LYS A 435 -102.00 -8.60 31.12
N PRO A 436 -100.86 -8.80 30.42
CA PRO A 436 -99.74 -7.88 30.24
C PRO A 436 -100.05 -6.71 29.32
N ALA A 437 -99.57 -5.53 29.70
CA ALA A 437 -99.78 -4.29 28.93
C ALA A 437 -98.61 -4.07 28.00
N PHE A 438 -98.90 -3.79 26.73
CA PHE A 438 -97.86 -3.57 25.73
C PHE A 438 -97.84 -2.16 25.19
N ILE A 439 -96.63 -1.67 24.91
CA ILE A 439 -96.45 -0.48 24.07
C ILE A 439 -95.63 -0.86 22.85
N PHE A 440 -96.16 -0.55 21.67
CA PHE A 440 -95.44 -0.75 20.42
C PHE A 440 -95.14 0.62 19.85
N ASP A 441 -93.88 1.01 19.97
CA ASP A 441 -93.44 2.30 19.45
C ASP A 441 -92.92 2.15 18.02
N GLY A 442 -93.78 2.49 17.07
CA GLY A 442 -93.44 2.44 15.65
C GLY A 442 -92.62 3.62 15.14
N ARG A 443 -92.32 4.57 16.02
CA ARG A 443 -91.67 5.82 15.64
C ARG A 443 -90.41 6.17 16.44
N ARG A 444 -90.02 5.30 17.38
CA ARG A 444 -88.87 5.55 18.26
C ARG A 444 -89.03 6.87 19.05
N VAL A 445 -90.26 7.20 19.45
CA VAL A 445 -90.52 8.43 20.20
C VAL A 445 -90.34 8.26 21.72
N LEU A 446 -90.42 7.04 22.21
CA LEU A 446 -90.32 6.79 23.65
C LEU A 446 -88.91 6.34 24.08
N ASP A 447 -87.92 6.48 23.20
CA ASP A 447 -86.53 6.25 23.60
C ASP A 447 -86.23 7.16 24.78
N GLY A 448 -85.59 6.63 25.81
CA GLY A 448 -85.31 7.43 26.99
C GLY A 448 -86.40 7.41 28.04
N LEU A 449 -87.57 6.84 27.70
CA LEU A 449 -88.58 6.50 28.69
C LEU A 449 -88.60 4.98 28.95
N HIS A 450 -87.72 4.23 28.28
CA HIS A 450 -87.76 2.76 28.31
C HIS A 450 -87.56 2.17 29.71
N ASN A 451 -86.55 2.67 30.42
CA ASN A 451 -86.30 2.23 31.79
C ASN A 451 -87.53 2.39 32.68
N GLU A 452 -88.13 3.57 32.66
CA GLU A 452 -89.23 3.85 33.57
C GLU A 452 -90.52 3.14 33.14
N LEU A 453 -90.77 3.01 31.84
CA LEU A 453 -91.95 2.26 31.35
C LEU A 453 -91.88 0.81 31.77
N GLN A 454 -90.69 0.23 31.73
CA GLN A 454 -90.48 -1.14 32.19
C GLN A 454 -90.72 -1.29 33.70
N THR A 455 -90.31 -0.28 34.46
CA THR A 455 -90.55 -0.25 35.92
C THR A 455 -92.03 -0.12 36.27
N ILE A 456 -92.75 0.72 35.50
CA ILE A 456 -94.20 0.84 35.64
C ILE A 456 -94.85 -0.52 35.36
N GLY A 457 -94.31 -1.25 34.39
CA GLY A 457 -94.75 -2.61 34.11
C GLY A 457 -95.10 -2.94 32.66
N PHE A 458 -94.83 -2.02 31.75
CA PHE A 458 -95.09 -2.26 30.33
C PHE A 458 -94.11 -3.27 29.75
N GLN A 459 -94.60 -4.06 28.79
CA GLN A 459 -93.75 -4.76 27.86
C GLN A 459 -93.58 -3.80 26.69
N ILE A 460 -92.35 -3.32 26.48
CA ILE A 460 -92.04 -2.26 25.49
C ILE A 460 -91.42 -2.86 24.25
N GLU A 461 -92.00 -2.55 23.09
CA GLU A 461 -91.56 -3.09 21.80
C GLU A 461 -91.36 -1.91 20.84
N THR A 462 -90.20 -1.86 20.21
CA THR A 462 -89.88 -0.74 19.33
C THR A 462 -89.15 -1.23 18.10
N ILE A 463 -89.06 -0.35 17.11
CA ILE A 463 -88.42 -0.69 15.86
C ILE A 463 -86.90 -0.51 15.97
N GLY A 464 -86.15 -1.55 15.61
CA GLY A 464 -84.69 -1.44 15.54
C GLY A 464 -83.96 -1.62 16.86
N LYS A 465 -84.65 -2.20 17.84
CA LYS A 465 -84.05 -2.46 19.13
C LYS A 465 -84.92 -3.41 19.91
N LYS A 466 -84.31 -4.34 20.63
CA LYS A 466 -85.00 -5.04 21.73
C LYS A 466 -84.66 -4.38 23.07
N VAL A 467 -85.70 -3.84 23.74
CA VAL A 467 -85.55 -3.02 24.96
C VAL A 467 -85.30 -3.87 26.21
N MET B 2 -56.71 5.16 34.95
CA MET B 2 -56.85 4.93 33.48
C MET B 2 -55.63 4.15 32.96
N PHE B 3 -55.90 3.13 32.16
CA PHE B 3 -54.86 2.31 31.53
C PHE B 3 -54.38 3.00 30.26
N GLU B 4 -53.06 3.00 30.03
CA GLU B 4 -52.48 3.60 28.83
C GLU B 4 -51.83 2.57 27.91
N ILE B 5 -52.33 2.49 26.68
CA ILE B 5 -51.73 1.61 25.67
C ILE B 5 -50.38 2.19 25.26
N LYS B 6 -49.33 1.41 25.46
CA LYS B 6 -47.97 1.82 25.09
C LYS B 6 -47.33 0.94 24.03
N LYS B 7 -47.85 -0.28 23.84
CA LYS B 7 -47.40 -1.16 22.75
C LYS B 7 -48.58 -1.71 22.00
N ILE B 8 -48.57 -1.53 20.68
CA ILE B 8 -49.63 -2.04 19.79
C ILE B 8 -49.07 -3.09 18.85
N CYS B 9 -49.81 -4.20 18.72
CA CYS B 9 -49.56 -5.22 17.71
C CYS B 9 -50.75 -5.28 16.75
N CYS B 10 -50.49 -5.30 15.45
CA CYS B 10 -51.53 -5.45 14.45
C CYS B 10 -51.22 -6.68 13.62
N ILE B 11 -52.13 -7.64 13.68
CA ILE B 11 -52.06 -8.85 12.89
C ILE B 11 -52.79 -8.59 11.58
N GLY B 12 -52.03 -8.59 10.48
CA GLY B 12 -52.54 -8.23 9.18
C GLY B 12 -51.85 -6.97 8.70
N ALA B 13 -50.93 -7.13 7.76
CA ALA B 13 -50.18 -6.00 7.21
C ALA B 13 -50.63 -5.72 5.79
N GLY B 14 -51.94 -5.54 5.62
CA GLY B 14 -52.51 -5.27 4.31
C GLY B 14 -52.82 -3.80 4.11
N TYR B 15 -53.78 -3.56 3.24
CA TYR B 15 -54.23 -2.22 2.91
C TYR B 15 -54.84 -1.49 4.11
N VAL B 16 -55.30 -2.24 5.11
CA VAL B 16 -55.79 -1.66 6.36
C VAL B 16 -54.67 -1.56 7.41
N GLY B 17 -54.02 -2.68 7.70
CA GLY B 17 -53.09 -2.77 8.80
C GLY B 17 -51.86 -1.89 8.69
N GLY B 18 -51.23 -1.87 7.51
CA GLY B 18 -50.08 -1.01 7.27
C GLY B 18 -50.35 0.47 7.43
N PRO B 19 -51.28 1.01 6.64
CA PRO B 19 -51.66 2.43 6.81
C PRO B 19 -52.25 2.84 8.17
N THR B 20 -53.18 2.06 8.73
CA THR B 20 -53.74 2.45 10.02
C THR B 20 -52.61 2.57 11.06
N CYS B 21 -51.77 1.55 11.12
CA CYS B 21 -50.66 1.53 12.06
C CYS B 21 -49.63 2.61 11.80
N SER B 22 -49.35 2.87 10.52
CA SER B 22 -48.43 3.93 10.13
C SER B 22 -48.93 5.28 10.64
N VAL B 23 -50.23 5.55 10.53
CA VAL B 23 -50.78 6.81 11.00
C VAL B 23 -50.82 6.90 12.51
N ILE B 24 -51.12 5.78 13.18
CA ILE B 24 -51.09 5.73 14.66
C ILE B 24 -49.68 6.05 15.18
N ALA B 25 -48.66 5.45 14.55
CA ALA B 25 -47.28 5.65 14.95
C ALA B 25 -46.86 7.12 14.73
N HIS B 26 -47.20 7.64 13.57
CA HIS B 26 -46.94 9.03 13.21
C HIS B 26 -47.61 10.03 14.17
N MET B 27 -48.83 9.74 14.63
CA MET B 27 -49.58 10.66 15.50
C MET B 27 -49.29 10.45 16.99
N CYS B 28 -48.73 9.29 17.36
CA CYS B 28 -48.52 8.89 18.76
C CYS B 28 -47.06 8.47 18.95
N PRO B 29 -46.12 9.45 19.01
CA PRO B 29 -44.70 9.09 19.00
C PRO B 29 -44.24 8.20 20.15
N GLU B 30 -45.02 8.15 21.23
CA GLU B 30 -44.70 7.39 22.43
C GLU B 30 -45.27 5.95 22.47
N ILE B 31 -45.99 5.55 21.42
CA ILE B 31 -46.56 4.21 21.34
C ILE B 31 -45.74 3.39 20.34
N ARG B 32 -45.29 2.21 20.75
CA ARG B 32 -44.61 1.30 19.85
C ARG B 32 -45.67 0.53 19.05
N VAL B 33 -45.59 0.59 17.72
CA VAL B 33 -46.55 -0.06 16.86
C VAL B 33 -45.86 -1.09 15.96
N THR B 34 -46.23 -2.36 16.13
CA THR B 34 -45.62 -3.46 15.39
C THR B 34 -46.67 -4.17 14.52
N VAL B 35 -46.50 -4.08 13.21
CA VAL B 35 -47.40 -4.69 12.26
C VAL B 35 -46.83 -6.05 11.86
N VAL B 36 -47.63 -7.11 11.99
CA VAL B 36 -47.18 -8.46 11.71
C VAL B 36 -48.08 -9.18 10.69
N ASP B 37 -47.50 -10.19 10.06
CA ASP B 37 -48.13 -10.93 8.97
C ASP B 37 -47.41 -12.25 8.78
N VAL B 38 -48.15 -13.26 8.33
CA VAL B 38 -47.55 -14.52 7.91
C VAL B 38 -46.85 -14.38 6.57
N ASN B 39 -47.23 -13.38 5.77
CA ASN B 39 -46.61 -13.17 4.46
C ASN B 39 -45.24 -12.46 4.57
N GLU B 40 -44.17 -13.25 4.49
CA GLU B 40 -42.79 -12.76 4.53
C GLU B 40 -42.46 -11.70 3.47
N SER B 41 -42.90 -11.88 2.22
CA SER B 41 -42.48 -10.94 1.17
C SER B 41 -43.21 -9.61 1.31
N ARG B 42 -44.43 -9.64 1.84
CA ARG B 42 -45.19 -8.44 2.14
C ARG B 42 -44.47 -7.65 3.24
N ILE B 43 -44.18 -8.33 4.36
CA ILE B 43 -43.42 -7.72 5.45
C ILE B 43 -42.05 -7.21 4.98
N ASN B 44 -41.34 -8.00 4.17
CA ASN B 44 -40.06 -7.55 3.62
C ASN B 44 -40.18 -6.27 2.77
N ALA B 45 -41.23 -6.21 1.95
CA ALA B 45 -41.57 -5.01 1.16
C ALA B 45 -41.91 -3.77 2.03
N TRP B 46 -42.67 -3.95 3.11
CA TRP B 46 -42.94 -2.86 4.06
C TRP B 46 -41.65 -2.29 4.67
N ASN B 47 -40.62 -3.14 4.78
CA ASN B 47 -39.31 -2.72 5.27
C ASN B 47 -38.35 -2.20 4.20
N SER B 48 -38.81 -2.11 2.95
CA SER B 48 -37.99 -1.75 1.78
C SER B 48 -38.34 -0.36 1.22
N PRO B 49 -37.51 0.17 0.30
CA PRO B 49 -37.88 1.37 -0.48
C PRO B 49 -39.12 1.25 -1.39
N THR B 50 -39.58 0.02 -1.66
CA THR B 50 -40.81 -0.16 -2.44
C THR B 50 -41.87 -0.86 -1.61
N LEU B 51 -42.82 -0.08 -1.11
CA LEU B 51 -43.91 -0.62 -0.29
C LEU B 51 -44.75 -1.59 -1.12
N PRO B 52 -45.41 -2.58 -0.46
CA PRO B 52 -46.17 -3.60 -1.18
C PRO B 52 -47.51 -3.11 -1.74
N ILE B 53 -47.88 -1.87 -1.39
CA ILE B 53 -49.08 -1.27 -1.89
C ILE B 53 -48.75 0.15 -2.35
N TYR B 54 -49.52 0.62 -3.33
CA TYR B 54 -49.45 2.00 -3.75
C TYR B 54 -50.62 2.75 -3.12
N GLU B 55 -50.29 3.64 -2.20
CA GLU B 55 -51.25 4.50 -1.54
C GLU B 55 -50.60 5.89 -1.47
N PRO B 56 -51.25 6.94 -2.02
CA PRO B 56 -50.73 8.29 -1.92
C PRO B 56 -50.34 8.78 -0.50
N GLY B 57 -49.15 9.33 -0.39
CA GLY B 57 -48.64 9.82 0.89
C GLY B 57 -48.21 8.77 1.90
N LEU B 58 -48.48 7.49 1.63
CA LEU B 58 -48.14 6.40 2.59
C LEU B 58 -46.63 6.27 2.86
N LYS B 59 -45.83 6.32 1.80
CA LYS B 59 -44.38 6.14 1.92
C LYS B 59 -43.74 7.18 2.84
N GLU B 60 -44.22 8.42 2.74
CA GLU B 60 -43.76 9.50 3.60
C GLU B 60 -44.06 9.18 5.07
N VAL B 61 -45.27 8.70 5.35
CA VAL B 61 -45.65 8.33 6.73
C VAL B 61 -44.82 7.14 7.26
N VAL B 62 -44.69 6.08 6.46
CA VAL B 62 -43.89 4.91 6.86
C VAL B 62 -42.46 5.35 7.21
N GLU B 63 -41.82 6.05 6.27
CA GLU B 63 -40.42 6.47 6.40
C GLU B 63 -40.12 7.37 7.59
N SER B 64 -41.10 8.16 8.04
CA SER B 64 -40.90 9.04 9.16
C SER B 64 -40.84 8.29 10.51
N CYS B 65 -41.51 7.14 10.58
CA CYS B 65 -41.64 6.35 11.81
C CYS B 65 -40.92 5.01 11.80
N ARG B 66 -40.76 4.41 10.63
CA ARG B 66 -40.25 3.05 10.57
C ARG B 66 -38.88 2.95 11.24
N GLY B 67 -38.72 1.96 12.12
CA GLY B 67 -37.50 1.80 12.88
C GLY B 67 -37.36 2.70 14.10
N LYS B 68 -38.34 3.58 14.29
CA LYS B 68 -38.40 4.44 15.48
CA LYS B 68 -38.41 4.45 15.47
C LYS B 68 -39.50 3.91 16.40
N ASN B 69 -40.76 4.09 16.01
CA ASN B 69 -41.88 3.50 16.76
C ASN B 69 -42.83 2.68 15.86
N LEU B 70 -42.43 2.47 14.61
CA LEU B 70 -43.19 1.67 13.65
C LEU B 70 -42.31 0.52 13.17
N PHE B 71 -42.83 -0.71 13.30
CA PHE B 71 -42.10 -1.93 12.94
C PHE B 71 -42.99 -2.88 12.15
N PHE B 72 -42.37 -3.55 11.17
CA PHE B 72 -43.02 -4.61 10.41
C PHE B 72 -42.19 -5.89 10.62
N SER B 73 -42.88 -6.99 10.93
CA SER B 73 -42.21 -8.23 11.34
C SER B 73 -43.07 -9.47 11.03
N THR B 74 -42.41 -10.60 10.78
CA THR B 74 -43.10 -11.89 10.69
C THR B 74 -43.12 -12.61 12.04
N ASN B 75 -42.44 -12.06 13.04
CA ASN B 75 -42.49 -12.62 14.40
C ASN B 75 -43.79 -12.22 15.09
N ILE B 76 -44.86 -12.96 14.78
CA ILE B 76 -46.19 -12.67 15.29
C ILE B 76 -46.28 -12.88 16.81
N ASP B 77 -45.67 -13.96 17.29
CA ASP B 77 -45.81 -14.39 18.69
C ASP B 77 -45.31 -13.40 19.72
N ASP B 78 -44.10 -12.87 19.50
CA ASP B 78 -43.49 -11.88 20.39
C ASP B 78 -44.19 -10.53 20.31
N ALA B 79 -44.67 -10.15 19.12
CA ALA B 79 -45.44 -8.92 18.97
C ALA B 79 -46.73 -9.02 19.78
N ILE B 80 -47.42 -10.17 19.72
CA ILE B 80 -48.59 -10.38 20.59
C ILE B 80 -48.21 -10.35 22.08
N LYS B 81 -47.21 -11.16 22.45
CA LYS B 81 -46.79 -11.31 23.85
C LYS B 81 -46.54 -9.96 24.54
N GLU B 82 -45.90 -9.04 23.82
CA GLU B 82 -45.51 -7.73 24.34
C GLU B 82 -46.60 -6.64 24.31
N ALA B 83 -47.69 -6.88 23.57
CA ALA B 83 -48.67 -5.83 23.27
C ALA B 83 -49.66 -5.54 24.40
N ASP B 84 -49.99 -4.26 24.58
CA ASP B 84 -51.13 -3.84 25.38
C ASP B 84 -52.42 -3.99 24.60
N LEU B 85 -52.33 -3.74 23.30
CA LEU B 85 -53.47 -3.80 22.40
C LEU B 85 -53.10 -4.59 21.15
N VAL B 86 -53.97 -5.54 20.78
CA VAL B 86 -53.80 -6.33 19.57
C VAL B 86 -54.99 -6.03 18.63
N PHE B 87 -54.67 -5.54 17.43
CA PHE B 87 -55.63 -5.34 16.35
C PHE B 87 -55.69 -6.62 15.54
N ILE B 88 -56.91 -7.02 15.18
CA ILE B 88 -57.15 -8.02 14.15
C ILE B 88 -57.57 -7.28 12.89
N SER B 89 -56.70 -7.33 11.88
CA SER B 89 -56.89 -6.57 10.64
C SER B 89 -56.64 -7.45 9.41
N VAL B 90 -57.03 -8.71 9.55
CA VAL B 90 -56.81 -9.72 8.53
C VAL B 90 -57.98 -9.70 7.52
N ASN B 91 -57.77 -10.36 6.39
CA ASN B 91 -58.80 -10.45 5.35
C ASN B 91 -60.03 -11.30 5.77
N THR B 92 -61.20 -10.89 5.29
CA THR B 92 -62.46 -11.58 5.51
C THR B 92 -63.16 -11.71 4.16
N PRO B 93 -62.61 -12.54 3.25
CA PRO B 93 -63.24 -12.72 1.93
C PRO B 93 -64.53 -13.55 1.97
N THR B 94 -65.28 -13.50 0.87
CA THR B 94 -66.39 -14.41 0.67
C THR B 94 -65.81 -15.83 0.56
N LYS B 95 -66.49 -16.79 1.19
CA LYS B 95 -66.13 -18.21 1.08
C LYS B 95 -66.33 -18.64 -0.38
N THR B 96 -65.34 -19.34 -0.94
CA THR B 96 -65.39 -19.84 -2.31
C THR B 96 -65.69 -21.35 -2.34
N TYR B 97 -66.23 -21.86 -1.23
CA TYR B 97 -66.38 -23.30 -0.99
C TYR B 97 -67.39 -23.50 0.15
N GLY B 98 -67.96 -24.70 0.22
CA GLY B 98 -68.76 -25.15 1.35
C GLY B 98 -70.11 -24.49 1.50
N MET B 99 -70.57 -24.43 2.76
CA MET B 99 -71.82 -23.78 3.12
C MET B 99 -71.66 -22.26 2.89
N GLY B 100 -72.62 -21.67 2.19
CA GLY B 100 -72.62 -20.25 1.92
C GLY B 100 -71.63 -19.84 0.85
N LYS B 101 -71.12 -20.80 0.09
CA LYS B 101 -70.23 -20.52 -1.03
C LYS B 101 -70.75 -19.32 -1.85
N GLY B 102 -69.94 -18.28 -2.06
CA GLY B 102 -70.32 -17.13 -2.87
C GLY B 102 -71.10 -16.03 -2.17
N ARG B 103 -71.36 -16.22 -0.86
CA ARG B 103 -72.19 -15.30 -0.06
C ARG B 103 -71.57 -15.08 1.33
N ALA B 104 -71.45 -16.15 2.11
CA ALA B 104 -71.02 -16.07 3.52
C ALA B 104 -69.59 -15.57 3.64
N ALA B 105 -69.31 -14.86 4.74
CA ALA B 105 -67.94 -14.40 5.08
C ALA B 105 -67.07 -15.57 5.53
N ASP B 106 -65.80 -15.55 5.12
CA ASP B 106 -64.84 -16.56 5.53
C ASP B 106 -64.05 -16.09 6.74
N LEU B 107 -64.37 -16.71 7.89
CA LEU B 107 -63.86 -16.27 9.18
C LEU B 107 -62.63 -17.05 9.68
N LYS B 108 -62.03 -17.85 8.80
CA LYS B 108 -60.90 -18.72 9.19
C LYS B 108 -59.63 -17.94 9.55
N TYR B 109 -59.41 -16.80 8.90
CA TYR B 109 -58.25 -15.96 9.24
C TYR B 109 -58.43 -15.31 10.61
N ILE B 110 -59.63 -14.82 10.88
CA ILE B 110 -60.00 -14.28 12.19
C ILE B 110 -59.81 -15.34 13.30
N GLU B 111 -60.39 -16.52 13.12
CA GLU B 111 -60.28 -17.56 14.13
C GLU B 111 -58.81 -17.90 14.42
N ALA B 112 -58.01 -18.03 13.36
CA ALA B 112 -56.59 -18.26 13.52
C ALA B 112 -55.92 -17.20 14.40
N CYS B 113 -56.27 -15.92 14.21
CA CYS B 113 -55.79 -14.83 15.07
C CYS B 113 -56.22 -15.01 16.53
N ALA B 114 -57.49 -15.32 16.75
CA ALA B 114 -58.02 -15.49 18.10
C ALA B 114 -57.27 -16.59 18.86
N ARG B 115 -57.04 -17.72 18.19
CA ARG B 115 -56.30 -18.85 18.78
C ARG B 115 -54.87 -18.48 19.12
N ARG B 116 -54.22 -17.81 18.18
CA ARG B 116 -52.82 -17.42 18.32
C ARG B 116 -52.63 -16.40 19.43
N ILE B 117 -53.63 -15.52 19.60
CA ILE B 117 -53.58 -14.50 20.64
C ILE B 117 -53.62 -15.16 22.03
N VAL B 118 -54.61 -16.02 22.26
CA VAL B 118 -54.74 -16.64 23.57
C VAL B 118 -53.55 -17.58 23.86
N GLN B 119 -53.04 -18.25 22.83
CA GLN B 119 -51.81 -19.06 22.95
C GLN B 119 -50.57 -18.24 23.41
N ASN B 120 -50.49 -16.96 23.02
CA ASN B 120 -49.31 -16.15 23.27
C ASN B 120 -49.51 -14.98 24.24
N SER B 121 -50.66 -14.96 24.92
CA SER B 121 -51.01 -13.85 25.82
C SER B 121 -51.01 -14.23 27.30
N ASN B 122 -50.52 -13.31 28.10
CA ASN B 122 -50.62 -13.37 29.56
C ASN B 122 -50.95 -11.96 30.04
N GLY B 123 -51.60 -11.87 31.19
CA GLY B 123 -51.95 -10.59 31.77
C GLY B 123 -53.09 -9.91 31.06
N TYR B 124 -53.04 -8.59 31.05
CA TYR B 124 -54.07 -7.74 30.46
C TYR B 124 -53.73 -7.35 29.02
N LYS B 125 -54.69 -7.57 28.11
CA LYS B 125 -54.60 -7.05 26.74
C LYS B 125 -55.98 -6.72 26.23
N ILE B 126 -56.05 -5.69 25.38
CA ILE B 126 -57.24 -5.34 24.66
C ILE B 126 -57.10 -5.92 23.24
N VAL B 127 -58.12 -6.64 22.78
CA VAL B 127 -58.10 -7.26 21.46
C VAL B 127 -59.19 -6.58 20.65
N THR B 128 -58.79 -5.94 19.55
CA THR B 128 -59.67 -5.08 18.79
C THR B 128 -59.89 -5.63 17.38
N GLU B 129 -61.13 -6.00 17.15
CA GLU B 129 -61.58 -6.50 15.87
C GLU B 129 -61.82 -5.32 14.93
N LYS B 130 -60.84 -5.07 14.06
CA LYS B 130 -60.94 -4.02 13.04
C LYS B 130 -61.45 -4.56 11.71
N SER B 131 -61.10 -5.81 11.42
CA SER B 131 -61.64 -6.51 10.25
C SER B 131 -63.16 -6.39 10.18
N THR B 132 -63.68 -6.34 8.96
CA THR B 132 -65.11 -6.32 8.75
C THR B 132 -65.60 -7.76 8.92
N VAL B 133 -66.58 -7.92 9.82
CA VAL B 133 -67.05 -9.24 10.20
C VAL B 133 -68.58 -9.32 10.18
N PRO B 134 -69.12 -10.55 10.11
CA PRO B 134 -70.54 -10.70 10.41
C PRO B 134 -70.87 -10.21 11.82
N VAL B 135 -72.08 -9.70 12.03
CA VAL B 135 -72.51 -9.24 13.35
C VAL B 135 -72.43 -10.43 14.32
N ARG B 136 -71.89 -10.17 15.51
CA ARG B 136 -71.70 -11.15 16.60
C ARG B 136 -70.41 -11.97 16.47
N ALA B 137 -69.57 -11.71 15.46
CA ALA B 137 -68.30 -12.42 15.37
C ALA B 137 -67.47 -12.24 16.64
N ALA B 138 -67.52 -11.06 17.26
CA ALA B 138 -66.80 -10.77 18.51
C ALA B 138 -67.17 -11.73 19.64
N GLU B 139 -68.43 -12.18 19.66
CA GLU B 139 -68.89 -13.16 20.65
C GLU B 139 -68.12 -14.48 20.55
N SER B 140 -67.72 -14.86 19.35
CA SER B 140 -66.94 -16.08 19.14
C SER B 140 -65.51 -15.90 19.61
N ILE B 141 -64.93 -14.72 19.40
CA ILE B 141 -63.58 -14.43 19.93
C ILE B 141 -63.63 -14.48 21.46
N ARG B 142 -64.65 -13.88 22.05
CA ARG B 142 -64.86 -13.97 23.51
C ARG B 142 -64.98 -15.43 23.99
N ARG B 143 -65.75 -16.25 23.30
CA ARG B 143 -65.96 -17.63 23.74
C ARG B 143 -64.65 -18.42 23.72
N ILE B 144 -63.84 -18.17 22.70
CA ILE B 144 -62.54 -18.83 22.56
C ILE B 144 -61.61 -18.45 23.70
N PHE B 145 -61.62 -17.15 24.05
CA PHE B 145 -60.85 -16.65 25.19
C PHE B 145 -61.36 -17.19 26.52
N ASP B 146 -62.67 -17.17 26.74
CA ASP B 146 -63.25 -17.71 27.96
C ASP B 146 -62.88 -19.17 28.15
N ALA B 147 -62.94 -19.94 27.06
CA ALA B 147 -62.66 -21.38 27.08
C ALA B 147 -61.20 -21.71 27.22
N ASN B 148 -60.32 -20.72 27.07
CA ASN B 148 -58.89 -20.92 27.15
C ASN B 148 -58.20 -19.96 28.13
N THR B 149 -58.85 -19.68 29.27
CA THR B 149 -58.25 -18.80 30.27
C THR B 149 -57.01 -19.41 30.92
N LYS B 150 -56.20 -18.53 31.47
CA LYS B 150 -55.03 -18.85 32.28
C LYS B 150 -55.12 -17.92 33.49
N PRO B 151 -54.43 -18.25 34.60
CA PRO B 151 -54.42 -17.33 35.74
C PRO B 151 -53.93 -15.93 35.35
N ASN B 152 -54.66 -14.91 35.76
CA ASN B 152 -54.32 -13.49 35.49
C ASN B 152 -54.46 -13.02 34.04
N LEU B 153 -55.00 -13.87 33.16
CA LEU B 153 -55.20 -13.51 31.77
C LEU B 153 -56.53 -12.78 31.65
N ASN B 154 -56.47 -11.53 31.23
CA ASN B 154 -57.66 -10.71 31.03
C ASN B 154 -57.62 -10.13 29.62
N LEU B 155 -58.31 -10.78 28.71
CA LEU B 155 -58.41 -10.33 27.32
C LEU B 155 -59.77 -9.69 27.12
N GLN B 156 -59.76 -8.40 26.84
CA GLN B 156 -60.97 -7.64 26.58
C GLN B 156 -61.13 -7.43 25.08
N VAL B 157 -62.32 -7.71 24.55
CA VAL B 157 -62.57 -7.63 23.13
C VAL B 157 -63.38 -6.40 22.76
N LEU B 158 -62.87 -5.65 21.77
CA LEU B 158 -63.54 -4.46 21.24
C LEU B 158 -63.80 -4.60 19.75
N SER B 159 -64.84 -3.92 19.28
CA SER B 159 -65.05 -3.68 17.84
C SER B 159 -64.50 -2.29 17.46
N ASN B 160 -63.72 -2.21 16.38
CA ASN B 160 -63.17 -0.92 15.91
C ASN B 160 -62.98 -0.94 14.40
N PRO B 161 -64.11 -0.97 13.66
CA PRO B 161 -64.07 -1.13 12.22
C PRO B 161 -63.44 0.05 11.50
N GLU B 162 -63.06 -0.18 10.26
CA GLU B 162 -62.27 0.76 9.49
C GLU B 162 -63.09 1.34 8.35
N PHE B 163 -63.02 2.67 8.16
CA PHE B 163 -63.79 3.38 7.14
C PHE B 163 -62.95 4.00 6.02
N LEU B 164 -61.64 3.79 6.04
CA LEU B 164 -60.80 4.34 4.97
C LEU B 164 -61.19 3.78 3.60
N ALA B 165 -61.02 4.61 2.57
CA ALA B 165 -61.09 4.17 1.19
C ALA B 165 -59.68 4.18 0.60
N GLU B 166 -59.33 3.15 -0.17
CA GLU B 166 -58.03 3.13 -0.85
C GLU B 166 -57.95 4.28 -1.86
N GLY B 167 -56.75 4.79 -2.09
CA GLY B 167 -56.55 6.01 -2.87
C GLY B 167 -56.56 7.27 -2.04
N THR B 168 -57.29 7.27 -0.92
CA THR B 168 -57.34 8.43 -0.04
C THR B 168 -57.06 8.00 1.42
N ALA B 169 -56.35 6.89 1.62
CA ALA B 169 -56.22 6.24 2.95
C ALA B 169 -55.64 7.14 4.01
N ILE B 170 -54.50 7.75 3.70
CA ILE B 170 -53.80 8.59 4.67
C ILE B 170 -54.65 9.80 5.11
N LYS B 171 -55.27 10.48 4.15
CA LYS B 171 -56.16 11.60 4.46
C LYS B 171 -57.36 11.13 5.29
N ASP B 172 -57.93 9.98 4.92
CA ASP B 172 -59.05 9.40 5.66
C ASP B 172 -58.65 9.02 7.09
N LEU B 173 -57.42 8.54 7.25
CA LEU B 173 -56.92 8.12 8.55
C LEU B 173 -56.51 9.30 9.42
N LYS B 174 -56.00 10.37 8.80
CA LYS B 174 -55.51 11.52 9.54
C LYS B 174 -56.67 12.45 9.93
N ASN B 175 -57.72 12.46 9.09
CA ASN B 175 -58.89 13.30 9.33
C ASN B 175 -60.18 12.54 9.07
N PRO B 176 -60.47 11.52 9.91
CA PRO B 176 -61.65 10.70 9.71
C PRO B 176 -62.95 11.45 10.03
N ASP B 177 -63.97 11.24 9.21
CA ASP B 177 -65.32 11.74 9.52
C ASP B 177 -65.75 11.27 10.92
N ARG B 178 -65.46 10.01 11.21
CA ARG B 178 -65.58 9.50 12.56
C ARG B 178 -64.76 8.22 12.79
N VAL B 179 -64.48 7.96 14.07
CA VAL B 179 -63.94 6.72 14.58
C VAL B 179 -65.05 6.01 15.38
N LEU B 180 -65.22 4.72 15.15
CA LEU B 180 -66.28 3.95 15.82
C LEU B 180 -65.66 2.83 16.64
N ILE B 181 -66.08 2.75 17.90
CA ILE B 181 -65.58 1.75 18.85
C ILE B 181 -66.77 1.11 19.58
N GLY B 182 -66.76 -0.22 19.62
CA GLY B 182 -67.82 -0.99 20.24
C GLY B 182 -67.22 -1.86 21.30
N GLY B 183 -67.91 -1.93 22.44
CA GLY B 183 -67.50 -2.84 23.53
C GLY B 183 -68.72 -3.09 24.41
N ASP B 184 -68.62 -4.02 25.35
CA ASP B 184 -69.78 -4.27 26.21
C ASP B 184 -69.89 -3.21 27.31
N GLU B 185 -71.02 -3.22 28.02
CA GLU B 185 -71.31 -2.17 28.99
C GLU B 185 -70.72 -2.45 30.37
N THR B 186 -69.93 -3.51 30.50
CA THR B 186 -69.32 -3.85 31.79
C THR B 186 -68.22 -2.84 32.13
N PRO B 187 -67.87 -2.72 33.43
CA PRO B 187 -66.74 -1.90 33.89
C PRO B 187 -65.42 -2.13 33.14
N GLU B 188 -65.03 -3.40 32.99
CA GLU B 188 -63.84 -3.76 32.22
C GLU B 188 -64.00 -3.39 30.73
N GLY B 189 -65.19 -3.61 30.18
CA GLY B 189 -65.47 -3.29 28.78
C GLY B 189 -65.34 -1.81 28.49
N GLN B 190 -65.96 -1.01 29.35
CA GLN B 190 -65.86 0.45 29.23
C GLN B 190 -64.44 0.98 29.48
N ARG B 191 -63.70 0.35 30.39
CA ARG B 191 -62.27 0.64 30.56
C ARG B 191 -61.46 0.42 29.28
N ALA B 192 -61.70 -0.72 28.61
CA ALA B 192 -61.04 -1.04 27.33
C ALA B 192 -61.35 0.01 26.25
N VAL B 193 -62.64 0.28 26.07
CA VAL B 193 -63.12 1.33 25.15
C VAL B 193 -62.42 2.67 25.37
N GLN B 194 -62.38 3.13 26.62
CA GLN B 194 -61.77 4.42 26.94
C GLN B 194 -60.25 4.44 26.66
N ALA B 195 -59.57 3.33 26.92
CA ALA B 195 -58.14 3.21 26.59
C ALA B 195 -57.89 3.34 25.09
N LEU B 196 -58.72 2.68 24.27
CA LEU B 196 -58.59 2.79 22.82
C LEU B 196 -58.95 4.21 22.34
N CYS B 197 -59.98 4.80 22.93
CA CYS B 197 -60.32 6.20 22.65
C CYS B 197 -59.15 7.13 22.89
N ALA B 198 -58.44 6.92 24.00
CA ALA B 198 -57.30 7.75 24.35
C ALA B 198 -56.19 7.67 23.28
N VAL B 199 -56.03 6.52 22.62
CA VAL B 199 -55.14 6.42 21.46
C VAL B 199 -55.56 7.36 20.32
N TYR B 200 -56.78 7.22 19.83
CA TYR B 200 -57.28 8.09 18.76
C TYR B 200 -57.32 9.60 19.11
N GLU B 201 -57.53 9.93 20.39
CA GLU B 201 -57.59 11.33 20.84
C GLU B 201 -56.28 12.10 20.69
N HIS B 202 -55.17 11.41 20.46
CA HIS B 202 -53.91 12.07 20.08
C HIS B 202 -54.11 12.89 18.82
N TRP B 203 -55.05 12.52 17.96
CA TRP B 203 -55.29 13.30 16.75
C TRP B 203 -56.74 13.45 16.26
N VAL B 204 -57.69 12.70 16.82
CA VAL B 204 -59.10 12.82 16.41
C VAL B 204 -59.88 13.52 17.51
N PRO B 205 -60.58 14.61 17.16
CA PRO B 205 -61.39 15.28 18.18
C PRO B 205 -62.38 14.31 18.83
N ARG B 206 -62.59 14.47 20.13
CA ARG B 206 -63.45 13.54 20.87
C ARG B 206 -64.89 13.44 20.33
N GLU B 207 -65.41 14.53 19.78
CA GLU B 207 -66.75 14.55 19.18
C GLU B 207 -66.86 13.70 17.92
N LYS B 208 -65.72 13.36 17.31
CA LYS B 208 -65.68 12.47 16.14
C LYS B 208 -65.42 10.99 16.48
N ILE B 209 -65.31 10.68 17.77
CA ILE B 209 -65.18 9.30 18.26
C ILE B 209 -66.54 8.84 18.84
N LEU B 210 -67.19 7.90 18.14
CA LEU B 210 -68.45 7.29 18.57
C LEU B 210 -68.18 6.00 19.35
N THR B 211 -68.83 5.84 20.50
CA THR B 211 -68.78 4.57 21.22
C THR B 211 -70.20 3.97 21.30
N THR B 212 -70.32 2.68 20.98
CA THR B 212 -71.59 1.98 20.89
C THR B 212 -71.39 0.64 21.60
N ASN B 213 -72.38 -0.25 21.58
CA ASN B 213 -72.16 -1.65 21.95
C ASN B 213 -71.44 -2.38 20.81
N THR B 214 -70.92 -3.56 21.11
CA THR B 214 -70.11 -4.31 20.17
C THR B 214 -70.83 -4.62 18.85
N TRP B 215 -72.13 -4.90 18.94
CA TRP B 215 -72.92 -5.39 17.79
C TRP B 215 -73.39 -4.28 16.89
N SER B 216 -73.74 -3.14 17.48
CA SER B 216 -74.05 -1.94 16.71
C SER B 216 -72.84 -1.51 15.90
N SER B 217 -71.66 -1.65 16.48
CA SER B 217 -70.42 -1.26 15.82
C SER B 217 -70.13 -2.19 14.63
N GLU B 218 -70.16 -3.51 14.85
CA GLU B 218 -70.03 -4.48 13.76
C GLU B 218 -71.04 -4.24 12.64
N LEU B 219 -72.30 -4.03 13.02
CA LEU B 219 -73.36 -3.84 12.04
C LEU B 219 -73.20 -2.52 11.28
N SER B 220 -72.80 -1.47 12.00
CA SER B 220 -72.61 -0.16 11.39
C SER B 220 -71.66 -0.20 10.17
N LYS B 221 -70.60 -1.00 10.26
CA LYS B 221 -69.63 -1.11 9.18
C LYS B 221 -70.25 -1.74 7.92
N LEU B 222 -70.96 -2.86 8.11
CA LEU B 222 -71.69 -3.52 7.02
C LEU B 222 -72.72 -2.59 6.40
N ALA B 223 -73.49 -1.91 7.26
CA ALA B 223 -74.53 -0.97 6.82
C ALA B 223 -73.96 0.22 6.05
N ALA B 224 -72.89 0.80 6.57
CA ALA B 224 -72.21 1.92 5.92
C ALA B 224 -71.79 1.54 4.50
N ASN B 225 -71.17 0.37 4.36
CA ASN B 225 -70.71 -0.09 3.05
C ASN B 225 -71.88 -0.41 2.12
N ALA B 226 -72.94 -1.01 2.68
CA ALA B 226 -74.13 -1.34 1.91
C ALA B 226 -74.85 -0.07 1.41
N PHE B 227 -74.88 0.98 2.24
CA PHE B 227 -75.46 2.28 1.82
C PHE B 227 -74.63 2.96 0.71
N LEU B 228 -73.31 2.89 0.82
CA LEU B 228 -72.42 3.49 -0.18
C LEU B 228 -72.56 2.76 -1.53
N ALA B 229 -72.43 1.43 -1.51
CA ALA B 229 -72.62 0.61 -2.69
C ALA B 229 -73.99 0.83 -3.33
N GLN B 230 -75.01 0.90 -2.47
CA GLN B 230 -76.36 1.20 -2.93
C GLN B 230 -76.52 2.54 -3.65
N ARG B 231 -75.84 3.59 -3.19
CA ARG B 231 -75.89 4.87 -3.89
C ARG B 231 -75.40 4.71 -5.34
N ILE B 232 -74.35 3.92 -5.52
CA ILE B 232 -73.75 3.71 -6.83
C ILE B 232 -74.65 2.85 -7.75
N SER B 233 -75.18 1.76 -7.21
CA SER B 233 -76.09 0.92 -7.96
C SER B 233 -77.36 1.66 -8.32
N SER B 234 -77.83 2.53 -7.43
CA SER B 234 -79.00 3.36 -7.71
C SER B 234 -78.75 4.35 -8.84
N ILE B 235 -77.63 5.08 -8.80
CA ILE B 235 -77.31 5.99 -9.91
C ILE B 235 -76.96 5.23 -11.19
N ASN B 236 -76.34 4.05 -11.05
CA ASN B 236 -76.12 3.18 -12.21
C ASN B 236 -77.44 2.67 -12.83
N SER B 237 -78.41 2.31 -12.00
CA SER B 237 -79.78 1.99 -12.48
C SER B 237 -80.38 3.18 -13.24
N ILE B 238 -80.08 4.39 -12.77
CA ILE B 238 -80.61 5.60 -13.42
C ILE B 238 -79.89 5.83 -14.77
N SER B 239 -78.61 5.43 -14.85
CA SER B 239 -77.86 5.55 -16.10
C SER B 239 -78.56 4.80 -17.24
N ALA B 240 -79.08 3.61 -16.96
CA ALA B 240 -79.80 2.79 -17.94
C ALA B 240 -81.07 3.49 -18.42
N LEU B 241 -81.84 4.04 -17.49
CA LEU B 241 -83.05 4.84 -17.81
C LEU B 241 -82.78 6.07 -18.67
N CYS B 242 -81.63 6.69 -18.43
CA CYS B 242 -81.20 7.87 -19.15
C CYS B 242 -80.91 7.52 -20.61
N GLU B 243 -80.08 6.50 -20.78
CA GLU B 243 -79.78 5.93 -22.09
C GLU B 243 -81.05 5.61 -22.90
N ALA B 244 -82.11 5.16 -22.22
CA ALA B 244 -83.37 4.83 -22.88
C ALA B 244 -84.25 6.05 -23.18
N THR B 245 -84.00 7.18 -22.52
CA THR B 245 -84.89 8.34 -22.61
C THR B 245 -84.29 9.61 -23.20
N GLY B 246 -82.96 9.74 -23.19
CA GLY B 246 -82.31 10.97 -23.62
C GLY B 246 -82.02 11.92 -22.46
N ALA B 247 -82.44 11.53 -21.26
CA ALA B 247 -81.94 12.14 -20.04
C ALA B 247 -80.44 11.84 -19.92
N ASP B 248 -79.71 12.69 -19.22
CA ASP B 248 -78.28 12.49 -19.01
C ASP B 248 -78.03 12.22 -17.53
N VAL B 249 -77.34 11.14 -17.19
CA VAL B 249 -77.15 10.72 -15.80
C VAL B 249 -76.34 11.71 -14.97
N GLU B 250 -75.39 12.39 -15.58
CA GLU B 250 -74.64 13.43 -14.88
C GLU B 250 -75.53 14.63 -14.51
N GLU B 251 -76.45 14.99 -15.40
CA GLU B 251 -77.43 16.04 -15.13
C GLU B 251 -78.39 15.63 -14.01
N VAL B 252 -78.90 14.41 -14.10
CA VAL B 252 -79.79 13.88 -13.08
C VAL B 252 -79.11 13.73 -11.71
N ALA B 253 -77.87 13.24 -11.71
CA ALA B 253 -77.07 13.10 -10.48
C ALA B 253 -76.90 14.42 -9.76
N THR B 254 -76.56 15.45 -10.52
CA THR B 254 -76.45 16.81 -9.98
C THR B 254 -77.76 17.28 -9.39
N ALA B 255 -78.88 17.07 -10.09
CA ALA B 255 -80.18 17.55 -9.60
C ALA B 255 -80.55 16.86 -8.28
N ILE B 256 -80.41 15.55 -8.24
CA ILE B 256 -80.80 14.82 -7.04
C ILE B 256 -79.88 15.15 -5.86
N GLY B 257 -78.57 15.27 -6.13
CA GLY B 257 -77.57 15.54 -5.10
C GLY B 257 -77.57 16.93 -4.50
N MET B 258 -78.30 17.86 -5.13
CA MET B 258 -78.49 19.22 -4.61
C MET B 258 -79.56 19.26 -3.52
N ASP B 259 -80.41 18.22 -3.42
CA ASP B 259 -81.22 17.96 -2.23
C ASP B 259 -80.28 17.60 -1.09
N GLN B 260 -80.22 18.44 -0.07
CA GLN B 260 -79.27 18.26 1.03
C GLN B 260 -79.53 16.99 1.86
N ARG B 261 -80.75 16.47 1.81
CA ARG B 261 -81.07 15.19 2.45
C ARG B 261 -80.49 13.97 1.72
N ILE B 262 -80.31 14.07 0.41
CA ILE B 262 -79.69 13.04 -0.40
C ILE B 262 -78.17 13.22 -0.40
N GLY B 263 -77.72 14.43 -0.72
CA GLY B 263 -76.28 14.75 -0.71
C GLY B 263 -75.67 14.47 -2.06
N ASN B 264 -74.52 15.12 -2.35
CA ASN B 264 -73.96 15.07 -3.71
C ASN B 264 -72.83 14.05 -3.92
N LYS B 265 -72.56 13.21 -2.92
CA LYS B 265 -71.45 12.25 -3.04
C LYS B 265 -71.96 10.88 -3.45
N PHE B 266 -71.07 10.12 -4.10
CA PHE B 266 -71.35 8.76 -4.53
C PHE B 266 -72.51 8.64 -5.55
N LEU B 267 -72.52 9.58 -6.49
CA LEU B 267 -73.49 9.60 -7.57
C LEU B 267 -72.77 9.66 -8.91
N LYS B 268 -71.59 9.06 -8.97
CA LYS B 268 -70.84 8.97 -10.21
C LYS B 268 -71.09 7.59 -10.84
N ALA B 269 -71.87 7.59 -11.91
CA ALA B 269 -72.11 6.37 -12.69
C ALA B 269 -70.82 5.75 -13.22
N SER B 270 -70.87 4.44 -13.44
CA SER B 270 -69.67 3.67 -13.76
C SER B 270 -70.06 2.36 -14.41
N VAL B 271 -69.10 1.74 -15.07
CA VAL B 271 -69.24 0.35 -15.54
C VAL B 271 -69.56 -0.58 -14.35
N GLY B 272 -69.18 -0.16 -13.14
CA GLY B 272 -69.56 -0.88 -11.93
C GLY B 272 -68.56 -0.72 -10.82
N PHE B 273 -69.05 -0.71 -9.58
CA PHE B 273 -68.16 -0.66 -8.40
C PHE B 273 -67.35 -1.96 -8.25
N GLY B 274 -66.06 -1.76 -7.95
CA GLY B 274 -65.14 -2.82 -7.60
C GLY B 274 -64.57 -2.61 -6.21
N GLY B 275 -63.36 -3.13 -5.99
CA GLY B 275 -62.70 -3.04 -4.70
C GLY B 275 -62.97 -4.31 -3.91
N SER B 276 -62.14 -4.59 -2.92
CA SER B 276 -62.23 -5.87 -2.21
C SER B 276 -63.50 -6.06 -1.38
N CYS B 277 -64.16 -4.98 -0.97
CA CYS B 277 -65.17 -5.13 0.11
C CYS B 277 -66.66 -4.91 -0.16
N PHE B 278 -67.01 -4.00 -1.05
CA PHE B 278 -68.43 -3.64 -1.24
C PHE B 278 -69.29 -4.88 -1.52
N GLN B 279 -68.94 -5.67 -2.53
CA GLN B 279 -69.73 -6.85 -2.88
C GLN B 279 -69.73 -7.90 -1.77
N LYS B 280 -68.56 -8.19 -1.23
CA LYS B 280 -68.48 -9.22 -0.18
C LYS B 280 -69.19 -8.82 1.11
N ASP B 281 -69.18 -7.53 1.44
CA ASP B 281 -69.81 -7.04 2.68
C ASP B 281 -71.34 -7.01 2.57
N VAL B 282 -71.83 -6.71 1.37
CA VAL B 282 -73.27 -6.76 1.10
C VAL B 282 -73.73 -8.22 1.07
N LEU B 283 -72.95 -9.10 0.45
CA LEU B 283 -73.27 -10.53 0.41
C LEU B 283 -73.24 -11.18 1.81
N ASN B 284 -72.30 -10.73 2.64
CA ASN B 284 -72.26 -11.09 4.05
C ASN B 284 -73.56 -10.67 4.74
N LEU B 285 -73.98 -9.42 4.52
CA LEU B 285 -75.25 -8.93 5.03
C LEU B 285 -76.42 -9.81 4.57
N VAL B 286 -76.48 -10.08 3.27
CA VAL B 286 -77.51 -10.95 2.70
C VAL B 286 -77.53 -12.32 3.39
N TYR B 287 -76.36 -12.96 3.45
CA TYR B 287 -76.22 -14.30 4.02
C TYR B 287 -76.71 -14.34 5.47
N LEU B 288 -76.22 -13.37 6.24
CA LEU B 288 -76.58 -13.18 7.62
C LEU B 288 -78.09 -13.01 7.78
N CYS B 289 -78.71 -12.18 6.95
CA CYS B 289 -80.17 -12.02 6.96
C CYS B 289 -80.89 -13.34 6.68
N GLU B 290 -80.40 -14.12 5.73
CA GLU B 290 -81.00 -15.43 5.47
C GLU B 290 -80.89 -16.36 6.70
N ALA B 291 -79.75 -16.30 7.36
CA ALA B 291 -79.50 -17.13 8.55
C ALA B 291 -80.39 -16.71 9.73
N LEU B 292 -80.74 -15.42 9.80
CA LEU B 292 -81.61 -14.90 10.86
C LEU B 292 -83.07 -14.84 10.45
N ASN B 293 -83.43 -15.58 9.39
CA ASN B 293 -84.78 -15.61 8.84
C ASN B 293 -85.34 -14.22 8.52
N LEU B 294 -84.53 -13.46 7.78
CA LEU B 294 -84.94 -12.15 7.31
C LEU B 294 -84.77 -12.14 5.79
N PRO B 295 -85.59 -12.95 5.08
CA PRO B 295 -85.44 -13.04 3.64
C PRO B 295 -85.81 -11.77 2.86
N GLU B 296 -86.74 -10.97 3.38
CA GLU B 296 -87.12 -9.70 2.75
C GLU B 296 -85.94 -8.76 2.78
N VAL B 297 -85.26 -8.70 3.93
CA VAL B 297 -84.08 -7.85 4.06
C VAL B 297 -82.94 -8.36 3.18
N ALA B 298 -82.77 -9.68 3.13
CA ALA B 298 -81.79 -10.31 2.24
C ALA B 298 -82.01 -9.90 0.78
N ARG B 299 -83.24 -10.03 0.28
CA ARG B 299 -83.50 -9.69 -1.12
C ARG B 299 -83.47 -8.19 -1.46
N TYR B 300 -83.72 -7.33 -0.47
CA TYR B 300 -83.53 -5.88 -0.61
C TYR B 300 -82.06 -5.54 -0.94
N TRP B 301 -81.15 -6.08 -0.14
CA TRP B 301 -79.74 -5.77 -0.31
C TRP B 301 -79.13 -6.45 -1.52
N GLN B 302 -79.62 -7.64 -1.86
CA GLN B 302 -79.13 -8.40 -3.04
C GLN B 302 -79.30 -7.60 -4.34
N GLN B 303 -80.33 -6.77 -4.39
CA GLN B 303 -80.52 -5.88 -5.53
C GLN B 303 -79.30 -5.00 -5.84
N VAL B 304 -78.56 -4.60 -4.80
CA VAL B 304 -77.35 -3.78 -4.96
C VAL B 304 -76.29 -4.54 -5.78
N ILE B 305 -76.13 -5.83 -5.49
CA ILE B 305 -75.19 -6.67 -6.22
C ILE B 305 -75.73 -6.98 -7.62
N ASP B 306 -77.00 -7.34 -7.72
CA ASP B 306 -77.64 -7.64 -9.01
C ASP B 306 -77.56 -6.48 -10.00
N MET B 307 -77.78 -5.26 -9.51
CA MET B 307 -77.65 -4.06 -10.33
C MET B 307 -76.23 -3.89 -10.82
N ASN B 308 -75.27 -4.03 -9.90
CA ASN B 308 -73.86 -3.88 -10.29
C ASN B 308 -73.47 -4.87 -11.40
N ASP B 309 -73.98 -6.10 -11.30
CA ASP B 309 -73.68 -7.13 -12.29
C ASP B 309 -74.36 -6.90 -13.64
N TYR B 310 -75.52 -6.26 -13.63
CA TYR B 310 -76.27 -5.87 -14.82
C TYR B 310 -75.54 -4.72 -15.51
N GLN B 311 -75.19 -3.69 -14.75
CA GLN B 311 -74.36 -2.58 -15.26
C GLN B 311 -73.13 -3.07 -16.06
N ARG B 312 -72.39 -4.01 -15.50
CA ARG B 312 -71.18 -4.55 -16.12
C ARG B 312 -71.46 -5.36 -17.39
N ARG B 313 -72.38 -6.29 -17.27
CA ARG B 313 -72.76 -7.19 -18.35
C ARG B 313 -73.29 -6.41 -19.54
N ARG B 314 -74.15 -5.44 -19.28
CA ARG B 314 -74.73 -4.65 -20.34
C ARG B 314 -73.71 -3.71 -21.01
N PHE B 315 -72.74 -3.26 -20.23
CA PHE B 315 -71.61 -2.53 -20.78
C PHE B 315 -70.83 -3.42 -21.75
N ALA B 316 -70.51 -4.64 -21.34
CA ALA B 316 -69.86 -5.60 -22.24
C ALA B 316 -70.70 -5.87 -23.50
N SER B 317 -71.98 -6.16 -23.31
CA SER B 317 -72.91 -6.34 -24.43
C SER B 317 -72.91 -5.14 -25.34
N ARG B 318 -72.83 -3.94 -24.77
CA ARG B 318 -72.77 -2.71 -25.58
C ARG B 318 -71.58 -2.76 -26.54
N ILE B 319 -70.40 -3.03 -26.00
CA ILE B 319 -69.18 -3.15 -26.82
C ILE B 319 -69.35 -4.15 -27.97
N ILE B 320 -69.86 -5.35 -27.66
CA ILE B 320 -69.96 -6.42 -28.66
C ILE B 320 -71.04 -6.07 -29.69
N ASP B 321 -72.16 -5.52 -29.23
CA ASP B 321 -73.23 -5.10 -30.14
C ASP B 321 -72.79 -3.98 -31.05
N SER B 322 -72.06 -3.01 -30.51
CA SER B 322 -71.59 -1.88 -31.32
C SER B 322 -70.57 -2.31 -32.37
N LEU B 323 -69.68 -3.24 -32.01
CA LEU B 323 -68.71 -3.81 -32.96
C LEU B 323 -69.30 -4.91 -33.88
N PHE B 324 -70.46 -4.64 -34.47
CA PHE B 324 -71.08 -5.51 -35.47
C PHE B 324 -71.35 -6.93 -34.96
N ASN B 325 -71.60 -7.08 -33.66
CA ASN B 325 -72.02 -8.35 -33.01
C ASN B 325 -70.98 -9.46 -32.96
N THR B 326 -69.73 -9.12 -33.21
CA THR B 326 -68.63 -10.06 -33.10
C THR B 326 -67.35 -9.33 -32.75
N VAL B 327 -66.60 -9.85 -31.77
CA VAL B 327 -65.29 -9.28 -31.40
C VAL B 327 -64.16 -10.32 -31.47
N THR B 328 -64.43 -11.47 -32.07
CA THR B 328 -63.43 -12.53 -32.16
C THR B 328 -62.28 -12.03 -33.01
N ASP B 329 -61.06 -12.15 -32.48
CA ASP B 329 -59.83 -11.69 -33.13
C ASP B 329 -59.69 -10.15 -33.25
N LYS B 330 -60.66 -9.41 -32.72
CA LYS B 330 -60.60 -7.93 -32.78
C LYS B 330 -59.75 -7.41 -31.64
N LYS B 331 -58.72 -6.65 -31.98
CA LYS B 331 -57.93 -5.92 -30.99
C LYS B 331 -58.77 -4.85 -30.31
N ILE B 332 -58.73 -4.87 -28.98
CA ILE B 332 -59.45 -3.93 -28.15
C ILE B 332 -58.54 -3.42 -27.02
N ALA B 333 -58.43 -2.10 -26.90
CA ALA B 333 -57.69 -1.47 -25.80
C ALA B 333 -58.53 -1.36 -24.51
N ILE B 334 -57.99 -1.92 -23.43
CA ILE B 334 -58.54 -1.76 -22.08
C ILE B 334 -57.68 -0.72 -21.36
N LEU B 335 -58.21 0.49 -21.18
CA LEU B 335 -57.51 1.55 -20.45
C LEU B 335 -58.04 1.63 -19.01
N GLY B 336 -57.22 1.20 -18.06
CA GLY B 336 -57.59 1.14 -16.65
C GLY B 336 -57.93 -0.26 -16.16
N PHE B 337 -57.13 -0.77 -15.22
CA PHE B 337 -57.35 -2.09 -14.62
C PHE B 337 -57.58 -2.04 -13.11
N ALA B 338 -57.03 -1.03 -12.43
CA ALA B 338 -57.33 -0.82 -11.01
C ALA B 338 -58.82 -0.50 -10.81
N PHE B 339 -59.32 -0.78 -9.61
CA PHE B 339 -60.76 -0.69 -9.33
C PHE B 339 -61.27 0.74 -9.20
N LYS B 340 -60.33 1.68 -9.06
CA LYS B 340 -60.57 3.11 -8.98
C LYS B 340 -59.20 3.75 -9.16
N LYS B 341 -59.15 5.07 -9.35
CA LYS B 341 -57.87 5.72 -9.55
C LYS B 341 -57.13 5.85 -8.22
N ASP B 342 -55.83 6.08 -8.33
CA ASP B 342 -54.92 6.34 -7.17
C ASP B 342 -54.69 5.13 -6.25
N THR B 343 -54.82 3.94 -6.82
CA THR B 343 -54.42 2.71 -6.16
C THR B 343 -53.89 1.80 -7.25
N GLY B 344 -53.02 0.86 -6.87
CA GLY B 344 -52.69 -0.27 -7.74
C GLY B 344 -53.50 -1.53 -7.48
N ASP B 345 -54.44 -1.45 -6.53
CA ASP B 345 -55.34 -2.56 -6.19
C ASP B 345 -56.33 -2.85 -7.33
N THR B 346 -56.48 -4.14 -7.66
CA THR B 346 -57.38 -4.62 -8.70
C THR B 346 -58.51 -5.50 -8.13
N ARG B 347 -58.57 -5.64 -6.81
CA ARG B 347 -59.52 -6.58 -6.23
C ARG B 347 -60.95 -6.22 -6.62
N GLU B 348 -61.58 -7.16 -7.32
CA GLU B 348 -62.94 -7.03 -7.89
C GLU B 348 -63.13 -5.88 -8.87
N SER B 349 -62.06 -5.43 -9.50
CA SER B 349 -62.17 -4.39 -10.51
C SER B 349 -63.13 -4.81 -11.63
N SER B 350 -64.01 -3.89 -12.02
CA SER B 350 -64.84 -4.10 -13.21
C SER B 350 -64.01 -4.39 -14.45
N SER B 351 -62.81 -3.84 -14.50
CA SER B 351 -61.85 -4.14 -15.57
C SER B 351 -61.65 -5.64 -15.75
N ILE B 352 -61.63 -6.39 -14.65
CA ILE B 352 -61.48 -7.84 -14.71
C ILE B 352 -62.72 -8.45 -15.39
N TYR B 353 -63.91 -8.01 -14.97
CA TYR B 353 -65.16 -8.57 -15.48
C TYR B 353 -65.43 -8.23 -16.94
N ILE B 354 -65.13 -7.00 -17.34
CA ILE B 354 -65.24 -6.61 -18.75
C ILE B 354 -64.22 -7.38 -19.60
N SER B 355 -62.99 -7.43 -19.13
CA SER B 355 -61.95 -8.18 -19.82
C SER B 355 -62.35 -9.66 -20.01
N LYS B 356 -62.83 -10.30 -18.96
CA LYS B 356 -63.24 -11.71 -19.06
C LYS B 356 -64.40 -11.92 -20.06
N TYR B 357 -65.40 -11.03 -20.02
CA TYR B 357 -66.50 -11.08 -20.99
C TYR B 357 -66.00 -11.02 -22.43
N LEU B 358 -65.06 -10.11 -22.69
CA LEU B 358 -64.51 -9.94 -24.03
C LEU B 358 -63.60 -11.10 -24.43
N MET B 359 -62.88 -11.66 -23.45
CA MET B 359 -62.06 -12.85 -23.66
C MET B 359 -62.93 -14.07 -23.99
N ASP B 360 -64.09 -14.21 -23.34
CA ASP B 360 -65.06 -15.27 -23.70
C ASP B 360 -65.44 -15.24 -25.18
N GLU B 361 -65.37 -14.05 -25.78
CA GLU B 361 -65.63 -13.84 -27.21
C GLU B 361 -64.41 -14.09 -28.12
N GLY B 362 -63.22 -14.18 -27.54
CA GLY B 362 -61.99 -14.34 -28.29
C GLY B 362 -61.42 -13.04 -28.81
N ALA B 363 -61.73 -11.93 -28.13
CA ALA B 363 -61.14 -10.64 -28.42
C ALA B 363 -59.66 -10.65 -28.00
N HIS B 364 -58.85 -9.84 -28.68
CA HIS B 364 -57.44 -9.65 -28.32
C HIS B 364 -57.31 -8.36 -27.52
N LEU B 365 -57.24 -8.50 -26.19
CA LEU B 365 -57.19 -7.35 -25.29
C LEU B 365 -55.76 -6.87 -25.08
N HIS B 366 -55.58 -5.56 -25.16
CA HIS B 366 -54.30 -4.90 -24.87
C HIS B 366 -54.58 -3.95 -23.72
N ILE B 367 -53.94 -4.19 -22.58
CA ILE B 367 -54.35 -3.61 -21.30
C ILE B 367 -53.25 -2.69 -20.81
N TYR B 368 -53.63 -1.43 -20.55
CA TYR B 368 -52.75 -0.45 -19.96
C TYR B 368 -53.33 0.08 -18.64
N ASP B 369 -52.48 0.19 -17.62
CA ASP B 369 -52.80 0.86 -16.36
C ASP B 369 -51.51 1.48 -15.76
N PRO B 370 -51.58 2.77 -15.36
CA PRO B 370 -50.36 3.43 -14.87
C PRO B 370 -49.72 2.91 -13.57
N LYS B 371 -50.44 2.10 -12.79
CA LYS B 371 -49.93 1.64 -11.49
C LYS B 371 -50.05 0.14 -11.23
N VAL B 372 -51.04 -0.54 -11.80
CA VAL B 372 -51.12 -1.98 -11.60
C VAL B 372 -49.92 -2.68 -12.25
N PRO B 373 -49.26 -3.59 -11.48
CA PRO B 373 -48.19 -4.40 -12.05
C PRO B 373 -48.76 -5.41 -13.03
N ARG B 374 -48.03 -5.65 -14.14
CA ARG B 374 -48.50 -6.54 -15.19
C ARG B 374 -48.71 -7.98 -14.72
N GLU B 375 -47.93 -8.41 -13.74
CA GLU B 375 -48.03 -9.75 -13.21
C GLU B 375 -49.38 -9.94 -12.52
N GLN B 376 -49.90 -8.87 -11.93
CA GLN B 376 -51.18 -8.93 -11.25
C GLN B 376 -52.31 -9.06 -12.27
N ILE B 377 -52.22 -8.31 -13.36
CA ILE B 377 -53.22 -8.38 -14.43
C ILE B 377 -53.26 -9.79 -15.04
N VAL B 378 -52.09 -10.39 -15.21
CA VAL B 378 -52.01 -11.77 -15.71
C VAL B 378 -52.67 -12.75 -14.75
N VAL B 379 -52.37 -12.63 -13.46
CA VAL B 379 -53.02 -13.46 -12.44
C VAL B 379 -54.54 -13.28 -12.45
N ASP B 380 -54.99 -12.03 -12.51
CA ASP B 380 -56.43 -11.72 -12.42
C ASP B 380 -57.23 -12.35 -13.56
N LEU B 381 -56.64 -12.35 -14.75
CA LEU B 381 -57.32 -12.83 -15.95
C LEU B 381 -57.16 -14.35 -16.16
N SER B 382 -56.28 -14.98 -15.39
CA SER B 382 -56.06 -16.43 -15.44
C SER B 382 -57.08 -17.21 -14.62
N HIS B 383 -57.32 -18.47 -15.00
CA HIS B 383 -58.34 -19.31 -14.35
C HIS B 383 -57.83 -19.84 -13.01
N ASP B 389 -52.18 -19.78 -17.81
CA ASP B 389 -53.46 -19.82 -18.53
C ASP B 389 -53.25 -19.60 -20.03
N ASP B 390 -53.69 -20.59 -20.81
CA ASP B 390 -53.57 -20.56 -22.27
C ASP B 390 -54.36 -19.41 -22.87
N GLN B 391 -55.60 -19.26 -22.43
CA GLN B 391 -56.47 -18.19 -22.93
C GLN B 391 -55.84 -16.80 -22.72
N VAL B 392 -55.15 -16.61 -21.60
CA VAL B 392 -54.44 -15.35 -21.33
C VAL B 392 -53.26 -15.21 -22.29
N SER B 393 -52.47 -16.27 -22.47
CA SER B 393 -51.35 -16.21 -23.40
C SER B 393 -51.80 -15.94 -24.83
N ARG B 394 -52.94 -16.50 -25.22
CA ARG B 394 -53.50 -16.26 -26.55
C ARG B 394 -54.16 -14.88 -26.70
N LEU B 395 -54.95 -14.45 -25.71
CA LEU B 395 -55.85 -13.29 -25.90
C LEU B 395 -55.43 -11.96 -25.26
N VAL B 396 -54.51 -11.97 -24.30
CA VAL B 396 -54.19 -10.78 -23.51
C VAL B 396 -52.73 -10.29 -23.68
N THR B 397 -52.58 -8.99 -23.93
CA THR B 397 -51.27 -8.32 -23.97
C THR B 397 -51.28 -7.18 -22.97
N ILE B 398 -50.21 -7.05 -22.19
CA ILE B 398 -50.09 -5.94 -21.25
C ILE B 398 -49.26 -4.87 -21.95
N SER B 399 -49.83 -3.68 -22.10
CA SER B 399 -49.21 -2.59 -22.86
C SER B 399 -48.41 -1.66 -21.95
N LYS B 400 -47.38 -1.06 -22.54
CA LYS B 400 -46.45 -0.17 -21.83
C LYS B 400 -47.00 1.25 -21.77
N ASP B 401 -47.79 1.62 -22.76
CA ASP B 401 -48.42 2.93 -22.77
C ASP B 401 -49.76 2.83 -23.51
N PRO B 402 -50.62 3.85 -23.37
CA PRO B 402 -51.95 3.74 -23.96
C PRO B 402 -51.94 3.72 -25.50
N TYR B 403 -50.99 4.43 -26.11
CA TYR B 403 -50.90 4.50 -27.57
C TYR B 403 -50.59 3.16 -28.21
N GLU B 404 -49.76 2.38 -27.54
CA GLU B 404 -49.46 1.00 -27.91
C GLU B 404 -50.72 0.16 -27.83
N ALA B 405 -51.47 0.33 -26.74
CA ALA B 405 -52.72 -0.39 -26.56
C ALA B 405 -53.70 -0.13 -27.72
N CYS B 406 -53.78 1.12 -28.15
CA CYS B 406 -54.79 1.54 -29.14
C CYS B 406 -54.35 1.34 -30.58
N ASP B 407 -53.09 0.96 -30.78
CA ASP B 407 -52.53 0.86 -32.13
C ASP B 407 -53.14 -0.33 -32.88
N GLY B 408 -53.97 -0.05 -33.88
CA GLY B 408 -54.68 -1.10 -34.62
C GLY B 408 -55.88 -1.70 -33.90
N ALA B 409 -56.31 -1.05 -32.82
CA ALA B 409 -57.51 -1.43 -32.08
C ALA B 409 -58.78 -0.97 -32.82
N HIS B 410 -59.86 -1.72 -32.60
CA HIS B 410 -61.21 -1.36 -33.04
C HIS B 410 -61.88 -0.46 -32.03
N ALA B 411 -61.63 -0.73 -30.74
CA ALA B 411 -62.28 0.02 -29.66
C ALA B 411 -61.30 0.35 -28.55
N VAL B 412 -61.51 1.51 -27.95
CA VAL B 412 -60.87 1.91 -26.69
C VAL B 412 -61.93 1.84 -25.60
N VAL B 413 -61.68 1.03 -24.58
CA VAL B 413 -62.61 0.87 -23.46
C VAL B 413 -61.97 1.36 -22.15
N ILE B 414 -62.49 2.47 -21.64
CA ILE B 414 -62.03 3.10 -20.41
C ILE B 414 -62.79 2.55 -19.19
N CYS B 415 -62.07 1.90 -18.30
CA CYS B 415 -62.68 1.23 -17.15
C CYS B 415 -62.32 1.83 -15.79
N THR B 416 -61.28 2.64 -15.75
CA THR B 416 -60.77 3.25 -14.52
C THR B 416 -60.53 4.70 -14.83
N GLU B 417 -60.93 5.56 -13.89
CA GLU B 417 -60.97 7.01 -14.09
C GLU B 417 -59.62 7.72 -13.80
N TRP B 418 -58.52 7.12 -14.25
CA TRP B 418 -57.21 7.77 -14.21
C TRP B 418 -57.25 9.08 -14.99
N ASP B 419 -56.71 10.16 -14.40
CA ASP B 419 -56.75 11.50 -14.99
C ASP B 419 -56.14 11.56 -16.39
N MET B 420 -55.08 10.78 -16.59
CA MET B 420 -54.33 10.82 -17.83
C MET B 420 -55.18 10.51 -19.06
N PHE B 421 -56.21 9.69 -18.91
CA PHE B 421 -56.96 9.20 -20.08
C PHE B 421 -57.66 10.31 -20.85
N LYS B 422 -58.27 11.27 -20.16
CA LYS B 422 -58.93 12.39 -20.84
C LYS B 422 -57.92 13.30 -21.55
N GLU B 423 -56.65 13.21 -21.17
CA GLU B 423 -55.58 14.05 -21.68
CA GLU B 423 -55.61 14.06 -21.72
C GLU B 423 -54.90 13.45 -22.93
N LEU B 424 -55.25 12.22 -23.29
CA LEU B 424 -54.61 11.55 -24.42
C LEU B 424 -54.79 12.30 -25.75
N ASP B 425 -53.92 11.99 -26.71
CA ASP B 425 -53.98 12.57 -28.05
C ASP B 425 -54.83 11.64 -28.92
N TYR B 426 -56.14 11.91 -28.91
CA TYR B 426 -57.10 11.07 -29.60
C TYR B 426 -57.02 11.20 -31.13
N GLU B 427 -56.48 12.31 -31.64
CA GLU B 427 -56.25 12.45 -33.07
C GLU B 427 -55.20 11.47 -33.53
N ARG B 428 -54.08 11.46 -32.82
CA ARG B 428 -53.05 10.44 -33.00
C ARG B 428 -53.59 9.00 -32.88
N ILE B 429 -54.42 8.76 -31.87
CA ILE B 429 -55.01 7.43 -31.63
C ILE B 429 -55.93 6.99 -32.78
N HIS B 430 -56.75 7.91 -33.28
CA HIS B 430 -57.68 7.62 -34.36
C HIS B 430 -56.97 7.22 -35.65
N LYS B 431 -55.81 7.83 -35.90
CA LYS B 431 -55.04 7.56 -37.11
C LYS B 431 -54.65 6.09 -37.26
N LYS B 432 -54.22 5.47 -36.17
CA LYS B 432 -53.74 4.10 -36.21
C LYS B 432 -54.76 3.06 -35.76
N MET B 433 -55.98 3.48 -35.45
CA MET B 433 -57.05 2.55 -35.16
C MET B 433 -57.63 1.99 -36.45
N LEU B 434 -58.14 0.77 -36.36
CA LEU B 434 -58.94 0.19 -37.44
C LEU B 434 -60.26 0.96 -37.45
N LYS B 435 -60.95 0.91 -38.59
CA LYS B 435 -62.13 1.73 -38.84
C LYS B 435 -63.37 0.88 -39.15
N PRO B 436 -64.54 1.30 -38.64
CA PRO B 436 -64.72 2.47 -37.75
C PRO B 436 -64.10 2.29 -36.34
N ALA B 437 -63.67 3.41 -35.76
CA ALA B 437 -63.04 3.45 -34.45
C ALA B 437 -64.08 3.80 -33.36
N PHE B 438 -64.06 3.07 -32.25
CA PHE B 438 -65.05 3.25 -31.17
C PHE B 438 -64.36 3.63 -29.87
N ILE B 439 -64.97 4.54 -29.10
CA ILE B 439 -64.57 4.74 -27.71
C ILE B 439 -65.75 4.40 -26.80
N PHE B 440 -65.52 3.51 -25.83
CA PHE B 440 -66.54 3.16 -24.83
C PHE B 440 -66.06 3.60 -23.43
N ASP B 441 -66.68 4.65 -22.92
CA ASP B 441 -66.21 5.30 -21.71
C ASP B 441 -67.04 4.86 -20.53
N GLY B 442 -66.47 3.97 -19.70
CA GLY B 442 -67.15 3.42 -18.53
C GLY B 442 -67.10 4.27 -17.28
N ARG B 443 -66.62 5.50 -17.41
CA ARG B 443 -66.28 6.33 -16.26
C ARG B 443 -66.69 7.81 -16.42
N ARG B 444 -67.35 8.14 -17.52
CA ARG B 444 -67.72 9.52 -17.85
C ARG B 444 -66.55 10.49 -17.80
N VAL B 445 -65.31 10.03 -18.04
CA VAL B 445 -64.17 10.95 -17.94
C VAL B 445 -63.96 11.79 -19.20
N LEU B 446 -64.56 11.38 -20.32
CA LEU B 446 -64.44 12.10 -21.59
C LEU B 446 -65.61 13.05 -21.89
N ASP B 447 -66.51 13.23 -20.91
CA ASP B 447 -67.57 14.24 -21.03
C ASP B 447 -67.00 15.59 -21.45
N GLY B 448 -67.69 16.27 -22.34
CA GLY B 448 -67.20 17.54 -22.87
C GLY B 448 -66.28 17.41 -24.07
N LEU B 449 -65.64 16.23 -24.25
CA LEU B 449 -64.84 15.97 -25.44
C LEU B 449 -65.61 15.30 -26.57
N HIS B 450 -66.91 15.07 -26.42
CA HIS B 450 -67.63 14.22 -27.37
C HIS B 450 -67.68 14.78 -28.78
N ASN B 451 -67.94 16.07 -28.92
CA ASN B 451 -67.97 16.72 -30.23
C ASN B 451 -66.63 16.68 -30.93
N GLU B 452 -65.55 16.98 -30.19
CA GLU B 452 -64.21 16.90 -30.75
C GLU B 452 -63.89 15.47 -31.19
N LEU B 453 -64.21 14.51 -30.32
CA LEU B 453 -63.97 13.09 -30.64
C LEU B 453 -64.77 12.64 -31.85
N GLN B 454 -66.02 13.06 -31.93
CA GLN B 454 -66.87 12.75 -33.08
C GLN B 454 -66.33 13.38 -34.37
N THR B 455 -65.81 14.60 -34.26
CA THR B 455 -65.22 15.30 -35.40
C THR B 455 -63.98 14.59 -35.90
N ILE B 456 -63.19 14.08 -34.96
CA ILE B 456 -62.03 13.28 -35.33
C ILE B 456 -62.47 12.03 -36.10
N GLY B 457 -63.62 11.48 -35.74
CA GLY B 457 -64.16 10.30 -36.42
C GLY B 457 -64.67 9.16 -35.54
N PHE B 458 -64.43 9.24 -34.24
CA PHE B 458 -64.85 8.19 -33.32
C PHE B 458 -66.36 8.09 -33.22
N GLN B 459 -66.83 6.88 -32.99
CA GLN B 459 -68.12 6.67 -32.37
C GLN B 459 -67.83 6.63 -30.86
N ILE B 460 -68.34 7.61 -30.12
CA ILE B 460 -68.09 7.66 -28.70
C ILE B 460 -69.39 7.33 -27.98
N GLU B 461 -69.31 6.35 -27.08
CA GLU B 461 -70.42 5.96 -26.23
C GLU B 461 -70.01 6.01 -24.76
N THR B 462 -70.95 6.40 -23.92
CA THR B 462 -70.72 6.39 -22.49
C THR B 462 -72.00 6.02 -21.77
N ILE B 463 -71.81 5.59 -20.53
CA ILE B 463 -72.87 5.21 -19.62
CA ILE B 463 -72.90 5.20 -19.66
C ILE B 463 -73.73 6.43 -19.26
N GLY B 464 -75.04 6.24 -19.24
CA GLY B 464 -75.97 7.28 -18.86
C GLY B 464 -76.15 8.37 -19.89
N LYS B 465 -75.80 8.08 -21.15
CA LYS B 465 -76.01 8.98 -22.27
C LYS B 465 -76.54 8.20 -23.47
N LYS B 466 -77.61 8.73 -24.06
CA LYS B 466 -78.27 8.10 -25.21
C LYS B 466 -77.35 8.19 -26.43
N VAL B 467 -77.31 7.10 -27.19
CA VAL B 467 -76.55 7.05 -28.45
C VAL B 467 -77.40 7.69 -29.54
N MET C 2 9.42 27.74 -25.81
CA MET C 2 9.93 27.65 -24.42
C MET C 2 11.44 27.43 -24.45
N PHE C 3 12.16 28.05 -23.51
CA PHE C 3 13.62 27.90 -23.44
C PHE C 3 13.97 26.53 -22.85
N GLU C 4 14.85 25.79 -23.52
CA GLU C 4 15.31 24.47 -23.04
C GLU C 4 16.68 24.52 -22.38
N ILE C 5 16.75 24.02 -21.15
CA ILE C 5 18.01 23.87 -20.42
C ILE C 5 18.67 22.57 -20.87
N LYS C 6 19.85 22.66 -21.46
CA LYS C 6 20.58 21.47 -21.93
C LYS C 6 21.94 21.27 -21.24
N LYS C 7 22.41 22.29 -20.54
CA LYS C 7 23.64 22.19 -19.73
C LYS C 7 23.40 22.80 -18.35
N ILE C 8 23.61 21.98 -17.33
CA ILE C 8 23.49 22.41 -15.95
C ILE C 8 24.87 22.36 -15.27
N CYS C 9 25.23 23.47 -14.62
CA CYS C 9 26.38 23.52 -13.73
C CYS C 9 25.88 23.61 -12.29
N CYS C 10 26.41 22.76 -11.41
CA CYS C 10 26.14 22.89 -10.00
C CYS C 10 27.43 23.20 -9.22
N ILE C 11 27.49 24.38 -8.60
CA ILE C 11 28.64 24.78 -7.79
C ILE C 11 28.41 24.26 -6.37
N GLY C 12 29.17 23.25 -5.98
CA GLY C 12 28.97 22.60 -4.68
C GLY C 12 28.60 21.14 -4.88
N ALA C 13 29.58 20.28 -4.69
CA ALA C 13 29.42 18.83 -4.89
C ALA C 13 29.22 18.16 -3.55
N GLY C 14 28.34 18.72 -2.73
CA GLY C 14 28.14 18.23 -1.37
C GLY C 14 26.90 17.39 -1.21
N TYR C 15 26.38 17.38 0.02
CA TYR C 15 25.24 16.54 0.36
C TYR C 15 23.99 16.85 -0.45
N VAL C 16 23.75 18.13 -0.74
CA VAL C 16 22.62 18.52 -1.56
C VAL C 16 22.92 18.49 -3.08
N GLY C 17 24.06 19.05 -3.50
CA GLY C 17 24.37 19.21 -4.91
C GLY C 17 24.64 17.92 -5.66
N GLY C 18 25.39 17.01 -5.04
CA GLY C 18 25.72 15.75 -5.69
C GLY C 18 24.49 14.92 -5.99
N PRO C 19 23.79 14.49 -4.93
CA PRO C 19 22.56 13.70 -5.10
C PRO C 19 21.52 14.33 -6.03
N THR C 20 21.22 15.61 -5.84
CA THR C 20 20.16 16.24 -6.63
C THR C 20 20.50 16.24 -8.13
N CYS C 21 21.74 16.54 -8.46
CA CYS C 21 22.19 16.58 -9.87
C CYS C 21 22.33 15.19 -10.49
N SER C 22 22.75 14.21 -9.68
CA SER C 22 22.74 12.81 -10.10
C SER C 22 21.34 12.34 -10.55
N VAL C 23 20.33 12.66 -9.75
CA VAL C 23 18.94 12.30 -10.09
C VAL C 23 18.47 13.02 -11.36
N ILE C 24 18.79 14.31 -11.48
CA ILE C 24 18.43 15.11 -12.64
C ILE C 24 18.99 14.48 -13.93
N ALA C 25 20.30 14.22 -13.92
CA ALA C 25 20.99 13.55 -15.03
C ALA C 25 20.38 12.18 -15.34
N HIS C 26 20.06 11.44 -14.28
CA HIS C 26 19.46 10.12 -14.41
C HIS C 26 18.07 10.21 -15.09
N MET C 27 17.32 11.25 -14.75
CA MET C 27 15.96 11.41 -15.26
C MET C 27 15.91 12.16 -16.58
N CYS C 28 16.95 12.95 -16.85
CA CYS C 28 16.99 13.84 -18.02
C CYS C 28 18.24 13.55 -18.85
N PRO C 29 18.22 12.45 -19.63
CA PRO C 29 19.42 12.10 -20.40
C PRO C 29 19.84 13.15 -21.45
N GLU C 30 18.93 14.03 -21.86
CA GLU C 30 19.24 15.07 -22.86
C GLU C 30 19.85 16.35 -22.25
N ILE C 31 20.04 16.36 -20.93
CA ILE C 31 20.77 17.44 -20.26
C ILE C 31 22.14 16.91 -19.79
N ARG C 32 23.17 17.72 -20.02
CA ARG C 32 24.50 17.49 -19.48
C ARG C 32 24.54 18.17 -18.13
N VAL C 33 24.89 17.42 -17.09
CA VAL C 33 24.92 17.94 -15.73
C VAL C 33 26.36 17.83 -15.23
N THR C 34 26.95 18.98 -14.91
CA THR C 34 28.31 19.04 -14.38
C THR C 34 28.31 19.59 -12.95
N VAL C 35 28.74 18.75 -12.01
CA VAL C 35 28.87 19.14 -10.61
C VAL C 35 30.33 19.56 -10.38
N VAL C 36 30.52 20.79 -9.92
CA VAL C 36 31.87 21.31 -9.71
C VAL C 36 32.10 21.66 -8.23
N ASP C 37 33.36 21.77 -7.86
CA ASP C 37 33.73 22.05 -6.47
C ASP C 37 35.18 22.50 -6.44
N VAL C 38 35.55 23.29 -5.43
CA VAL C 38 36.97 23.64 -5.24
C VAL C 38 37.73 22.48 -4.62
N ASN C 39 37.03 21.67 -3.84
CA ASN C 39 37.60 20.51 -3.17
C ASN C 39 37.94 19.37 -4.14
N GLU C 40 39.21 19.26 -4.51
CA GLU C 40 39.63 18.27 -5.51
C GLU C 40 39.46 16.81 -5.05
N SER C 41 39.76 16.54 -3.78
CA SER C 41 39.64 15.16 -3.27
C SER C 41 38.18 14.68 -3.26
N ARG C 42 37.26 15.59 -2.95
CA ARG C 42 35.83 15.31 -2.99
C ARG C 42 35.34 14.98 -4.40
N ILE C 43 35.69 15.82 -5.36
CA ILE C 43 35.41 15.56 -6.77
C ILE C 43 35.99 14.22 -7.24
N ASN C 44 37.22 13.92 -6.82
CA ASN C 44 37.85 12.65 -7.16
C ASN C 44 37.08 11.49 -6.57
N ALA C 45 36.61 11.67 -5.34
CA ALA C 45 35.78 10.67 -4.66
C ALA C 45 34.46 10.43 -5.41
N TRP C 46 33.89 11.49 -6.00
CA TRP C 46 32.65 11.38 -6.80
C TRP C 46 32.84 10.57 -8.09
N ASN C 47 34.01 10.69 -8.68
CA ASN C 47 34.41 9.85 -9.82
C ASN C 47 35.05 8.50 -9.45
N SER C 48 35.07 8.17 -8.16
CA SER C 48 35.67 6.90 -7.68
C SER C 48 34.59 5.89 -7.28
N PRO C 49 34.99 4.62 -7.03
CA PRO C 49 34.04 3.59 -6.60
C PRO C 49 33.48 3.77 -5.19
N THR C 50 34.01 4.73 -4.44
CA THR C 50 33.51 5.06 -3.12
C THR C 50 33.16 6.55 -3.09
N LEU C 51 31.87 6.85 -3.05
CA LEU C 51 31.38 8.22 -3.13
C LEU C 51 31.57 8.92 -1.79
N PRO C 52 31.80 10.25 -1.82
CA PRO C 52 32.11 11.01 -0.60
C PRO C 52 30.90 11.26 0.30
N ILE C 53 29.71 11.03 -0.25
CA ILE C 53 28.45 11.06 0.49
C ILE C 53 27.91 9.63 0.51
N TYR C 54 27.44 9.16 1.68
CA TYR C 54 26.68 7.90 1.70
C TYR C 54 25.16 8.10 1.80
N GLU C 55 24.47 7.62 0.78
CA GLU C 55 23.02 7.64 0.75
C GLU C 55 22.56 6.39 0.02
N PRO C 56 21.55 5.69 0.57
CA PRO C 56 20.98 4.53 -0.13
C PRO C 56 20.54 4.86 -1.54
N GLY C 57 20.94 4.04 -2.51
CA GLY C 57 20.55 4.21 -3.91
C GLY C 57 21.37 5.22 -4.70
N LEU C 58 22.24 5.99 -4.04
CA LEU C 58 22.96 7.08 -4.70
C LEU C 58 24.00 6.56 -5.67
N LYS C 59 24.73 5.53 -5.24
CA LYS C 59 25.78 4.93 -6.08
C LYS C 59 25.19 4.42 -7.38
N GLU C 60 24.07 3.71 -7.29
CA GLU C 60 23.39 3.19 -8.48
C GLU C 60 22.98 4.32 -9.42
N VAL C 61 22.41 5.39 -8.86
CA VAL C 61 22.02 6.56 -9.67
C VAL C 61 23.24 7.18 -10.37
N VAL C 62 24.30 7.44 -9.60
CA VAL C 62 25.51 8.04 -10.15
C VAL C 62 26.10 7.18 -11.27
N GLU C 63 26.26 5.90 -11.00
CA GLU C 63 26.90 5.02 -11.95
C GLU C 63 26.06 4.76 -13.19
N SER C 64 24.75 4.94 -13.10
CA SER C 64 23.89 4.80 -14.28
C SER C 64 24.16 5.87 -15.34
N CYS C 65 24.75 7.00 -14.97
CA CYS C 65 24.89 8.10 -15.90
C CYS C 65 26.20 8.90 -15.86
N ARG C 66 27.04 8.68 -14.84
CA ARG C 66 28.36 9.33 -14.80
C ARG C 66 29.16 9.01 -16.05
N GLY C 67 29.78 10.04 -16.64
CA GLY C 67 30.52 9.87 -17.86
C GLY C 67 29.65 9.89 -19.10
N LYS C 68 28.33 9.83 -18.95
CA LYS C 68 27.42 10.02 -20.10
C LYS C 68 26.85 11.44 -20.09
N ASN C 69 26.01 11.75 -19.11
CA ASN C 69 25.49 13.11 -18.98
C ASN C 69 25.62 13.68 -17.56
N LEU C 70 26.38 12.97 -16.73
CA LEU C 70 26.72 13.39 -15.36
C LEU C 70 28.24 13.44 -15.21
N PHE C 71 28.75 14.62 -14.84
CA PHE C 71 30.19 14.84 -14.70
C PHE C 71 30.53 15.55 -13.39
N PHE C 72 31.71 15.20 -12.84
CA PHE C 72 32.22 15.84 -11.64
C PHE C 72 33.59 16.41 -11.93
N SER C 73 33.77 17.71 -11.73
CA SER C 73 34.99 18.40 -12.14
C SER C 73 35.39 19.52 -11.17
N THR C 74 36.68 19.81 -11.11
CA THR C 74 37.19 20.98 -10.39
C THR C 74 37.31 22.20 -11.32
N ASN C 75 37.09 21.97 -12.62
CA ASN C 75 37.04 23.03 -13.62
C ASN C 75 35.68 23.76 -13.54
N ILE C 76 35.61 24.68 -12.58
CA ILE C 76 34.41 25.44 -12.27
C ILE C 76 34.07 26.45 -13.37
N ASP C 77 35.09 27.12 -13.88
CA ASP C 77 34.93 28.19 -14.88
C ASP C 77 34.35 27.74 -16.21
N ASP C 78 34.82 26.61 -16.75
CA ASP C 78 34.26 26.09 -18.00
C ASP C 78 32.83 25.60 -17.81
N ALA C 79 32.51 25.04 -16.65
CA ALA C 79 31.18 24.55 -16.36
C ALA C 79 30.16 25.70 -16.31
N ILE C 80 30.52 26.80 -15.66
CA ILE C 80 29.66 27.99 -15.57
C ILE C 80 29.45 28.58 -16.96
N LYS C 81 30.56 28.79 -17.65
CA LYS C 81 30.61 29.40 -18.98
C LYS C 81 29.64 28.74 -19.96
N GLU C 82 29.63 27.42 -19.97
CA GLU C 82 28.78 26.64 -20.87
C GLU C 82 27.35 26.41 -20.40
N ALA C 83 27.08 26.68 -19.12
CA ALA C 83 25.79 26.31 -18.52
C ALA C 83 24.64 27.20 -18.99
N ASP C 84 23.46 26.60 -19.11
CA ASP C 84 22.18 27.34 -19.21
C ASP C 84 21.63 27.64 -17.83
N LEU C 85 21.76 26.67 -16.94
CA LEU C 85 21.36 26.81 -15.54
C LEU C 85 22.56 26.56 -14.61
N VAL C 86 22.81 27.51 -13.71
CA VAL C 86 23.78 27.31 -12.65
C VAL C 86 23.04 27.19 -11.31
N PHE C 87 23.18 26.02 -10.67
CA PHE C 87 22.78 25.86 -9.28
C PHE C 87 23.89 26.37 -8.37
N ILE C 88 23.52 27.13 -7.34
CA ILE C 88 24.43 27.48 -6.24
C ILE C 88 24.07 26.57 -5.08
N SER C 89 24.94 25.61 -4.81
CA SER C 89 24.70 24.60 -3.79
C SER C 89 25.89 24.54 -2.84
N VAL C 90 26.40 25.72 -2.50
CA VAL C 90 27.49 25.85 -1.55
C VAL C 90 26.90 25.95 -0.15
N ASN C 91 27.74 25.73 0.85
CA ASN C 91 27.34 25.81 2.25
C ASN C 91 27.11 27.25 2.72
N THR C 92 26.18 27.40 3.65
CA THR C 92 25.94 28.65 4.33
C THR C 92 26.05 28.32 5.83
N PRO C 93 27.28 28.31 6.36
CA PRO C 93 27.44 28.01 7.78
C PRO C 93 26.86 29.12 8.66
N THR C 94 26.52 28.78 9.90
CA THR C 94 26.18 29.81 10.88
C THR C 94 27.46 30.60 11.18
N LYS C 95 27.33 31.92 11.26
CA LYS C 95 28.45 32.79 11.65
C LYS C 95 28.92 32.42 13.07
N THR C 96 30.24 32.34 13.27
CA THR C 96 30.82 32.03 14.58
C THR C 96 31.48 33.27 15.20
N TYR C 97 31.11 34.44 14.67
CA TYR C 97 31.81 35.69 14.94
C TYR C 97 30.90 36.86 14.59
N GLY C 98 31.26 38.03 15.10
CA GLY C 98 30.65 39.29 14.71
C GLY C 98 29.14 39.35 14.86
N MET C 99 28.53 40.19 14.03
CA MET C 99 27.07 40.40 13.95
C MET C 99 26.35 39.07 13.71
N GLY C 100 25.46 38.70 14.62
CA GLY C 100 24.65 37.49 14.49
C GLY C 100 25.36 36.19 14.87
N LYS C 101 26.48 36.30 15.57
CA LYS C 101 27.24 35.13 16.04
C LYS C 101 26.31 34.03 16.55
N GLY C 102 26.50 32.82 16.04
CA GLY C 102 25.75 31.65 16.50
C GLY C 102 24.34 31.47 15.95
N ARG C 103 23.88 32.41 15.12
CA ARG C 103 22.49 32.40 14.63
C ARG C 103 22.34 32.78 13.17
N ALA C 104 22.99 33.88 12.77
CA ALA C 104 22.94 34.38 11.39
C ALA C 104 23.79 33.51 10.47
N ALA C 105 23.31 33.33 9.24
CA ALA C 105 24.03 32.56 8.22
C ALA C 105 25.17 33.39 7.63
N ASP C 106 26.29 32.74 7.32
CA ASP C 106 27.43 33.38 6.68
C ASP C 106 27.30 33.19 5.17
N LEU C 107 27.18 34.30 4.45
CA LEU C 107 26.90 34.30 3.02
C LEU C 107 28.15 34.38 2.16
N LYS C 108 29.32 34.18 2.74
CA LYS C 108 30.58 34.39 2.01
C LYS C 108 30.80 33.43 0.84
N TYR C 109 30.36 32.18 0.99
CA TYR C 109 30.47 31.19 -0.09
C TYR C 109 29.47 31.46 -1.22
N ILE C 110 28.27 31.89 -0.84
CA ILE C 110 27.25 32.29 -1.82
C ILE C 110 27.71 33.48 -2.66
N GLU C 111 28.25 34.50 -2.00
CA GLU C 111 28.73 35.70 -2.69
C GLU C 111 29.94 35.43 -3.58
N ALA C 112 30.87 34.62 -3.10
CA ALA C 112 31.97 34.18 -3.92
C ALA C 112 31.41 33.54 -5.20
N CYS C 113 30.41 32.66 -5.05
CA CYS C 113 29.79 32.02 -6.20
C CYS C 113 29.20 33.05 -7.15
N ALA C 114 28.39 33.98 -6.62
CA ALA C 114 27.74 34.98 -7.45
C ALA C 114 28.75 35.77 -8.30
N ARG C 115 29.90 36.09 -7.72
CA ARG C 115 30.90 36.91 -8.40
C ARG C 115 31.67 36.12 -9.46
N ARG C 116 31.92 34.84 -9.16
CA ARG C 116 32.58 33.96 -10.11
C ARG C 116 31.66 33.67 -11.31
N ILE C 117 30.36 33.54 -11.04
CA ILE C 117 29.38 33.35 -12.12
C ILE C 117 29.40 34.55 -13.07
N VAL C 118 29.21 35.75 -12.54
CA VAL C 118 29.13 36.95 -13.37
C VAL C 118 30.45 37.21 -14.12
N GLN C 119 31.55 36.83 -13.49
CA GLN C 119 32.86 36.93 -14.14
C GLN C 119 33.01 35.99 -15.31
N ASN C 120 32.38 34.83 -15.22
CA ASN C 120 32.53 33.77 -16.22
C ASN C 120 31.32 33.60 -17.14
N SER C 121 30.38 34.53 -17.06
CA SER C 121 29.14 34.42 -17.81
C SER C 121 29.02 35.47 -18.91
N ASN C 122 28.54 35.01 -20.07
CA ASN C 122 28.10 35.88 -21.15
C ASN C 122 26.69 35.46 -21.56
N GLY C 123 25.89 36.40 -22.05
CA GLY C 123 24.56 36.09 -22.54
C GLY C 123 23.57 35.68 -21.44
N TYR C 124 22.69 34.74 -21.79
CA TYR C 124 21.61 34.30 -20.92
C TYR C 124 21.97 33.07 -20.07
N LYS C 125 21.76 33.18 -18.76
CA LYS C 125 21.79 32.02 -17.84
C LYS C 125 20.73 32.16 -16.74
N ILE C 126 20.26 31.02 -16.24
CA ILE C 126 19.41 30.96 -15.06
C ILE C 126 20.28 30.57 -13.87
N VAL C 127 20.31 31.40 -12.83
CA VAL C 127 21.09 31.13 -11.62
C VAL C 127 20.13 30.78 -10.47
N THR C 128 20.25 29.58 -9.92
CA THR C 128 19.28 29.06 -8.97
C THR C 128 19.89 28.73 -7.59
N GLU C 129 19.34 29.34 -6.56
CA GLU C 129 19.71 29.05 -5.17
C GLU C 129 19.18 27.69 -4.79
N LYS C 130 20.08 26.73 -4.69
CA LYS C 130 19.76 25.37 -4.28
C LYS C 130 20.09 25.24 -2.77
N SER C 131 21.01 26.07 -2.28
CA SER C 131 21.39 26.10 -0.85
C SER C 131 20.29 26.66 0.01
N THR C 132 20.13 26.15 1.24
CA THR C 132 19.31 26.83 2.22
C THR C 132 20.04 28.13 2.47
N VAL C 133 19.31 29.23 2.35
CA VAL C 133 19.86 30.57 2.46
C VAL C 133 18.90 31.39 3.31
N PRO C 134 19.39 32.51 3.87
CA PRO C 134 18.50 33.46 4.54
C PRO C 134 17.62 34.18 3.54
N VAL C 135 16.48 34.68 4.00
CA VAL C 135 15.54 35.32 3.10
C VAL C 135 16.14 36.62 2.57
N ARG C 136 15.87 36.88 1.28
CA ARG C 136 16.46 38.00 0.52
C ARG C 136 17.95 37.81 0.17
N ALA C 137 18.46 36.58 0.32
CA ALA C 137 19.78 36.23 -0.23
C ALA C 137 19.81 36.31 -1.76
N ALA C 138 18.66 36.11 -2.41
CA ALA C 138 18.55 36.26 -3.87
C ALA C 138 18.70 37.72 -4.30
N GLU C 139 18.24 38.63 -3.45
CA GLU C 139 18.39 40.07 -3.70
C GLU C 139 19.86 40.52 -3.75
N SER C 140 20.70 39.94 -2.88
CA SER C 140 22.14 40.23 -2.89
C SER C 140 22.79 39.74 -4.19
N ILE C 141 22.42 38.54 -4.62
CA ILE C 141 22.94 37.92 -5.85
C ILE C 141 22.59 38.80 -7.05
N ARG C 142 21.35 39.27 -7.11
CA ARG C 142 20.90 40.20 -8.14
C ARG C 142 21.64 41.54 -8.16
N ARG C 143 21.92 42.07 -6.98
CA ARG C 143 22.68 43.33 -6.86
C ARG C 143 24.11 43.18 -7.34
N ILE C 144 24.77 42.08 -6.97
CA ILE C 144 26.08 41.72 -7.51
C ILE C 144 26.03 41.59 -9.05
N PHE C 145 25.04 40.87 -9.57
CA PHE C 145 24.89 40.71 -11.01
C PHE C 145 24.66 42.05 -11.72
N ASP C 146 23.81 42.90 -11.16
CA ASP C 146 23.51 44.21 -11.75
C ASP C 146 24.69 45.17 -11.70
N ALA C 147 25.45 45.13 -10.60
CA ALA C 147 26.63 45.99 -10.41
C ALA C 147 27.79 45.59 -11.33
N ASN C 148 27.74 44.38 -11.88
CA ASN C 148 28.84 43.82 -12.67
C ASN C 148 28.37 43.35 -14.04
N THR C 149 27.41 44.07 -14.62
CA THR C 149 26.80 43.63 -15.86
C THR C 149 27.66 43.92 -17.10
N LYS C 150 27.28 43.30 -18.21
CA LYS C 150 27.97 43.43 -19.47
C LYS C 150 26.91 43.58 -20.53
N PRO C 151 27.29 44.05 -21.72
CA PRO C 151 26.33 44.04 -22.81
C PRO C 151 25.82 42.63 -23.08
N ASN C 152 24.51 42.48 -23.18
CA ASN C 152 23.86 41.20 -23.46
C ASN C 152 23.91 40.15 -22.33
N LEU C 153 24.46 40.49 -21.16
CA LEU C 153 24.43 39.59 -20.01
C LEU C 153 23.02 39.63 -19.43
N ASN C 154 22.45 38.45 -19.20
CA ASN C 154 21.09 38.34 -18.68
C ASN C 154 21.00 37.13 -17.75
N LEU C 155 21.35 37.35 -16.49
CA LEU C 155 21.34 36.31 -15.47
C LEU C 155 20.03 36.44 -14.68
N GLN C 156 19.15 35.46 -14.83
CA GLN C 156 17.91 35.39 -14.06
C GLN C 156 18.14 34.57 -12.80
N VAL C 157 17.67 35.07 -11.66
CA VAL C 157 17.91 34.47 -10.36
C VAL C 157 16.64 33.77 -9.84
N LEU C 158 16.79 32.50 -9.46
CA LEU C 158 15.68 31.71 -8.92
C LEU C 158 16.04 31.14 -7.56
N SER C 159 15.00 30.75 -6.81
CA SER C 159 15.09 29.98 -5.59
C SER C 159 14.49 28.59 -5.82
N ASN C 160 15.21 27.55 -5.41
CA ASN C 160 14.79 26.16 -5.56
C ASN C 160 15.31 25.38 -4.36
N PRO C 161 14.66 25.55 -3.19
CA PRO C 161 15.17 24.90 -1.97
C PRO C 161 15.19 23.37 -2.00
N GLU C 162 16.03 22.77 -1.15
CA GLU C 162 16.14 21.31 -0.98
C GLU C 162 15.27 20.81 0.17
N PHE C 163 14.64 19.66 -0.03
CA PHE C 163 13.89 18.97 1.02
C PHE C 163 14.35 17.52 1.10
N LEU C 164 15.65 17.33 1.26
CA LEU C 164 16.22 16.01 1.50
C LEU C 164 16.25 15.81 3.00
N ALA C 165 15.91 14.61 3.44
CA ALA C 165 16.14 14.20 4.81
C ALA C 165 17.26 13.15 4.77
N GLU C 166 18.10 13.17 5.80
CA GLU C 166 19.28 12.30 5.85
C GLU C 166 18.85 10.82 5.81
N GLY C 167 19.51 10.05 4.95
CA GLY C 167 19.23 8.63 4.79
C GLY C 167 18.15 8.27 3.78
N THR C 168 17.41 9.27 3.30
CA THR C 168 16.34 9.07 2.31
C THR C 168 16.46 10.05 1.12
N ALA C 169 17.66 10.56 0.89
CA ALA C 169 17.89 11.55 -0.18
C ALA C 169 17.30 11.13 -1.53
N ILE C 170 17.59 9.91 -1.97
CA ILE C 170 17.19 9.45 -3.32
C ILE C 170 15.70 9.20 -3.45
N LYS C 171 15.07 8.66 -2.41
CA LYS C 171 13.62 8.49 -2.42
C LYS C 171 12.93 9.85 -2.40
N ASP C 172 13.47 10.77 -1.58
CA ASP C 172 12.96 12.15 -1.49
C ASP C 172 13.11 12.89 -2.82
N LEU C 173 14.22 12.66 -3.51
CA LEU C 173 14.47 13.27 -4.81
C LEU C 173 13.58 12.70 -5.91
N LYS C 174 13.39 11.38 -5.93
CA LYS C 174 12.63 10.72 -7.00
C LYS C 174 11.10 10.86 -6.83
N ASN C 175 10.65 11.01 -5.59
CA ASN C 175 9.22 11.12 -5.28
C ASN C 175 9.00 12.18 -4.20
N PRO C 176 9.33 13.44 -4.53
CA PRO C 176 9.20 14.52 -3.55
C PRO C 176 7.73 14.87 -3.30
N ASP C 177 7.40 15.21 -2.05
CA ASP C 177 6.10 15.76 -1.71
C ASP C 177 5.77 16.97 -2.57
N ARG C 178 6.77 17.85 -2.72
CA ARG C 178 6.70 18.91 -3.71
C ARG C 178 8.09 19.39 -4.10
N VAL C 179 8.17 19.94 -5.30
CA VAL C 179 9.30 20.76 -5.74
C VAL C 179 8.86 22.24 -5.69
N LEU C 180 9.73 23.09 -5.13
CA LEU C 180 9.41 24.50 -4.91
C LEU C 180 10.38 25.40 -5.70
N ILE C 181 9.82 26.30 -6.51
CA ILE C 181 10.59 27.24 -7.31
C ILE C 181 10.06 28.66 -7.11
N GLY C 182 10.96 29.55 -6.69
CA GLY C 182 10.65 30.97 -6.54
C GLY C 182 11.39 31.76 -7.60
N GLY C 183 10.70 32.76 -8.11
CA GLY C 183 11.21 33.61 -9.16
C GLY C 183 10.34 34.84 -9.12
N ASP C 184 10.77 35.91 -9.78
CA ASP C 184 9.99 37.14 -9.76
C ASP C 184 8.86 37.13 -10.79
N GLU C 185 7.96 38.10 -10.66
CA GLU C 185 6.72 38.15 -11.43
C GLU C 185 6.89 38.62 -12.86
N THR C 186 8.11 39.02 -13.22
CA THR C 186 8.38 39.57 -14.55
C THR C 186 8.25 38.51 -15.65
N PRO C 187 8.02 38.96 -16.88
CA PRO C 187 8.05 38.04 -18.02
C PRO C 187 9.33 37.18 -18.09
N GLU C 188 10.48 37.78 -17.85
CA GLU C 188 11.75 37.03 -17.82
C GLU C 188 11.84 36.05 -16.62
N GLY C 189 11.37 36.50 -15.46
CA GLY C 189 11.34 35.67 -14.27
C GLY C 189 10.53 34.42 -14.52
N GLN C 190 9.37 34.57 -15.16
CA GLN C 190 8.51 33.43 -15.44
C GLN C 190 9.05 32.53 -16.55
N ARG C 191 9.70 33.10 -17.57
CA ARG C 191 10.37 32.26 -18.55
C ARG C 191 11.44 31.39 -17.86
N ALA C 192 12.20 31.98 -16.94
CA ALA C 192 13.19 31.25 -16.14
C ALA C 192 12.56 30.13 -15.29
N VAL C 193 11.50 30.46 -14.57
CA VAL C 193 10.79 29.49 -13.72
C VAL C 193 10.25 28.31 -14.54
N GLN C 194 9.66 28.60 -15.69
CA GLN C 194 9.09 27.56 -16.54
C GLN C 194 10.16 26.61 -17.08
N ALA C 195 11.32 27.16 -17.45
CA ALA C 195 12.44 26.37 -17.95
C ALA C 195 12.92 25.34 -16.93
N LEU C 196 13.03 25.76 -15.67
CA LEU C 196 13.40 24.86 -14.56
C LEU C 196 12.27 23.87 -14.23
N CYS C 197 11.01 24.34 -14.29
CA CYS C 197 9.86 23.44 -14.12
C CYS C 197 9.92 22.28 -15.10
N ALA C 198 10.29 22.57 -16.35
CA ALA C 198 10.37 21.55 -17.40
C ALA C 198 11.47 20.51 -17.13
N VAL C 199 12.53 20.89 -16.41
CA VAL C 199 13.53 19.91 -15.98
C VAL C 199 12.90 18.92 -15.00
N TYR C 200 12.30 19.44 -13.93
CA TYR C 200 11.62 18.61 -12.93
C TYR C 200 10.44 17.80 -13.48
N GLU C 201 9.74 18.35 -14.47
CA GLU C 201 8.63 17.66 -15.11
C GLU C 201 9.03 16.40 -15.88
N HIS C 202 10.33 16.18 -16.07
CA HIS C 202 10.78 14.88 -16.58
C HIS C 202 10.40 13.73 -15.65
N TRP C 203 10.32 13.97 -14.33
CA TRP C 203 9.87 12.91 -13.41
C TRP C 203 8.92 13.28 -12.27
N VAL C 204 8.57 14.57 -12.15
CA VAL C 204 7.70 15.05 -11.09
C VAL C 204 6.38 15.53 -11.73
N PRO C 205 5.23 15.00 -11.25
CA PRO C 205 3.91 15.47 -11.74
C PRO C 205 3.80 16.99 -11.55
N ARG C 206 3.16 17.67 -12.50
CA ARG C 206 3.16 19.12 -12.50
C ARG C 206 2.41 19.68 -11.30
N GLU C 207 1.44 18.92 -10.80
CA GLU C 207 0.68 19.32 -9.62
C GLU C 207 1.51 19.30 -8.33
N LYS C 208 2.70 18.69 -8.38
CA LYS C 208 3.62 18.68 -7.24
C LYS C 208 4.77 19.68 -7.45
N ILE C 209 4.65 20.57 -8.44
CA ILE C 209 5.62 21.64 -8.64
C ILE C 209 4.91 22.93 -8.29
N LEU C 210 5.35 23.57 -7.21
CA LEU C 210 4.76 24.82 -6.77
C LEU C 210 5.74 25.94 -7.13
N THR C 211 5.23 26.92 -7.87
CA THR C 211 5.98 28.12 -8.16
C THR C 211 5.41 29.27 -7.35
N THR C 212 6.31 30.06 -6.77
CA THR C 212 5.96 31.17 -5.89
C THR C 212 6.86 32.34 -6.26
N ASN C 213 6.80 33.43 -5.50
CA ASN C 213 7.81 34.48 -5.66
C ASN C 213 9.12 34.06 -4.95
N THR C 214 10.20 34.76 -5.22
CA THR C 214 11.51 34.37 -4.70
C THR C 214 11.57 34.32 -3.18
N TRP C 215 10.92 35.29 -2.55
CA TRP C 215 10.99 35.46 -1.10
C TRP C 215 10.12 34.42 -0.39
N SER C 216 8.93 34.15 -0.94
CA SER C 216 8.06 33.06 -0.46
C SER C 216 8.82 31.74 -0.47
N SER C 217 9.57 31.49 -1.55
CA SER C 217 10.35 30.27 -1.67
C SER C 217 11.44 30.12 -0.60
N GLU C 218 12.28 31.14 -0.46
CA GLU C 218 13.36 31.16 0.57
C GLU C 218 12.81 31.03 1.99
N LEU C 219 11.75 31.79 2.29
CA LEU C 219 11.10 31.74 3.62
C LEU C 219 10.45 30.40 3.91
N SER C 220 9.80 29.83 2.90
CA SER C 220 9.13 28.51 3.00
C SER C 220 10.04 27.38 3.53
N LYS C 221 11.30 27.39 3.13
CA LYS C 221 12.24 26.34 3.54
C LYS C 221 12.52 26.44 5.05
N LEU C 222 12.75 27.66 5.52
CA LEU C 222 13.01 27.90 6.93
C LEU C 222 11.76 27.61 7.76
N ALA C 223 10.62 28.15 7.33
CA ALA C 223 9.31 27.91 7.93
C ALA C 223 8.95 26.42 8.00
N ALA C 224 9.22 25.68 6.94
CA ALA C 224 8.86 24.24 6.93
C ALA C 224 9.61 23.53 8.06
N ASN C 225 10.92 23.74 8.12
CA ASN C 225 11.74 23.16 9.18
C ASN C 225 11.31 23.64 10.57
N ALA C 226 10.90 24.90 10.70
CA ALA C 226 10.43 25.42 12.00
C ALA C 226 9.13 24.76 12.46
N PHE C 227 8.22 24.52 11.49
CA PHE C 227 6.93 23.86 11.77
C PHE C 227 7.13 22.42 12.22
N LEU C 228 8.06 21.71 11.56
CA LEU C 228 8.43 20.35 11.93
C LEU C 228 9.06 20.28 13.31
N ALA C 229 10.06 21.13 13.56
CA ALA C 229 10.71 21.21 14.86
C ALA C 229 9.69 21.54 15.96
N GLN C 230 8.77 22.46 15.67
CA GLN C 230 7.71 22.87 16.60
C GLN C 230 6.80 21.74 17.02
N ARG C 231 6.48 20.83 16.10
CA ARG C 231 5.66 19.65 16.42
C ARG C 231 6.34 18.79 17.48
N ILE C 232 7.66 18.62 17.32
CA ILE C 232 8.46 17.81 18.23
C ILE C 232 8.58 18.47 19.59
N SER C 233 8.93 19.75 19.61
CA SER C 233 8.98 20.50 20.86
C SER C 233 7.60 20.54 21.54
N SER C 234 6.52 20.59 20.76
CA SER C 234 5.18 20.55 21.34
C SER C 234 4.83 19.20 21.98
N ILE C 235 5.08 18.09 21.29
CA ILE C 235 4.78 16.77 21.87
C ILE C 235 5.71 16.48 23.06
N ASN C 236 6.93 17.02 23.00
CA ASN C 236 7.87 16.95 24.11
C ASN C 236 7.40 17.74 25.33
N SER C 237 6.83 18.92 25.11
CA SER C 237 6.28 19.69 26.22
C SER C 237 5.16 18.87 26.89
N ILE C 238 4.34 18.22 26.07
CA ILE C 238 3.24 17.39 26.56
C ILE C 238 3.78 16.17 27.33
N SER C 239 4.92 15.61 26.89
CA SER C 239 5.57 14.51 27.63
C SER C 239 5.85 14.89 29.10
N ALA C 240 6.31 16.12 29.33
CA ALA C 240 6.59 16.58 30.70
C ALA C 240 5.32 16.62 31.56
N LEU C 241 4.24 17.13 31.01
CA LEU C 241 2.93 17.20 31.65
C LEU C 241 2.30 15.82 31.92
N CYS C 242 2.47 14.89 30.98
CA CYS C 242 2.03 13.52 31.10
C CYS C 242 2.67 12.84 32.31
N GLU C 243 3.97 13.06 32.48
CA GLU C 243 4.70 12.55 33.63
C GLU C 243 4.16 13.09 34.95
N ALA C 244 3.59 14.30 34.94
CA ALA C 244 3.07 14.94 36.16
C ALA C 244 1.62 14.61 36.47
N THR C 245 0.93 13.93 35.53
CA THR C 245 -0.52 13.80 35.60
C THR C 245 -1.07 12.38 35.46
N GLY C 246 -0.20 11.39 35.22
CA GLY C 246 -0.67 10.02 35.00
C GLY C 246 -1.14 9.76 33.58
N ALA C 247 -0.94 10.72 32.68
CA ALA C 247 -1.22 10.56 31.28
C ALA C 247 -0.02 9.91 30.58
N ASP C 248 -0.27 9.39 29.38
CA ASP C 248 0.77 8.75 28.57
C ASP C 248 0.87 9.47 27.22
N VAL C 249 2.07 9.94 26.89
CA VAL C 249 2.28 10.79 25.72
C VAL C 249 2.03 10.04 24.41
N GLU C 250 2.27 8.73 24.42
CA GLU C 250 1.98 7.90 23.27
C GLU C 250 0.48 7.78 23.04
N GLU C 251 -0.31 7.74 24.12
CA GLU C 251 -1.76 7.73 23.99
C GLU C 251 -2.28 9.09 23.48
N VAL C 252 -1.70 10.16 24.01
CA VAL C 252 -2.08 11.52 23.63
C VAL C 252 -1.69 11.81 22.18
N ALA C 253 -0.47 11.43 21.80
CA ALA C 253 -0.01 11.56 20.42
C ALA C 253 -0.96 10.88 19.42
N THR C 254 -1.38 9.65 19.75
CA THR C 254 -2.31 8.90 18.89
C THR C 254 -3.64 9.62 18.77
N ALA C 255 -4.16 10.07 19.89
CA ALA C 255 -5.47 10.72 19.94
C ALA C 255 -5.46 12.04 19.17
N ILE C 256 -4.41 12.84 19.32
CA ILE C 256 -4.34 14.11 18.60
C ILE C 256 -4.01 13.92 17.11
N GLY C 257 -3.17 12.93 16.80
CA GLY C 257 -2.82 12.63 15.43
C GLY C 257 -3.96 12.10 14.57
N MET C 258 -4.97 11.54 15.19
CA MET C 258 -6.17 11.10 14.46
C MET C 258 -7.03 12.27 13.95
N ASP C 259 -6.81 13.48 14.48
CA ASP C 259 -7.41 14.67 13.88
C ASP C 259 -6.63 14.91 12.59
N GLN C 260 -7.33 14.81 11.46
CA GLN C 260 -6.69 14.98 10.16
C GLN C 260 -6.21 16.41 9.88
N ARG C 261 -6.67 17.37 10.68
CA ARG C 261 -6.16 18.74 10.62
C ARG C 261 -4.80 18.88 11.31
N ILE C 262 -4.53 18.03 12.29
CA ILE C 262 -3.25 17.98 12.97
C ILE C 262 -2.30 16.99 12.24
N GLY C 263 -2.78 15.78 11.96
CA GLY C 263 -1.96 14.74 11.32
C GLY C 263 -1.11 13.94 12.31
N ASN C 264 -0.60 12.80 11.87
CA ASN C 264 0.01 11.83 12.80
C ASN C 264 1.52 11.71 12.72
N LYS C 265 2.17 12.56 11.94
CA LYS C 265 3.62 12.51 11.74
C LYS C 265 4.36 13.48 12.66
N PHE C 266 5.59 13.15 13.01
CA PHE C 266 6.42 14.05 13.83
C PHE C 266 5.76 14.36 15.20
N LEU C 267 5.08 13.36 15.74
CA LEU C 267 4.57 13.39 17.12
C LEU C 267 5.20 12.28 17.98
N LYS C 268 6.47 11.98 17.74
CA LYS C 268 7.22 11.02 18.56
C LYS C 268 8.10 11.74 19.58
N ALA C 269 7.71 11.67 20.85
CA ALA C 269 8.46 12.34 21.91
C ALA C 269 9.87 11.74 21.99
N SER C 270 10.83 12.58 22.36
CA SER C 270 12.23 12.22 22.39
C SER C 270 12.96 13.05 23.42
N VAL C 271 14.20 12.66 23.70
CA VAL C 271 15.09 13.46 24.54
C VAL C 271 15.40 14.82 23.86
N GLY C 272 15.26 14.88 22.54
CA GLY C 272 15.36 16.12 21.80
C GLY C 272 15.65 15.87 20.33
N PHE C 273 15.18 16.77 19.46
CA PHE C 273 15.55 16.70 18.06
C PHE C 273 16.99 17.14 17.90
N GLY C 274 17.63 16.55 16.90
CA GLY C 274 19.00 16.89 16.53
C GLY C 274 19.08 17.01 15.02
N GLY C 275 20.28 16.79 14.49
CA GLY C 275 20.55 16.97 13.06
C GLY C 275 21.14 18.35 12.77
N SER C 276 21.77 18.49 11.61
CA SER C 276 22.45 19.73 11.27
C SER C 276 21.54 20.83 10.75
N CYS C 277 20.22 20.59 10.74
CA CYS C 277 19.26 21.50 10.08
C CYS C 277 18.29 22.25 10.99
N PHE C 278 17.56 21.53 11.84
CA PHE C 278 16.45 22.15 12.59
C PHE C 278 16.86 23.32 13.49
N GLN C 279 17.83 23.10 14.38
CA GLN C 279 18.25 24.17 15.28
C GLN C 279 18.76 25.36 14.48
N LYS C 280 19.65 25.06 13.54
CA LYS C 280 20.28 26.05 12.66
C LYS C 280 19.25 26.92 11.94
N ASP C 281 18.29 26.29 11.29
CA ASP C 281 17.27 27.02 10.52
C ASP C 281 16.32 27.80 11.43
N VAL C 282 15.97 27.22 12.58
CA VAL C 282 15.12 27.94 13.54
C VAL C 282 15.85 29.15 14.14
N LEU C 283 17.14 29.00 14.44
CA LEU C 283 17.93 30.10 14.97
C LEU C 283 18.10 31.21 13.92
N ASN C 284 18.28 30.80 12.67
CA ASN C 284 18.36 31.75 11.58
C ASN C 284 17.05 32.53 11.39
N LEU C 285 15.91 31.83 11.48
CA LEU C 285 14.58 32.47 11.43
C LEU C 285 14.38 33.47 12.57
N VAL C 286 14.73 33.10 13.80
CA VAL C 286 14.69 34.04 14.94
C VAL C 286 15.60 35.26 14.72
N TYR C 287 16.82 35.02 14.24
CA TYR C 287 17.74 36.10 13.94
C TYR C 287 17.17 37.03 12.87
N LEU C 288 16.58 36.42 11.81
CA LEU C 288 15.92 37.19 10.76
C LEU C 288 14.81 38.10 11.31
N CYS C 289 13.97 37.54 12.19
CA CYS C 289 12.89 38.32 12.79
C CYS C 289 13.43 39.52 13.57
N GLU C 290 14.48 39.31 14.36
CA GLU C 290 15.08 40.41 15.11
C GLU C 290 15.62 41.47 14.18
N ALA C 291 16.31 41.03 13.13
CA ALA C 291 16.85 41.93 12.12
C ALA C 291 15.75 42.78 11.46
N LEU C 292 14.56 42.20 11.33
CA LEU C 292 13.41 42.87 10.72
C LEU C 292 12.49 43.53 11.74
N ASN C 293 13.00 43.72 12.96
CA ASN C 293 12.25 44.38 14.01
C ASN C 293 10.89 43.71 14.24
N LEU C 294 10.91 42.37 14.33
CA LEU C 294 9.74 41.58 14.68
C LEU C 294 10.04 40.76 15.96
N PRO C 295 10.18 41.46 17.11
CA PRO C 295 10.53 40.77 18.36
C PRO C 295 9.52 39.72 18.83
N GLU C 296 8.24 39.93 18.56
CA GLU C 296 7.18 38.99 18.93
C GLU C 296 7.32 37.69 18.17
N VAL C 297 7.43 37.81 16.85
CA VAL C 297 7.68 36.62 15.99
C VAL C 297 8.97 35.89 16.43
N ALA C 298 10.01 36.64 16.76
CA ALA C 298 11.27 36.05 17.22
C ALA C 298 11.13 35.27 18.54
N ARG C 299 10.48 35.85 19.55
CA ARG C 299 10.22 35.16 20.80
C ARG C 299 9.38 33.91 20.58
N TYR C 300 8.40 34.00 19.68
CA TYR C 300 7.51 32.89 19.38
C TYR C 300 8.31 31.66 18.92
N TRP C 301 9.18 31.86 17.95
CA TRP C 301 9.95 30.75 17.40
C TRP C 301 11.10 30.29 18.27
N GLN C 302 11.70 31.22 19.04
CA GLN C 302 12.73 30.87 20.00
C GLN C 302 12.24 29.76 20.95
N GLN C 303 10.94 29.72 21.24
CA GLN C 303 10.38 28.71 22.16
C GLN C 303 10.60 27.26 21.71
N VAL C 304 10.61 27.05 20.39
CA VAL C 304 10.87 25.72 19.83
C VAL C 304 12.26 25.21 20.27
N ILE C 305 13.25 26.10 20.27
CA ILE C 305 14.62 25.78 20.71
C ILE C 305 14.72 25.67 22.23
N ASP C 306 14.11 26.62 22.93
CA ASP C 306 14.15 26.60 24.39
C ASP C 306 13.48 25.35 24.95
N MET C 307 12.42 24.91 24.30
CA MET C 307 11.73 23.70 24.71
C MET C 307 12.61 22.47 24.47
N ASN C 308 13.30 22.44 23.34
CA ASN C 308 14.24 21.35 23.02
C ASN C 308 15.39 21.23 24.01
N ASP C 309 15.96 22.38 24.38
CA ASP C 309 17.00 22.45 25.40
C ASP C 309 16.49 22.06 26.79
N TYR C 310 15.26 22.44 27.11
CA TYR C 310 14.65 22.06 28.37
C TYR C 310 14.43 20.54 28.46
N GLN C 311 13.97 19.94 27.36
CA GLN C 311 13.77 18.49 27.27
C GLN C 311 15.07 17.72 27.55
N ARG C 312 16.18 18.19 26.99
CA ARG C 312 17.49 17.58 27.26
C ARG C 312 17.94 17.76 28.69
N ARG C 313 17.96 19.01 29.16
CA ARG C 313 18.40 19.33 30.53
C ARG C 313 17.59 18.57 31.56
N ARG C 314 16.28 18.50 31.37
CA ARG C 314 15.44 17.86 32.38
C ARG C 314 15.68 16.34 32.39
N PHE C 315 15.95 15.75 31.21
CA PHE C 315 16.31 14.32 31.12
C PHE C 315 17.63 14.02 31.83
N ALA C 316 18.62 14.87 31.63
CA ALA C 316 19.90 14.73 32.31
C ALA C 316 19.72 14.89 33.81
N SER C 317 18.91 15.88 34.22
CA SER C 317 18.60 16.11 35.63
C SER C 317 17.91 14.92 36.29
N ARG C 318 16.97 14.30 35.56
CA ARG C 318 16.24 13.14 36.08
C ARG C 318 17.22 12.02 36.41
N ILE C 319 18.21 11.83 35.56
CA ILE C 319 19.25 10.82 35.74
C ILE C 319 20.02 11.07 37.04
N ILE C 320 20.48 12.30 37.20
CA ILE C 320 21.27 12.70 38.36
C ILE C 320 20.46 12.58 39.64
N ASP C 321 19.22 13.03 39.62
CA ASP C 321 18.35 12.96 40.79
C ASP C 321 18.08 11.53 41.21
N SER C 322 17.70 10.68 40.25
CA SER C 322 17.45 9.26 40.51
C SER C 322 18.67 8.55 41.10
N LEU C 323 19.87 8.92 40.63
CA LEU C 323 21.11 8.37 41.16
C LEU C 323 21.56 9.16 42.39
N PHE C 324 20.62 9.44 43.29
CA PHE C 324 20.90 10.00 44.63
C PHE C 324 21.69 11.30 44.59
N ASN C 325 21.45 12.09 43.53
CA ASN C 325 21.96 13.46 43.41
C ASN C 325 23.47 13.55 43.29
N THR C 326 24.11 12.41 43.01
CA THR C 326 25.56 12.33 42.86
C THR C 326 25.84 11.24 41.81
N VAL C 327 26.69 11.56 40.83
CA VAL C 327 27.14 10.58 39.82
C VAL C 327 28.66 10.66 39.60
N THR C 328 29.37 11.34 40.50
CA THR C 328 30.82 11.43 40.41
C THR C 328 31.41 10.02 40.51
N ASP C 329 32.22 9.67 39.49
CA ASP C 329 32.82 8.35 39.33
C ASP C 329 31.82 7.22 39.06
N LYS C 330 30.53 7.54 38.91
CA LYS C 330 29.53 6.51 38.61
C LYS C 330 29.58 6.14 37.12
N LYS C 331 29.66 4.84 36.85
CA LYS C 331 29.63 4.33 35.49
C LYS C 331 28.20 4.39 34.96
N ILE C 332 28.05 4.94 33.76
CA ILE C 332 26.74 5.08 33.12
C ILE C 332 26.91 4.67 31.65
N ALA C 333 26.02 3.80 31.18
CA ALA C 333 25.95 3.43 29.77
C ALA C 333 25.16 4.47 28.98
N ILE C 334 25.75 4.98 27.91
CA ILE C 334 25.04 5.78 26.92
C ILE C 334 24.83 4.89 25.68
N LEU C 335 23.59 4.45 25.48
CA LEU C 335 23.23 3.64 24.33
C LEU C 335 22.61 4.51 23.24
N GLY C 336 23.40 4.77 22.19
CA GLY C 336 23.01 5.58 21.07
C GLY C 336 23.64 6.98 21.12
N PHE C 337 24.34 7.33 20.05
CA PHE C 337 25.00 8.63 19.94
C PHE C 337 24.64 9.46 18.68
N ALA C 338 24.23 8.77 17.61
CA ALA C 338 23.75 9.41 16.39
C ALA C 338 22.48 10.22 16.67
N PHE C 339 22.19 11.21 15.83
CA PHE C 339 21.06 12.12 16.10
C PHE C 339 19.69 11.47 15.88
N LYS C 340 19.68 10.40 15.09
CA LYS C 340 18.53 9.51 14.97
C LYS C 340 19.06 8.13 14.61
N LYS C 341 18.18 7.13 14.48
CA LYS C 341 18.62 5.79 14.16
C LYS C 341 19.02 5.66 12.68
N ASP C 342 19.68 4.56 12.37
CA ASP C 342 20.11 4.19 11.02
C ASP C 342 21.01 5.24 10.36
N THR C 343 21.93 5.81 11.14
CA THR C 343 22.91 6.77 10.64
C THR C 343 24.13 6.85 11.55
N GLY C 344 25.26 7.25 10.98
CA GLY C 344 26.46 7.54 11.76
C GLY C 344 26.58 9.02 12.12
N ASP C 345 25.67 9.83 11.58
CA ASP C 345 25.65 11.29 11.77
C ASP C 345 25.29 11.68 13.22
N THR C 346 26.13 12.49 13.86
CA THR C 346 25.94 12.88 15.29
C THR C 346 25.67 14.36 15.48
N ARG C 347 25.49 15.09 14.38
CA ARG C 347 25.38 16.54 14.47
C ARG C 347 24.14 16.98 15.26
N GLU C 348 24.40 17.80 16.27
CA GLU C 348 23.38 18.26 17.23
C GLU C 348 22.61 17.14 17.90
N SER C 349 23.23 15.96 17.98
CA SER C 349 22.57 14.83 18.61
C SER C 349 22.38 15.13 20.09
N SER C 350 21.17 14.86 20.59
CA SER C 350 20.87 14.97 22.01
C SER C 350 21.86 14.17 22.89
N SER C 351 22.40 13.08 22.34
CA SER C 351 23.40 12.25 23.03
C SER C 351 24.67 13.02 23.39
N ILE C 352 25.03 14.00 22.57
CA ILE C 352 26.16 14.89 22.89
C ILE C 352 25.86 15.68 24.16
N TYR C 353 24.69 16.29 24.18
CA TYR C 353 24.28 17.20 25.25
C TYR C 353 24.01 16.50 26.57
N ILE C 354 23.36 15.33 26.50
CA ILE C 354 23.14 14.50 27.67
C ILE C 354 24.49 14.05 28.22
N SER C 355 25.34 13.52 27.34
CA SER C 355 26.68 13.07 27.74
C SER C 355 27.42 14.18 28.48
N LYS C 356 27.38 15.39 27.92
CA LYS C 356 28.08 16.53 28.50
C LYS C 356 27.53 16.96 29.87
N TYR C 357 26.21 16.91 30.07
CA TYR C 357 25.64 17.17 31.39
C TYR C 357 26.16 16.18 32.43
N LEU C 358 26.26 14.91 32.05
CA LEU C 358 26.73 13.87 32.97
C LEU C 358 28.25 13.95 33.19
N MET C 359 28.98 14.31 32.14
CA MET C 359 30.41 14.62 32.27
C MET C 359 30.68 15.78 33.23
N ASP C 360 29.81 16.80 33.23
CA ASP C 360 29.93 17.94 34.14
C ASP C 360 29.83 17.52 35.61
N GLU C 361 29.16 16.40 35.84
CA GLU C 361 29.00 15.83 37.18
C GLU C 361 30.09 14.82 37.54
N GLY C 362 31.01 14.55 36.61
CA GLY C 362 32.09 13.60 36.83
C GLY C 362 31.67 12.14 36.65
N ALA C 363 30.67 11.90 35.80
CA ALA C 363 30.23 10.53 35.49
C ALA C 363 31.26 9.87 34.60
N HIS C 364 31.42 8.56 34.77
CA HIS C 364 32.21 7.77 33.85
C HIS C 364 31.30 7.20 32.78
N LEU C 365 31.30 7.82 31.60
CA LEU C 365 30.44 7.41 30.51
C LEU C 365 31.07 6.32 29.64
N HIS C 366 30.28 5.30 29.35
CA HIS C 366 30.65 4.25 28.43
C HIS C 366 29.60 4.29 27.32
N ILE C 367 30.06 4.66 26.13
CA ILE C 367 29.17 5.03 25.05
C ILE C 367 29.21 3.98 23.96
N TYR C 368 28.02 3.49 23.58
CA TYR C 368 27.88 2.54 22.49
C TYR C 368 26.93 3.08 21.42
N ASP C 369 27.37 2.97 20.17
CA ASP C 369 26.52 3.19 19.01
C ASP C 369 26.98 2.23 17.90
N PRO C 370 26.04 1.54 17.22
CA PRO C 370 26.42 0.57 16.19
C PRO C 370 27.05 1.14 14.92
N LYS C 371 26.89 2.44 14.67
CA LYS C 371 27.30 3.03 13.40
C LYS C 371 28.23 4.24 13.54
N VAL C 372 28.15 4.98 14.65
CA VAL C 372 28.99 6.17 14.82
C VAL C 372 30.44 5.74 15.06
N PRO C 373 31.39 6.30 14.27
CA PRO C 373 32.80 6.02 14.53
C PRO C 373 33.24 6.52 15.90
N ARG C 374 34.15 5.77 16.54
CA ARG C 374 34.62 6.13 17.89
C ARG C 374 35.38 7.45 17.90
N GLU C 375 36.04 7.75 16.79
CA GLU C 375 36.80 8.99 16.64
C GLU C 375 35.86 10.20 16.64
N GLN C 376 34.66 10.03 16.10
CA GLN C 376 33.66 11.12 16.06
C GLN C 376 33.14 11.46 17.46
N ILE C 377 32.84 10.42 18.23
CA ILE C 377 32.36 10.57 19.61
C ILE C 377 33.37 11.39 20.44
N VAL C 378 34.65 11.07 20.31
CA VAL C 378 35.72 11.78 21.01
C VAL C 378 35.75 13.27 20.64
N VAL C 379 35.70 13.55 19.35
CA VAL C 379 35.67 14.94 18.86
C VAL C 379 34.43 15.67 19.40
N ASP C 380 33.27 15.04 19.30
CA ASP C 380 32.01 15.66 19.75
C ASP C 380 32.03 16.04 21.23
N LEU C 381 32.57 15.15 22.07
CA LEU C 381 32.59 15.37 23.51
C LEU C 381 33.81 16.15 24.00
N SER C 382 34.67 16.60 23.08
CA SER C 382 35.86 17.38 23.43
C SER C 382 35.60 18.89 23.27
N HIS C 383 36.29 19.69 24.09
CA HIS C 383 36.16 21.16 24.08
C HIS C 383 37.50 21.82 23.72
N GLN C 391 39.05 16.02 30.06
CA GLN C 391 37.79 15.48 30.57
C GLN C 391 37.36 14.21 29.81
N VAL C 392 37.50 14.23 28.49
CA VAL C 392 37.12 13.10 27.64
C VAL C 392 37.95 11.84 27.93
N SER C 393 39.26 12.00 28.03
CA SER C 393 40.15 10.88 28.38
C SER C 393 39.91 10.41 29.83
N ARG C 394 39.60 11.35 30.72
CA ARG C 394 39.29 11.00 32.11
C ARG C 394 37.95 10.28 32.24
N LEU C 395 36.93 10.75 31.52
CA LEU C 395 35.54 10.34 31.77
C LEU C 395 34.84 9.48 30.71
N VAL C 396 35.33 9.45 29.47
CA VAL C 396 34.62 8.77 28.37
C VAL C 396 35.31 7.49 27.86
N THR C 397 34.53 6.41 27.79
CA THR C 397 34.97 5.13 27.21
C THR C 397 34.06 4.78 26.02
N ILE C 398 34.66 4.45 24.87
CA ILE C 398 33.88 4.00 23.72
C ILE C 398 33.81 2.48 23.78
N SER C 399 32.61 1.95 23.97
CA SER C 399 32.38 0.51 24.10
C SER C 399 32.23 -0.13 22.74
N LYS C 400 32.75 -1.34 22.60
CA LYS C 400 32.66 -2.10 21.35
C LYS C 400 31.30 -2.80 21.23
N ASP C 401 30.67 -3.08 22.37
CA ASP C 401 29.32 -3.65 22.40
C ASP C 401 28.54 -3.13 23.62
N PRO C 402 27.20 -3.29 23.62
CA PRO C 402 26.39 -2.72 24.69
C PRO C 402 26.60 -3.36 26.07
N TYR C 403 26.98 -4.64 26.10
CA TYR C 403 27.11 -5.36 27.37
C TYR C 403 28.31 -4.88 28.18
N GLU C 404 29.40 -4.58 27.48
CA GLU C 404 30.56 -3.92 28.09
C GLU C 404 30.13 -2.61 28.73
N ALA C 405 29.40 -1.80 27.93
CA ALA C 405 28.91 -0.48 28.35
C ALA C 405 28.10 -0.52 29.65
N CYS C 406 27.27 -1.56 29.80
CA CYS C 406 26.37 -1.71 30.95
C CYS C 406 27.00 -2.43 32.13
N ASP C 407 28.13 -3.08 31.89
CA ASP C 407 28.78 -3.89 32.94
C ASP C 407 29.38 -3.03 34.04
N GLY C 408 28.81 -3.14 35.24
CA GLY C 408 29.20 -2.32 36.37
C GLY C 408 28.52 -0.98 36.37
N ALA C 409 27.57 -0.78 35.45
CA ALA C 409 26.86 0.48 35.31
C ALA C 409 25.79 0.66 36.39
N HIS C 410 25.56 1.91 36.79
CA HIS C 410 24.45 2.28 37.68
C HIS C 410 23.19 2.51 36.87
N ALA C 411 23.38 2.98 35.63
CA ALA C 411 22.27 3.34 34.77
C ALA C 411 22.58 3.06 33.31
N VAL C 412 21.53 2.79 32.55
CA VAL C 412 21.60 2.65 31.09
C VAL C 412 20.72 3.74 30.50
N VAL C 413 21.31 4.60 29.69
CA VAL C 413 20.60 5.76 29.12
C VAL C 413 20.50 5.61 27.61
N ILE C 414 19.29 5.43 27.11
CA ILE C 414 19.06 5.25 25.67
C ILE C 414 18.71 6.59 25.04
N CYS C 415 19.56 7.03 24.11
CA CYS C 415 19.43 8.36 23.49
C CYS C 415 19.12 8.32 22.01
N THR C 416 19.40 7.20 21.35
CA THR C 416 19.05 6.99 19.95
C THR C 416 18.21 5.71 19.81
N GLU C 417 17.19 5.76 18.94
CA GLU C 417 16.16 4.72 18.85
C GLU C 417 16.54 3.51 17.95
N TRP C 418 17.81 3.12 17.98
CA TRP C 418 18.27 1.92 17.29
C TRP C 418 17.45 0.69 17.69
N ASP C 419 16.92 -0.03 16.69
CA ASP C 419 16.01 -1.16 16.91
C ASP C 419 16.59 -2.28 17.76
N MET C 420 17.91 -2.44 17.70
CA MET C 420 18.63 -3.45 18.46
C MET C 420 18.56 -3.28 19.98
N PHE C 421 18.32 -2.06 20.45
CA PHE C 421 18.32 -1.81 21.90
C PHE C 421 17.18 -2.53 22.62
N LYS C 422 16.04 -2.74 21.94
CA LYS C 422 14.93 -3.47 22.54
C LYS C 422 15.13 -4.99 22.50
N GLU C 423 16.13 -5.46 21.75
CA GLU C 423 16.45 -6.89 21.64
C GLU C 423 17.56 -7.34 22.59
N LEU C 424 18.13 -6.41 23.37
CA LEU C 424 19.22 -6.75 24.28
C LEU C 424 18.78 -7.74 25.37
N ASP C 425 19.74 -8.50 25.86
CA ASP C 425 19.52 -9.41 26.99
C ASP C 425 19.55 -8.62 28.31
N TYR C 426 18.38 -8.15 28.75
CA TYR C 426 18.31 -7.30 29.94
C TYR C 426 18.45 -8.05 31.27
N GLU C 427 18.15 -9.34 31.28
CA GLU C 427 18.41 -10.18 32.46
C GLU C 427 19.91 -10.22 32.72
N ARG C 428 20.65 -10.55 31.68
CA ARG C 428 22.10 -10.53 31.71
C ARG C 428 22.63 -9.16 32.14
N ILE C 429 22.10 -8.10 31.55
CA ILE C 429 22.50 -6.75 31.90
C ILE C 429 22.26 -6.46 33.38
N HIS C 430 21.05 -6.74 33.86
CA HIS C 430 20.70 -6.47 35.26
C HIS C 430 21.66 -7.15 36.23
N LYS C 431 22.01 -8.40 35.94
CA LYS C 431 22.87 -9.17 36.85
C LYS C 431 24.17 -8.44 37.17
N LYS C 432 24.80 -7.85 36.16
CA LYS C 432 26.13 -7.23 36.30
C LYS C 432 26.10 -5.73 36.61
N MET C 433 24.92 -5.12 36.63
CA MET C 433 24.79 -3.71 37.01
C MET C 433 24.89 -3.54 38.53
N LEU C 434 25.30 -2.35 38.96
CA LEU C 434 25.24 -1.98 40.37
C LEU C 434 23.78 -1.69 40.72
N LYS C 435 23.43 -1.89 42.00
CA LYS C 435 22.03 -1.79 42.44
C LYS C 435 21.82 -0.59 43.38
N PRO C 436 20.72 0.16 43.17
CA PRO C 436 19.64 -0.08 42.20
C PRO C 436 20.05 0.22 40.75
N ALA C 437 19.56 -0.58 39.82
CA ALA C 437 19.89 -0.42 38.40
C ALA C 437 18.83 0.42 37.70
N PHE C 438 19.26 1.42 36.95
CA PHE C 438 18.32 2.30 36.26
C PHE C 438 18.36 2.13 34.73
N ILE C 439 17.20 2.28 34.09
CA ILE C 439 17.09 2.42 32.64
C ILE C 439 16.33 3.71 32.36
N PHE C 440 16.99 4.63 31.66
CA PHE C 440 16.38 5.86 31.17
C PHE C 440 16.25 5.75 29.66
N ASP C 441 15.02 5.51 29.22
CA ASP C 441 14.69 5.39 27.81
C ASP C 441 14.25 6.78 27.32
N GLY C 442 15.14 7.46 26.60
CA GLY C 442 14.83 8.78 26.06
C GLY C 442 14.22 8.74 24.67
N ARG C 443 13.86 7.54 24.20
CA ARG C 443 13.31 7.36 22.85
C ARG C 443 12.00 6.54 22.78
N ARG C 444 11.51 6.09 23.93
CA ARG C 444 10.33 5.22 24.02
C ARG C 444 10.50 3.95 23.18
N VAL C 445 11.72 3.39 23.15
CA VAL C 445 11.97 2.15 22.40
C VAL C 445 11.63 0.89 23.23
N LEU C 446 11.53 1.04 24.54
CA LEU C 446 11.32 -0.11 25.44
C LEU C 446 9.88 -0.26 25.94
N ASP C 447 8.94 0.48 25.35
CA ASP C 447 7.52 0.27 25.66
C ASP C 447 7.19 -1.19 25.41
N GLY C 448 6.39 -1.80 26.28
CA GLY C 448 6.04 -3.22 26.10
C GLY C 448 7.05 -4.20 26.67
N LEU C 449 8.25 -3.72 27.01
CA LEU C 449 9.18 -4.47 27.84
C LEU C 449 9.11 -4.00 29.30
N HIS C 450 8.22 -3.05 29.58
CA HIS C 450 8.17 -2.42 30.90
C HIS C 450 7.85 -3.39 32.03
N ASN C 451 6.85 -4.25 31.82
CA ASN C 451 6.48 -5.27 32.81
C ASN C 451 7.66 -6.18 33.14
N GLU C 452 8.25 -6.80 32.12
CA GLU C 452 9.32 -7.75 32.37
C GLU C 452 10.60 -7.08 32.88
N LEU C 453 10.91 -5.88 32.40
CA LEU C 453 12.07 -5.13 32.91
C LEU C 453 11.89 -4.78 34.40
N GLN C 454 10.65 -4.55 34.84
CA GLN C 454 10.36 -4.33 36.25
C GLN C 454 10.48 -5.61 37.08
N THR C 455 9.97 -6.72 36.53
CA THR C 455 10.11 -8.04 37.12
C THR C 455 11.58 -8.40 37.32
N ILE C 456 12.40 -8.13 36.30
CA ILE C 456 13.84 -8.40 36.38
C ILE C 456 14.44 -7.64 37.56
N GLY C 457 13.98 -6.41 37.77
CA GLY C 457 14.42 -5.57 38.87
C GLY C 457 15.00 -4.20 38.50
N PHE C 458 14.71 -3.72 37.30
CA PHE C 458 15.10 -2.35 36.89
C PHE C 458 14.14 -1.29 37.42
N GLN C 459 14.70 -0.13 37.74
CA GLN C 459 13.91 1.09 37.85
C GLN C 459 13.86 1.69 36.45
N ILE C 460 12.68 1.60 35.81
CA ILE C 460 12.49 2.05 34.43
C ILE C 460 11.94 3.46 34.40
N GLU C 461 12.64 4.36 33.72
CA GLU C 461 12.23 5.75 33.60
C GLU C 461 12.13 6.10 32.12
N THR C 462 11.06 6.75 31.73
CA THR C 462 10.93 7.15 30.33
C THR C 462 10.21 8.47 30.15
N ILE C 463 10.31 9.00 28.94
CA ILE C 463 9.74 10.27 28.60
C ILE C 463 8.24 10.11 28.38
N GLY C 464 7.44 10.97 29.00
CA GLY C 464 6.00 11.01 28.77
C GLY C 464 5.16 9.94 29.44
N LYS C 465 5.72 9.28 30.45
CA LYS C 465 5.01 8.29 31.23
C LYS C 465 5.80 7.99 32.50
N LYS C 466 5.10 7.85 33.62
CA LYS C 466 5.65 7.14 34.79
C LYS C 466 5.21 5.66 34.73
N VAL C 467 6.19 4.76 34.77
CA VAL C 467 6.01 3.33 34.43
C VAL C 467 5.62 2.46 35.63
N MET D 2 -23.13 -7.77 28.71
CA MET D 2 -22.87 -6.34 28.35
C MET D 2 -24.08 -5.47 28.71
N PHE D 3 -23.80 -4.37 29.40
CA PHE D 3 -24.82 -3.40 29.79
C PHE D 3 -25.18 -2.55 28.58
N GLU D 4 -26.48 -2.29 28.42
CA GLU D 4 -26.95 -1.52 27.28
C GLU D 4 -27.59 -0.20 27.70
N ILE D 5 -27.03 0.91 27.21
CA ILE D 5 -27.56 2.24 27.50
C ILE D 5 -28.85 2.42 26.69
N LYS D 6 -29.94 2.74 27.39
CA LYS D 6 -31.23 2.96 26.75
C LYS D 6 -31.81 4.35 27.02
N LYS D 7 -31.36 5.00 28.08
CA LYS D 7 -31.76 6.36 28.40
C LYS D 7 -30.53 7.21 28.67
N ILE D 8 -30.44 8.34 27.98
CA ILE D 8 -29.31 9.26 28.15
C ILE D 8 -29.83 10.60 28.61
N CYS D 9 -29.19 11.13 29.66
CA CYS D 9 -29.36 12.53 30.08
C CYS D 9 -28.11 13.33 29.73
N CYS D 10 -28.30 14.49 29.11
CA CYS D 10 -27.19 15.41 28.93
C CYS D 10 -27.45 16.71 29.65
N ILE D 11 -26.60 17.02 30.63
CA ILE D 11 -26.67 18.27 31.36
C ILE D 11 -25.81 19.31 30.62
N GLY D 12 -26.47 20.35 30.13
CA GLY D 12 -25.86 21.37 29.29
C GLY D 12 -26.42 21.26 27.89
N ALA D 13 -27.22 22.25 27.47
CA ALA D 13 -27.89 22.21 26.17
C ALA D 13 -27.39 23.34 25.28
N GLY D 14 -26.07 23.41 25.13
CA GLY D 14 -25.45 24.46 24.34
C GLY D 14 -24.98 23.93 22.99
N TYR D 15 -23.93 24.57 22.48
CA TYR D 15 -23.35 24.23 21.20
C TYR D 15 -22.77 22.81 21.14
N VAL D 16 -22.40 22.25 22.28
CA VAL D 16 -22.02 20.84 22.35
C VAL D 16 -23.20 19.93 22.70
N GLY D 17 -23.84 20.19 23.83
CA GLY D 17 -24.89 19.33 24.35
C GLY D 17 -26.04 19.09 23.39
N GLY D 18 -26.54 20.16 22.78
CA GLY D 18 -27.66 20.03 21.84
C GLY D 18 -27.37 19.21 20.59
N PRO D 19 -26.37 19.65 19.80
CA PRO D 19 -26.02 18.88 18.60
C PRO D 19 -25.57 17.43 18.85
N THR D 20 -24.71 17.21 19.85
CA THR D 20 -24.22 15.86 20.13
C THR D 20 -25.36 14.89 20.46
N CYS D 21 -26.30 15.35 21.26
CA CYS D 21 -27.48 14.55 21.60
C CYS D 21 -28.45 14.36 20.44
N SER D 22 -28.57 15.38 19.60
CA SER D 22 -29.44 15.31 18.44
C SER D 22 -28.93 14.23 17.48
N VAL D 23 -27.63 14.23 17.22
CA VAL D 23 -26.99 13.21 16.41
C VAL D 23 -27.05 11.80 17.04
N ILE D 24 -26.84 11.66 18.35
CA ILE D 24 -27.03 10.36 19.03
C ILE D 24 -28.44 9.80 18.80
N ALA D 25 -29.44 10.66 18.98
CA ALA D 25 -30.84 10.26 18.89
C ALA D 25 -31.18 9.87 17.47
N HIS D 26 -30.62 10.63 16.54
CA HIS D 26 -30.77 10.38 15.11
C HIS D 26 -30.19 9.02 14.70
N MET D 27 -29.05 8.65 15.30
CA MET D 27 -28.34 7.42 14.94
C MET D 27 -28.72 6.22 15.79
N CYS D 28 -29.41 6.48 16.92
CA CYS D 28 -29.80 5.45 17.87
C CYS D 28 -31.28 5.56 18.19
N PRO D 29 -32.15 5.13 17.25
CA PRO D 29 -33.60 5.30 17.46
C PRO D 29 -34.18 4.65 18.71
N GLU D 30 -33.51 3.64 19.26
CA GLU D 30 -34.00 2.92 20.44
C GLU D 30 -33.52 3.52 21.77
N ILE D 31 -32.70 4.57 21.70
CA ILE D 31 -32.20 5.25 22.90
C ILE D 31 -32.99 6.54 23.10
N ARG D 32 -33.53 6.75 24.30
CA ARG D 32 -34.13 8.04 24.65
C ARG D 32 -33.06 9.01 25.11
N VAL D 33 -33.10 10.23 24.58
CA VAL D 33 -32.05 11.22 24.81
C VAL D 33 -32.66 12.55 25.27
N THR D 34 -32.39 12.92 26.52
CA THR D 34 -32.98 14.13 27.10
C THR D 34 -31.87 15.12 27.41
N VAL D 35 -31.98 16.31 26.82
CA VAL D 35 -31.02 17.39 27.01
C VAL D 35 -31.65 18.38 27.99
N VAL D 36 -30.95 18.63 29.09
CA VAL D 36 -31.46 19.52 30.13
C VAL D 36 -30.50 20.70 30.38
N ASP D 37 -31.06 21.73 31.02
CA ASP D 37 -30.35 22.97 31.24
C ASP D 37 -31.12 23.79 32.27
N VAL D 38 -30.39 24.60 33.04
CA VAL D 38 -30.98 25.58 33.95
C VAL D 38 -31.59 26.77 33.17
N ASN D 39 -31.09 27.00 31.96
CA ASN D 39 -31.56 28.10 31.12
C ASN D 39 -32.88 27.72 30.41
N GLU D 40 -33.98 28.28 30.94
CA GLU D 40 -35.33 27.99 30.47
C GLU D 40 -35.62 28.50 29.06
N SER D 41 -35.26 29.75 28.80
CA SER D 41 -35.47 30.30 27.47
C SER D 41 -34.66 29.52 26.41
N ARG D 42 -33.47 29.04 26.79
CA ARG D 42 -32.65 28.24 25.88
C ARG D 42 -33.32 26.89 25.56
N ILE D 43 -33.88 26.23 26.57
CA ILE D 43 -34.64 24.98 26.38
C ILE D 43 -35.89 25.23 25.55
N ASN D 44 -36.63 26.30 25.87
CA ASN D 44 -37.80 26.69 25.09
C ASN D 44 -37.46 26.85 23.60
N ALA D 45 -36.35 27.53 23.30
CA ALA D 45 -35.87 27.71 21.91
C ALA D 45 -35.58 26.38 21.20
N TRP D 46 -35.05 25.39 21.92
CA TRP D 46 -34.81 24.05 21.37
C TRP D 46 -36.10 23.32 20.99
N ASN D 47 -37.19 23.61 21.70
CA ASN D 47 -38.49 23.02 21.43
C ASN D 47 -39.33 23.85 20.47
N SER D 48 -38.73 24.91 19.91
CA SER D 48 -39.43 25.86 19.06
C SER D 48 -38.96 25.73 17.62
N PRO D 49 -39.65 26.40 16.69
CA PRO D 49 -39.20 26.40 15.30
C PRO D 49 -37.94 27.22 15.04
N THR D 50 -37.44 27.92 16.06
CA THR D 50 -36.24 28.74 15.94
C THR D 50 -35.25 28.32 17.02
N LEU D 51 -34.29 27.49 16.65
CA LEU D 51 -33.30 26.95 17.60
C LEU D 51 -32.43 28.05 18.23
N PRO D 52 -31.92 27.79 19.44
CA PRO D 52 -31.15 28.84 20.16
C PRO D 52 -29.79 29.13 19.53
N ILE D 53 -29.35 28.28 18.61
CA ILE D 53 -28.11 28.46 17.89
C ILE D 53 -28.31 28.23 16.39
N TYR D 54 -27.40 28.79 15.60
CA TYR D 54 -27.33 28.53 14.16
C TYR D 54 -26.14 27.63 13.86
N GLU D 55 -26.43 26.49 13.23
CA GLU D 55 -25.47 25.48 12.92
C GLU D 55 -26.01 24.72 11.71
N PRO D 56 -25.32 24.78 10.53
CA PRO D 56 -25.84 24.07 9.34
C PRO D 56 -26.27 22.62 9.60
N GLY D 57 -27.48 22.30 9.17
CA GLY D 57 -28.02 20.94 9.27
C GLY D 57 -28.67 20.60 10.60
N LEU D 58 -28.44 21.41 11.63
CA LEU D 58 -28.95 21.08 12.97
C LEU D 58 -30.48 20.98 12.97
N LYS D 59 -31.15 21.99 12.42
CA LYS D 59 -32.62 22.04 12.45
C LYS D 59 -33.29 20.78 11.88
N GLU D 60 -32.70 20.22 10.83
CA GLU D 60 -33.23 19.02 10.18
C GLU D 60 -33.06 17.79 11.06
N VAL D 61 -31.91 17.66 11.69
CA VAL D 61 -31.64 16.55 12.62
C VAL D 61 -32.59 16.62 13.83
N VAL D 62 -32.69 17.80 14.42
CA VAL D 62 -33.56 18.03 15.58
C VAL D 62 -35.03 17.70 15.27
N GLU D 63 -35.51 18.14 14.12
CA GLU D 63 -36.91 17.99 13.78
C GLU D 63 -37.28 16.55 13.42
N SER D 64 -36.31 15.78 12.95
CA SER D 64 -36.52 14.36 12.72
C SER D 64 -36.65 13.53 14.02
N CYS D 65 -36.13 14.04 15.14
CA CYS D 65 -36.08 13.27 16.38
C CYS D 65 -36.89 13.83 17.52
N ARG D 66 -37.12 15.14 17.53
CA ARG D 66 -37.67 15.81 18.70
C ARG D 66 -39.10 15.35 18.99
N GLY D 67 -39.35 14.95 20.23
CA GLY D 67 -40.64 14.42 20.64
C GLY D 67 -40.76 12.92 20.38
N LYS D 68 -39.76 12.35 19.70
CA LYS D 68 -39.74 10.91 19.43
C LYS D 68 -38.81 10.25 20.42
N ASN D 69 -37.51 10.39 20.21
CA ASN D 69 -36.51 9.93 21.18
C ASN D 69 -35.57 11.06 21.67
N LEU D 70 -35.83 12.29 21.23
CA LEU D 70 -35.04 13.47 21.59
C LEU D 70 -35.90 14.49 22.33
N PHE D 71 -35.50 14.85 23.55
CA PHE D 71 -36.28 15.76 24.39
C PHE D 71 -35.38 16.83 25.00
N PHE D 72 -35.95 18.03 25.15
CA PHE D 72 -35.26 19.15 25.76
C PHE D 72 -36.07 19.61 26.94
N SER D 73 -35.45 19.72 28.11
CA SER D 73 -36.21 19.98 29.33
C SER D 73 -35.40 20.73 30.39
N THR D 74 -36.12 21.45 31.24
CA THR D 74 -35.55 22.09 32.42
C THR D 74 -35.64 21.15 33.64
N ASN D 75 -36.40 20.05 33.53
CA ASN D 75 -36.55 19.09 34.63
C ASN D 75 -35.31 18.20 34.71
N ILE D 76 -34.25 18.77 35.29
CA ILE D 76 -32.93 18.14 35.35
C ILE D 76 -32.98 16.89 36.24
N ASP D 77 -33.64 17.02 37.39
CA ASP D 77 -33.71 15.96 38.39
C ASP D 77 -34.28 14.63 37.89
N ASP D 78 -35.39 14.69 37.17
CA ASP D 78 -36.02 13.48 36.66
C ASP D 78 -35.21 12.88 35.52
N ALA D 79 -34.62 13.74 34.70
CA ALA D 79 -33.75 13.30 33.60
C ALA D 79 -32.58 12.47 34.15
N ILE D 80 -31.95 12.98 35.21
CA ILE D 80 -30.87 12.24 35.89
C ILE D 80 -31.38 10.94 36.50
N LYS D 81 -32.45 11.03 37.29
CA LYS D 81 -33.08 9.89 37.99
C LYS D 81 -33.30 8.68 37.07
N GLU D 82 -33.75 8.93 35.84
CA GLU D 82 -34.07 7.88 34.88
C GLU D 82 -32.90 7.46 33.96
N ALA D 83 -31.81 8.21 33.95
CA ALA D 83 -30.76 7.97 32.96
C ALA D 83 -29.90 6.74 33.28
N ASP D 84 -29.48 6.03 32.23
CA ASP D 84 -28.36 5.08 32.31
C ASP D 84 -27.03 5.80 32.21
N LEU D 85 -26.99 6.80 31.34
CA LEU D 85 -25.80 7.60 31.07
C LEU D 85 -26.13 9.07 31.29
N VAL D 86 -25.24 9.77 31.98
CA VAL D 86 -25.37 11.22 32.16
C VAL D 86 -24.11 11.87 31.62
N PHE D 87 -24.26 12.66 30.55
CA PHE D 87 -23.21 13.54 30.07
C PHE D 87 -23.17 14.80 30.92
N ILE D 88 -21.96 15.20 31.29
CA ILE D 88 -21.70 16.58 31.75
C ILE D 88 -21.12 17.32 30.55
N SER D 89 -21.89 18.28 30.04
CA SER D 89 -21.54 19.06 28.85
C SER D 89 -21.77 20.56 29.09
N VAL D 90 -21.48 20.99 30.31
CA VAL D 90 -21.63 22.39 30.70
C VAL D 90 -20.37 23.18 30.35
N ASN D 91 -20.50 24.50 30.41
CA ASN D 91 -19.40 25.40 30.09
C ASN D 91 -18.26 25.40 31.14
N THR D 92 -17.04 25.55 30.62
CA THR D 92 -15.84 25.65 31.47
C THR D 92 -15.04 26.91 31.08
N PRO D 93 -15.61 28.09 31.39
CA PRO D 93 -14.91 29.33 31.01
C PRO D 93 -13.64 29.56 31.84
N THR D 94 -12.80 30.46 31.39
CA THR D 94 -11.70 30.98 32.23
C THR D 94 -12.31 31.73 33.41
N LYS D 95 -11.75 31.55 34.60
CA LYS D 95 -12.13 32.36 35.77
C LYS D 95 -11.85 33.84 35.51
N THR D 96 -12.82 34.70 35.78
CA THR D 96 -12.64 36.15 35.67
C THR D 96 -12.52 36.78 37.06
N TYR D 97 -12.04 36.00 38.02
CA TYR D 97 -12.04 36.42 39.41
C TYR D 97 -11.17 35.46 40.18
N GLY D 98 -10.77 35.88 41.38
CA GLY D 98 -10.10 35.00 42.31
C GLY D 98 -8.71 34.58 41.91
N MET D 99 -8.28 33.45 42.45
CA MET D 99 -7.00 32.83 42.11
C MET D 99 -7.05 32.31 40.67
N GLY D 100 -6.02 32.65 39.91
CA GLY D 100 -5.90 32.22 38.52
C GLY D 100 -6.79 32.98 37.57
N LYS D 101 -7.33 34.11 38.05
CA LYS D 101 -8.13 35.02 37.21
C LYS D 101 -7.45 35.25 35.86
N GLY D 102 -8.20 35.04 34.77
CA GLY D 102 -7.66 35.17 33.41
C GLY D 102 -6.85 34.00 32.87
N ARG D 103 -6.77 32.90 33.63
CA ARG D 103 -5.93 31.75 33.27
C ARG D 103 -6.57 30.40 33.61
N ALA D 104 -6.88 30.20 34.89
CA ALA D 104 -7.51 28.96 35.40
C ALA D 104 -8.91 28.72 34.84
N ALA D 105 -9.22 27.46 34.56
CA ALA D 105 -10.59 27.02 34.27
C ALA D 105 -11.54 27.19 35.49
N ASP D 106 -12.74 27.65 35.20
CA ASP D 106 -13.79 27.76 36.21
C ASP D 106 -14.60 26.46 36.22
N LEU D 107 -14.55 25.75 37.35
CA LEU D 107 -15.12 24.42 37.47
C LEU D 107 -16.42 24.38 38.27
N LYS D 108 -16.97 25.56 38.59
CA LYS D 108 -18.18 25.61 39.41
C LYS D 108 -19.38 24.93 38.72
N TYR D 109 -19.47 25.04 37.40
CA TYR D 109 -20.61 24.41 36.68
C TYR D 109 -20.53 22.89 36.73
N ILE D 110 -19.31 22.36 36.53
CA ILE D 110 -19.02 20.93 36.68
C ILE D 110 -19.34 20.42 38.09
N GLU D 111 -18.85 21.12 39.11
CA GLU D 111 -19.11 20.76 40.50
C GLU D 111 -20.61 20.74 40.74
N ALA D 112 -21.30 21.80 40.33
CA ALA D 112 -22.74 21.86 40.49
C ALA D 112 -23.40 20.64 39.85
N CYS D 113 -22.92 20.22 38.68
CA CYS D 113 -23.43 19.03 38.00
C CYS D 113 -23.24 17.75 38.80
N ALA D 114 -22.03 17.56 39.34
CA ALA D 114 -21.67 16.33 40.04
C ALA D 114 -22.48 16.19 41.32
N ARG D 115 -22.70 17.29 42.02
CA ARG D 115 -23.51 17.30 43.25
C ARG D 115 -24.96 16.95 42.94
N ARG D 116 -25.51 17.56 41.91
CA ARG D 116 -26.88 17.28 41.48
C ARG D 116 -27.08 15.84 41.03
N ILE D 117 -26.10 15.28 40.32
CA ILE D 117 -26.13 13.88 39.88
C ILE D 117 -26.19 12.92 41.09
N VAL D 118 -25.29 13.07 42.06
CA VAL D 118 -25.30 12.15 43.21
C VAL D 118 -26.54 12.34 44.09
N GLN D 119 -27.05 13.57 44.16
CA GLN D 119 -28.29 13.86 44.87
C GLN D 119 -29.49 13.09 44.28
N ASN D 120 -29.53 12.99 42.96
CA ASN D 120 -30.70 12.51 42.23
C ASN D 120 -30.53 11.12 41.63
N SER D 121 -29.49 10.39 42.06
CA SER D 121 -29.15 9.10 41.47
C SER D 121 -29.27 7.93 42.44
N ASN D 122 -29.81 6.84 41.92
CA ASN D 122 -29.79 5.55 42.58
C ASN D 122 -29.43 4.47 41.55
N GLY D 123 -28.95 3.34 42.03
CA GLY D 123 -28.59 2.23 41.15
C GLY D 123 -27.34 2.53 40.35
N TYR D 124 -27.27 1.99 39.14
CA TYR D 124 -26.09 2.08 38.29
C TYR D 124 -26.24 3.18 37.26
N LYS D 125 -25.26 4.06 37.18
CA LYS D 125 -25.18 5.02 36.07
C LYS D 125 -23.74 5.21 35.64
N ILE D 126 -23.57 5.53 34.36
CA ILE D 126 -22.29 5.94 33.81
C ILE D 126 -22.34 7.47 33.73
N VAL D 127 -21.40 8.14 34.38
CA VAL D 127 -21.26 9.58 34.33
C VAL D 127 -20.07 9.92 33.42
N THR D 128 -20.37 10.65 32.35
CA THR D 128 -19.38 10.96 31.33
C THR D 128 -19.09 12.44 31.24
N GLU D 129 -17.83 12.76 31.49
CA GLU D 129 -17.35 14.13 31.39
C GLU D 129 -16.96 14.45 29.95
N LYS D 130 -17.82 15.22 29.28
CA LYS D 130 -17.60 15.63 27.89
C LYS D 130 -17.02 17.06 27.81
N SER D 131 -17.40 17.92 28.76
CA SER D 131 -16.79 19.23 28.93
C SER D 131 -15.27 19.16 28.93
N THR D 132 -14.65 20.21 28.45
CA THR D 132 -13.20 20.31 28.45
C THR D 132 -12.75 20.74 29.85
N VAL D 133 -11.84 19.97 30.45
CA VAL D 133 -11.48 20.12 31.85
C VAL D 133 -9.97 20.05 32.06
N PRO D 134 -9.49 20.62 33.19
CA PRO D 134 -8.11 20.35 33.57
C PRO D 134 -7.89 18.85 33.79
N VAL D 135 -6.67 18.39 33.52
CA VAL D 135 -6.35 17.02 33.71
C VAL D 135 -6.54 16.69 35.20
N ARG D 136 -7.10 15.52 35.45
CA ARG D 136 -7.43 15.02 36.80
C ARG D 136 -8.76 15.54 37.33
N ALA D 137 -9.51 16.30 36.55
CA ALA D 137 -10.83 16.77 37.02
C ALA D 137 -11.79 15.59 37.28
N ALA D 138 -11.70 14.53 36.49
CA ALA D 138 -12.52 13.32 36.71
C ALA D 138 -12.39 12.78 38.13
N GLU D 139 -11.16 12.83 38.68
CA GLU D 139 -10.86 12.42 40.04
C GLU D 139 -11.72 13.15 41.09
N SER D 140 -11.81 14.46 40.94
CA SER D 140 -12.66 15.30 41.79
C SER D 140 -14.11 14.82 41.84
N ILE D 141 -14.65 14.46 40.66
CA ILE D 141 -16.03 13.94 40.54
C ILE D 141 -16.18 12.59 41.25
N ARG D 142 -15.21 11.70 41.06
CA ARG D 142 -15.22 10.38 41.74
C ARG D 142 -15.24 10.51 43.27
N ARG D 143 -14.47 11.46 43.78
CA ARG D 143 -14.38 11.71 45.22
C ARG D 143 -15.70 12.23 45.81
N ILE D 144 -16.35 13.13 45.09
CA ILE D 144 -17.69 13.61 45.46
C ILE D 144 -18.68 12.44 45.52
N PHE D 145 -18.64 11.56 44.52
CA PHE D 145 -19.48 10.39 44.48
C PHE D 145 -19.15 9.43 45.61
N ASP D 146 -17.87 9.10 45.74
CA ASP D 146 -17.39 8.23 46.82
C ASP D 146 -17.75 8.75 48.22
N ALA D 147 -17.69 10.07 48.43
CA ALA D 147 -17.99 10.66 49.75
C ALA D 147 -19.49 10.77 50.04
N ASN D 148 -20.30 10.53 49.01
CA ASN D 148 -21.77 10.62 49.09
C ASN D 148 -22.45 9.34 48.59
N THR D 149 -21.93 8.18 48.98
CA THR D 149 -22.52 6.91 48.56
C THR D 149 -23.87 6.63 49.23
N LYS D 150 -24.67 5.80 48.57
CA LYS D 150 -25.89 5.25 49.14
C LYS D 150 -25.84 3.75 48.86
N PRO D 151 -26.64 2.95 49.59
CA PRO D 151 -26.69 1.53 49.25
C PRO D 151 -27.15 1.32 47.80
N ASN D 152 -26.46 0.45 47.06
CA ASN D 152 -26.76 0.11 45.66
C ASN D 152 -26.47 1.21 44.62
N LEU D 153 -25.84 2.30 45.02
CA LEU D 153 -25.48 3.36 44.08
C LEU D 153 -24.11 3.03 43.49
N ASN D 154 -24.04 2.97 42.16
CA ASN D 154 -22.79 2.69 41.48
C ASN D 154 -22.66 3.67 40.32
N LEU D 155 -21.90 4.74 40.56
CA LEU D 155 -21.66 5.77 39.56
C LEU D 155 -20.28 5.58 38.98
N GLN D 156 -20.22 5.25 37.70
CA GLN D 156 -18.97 5.05 36.99
C GLN D 156 -18.65 6.30 36.20
N VAL D 157 -17.46 6.85 36.37
CA VAL D 157 -17.06 8.09 35.70
C VAL D 157 -16.13 7.83 34.51
N LEU D 158 -16.50 8.39 33.37
CA LEU D 158 -15.71 8.30 32.13
C LEU D 158 -15.34 9.70 31.63
N SER D 159 -14.29 9.77 30.81
CA SER D 159 -13.95 10.97 30.05
C SER D 159 -14.36 10.71 28.61
N ASN D 160 -14.94 11.72 27.95
CA ASN D 160 -15.38 11.59 26.55
C ASN D 160 -15.38 12.99 25.94
N PRO D 161 -14.19 13.55 25.68
CA PRO D 161 -14.10 14.92 25.14
C PRO D 161 -14.74 15.08 23.78
N GLU D 162 -15.00 16.34 23.42
CA GLU D 162 -15.69 16.63 22.19
C GLU D 162 -14.75 17.35 21.24
N PHE D 163 -14.75 16.91 19.98
CA PHE D 163 -13.88 17.48 18.96
C PHE D 163 -14.61 18.22 17.84
N LEU D 164 -15.92 18.36 17.92
CA LEU D 164 -16.68 19.10 16.90
C LEU D 164 -16.20 20.55 16.82
N ALA D 165 -16.13 21.08 15.61
CA ALA D 165 -16.00 22.51 15.37
C ALA D 165 -17.38 23.07 15.00
N GLU D 166 -17.63 24.29 15.43
CA GLU D 166 -18.86 24.99 15.08
C GLU D 166 -18.79 25.46 13.63
N GLY D 167 -19.94 25.50 12.95
CA GLY D 167 -19.99 25.69 11.51
C GLY D 167 -20.05 24.39 10.74
N THR D 168 -19.44 23.33 11.28
CA THR D 168 -19.39 21.99 10.68
C THR D 168 -19.83 20.89 11.67
N ALA D 169 -20.60 21.24 12.70
CA ALA D 169 -20.84 20.35 13.85
C ALA D 169 -21.56 19.04 13.46
N ILE D 170 -22.58 19.12 12.62
CA ILE D 170 -23.31 17.91 12.21
C ILE D 170 -22.39 16.94 11.42
N LYS D 171 -21.68 17.46 10.42
CA LYS D 171 -20.75 16.61 9.66
C LYS D 171 -19.67 16.02 10.57
N ASP D 172 -19.16 16.83 11.50
CA ASP D 172 -18.14 16.37 12.48
C ASP D 172 -18.68 15.29 13.41
N LEU D 173 -19.96 15.42 13.77
CA LEU D 173 -20.61 14.49 14.66
C LEU D 173 -21.04 13.19 13.98
N LYS D 174 -21.49 13.28 12.74
CA LYS D 174 -21.97 12.11 12.01
C LYS D 174 -20.79 11.29 11.49
N ASN D 175 -19.67 11.96 11.23
CA ASN D 175 -18.48 11.29 10.73
C ASN D 175 -17.21 11.80 11.42
N PRO D 176 -17.02 11.49 12.71
CA PRO D 176 -15.85 11.99 13.43
C PRO D 176 -14.54 11.31 12.99
N ASP D 177 -13.45 12.08 12.94
CA ASP D 177 -12.10 11.49 12.72
C ASP D 177 -11.84 10.45 13.80
N ARG D 178 -12.22 10.76 15.03
CA ARG D 178 -12.22 9.75 16.08
C ARG D 178 -13.15 10.10 17.24
N VAL D 179 -13.42 9.07 18.05
CA VAL D 179 -14.12 9.22 19.31
C VAL D 179 -13.13 8.81 20.38
N LEU D 180 -12.96 9.65 21.40
CA LEU D 180 -12.03 9.39 22.50
C LEU D 180 -12.82 9.16 23.78
N ILE D 181 -12.55 8.02 24.43
CA ILE D 181 -13.18 7.63 25.67
C ILE D 181 -12.11 7.23 26.67
N GLY D 182 -12.14 7.83 27.85
CA GLY D 182 -11.22 7.48 28.91
C GLY D 182 -11.91 6.96 30.14
N GLY D 183 -11.34 5.93 30.74
CA GLY D 183 -11.86 5.33 31.97
C GLY D 183 -10.72 4.62 32.67
N ASP D 184 -10.94 4.20 33.92
CA ASP D 184 -9.90 3.46 34.65
C ASP D 184 -9.81 2.01 34.16
N GLU D 185 -8.79 1.30 34.63
CA GLU D 185 -8.48 -0.06 34.16
C GLU D 185 -9.29 -1.14 34.86
N THR D 186 -10.12 -0.76 35.83
CA THR D 186 -10.83 -1.74 36.63
C THR D 186 -11.90 -2.40 35.79
N PRO D 187 -12.33 -3.61 36.19
CA PRO D 187 -13.43 -4.29 35.50
C PRO D 187 -14.67 -3.41 35.31
N GLU D 188 -15.11 -2.72 36.36
CA GLU D 188 -16.26 -1.82 36.28
C GLU D 188 -16.01 -0.66 35.32
N GLY D 189 -14.80 -0.10 35.34
CA GLY D 189 -14.46 1.02 34.45
C GLY D 189 -14.49 0.60 32.99
N GLN D 190 -13.95 -0.58 32.72
CA GLN D 190 -13.93 -1.11 31.36
C GLN D 190 -15.31 -1.53 30.87
N ARG D 191 -16.17 -2.02 31.76
CA ARG D 191 -17.57 -2.28 31.40
C ARG D 191 -18.28 -0.98 30.97
N ALA D 192 -18.01 0.10 31.71
CA ALA D 192 -18.60 1.41 31.44
C ALA D 192 -18.10 1.96 30.09
N VAL D 193 -16.79 1.89 29.89
CA VAL D 193 -16.17 2.26 28.62
C VAL D 193 -16.81 1.50 27.45
N GLN D 194 -16.98 0.20 27.62
CA GLN D 194 -17.55 -0.62 26.54
C GLN D 194 -19.03 -0.28 26.29
N ALA D 195 -19.80 0.00 27.34
CA ALA D 195 -21.21 0.41 27.17
C ALA D 195 -21.34 1.71 26.36
N LEU D 196 -20.49 2.70 26.65
CA LEU D 196 -20.46 3.95 25.88
C LEU D 196 -19.95 3.75 24.44
N CYS D 197 -18.96 2.87 24.26
CA CYS D 197 -18.46 2.53 22.91
C CYS D 197 -19.60 1.98 22.05
N ALA D 198 -20.43 1.14 22.65
CA ALA D 198 -21.56 0.51 21.97
C ALA D 198 -22.56 1.53 21.45
N VAL D 199 -22.79 2.61 22.20
CA VAL D 199 -23.57 3.76 21.67
C VAL D 199 -22.93 4.30 20.38
N TYR D 200 -21.69 4.75 20.49
CA TYR D 200 -20.98 5.30 19.34
C TYR D 200 -20.91 4.36 18.13
N GLU D 201 -20.82 3.05 18.39
CA GLU D 201 -20.74 2.05 17.32
C GLU D 201 -22.00 1.92 16.47
N HIS D 202 -23.11 2.48 16.93
CA HIS D 202 -24.28 2.59 16.07
C HIS D 202 -23.93 3.29 14.75
N TRP D 203 -22.95 4.18 14.75
CA TRP D 203 -22.60 4.90 13.52
C TRP D 203 -21.12 5.18 13.30
N VAL D 204 -20.28 4.95 14.32
CA VAL D 204 -18.85 5.18 14.24
C VAL D 204 -18.14 3.82 14.15
N PRO D 205 -17.33 3.61 13.09
CA PRO D 205 -16.56 2.36 13.00
C PRO D 205 -15.66 2.15 14.22
N ARG D 206 -15.56 0.91 14.70
CA ARG D 206 -14.79 0.65 15.91
C ARG D 206 -13.32 1.12 15.81
N GLU D 207 -12.73 1.04 14.62
CA GLU D 207 -11.35 1.47 14.42
C GLU D 207 -11.13 2.96 14.69
N LYS D 208 -12.19 3.75 14.58
CA LYS D 208 -12.13 5.17 14.86
C LYS D 208 -12.55 5.51 16.31
N ILE D 209 -12.73 4.49 17.16
CA ILE D 209 -13.06 4.68 18.56
C ILE D 209 -11.84 4.34 19.41
N LEU D 210 -11.28 5.36 20.03
CA LEU D 210 -10.06 5.25 20.81
C LEU D 210 -10.40 5.20 22.29
N THR D 211 -9.83 4.23 23.01
CA THR D 211 -10.01 4.14 24.46
C THR D 211 -8.65 4.23 25.15
N THR D 212 -8.58 5.00 26.22
CA THR D 212 -7.33 5.31 26.90
C THR D 212 -7.66 5.40 28.39
N ASN D 213 -6.68 5.74 29.23
CA ASN D 213 -7.04 6.05 30.62
C ASN D 213 -7.67 7.46 30.69
N THR D 214 -8.31 7.73 31.82
CA THR D 214 -9.04 8.97 32.04
C THR D 214 -8.20 10.22 31.81
N TRP D 215 -6.96 10.19 32.29
CA TRP D 215 -6.07 11.34 32.26
C TRP D 215 -5.51 11.61 30.87
N SER D 216 -5.17 10.55 30.15
CA SER D 216 -4.72 10.68 28.76
C SER D 216 -5.83 11.28 27.88
N SER D 217 -7.08 10.94 28.21
CA SER D 217 -8.24 11.40 27.47
C SER D 217 -8.49 12.90 27.72
N GLU D 218 -8.52 13.30 28.99
CA GLU D 218 -8.66 14.72 29.36
C GLU D 218 -7.52 15.59 28.79
N LEU D 219 -6.29 15.09 28.91
CA LEU D 219 -5.12 15.82 28.41
C LEU D 219 -5.13 15.92 26.88
N SER D 220 -5.62 14.88 26.21
CA SER D 220 -5.69 14.84 24.74
C SER D 220 -6.54 15.97 24.16
N LYS D 221 -7.66 16.26 24.79
CA LYS D 221 -8.51 17.36 24.39
C LYS D 221 -7.76 18.69 24.48
N LEU D 222 -7.15 18.95 25.64
CA LEU D 222 -6.35 20.16 25.83
C LEU D 222 -5.24 20.26 24.77
N ALA D 223 -4.45 19.19 24.65
CA ALA D 223 -3.37 19.10 23.67
C ALA D 223 -3.83 19.30 22.22
N ALA D 224 -4.98 18.75 21.84
CA ALA D 224 -5.44 18.85 20.46
C ALA D 224 -5.77 20.29 20.11
N ASN D 225 -6.46 20.98 21.01
CA ASN D 225 -6.78 22.38 20.80
C ASN D 225 -5.56 23.29 20.77
N ALA D 226 -4.56 22.98 21.60
CA ALA D 226 -3.32 23.74 21.66
C ALA D 226 -2.53 23.62 20.36
N PHE D 227 -2.45 22.40 19.83
CA PHE D 227 -1.78 22.12 18.56
C PHE D 227 -2.46 22.84 17.39
N LEU D 228 -3.79 22.77 17.36
CA LEU D 228 -4.60 23.48 16.37
C LEU D 228 -4.40 24.99 16.45
N ALA D 229 -4.60 25.56 17.64
CA ALA D 229 -4.37 26.99 17.89
C ALA D 229 -2.95 27.42 17.55
N GLN D 230 -1.98 26.55 17.87
CA GLN D 230 -0.59 26.83 17.55
C GLN D 230 -0.29 26.91 16.04
N ARG D 231 -0.94 26.07 15.24
CA ARG D 231 -0.81 26.17 13.78
C ARG D 231 -1.24 27.54 13.25
N ILE D 232 -2.35 28.04 13.79
CA ILE D 232 -2.89 29.36 13.40
C ILE D 232 -1.91 30.44 13.83
N SER D 233 -1.50 30.42 15.10
CA SER D 233 -0.53 31.42 15.58
C SER D 233 0.81 31.34 14.80
N SER D 234 1.20 30.13 14.39
CA SER D 234 2.43 29.98 13.63
C SER D 234 2.33 30.60 12.26
N ILE D 235 1.23 30.31 11.56
CA ILE D 235 1.04 30.89 10.26
C ILE D 235 0.81 32.41 10.38
N ASN D 236 0.10 32.85 11.42
CA ASN D 236 -0.03 34.29 11.65
C ASN D 236 1.31 35.03 11.89
N SER D 237 2.23 34.36 12.57
CA SER D 237 3.56 34.92 12.79
C SER D 237 4.34 35.01 11.49
N ILE D 238 4.16 34.00 10.65
CA ILE D 238 4.76 33.99 9.32
C ILE D 238 4.16 35.12 8.50
N SER D 239 2.88 35.45 8.75
CA SER D 239 2.21 36.54 8.02
C SER D 239 2.92 37.90 8.26
N ALA D 240 3.33 38.16 9.51
CA ALA D 240 4.10 39.36 9.86
C ALA D 240 5.43 39.39 9.12
N LEU D 241 6.16 38.27 9.16
CA LEU D 241 7.38 38.08 8.36
C LEU D 241 7.23 38.34 6.86
N CYS D 242 6.11 37.89 6.30
CA CYS D 242 5.83 38.09 4.89
C CYS D 242 5.67 39.56 4.54
N GLU D 243 4.98 40.29 5.40
CA GLU D 243 4.76 41.71 5.21
C GLU D 243 6.08 42.49 5.24
N ALA D 244 7.06 42.00 6.00
CA ALA D 244 8.33 42.70 6.18
C ALA D 244 9.37 42.34 5.09
N THR D 245 9.06 41.33 4.26
CA THR D 245 10.04 40.78 3.34
C THR D 245 9.61 40.67 1.87
N GLY D 246 8.32 40.68 1.58
CA GLY D 246 7.86 40.50 0.22
C GLY D 246 7.35 39.10 -0.09
N ALA D 247 7.58 38.14 0.81
CA ALA D 247 6.90 36.85 0.73
C ALA D 247 5.41 37.02 0.95
N ASP D 248 4.65 36.02 0.51
CA ASP D 248 3.20 36.01 0.64
C ASP D 248 2.78 34.80 1.47
N VAL D 249 1.99 35.04 2.50
CA VAL D 249 1.68 34.00 3.48
C VAL D 249 0.90 32.82 2.87
N GLU D 250 0.11 33.09 1.83
CA GLU D 250 -0.64 32.03 1.15
C GLU D 250 0.28 31.16 0.29
N GLU D 251 1.30 31.76 -0.32
CA GLU D 251 2.34 31.02 -1.02
C GLU D 251 3.16 30.16 -0.04
N VAL D 252 3.53 30.77 1.09
CA VAL D 252 4.30 30.07 2.12
C VAL D 252 3.48 28.95 2.77
N ALA D 253 2.21 29.23 3.12
CA ALA D 253 1.29 28.26 3.70
C ALA D 253 1.14 27.04 2.79
N THR D 254 1.03 27.29 1.50
CA THR D 254 0.87 26.26 0.48
C THR D 254 2.14 25.42 0.38
N ALA D 255 3.29 26.08 0.38
CA ALA D 255 4.58 25.40 0.30
C ALA D 255 4.81 24.48 1.50
N ILE D 256 4.61 24.98 2.71
CA ILE D 256 4.84 24.19 3.90
C ILE D 256 3.81 23.07 4.06
N GLY D 257 2.55 23.36 3.73
CA GLY D 257 1.45 22.38 3.80
C GLY D 257 1.50 21.21 2.83
N MET D 258 2.32 21.31 1.77
CA MET D 258 2.50 20.20 0.83
C MET D 258 3.46 19.15 1.38
N ASP D 259 4.17 19.49 2.46
CA ASP D 259 4.87 18.47 3.24
C ASP D 259 3.82 17.67 4.00
N GLN D 260 3.73 16.37 3.70
CA GLN D 260 2.69 15.50 4.27
C GLN D 260 2.83 15.26 5.79
N ARG D 261 4.02 15.52 6.32
CA ARG D 261 4.29 15.49 7.76
C ARG D 261 3.76 16.70 8.52
N ILE D 262 3.71 17.85 7.83
CA ILE D 262 3.13 19.09 8.36
C ILE D 262 1.61 19.11 8.11
N GLY D 263 1.22 18.79 6.88
CA GLY D 263 -0.19 18.78 6.47
C GLY D 263 -0.68 20.16 6.08
N ASN D 264 -1.81 20.23 5.39
CA ASN D 264 -2.24 21.49 4.76
C ASN D 264 -3.45 22.15 5.39
N LYS D 265 -3.94 21.60 6.50
CA LYS D 265 -5.07 22.18 7.19
C LYS D 265 -4.63 23.17 8.27
N PHE D 266 -5.48 24.15 8.54
CA PHE D 266 -5.27 25.12 9.62
C PHE D 266 -4.00 26.00 9.42
N LEU D 267 -3.76 26.38 8.16
CA LEU D 267 -2.68 27.30 7.79
C LEU D 267 -3.26 28.53 7.11
N LYS D 268 -4.46 28.93 7.53
CA LYS D 268 -5.13 30.07 6.93
C LYS D 268 -4.96 31.26 7.85
N ALA D 269 -4.06 32.17 7.45
CA ALA D 269 -3.74 33.35 8.21
C ALA D 269 -4.98 34.20 8.43
N SER D 270 -4.99 34.88 9.56
CA SER D 270 -6.13 35.67 9.97
C SER D 270 -5.75 36.77 10.94
N VAL D 271 -6.70 37.66 11.15
CA VAL D 271 -6.59 38.71 12.17
C VAL D 271 -6.47 38.12 13.60
N GLY D 272 -7.00 36.92 13.79
CA GLY D 272 -6.73 36.13 14.99
C GLY D 272 -7.80 35.08 15.20
N PHE D 273 -7.42 33.90 15.70
CA PHE D 273 -8.42 32.92 16.09
C PHE D 273 -9.33 33.45 17.21
N GLY D 274 -10.62 33.14 17.08
CA GLY D 274 -11.58 33.32 18.16
C GLY D 274 -12.23 31.99 18.49
N GLY D 275 -13.46 32.05 18.97
CA GLY D 275 -14.19 30.88 19.47
C GLY D 275 -14.06 30.75 20.97
N SER D 276 -15.00 30.03 21.57
CA SER D 276 -15.12 29.97 23.01
C SER D 276 -13.96 29.25 23.71
N CYS D 277 -13.22 28.41 22.98
CA CYS D 277 -12.35 27.44 23.65
C CYS D 277 -10.84 27.51 23.41
N PHE D 278 -10.37 27.95 22.24
CA PHE D 278 -8.92 27.88 21.96
C PHE D 278 -8.12 28.67 22.99
N GLN D 279 -8.47 29.94 23.22
CA GLN D 279 -7.73 30.74 24.20
C GLN D 279 -7.86 30.15 25.61
N LYS D 280 -9.09 29.90 26.05
CA LYS D 280 -9.31 29.42 27.42
C LYS D 280 -8.69 28.06 27.69
N ASP D 281 -8.68 27.18 26.68
CA ASP D 281 -8.13 25.83 26.85
C ASP D 281 -6.60 25.83 26.93
N VAL D 282 -5.95 26.66 26.10
CA VAL D 282 -4.51 26.84 26.12
C VAL D 282 -4.10 27.52 27.45
N LEU D 283 -4.91 28.46 27.92
CA LEU D 283 -4.64 29.13 29.19
C LEU D 283 -4.85 28.17 30.37
N ASN D 284 -5.84 27.28 30.26
CA ASN D 284 -6.03 26.19 31.21
C ASN D 284 -4.74 25.37 31.32
N LEU D 285 -4.26 24.94 30.16
CA LEU D 285 -3.03 24.18 30.05
C LEU D 285 -1.83 24.90 30.70
N VAL D 286 -1.69 26.19 30.43
CA VAL D 286 -0.62 27.03 31.00
C VAL D 286 -0.68 27.05 32.53
N TYR D 287 -1.87 27.33 33.04
CA TYR D 287 -2.11 27.43 34.47
C TYR D 287 -1.80 26.11 35.14
N LEU D 288 -2.36 25.05 34.57
CA LEU D 288 -2.11 23.70 35.02
C LEU D 288 -0.61 23.38 35.07
N CYS D 289 0.17 23.87 34.10
CA CYS D 289 1.61 23.63 34.09
C CYS D 289 2.31 24.37 35.23
N GLU D 290 1.89 25.61 35.49
CA GLU D 290 2.46 26.42 36.55
C GLU D 290 2.17 25.79 37.89
N ALA D 291 0.95 25.29 38.04
CA ALA D 291 0.52 24.57 39.24
C ALA D 291 1.36 23.28 39.47
N LEU D 292 1.82 22.67 38.38
CA LEU D 292 2.62 21.45 38.45
C LEU D 292 4.12 21.71 38.36
N ASN D 293 4.54 22.97 38.42
CA ASN D 293 5.95 23.36 38.43
C ASN D 293 6.66 23.02 37.13
N LEU D 294 5.98 23.32 36.04
CA LEU D 294 6.51 23.18 34.71
C LEU D 294 6.40 24.55 34.04
N PRO D 295 7.22 25.51 34.51
CA PRO D 295 7.14 26.86 33.97
C PRO D 295 7.60 26.96 32.50
N GLU D 296 8.60 26.18 32.13
CA GLU D 296 9.07 26.10 30.73
C GLU D 296 7.92 25.70 29.82
N VAL D 297 7.14 24.71 30.23
CA VAL D 297 6.01 24.23 29.43
C VAL D 297 4.91 25.28 29.39
N ALA D 298 4.70 25.96 30.52
CA ALA D 298 3.73 27.06 30.60
C ALA D 298 4.07 28.17 29.60
N ARG D 299 5.32 28.57 29.58
CA ARG D 299 5.69 29.73 28.77
C ARG D 299 5.76 29.39 27.28
N TYR D 300 6.02 28.11 26.99
CA TYR D 300 5.94 27.55 25.63
C TYR D 300 4.55 27.74 25.01
N TRP D 301 3.51 27.38 25.75
CA TRP D 301 2.16 27.46 25.25
C TRP D 301 1.56 28.87 25.33
N GLN D 302 2.02 29.65 26.30
CA GLN D 302 1.61 31.05 26.44
C GLN D 302 1.87 31.83 25.15
N GLN D 303 2.97 31.51 24.46
CA GLN D 303 3.29 32.12 23.17
C GLN D 303 2.21 31.99 22.10
N VAL D 304 1.41 30.92 22.13
CA VAL D 304 0.27 30.79 21.20
C VAL D 304 -0.72 31.95 21.37
N ILE D 305 -1.03 32.28 22.62
CA ILE D 305 -1.94 33.39 22.96
C ILE D 305 -1.29 34.74 22.68
N ASP D 306 -0.05 34.92 23.11
CA ASP D 306 0.64 36.19 22.88
C ASP D 306 0.78 36.54 21.41
N MET D 307 0.98 35.53 20.56
CA MET D 307 1.05 35.74 19.12
C MET D 307 -0.32 36.13 18.57
N ASN D 308 -1.38 35.49 19.05
CA ASN D 308 -2.73 35.82 18.64
C ASN D 308 -3.16 37.24 19.07
N ASP D 309 -2.75 37.66 20.27
CA ASP D 309 -3.01 39.03 20.73
C ASP D 309 -2.21 40.06 19.91
N TYR D 310 -0.97 39.71 19.59
CA TYR D 310 -0.11 40.54 18.75
C TYR D 310 -0.68 40.73 17.33
N GLN D 311 -1.09 39.63 16.69
CA GLN D 311 -1.73 39.67 15.38
C GLN D 311 -2.95 40.62 15.34
N ARG D 312 -3.79 40.53 16.37
CA ARG D 312 -4.95 41.39 16.49
C ARG D 312 -4.56 42.85 16.66
N ARG D 313 -3.75 43.12 17.67
CA ARG D 313 -3.32 44.48 17.99
C ARG D 313 -2.67 45.14 16.78
N ARG D 314 -1.75 44.44 16.10
CA ARG D 314 -1.09 45.03 14.94
C ARG D 314 -2.01 45.26 13.73
N PHE D 315 -3.04 44.43 13.58
CA PHE D 315 -4.08 44.69 12.59
C PHE D 315 -4.87 45.96 12.93
N ALA D 316 -5.17 46.16 14.21
CA ALA D 316 -5.83 47.39 14.64
C ALA D 316 -4.97 48.64 14.42
N SER D 317 -3.67 48.55 14.71
CA SER D 317 -2.78 49.70 14.60
CA SER D 317 -2.77 49.69 14.59
C SER D 317 -2.52 50.00 13.13
N ARG D 318 -2.51 48.96 12.30
CA ARG D 318 -2.42 49.12 10.85
C ARG D 318 -3.56 49.98 10.30
N ILE D 319 -4.79 49.71 10.75
CA ILE D 319 -5.95 50.50 10.34
C ILE D 319 -5.73 51.95 10.76
N ILE D 320 -5.32 52.14 12.00
CA ILE D 320 -5.16 53.46 12.57
C ILE D 320 -4.01 54.23 11.90
N ASP D 321 -2.88 53.54 11.68
CA ASP D 321 -1.75 54.16 11.00
C ASP D 321 -2.07 54.52 9.56
N SER D 322 -2.67 53.60 8.82
CA SER D 322 -3.07 53.87 7.40
C SER D 322 -4.08 55.02 7.25
N LEU D 323 -4.99 55.16 8.21
CA LEU D 323 -5.95 56.27 8.23
C LEU D 323 -5.38 57.54 8.89
N PHE D 324 -4.15 57.89 8.47
CA PHE D 324 -3.50 59.15 8.81
C PHE D 324 -3.36 59.31 10.33
N ASN D 325 -3.20 58.17 11.02
CA ASN D 325 -2.92 58.10 12.45
C ASN D 325 -4.06 58.58 13.36
N THR D 326 -5.27 58.70 12.82
CA THR D 326 -6.43 59.11 13.62
C THR D 326 -7.74 58.60 13.01
N VAL D 327 -8.55 57.93 13.82
CA VAL D 327 -9.85 57.45 13.38
C VAL D 327 -11.01 58.03 14.21
N THR D 328 -10.72 59.04 15.04
CA THR D 328 -11.76 59.65 15.87
C THR D 328 -12.83 60.24 14.95
N ASP D 329 -14.10 59.91 15.23
CA ASP D 329 -15.26 60.33 14.43
C ASP D 329 -15.23 59.86 12.97
N LYS D 330 -14.38 58.89 12.66
CA LYS D 330 -14.37 58.32 11.32
C LYS D 330 -15.28 57.10 11.30
N LYS D 331 -16.14 57.08 10.30
CA LYS D 331 -16.99 55.92 10.02
C LYS D 331 -16.17 54.76 9.47
N ILE D 332 -16.26 53.62 10.15
CA ILE D 332 -15.58 52.42 9.74
C ILE D 332 -16.59 51.25 9.67
N ALA D 333 -16.59 50.56 8.55
CA ALA D 333 -17.44 49.41 8.36
C ALA D 333 -16.72 48.15 8.86
N ILE D 334 -17.36 47.44 9.79
CA ILE D 334 -16.90 46.13 10.26
C ILE D 334 -17.76 45.04 9.59
N LEU D 335 -17.17 44.31 8.65
CA LEU D 335 -17.86 43.23 7.95
C LEU D 335 -17.43 41.89 8.55
N GLY D 336 -18.35 41.30 9.31
CA GLY D 336 -18.12 40.02 9.97
C GLY D 336 -17.93 40.19 11.46
N PHE D 337 -18.84 39.61 12.23
CA PHE D 337 -18.76 39.65 13.68
C PHE D 337 -18.67 38.27 14.34
N ALA D 338 -19.17 37.23 13.66
CA ALA D 338 -18.96 35.85 14.12
C ALA D 338 -17.47 35.53 14.15
N PHE D 339 -17.09 34.57 15.00
CA PHE D 339 -15.69 34.18 15.16
C PHE D 339 -15.17 33.43 13.92
N LYS D 340 -16.11 32.92 13.13
CA LYS D 340 -15.80 32.22 11.89
C LYS D 340 -17.12 32.18 11.12
N LYS D 341 -17.07 31.73 9.88
CA LYS D 341 -18.27 31.64 9.09
C LYS D 341 -19.08 30.38 9.45
N ASP D 342 -20.36 30.44 9.07
CA ASP D 342 -21.34 29.36 9.27
C ASP D 342 -21.74 29.15 10.72
N THR D 343 -21.58 30.20 11.53
CA THR D 343 -22.08 30.22 12.90
C THR D 343 -22.60 31.62 13.21
N GLY D 344 -23.46 31.72 14.21
CA GLY D 344 -23.87 33.00 14.78
C GLY D 344 -23.15 33.26 16.09
N ASP D 345 -22.34 32.29 16.53
CA ASP D 345 -21.57 32.42 17.75
C ASP D 345 -20.48 33.50 17.59
N THR D 346 -20.38 34.39 18.57
CA THR D 346 -19.40 35.47 18.59
C THR D 346 -18.32 35.30 19.66
N ARG D 347 -18.36 34.19 20.40
CA ARG D 347 -17.52 34.06 21.58
C ARG D 347 -16.04 34.21 21.21
N GLU D 348 -15.38 35.18 21.86
CA GLU D 348 -13.98 35.55 21.62
C GLU D 348 -13.65 35.91 20.15
N SER D 349 -14.67 36.28 19.37
CA SER D 349 -14.45 36.69 17.98
C SER D 349 -13.42 37.81 17.94
N SER D 350 -12.48 37.73 17.01
CA SER D 350 -11.52 38.81 16.79
C SER D 350 -12.22 40.11 16.43
N SER D 351 -13.44 40.02 15.89
CA SER D 351 -14.25 41.19 15.57
C SER D 351 -14.55 42.06 16.79
N ILE D 352 -14.70 41.43 17.95
CA ILE D 352 -14.95 42.14 19.20
C ILE D 352 -13.74 42.97 19.57
N TYR D 353 -12.57 42.33 19.49
CA TYR D 353 -11.33 42.94 19.90
C TYR D 353 -10.93 44.08 18.95
N ILE D 354 -11.03 43.87 17.65
CA ILE D 354 -10.77 44.92 16.68
C ILE D 354 -11.74 46.09 16.85
N SER D 355 -13.02 45.80 17.09
CA SER D 355 -14.02 46.84 17.32
C SER D 355 -13.67 47.68 18.57
N LYS D 356 -13.36 46.99 19.66
CA LYS D 356 -13.00 47.66 20.89
C LYS D 356 -11.74 48.54 20.75
N TYR D 357 -10.74 48.07 20.02
CA TYR D 357 -9.57 48.90 19.72
C TYR D 357 -9.95 50.18 19.00
N LEU D 358 -10.82 50.05 18.01
CA LEU D 358 -11.27 51.20 17.24
C LEU D 358 -12.18 52.14 18.05
N MET D 359 -13.04 51.57 18.88
CA MET D 359 -13.87 52.34 19.81
C MET D 359 -13.04 53.12 20.84
N ASP D 360 -11.90 52.58 21.26
CA ASP D 360 -10.98 53.30 22.14
C ASP D 360 -10.45 54.58 21.48
N GLU D 361 -10.46 54.59 20.14
CA GLU D 361 -10.06 55.78 19.37
C GLU D 361 -11.19 56.77 19.11
N GLY D 362 -12.43 56.36 19.38
CA GLY D 362 -13.61 57.19 19.15
C GLY D 362 -14.12 57.11 17.72
N ALA D 363 -13.79 56.02 17.05
CA ALA D 363 -14.29 55.75 15.70
C ALA D 363 -15.78 55.37 15.74
N HIS D 364 -16.45 55.56 14.61
CA HIS D 364 -17.86 55.21 14.50
C HIS D 364 -18.01 53.94 13.71
N LEU D 365 -18.38 52.86 14.40
CA LEU D 365 -18.46 51.54 13.79
C LEU D 365 -19.85 51.25 13.29
N HIS D 366 -19.91 50.80 12.05
CA HIS D 366 -21.13 50.29 11.47
C HIS D 366 -20.86 48.83 11.15
N ILE D 367 -21.55 47.94 11.85
CA ILE D 367 -21.22 46.52 11.89
C ILE D 367 -22.28 45.75 11.13
N TYR D 368 -21.82 44.88 10.22
CA TYR D 368 -22.70 43.94 9.53
C TYR D 368 -22.21 42.48 9.70
N ASP D 369 -23.14 41.61 10.07
CA ASP D 369 -22.95 40.17 10.01
C ASP D 369 -24.27 39.53 9.52
N PRO D 370 -24.21 38.57 8.57
CA PRO D 370 -25.44 37.93 8.08
C PRO D 370 -26.14 36.96 9.04
N LYS D 371 -25.48 36.56 10.12
CA LYS D 371 -26.03 35.57 11.05
C LYS D 371 -26.13 36.03 12.50
N VAL D 372 -25.18 36.82 12.99
CA VAL D 372 -25.15 37.20 14.40
C VAL D 372 -26.31 38.15 14.70
N PRO D 373 -27.09 37.85 15.76
CA PRO D 373 -28.16 38.75 16.19
C PRO D 373 -27.63 40.10 16.66
N ARG D 374 -28.32 41.18 16.29
CA ARG D 374 -27.88 42.53 16.60
C ARG D 374 -27.75 42.75 18.09
N GLU D 375 -28.60 42.08 18.87
CA GLU D 375 -28.59 42.23 20.32
C GLU D 375 -27.28 41.70 20.91
N GLN D 376 -26.76 40.62 20.33
CA GLN D 376 -25.50 40.03 20.80
C GLN D 376 -24.29 40.92 20.52
N ILE D 377 -24.31 41.64 19.39
CA ILE D 377 -23.23 42.56 19.05
C ILE D 377 -23.20 43.71 20.07
N VAL D 378 -24.39 44.21 20.44
CA VAL D 378 -24.52 45.24 21.47
C VAL D 378 -23.98 44.78 22.83
N VAL D 379 -24.36 43.58 23.26
CA VAL D 379 -23.84 43.02 24.51
C VAL D 379 -22.31 42.82 24.46
N ASP D 380 -21.81 42.25 23.37
CA ASP D 380 -20.37 42.03 23.19
C ASP D 380 -19.51 43.30 23.27
N LEU D 381 -20.03 44.41 22.76
CA LEU D 381 -19.28 45.67 22.72
C LEU D 381 -19.55 46.56 23.93
N SER D 382 -20.42 46.11 24.85
CA SER D 382 -20.77 46.84 26.06
C SER D 382 -19.88 46.40 27.22
N HIS D 383 -19.84 47.20 28.28
CA HIS D 383 -18.96 46.94 29.43
C HIS D 383 -19.47 45.76 30.27
N ASP D 389 -24.82 50.94 27.84
CA ASP D 389 -23.45 51.41 27.66
C ASP D 389 -23.43 52.62 26.71
N ASP D 390 -22.98 53.76 27.23
CA ASP D 390 -22.98 55.02 26.47
C ASP D 390 -22.03 54.98 25.27
N GLN D 391 -20.87 54.34 25.45
CA GLN D 391 -19.87 54.22 24.39
C GLN D 391 -20.42 53.49 23.16
N VAL D 392 -21.14 52.39 23.40
CA VAL D 392 -21.81 51.66 22.32
C VAL D 392 -22.89 52.53 21.66
N SER D 393 -23.71 53.19 22.48
CA SER D 393 -24.75 54.09 21.94
C SER D 393 -24.14 55.18 21.08
N ARG D 394 -23.03 55.76 21.54
CA ARG D 394 -22.36 56.84 20.83
C ARG D 394 -21.63 56.38 19.57
N LEU D 395 -20.94 55.24 19.64
CA LEU D 395 -19.99 54.84 18.60
C LEU D 395 -20.41 53.68 17.69
N VAL D 396 -21.42 52.90 18.07
CA VAL D 396 -21.75 51.67 17.34
C VAL D 396 -23.12 51.74 16.66
N THR D 397 -23.15 51.38 15.38
CA THR D 397 -24.40 51.17 14.64
C THR D 397 -24.36 49.76 14.08
N ILE D 398 -25.47 49.02 14.22
CA ILE D 398 -25.59 47.70 13.64
C ILE D 398 -26.35 47.87 12.33
N SER D 399 -25.74 47.46 11.21
CA SER D 399 -26.32 47.68 9.90
C SER D 399 -27.12 46.46 9.46
N LYS D 400 -28.19 46.74 8.72
CA LYS D 400 -29.05 45.72 8.12
C LYS D 400 -28.38 45.08 6.90
N ASP D 401 -27.49 45.82 6.24
CA ASP D 401 -26.78 45.30 5.09
C ASP D 401 -25.40 45.98 4.93
N PRO D 402 -24.51 45.36 4.13
CA PRO D 402 -23.12 45.82 4.03
C PRO D 402 -22.96 47.18 3.35
N TYR D 403 -23.82 47.49 2.38
CA TYR D 403 -23.75 48.77 1.65
C TYR D 403 -24.10 49.96 2.55
N GLU D 404 -25.05 49.73 3.45
CA GLU D 404 -25.40 50.69 4.50
C GLU D 404 -24.18 50.95 5.41
N ALA D 405 -23.49 49.89 5.80
CA ALA D 405 -22.30 49.99 6.64
C ALA D 405 -21.12 50.71 5.95
N CYS D 406 -21.00 50.50 4.65
CA CYS D 406 -19.92 51.10 3.87
C CYS D 406 -20.24 52.51 3.36
N ASP D 407 -21.52 52.89 3.38
CA ASP D 407 -21.95 54.18 2.87
C ASP D 407 -21.37 55.30 3.74
N GLY D 408 -20.47 56.09 3.15
CA GLY D 408 -19.80 57.19 3.87
C GLY D 408 -18.63 56.78 4.77
N ALA D 409 -18.21 55.53 4.65
CA ALA D 409 -17.12 54.99 5.47
C ALA D 409 -15.76 55.37 4.87
N HIS D 410 -14.78 55.63 5.74
CA HIS D 410 -13.39 55.83 5.33
C HIS D 410 -12.77 54.47 5.01
N ALA D 411 -13.21 53.43 5.74
CA ALA D 411 -12.59 52.11 5.65
C ALA D 411 -13.60 50.99 5.81
N VAL D 412 -13.26 49.86 5.20
CA VAL D 412 -13.99 48.60 5.29
C VAL D 412 -13.05 47.56 5.87
N VAL D 413 -13.42 46.95 7.00
CA VAL D 413 -12.58 45.97 7.67
C VAL D 413 -13.33 44.63 7.70
N ILE D 414 -12.83 43.66 6.94
CA ILE D 414 -13.37 42.30 6.90
C ILE D 414 -12.74 41.46 8.00
N CYS D 415 -13.56 41.05 8.97
CA CYS D 415 -13.09 40.27 10.12
C CYS D 415 -13.53 38.82 10.12
N THR D 416 -14.55 38.47 9.32
CA THR D 416 -15.07 37.11 9.25
C THR D 416 -15.25 36.67 7.80
N GLU D 417 -14.83 35.44 7.50
CA GLU D 417 -14.69 34.96 6.11
C GLU D 417 -16.01 34.47 5.47
N TRP D 418 -17.10 35.20 5.71
CA TRP D 418 -18.37 34.93 5.02
C TRP D 418 -18.17 35.11 3.51
N ASP D 419 -18.68 34.13 2.76
CA ASP D 419 -18.56 34.06 1.29
C ASP D 419 -19.05 35.28 0.55
N MET D 420 -20.09 35.92 1.08
CA MET D 420 -20.72 37.07 0.45
C MET D 420 -19.79 38.28 0.30
N PHE D 421 -18.80 38.42 1.18
CA PHE D 421 -17.99 39.64 1.19
C PHE D 421 -17.13 39.73 -0.06
N LYS D 422 -16.62 38.59 -0.51
CA LYS D 422 -15.95 38.47 -1.81
C LYS D 422 -16.82 38.93 -2.99
N GLU D 423 -18.14 38.76 -2.86
CA GLU D 423 -19.09 38.99 -3.95
CA GLU D 423 -19.07 39.00 -3.96
C GLU D 423 -19.70 40.40 -3.93
N LEU D 424 -19.32 41.24 -2.98
CA LEU D 424 -19.90 42.59 -2.92
C LEU D 424 -19.58 43.44 -4.15
N ASP D 425 -20.41 44.45 -4.38
CA ASP D 425 -20.22 45.40 -5.47
C ASP D 425 -19.29 46.53 -5.02
N TYR D 426 -17.99 46.33 -5.18
CA TYR D 426 -17.01 47.25 -4.64
C TYR D 426 -16.91 48.55 -5.43
N GLU D 427 -17.36 48.54 -6.68
CA GLU D 427 -17.50 49.78 -7.45
C GLU D 427 -18.54 50.68 -6.81
N ARG D 428 -19.71 50.11 -6.52
CA ARG D 428 -20.77 50.81 -5.79
C ARG D 428 -20.31 51.27 -4.39
N ILE D 429 -19.63 50.38 -3.67
CA ILE D 429 -19.13 50.73 -2.34
C ILE D 429 -18.17 51.93 -2.41
N HIS D 430 -17.24 51.90 -3.36
CA HIS D 430 -16.26 52.98 -3.51
C HIS D 430 -16.90 54.36 -3.79
N LYS D 431 -17.88 54.38 -4.69
CA LYS D 431 -18.56 55.63 -5.05
C LYS D 431 -19.07 56.41 -3.83
N LYS D 432 -19.61 55.70 -2.84
CA LYS D 432 -20.21 56.35 -1.66
C LYS D 432 -19.31 56.40 -0.42
N MET D 433 -18.08 55.91 -0.53
CA MET D 433 -17.13 56.00 0.59
C MET D 433 -16.46 57.37 0.62
N LEU D 434 -15.98 57.78 1.79
CA LEU D 434 -15.13 58.96 1.87
C LEU D 434 -13.75 58.60 1.30
N LYS D 435 -13.02 59.63 0.83
CA LYS D 435 -11.79 59.44 0.08
C LYS D 435 -10.58 60.09 0.78
N PRO D 436 -9.43 59.40 0.77
CA PRO D 436 -9.19 58.07 0.16
C PRO D 436 -9.82 56.90 0.93
N ALA D 437 -10.24 55.88 0.18
CA ALA D 437 -11.00 54.75 0.70
C ALA D 437 -10.09 53.53 0.91
N PHE D 438 -10.31 52.82 2.02
CA PHE D 438 -9.45 51.72 2.42
C PHE D 438 -10.28 50.45 2.63
N ILE D 439 -9.74 49.33 2.17
CA ILE D 439 -10.21 48.00 2.59
C ILE D 439 -9.08 47.32 3.38
N PHE D 440 -9.42 46.82 4.57
CA PHE D 440 -8.50 45.98 5.34
C PHE D 440 -9.08 44.57 5.42
N ASP D 441 -8.44 43.62 4.73
CA ASP D 441 -8.87 42.21 4.69
C ASP D 441 -8.11 41.39 5.75
N GLY D 442 -8.80 41.07 6.85
CA GLY D 442 -8.24 40.25 7.91
C GLY D 442 -8.40 38.76 7.71
N ARG D 443 -8.85 38.36 6.52
CA ARG D 443 -9.21 36.96 6.25
C ARG D 443 -8.69 36.39 4.92
N ARG D 444 -7.91 37.19 4.18
CA ARG D 444 -7.44 36.82 2.84
C ARG D 444 -8.55 36.48 1.84
N VAL D 445 -9.78 36.95 2.05
CA VAL D 445 -10.88 36.54 1.16
C VAL D 445 -10.92 37.34 -0.15
N LEU D 446 -10.27 38.52 -0.21
CA LEU D 446 -10.23 39.32 -1.44
C LEU D 446 -9.01 39.09 -2.31
N ASP D 447 -8.24 38.03 -2.07
CA ASP D 447 -7.07 37.72 -2.90
C ASP D 447 -7.50 37.49 -4.33
N GLY D 448 -6.73 38.01 -5.27
CA GLY D 448 -7.08 37.90 -6.67
C GLY D 448 -7.89 39.07 -7.17
N LEU D 449 -8.54 39.81 -6.26
CA LEU D 449 -9.29 41.00 -6.63
C LEU D 449 -8.50 42.29 -6.41
N HIS D 450 -7.27 42.19 -5.89
CA HIS D 450 -6.50 43.38 -5.52
C HIS D 450 -6.32 44.39 -6.64
N ASN D 451 -6.04 43.90 -7.85
CA ASN D 451 -5.92 44.74 -9.05
C ASN D 451 -7.20 45.47 -9.40
N GLU D 452 -8.32 44.75 -9.44
CA GLU D 452 -9.60 45.37 -9.74
C GLU D 452 -9.93 46.41 -8.67
N LEU D 453 -9.74 46.04 -7.40
CA LEU D 453 -9.98 46.96 -6.29
C LEU D 453 -9.11 48.21 -6.36
N GLN D 454 -7.84 48.02 -6.69
CA GLN D 454 -6.92 49.15 -6.86
C GLN D 454 -7.31 50.04 -8.03
N THR D 455 -7.72 49.42 -9.13
CA THR D 455 -8.21 50.16 -10.30
C THR D 455 -9.43 51.00 -9.96
N ILE D 456 -10.34 50.45 -9.17
CA ILE D 456 -11.50 51.21 -8.70
C ILE D 456 -11.04 52.40 -7.86
N GLY D 457 -9.98 52.20 -7.08
CA GLY D 457 -9.34 53.29 -6.35
C GLY D 457 -9.10 53.04 -4.88
N PHE D 458 -9.31 51.80 -4.43
CA PHE D 458 -9.08 51.46 -3.04
C PHE D 458 -7.60 51.35 -2.76
N GLN D 459 -7.21 51.73 -1.54
CA GLN D 459 -6.02 51.21 -0.93
C GLN D 459 -6.46 49.90 -0.29
N ILE D 460 -5.91 48.78 -0.76
CA ILE D 460 -6.28 47.46 -0.23
C ILE D 460 -5.10 46.89 0.53
N GLU D 461 -5.37 46.38 1.74
CA GLU D 461 -4.34 45.79 2.57
C GLU D 461 -4.85 44.49 3.16
N THR D 462 -4.00 43.47 3.19
CA THR D 462 -4.33 42.22 3.83
C THR D 462 -3.13 41.69 4.59
N ILE D 463 -3.44 40.84 5.55
CA ILE D 463 -2.46 40.16 6.36
C ILE D 463 -1.57 39.25 5.51
N GLY D 464 -0.27 39.27 5.80
CA GLY D 464 0.71 38.38 5.14
C GLY D 464 1.09 38.79 3.73
N LYS D 465 0.81 40.04 3.36
CA LYS D 465 1.12 40.57 2.05
C LYS D 465 1.70 41.97 2.24
N LYS D 466 2.87 42.21 1.66
CA LYS D 466 3.55 43.50 1.80
C LYS D 466 2.74 44.55 1.01
N VAL D 467 2.70 45.76 1.55
CA VAL D 467 1.90 46.84 0.94
C VAL D 467 2.71 47.56 -0.14
N MET E 2 86.30 -0.52 -39.51
CA MET E 2 86.69 -0.87 -38.11
C MET E 2 88.16 -1.25 -38.05
N PHE E 3 88.90 -0.60 -37.15
CA PHE E 3 90.34 -0.83 -37.00
C PHE E 3 90.67 -2.22 -36.42
N GLU E 4 91.54 -2.97 -37.12
CA GLU E 4 92.02 -4.26 -36.63
C GLU E 4 93.43 -4.18 -36.01
N ILE E 5 93.50 -4.55 -34.74
CA ILE E 5 94.75 -4.70 -34.00
C ILE E 5 95.37 -6.02 -34.45
N LYS E 6 96.58 -5.93 -35.01
CA LYS E 6 97.31 -7.13 -35.45
C LYS E 6 98.69 -7.28 -34.79
N LYS E 7 99.16 -6.24 -34.11
CA LYS E 7 100.39 -6.35 -33.30
C LYS E 7 100.20 -5.73 -31.93
N ILE E 8 100.40 -6.55 -30.91
CA ILE E 8 100.32 -6.13 -29.52
C ILE E 8 101.71 -6.17 -28.90
N CYS E 9 102.03 -5.12 -28.16
CA CYS E 9 103.23 -5.08 -27.33
C CYS E 9 102.78 -4.89 -25.88
N CYS E 10 103.30 -5.73 -24.99
CA CYS E 10 103.05 -5.58 -23.55
C CYS E 10 104.36 -5.23 -22.85
N ILE E 11 104.41 -4.03 -22.27
CA ILE E 11 105.55 -3.57 -21.47
C ILE E 11 105.35 -4.06 -20.02
N GLY E 12 106.18 -5.02 -19.63
CA GLY E 12 105.98 -5.73 -18.35
C GLY E 12 105.65 -7.20 -18.57
N ALA E 13 106.68 -8.04 -18.44
CA ALA E 13 106.55 -9.50 -18.53
C ALA E 13 106.44 -10.14 -17.13
N GLY E 14 105.58 -9.58 -16.29
CA GLY E 14 105.36 -10.10 -14.94
C GLY E 14 104.16 -11.02 -14.81
N TYR E 15 103.62 -11.07 -13.59
CA TYR E 15 102.50 -11.93 -13.23
C TYR E 15 101.20 -11.61 -14.00
N VAL E 16 100.96 -10.33 -14.28
CA VAL E 16 99.76 -9.94 -15.04
C VAL E 16 100.04 -10.03 -16.55
N GLY E 17 101.09 -9.37 -17.00
CA GLY E 17 101.34 -9.21 -18.45
C GLY E 17 101.69 -10.47 -19.20
N GLY E 18 102.52 -11.31 -18.58
CA GLY E 18 102.94 -12.57 -19.18
C GLY E 18 101.78 -13.49 -19.49
N PRO E 19 101.01 -13.89 -18.47
CA PRO E 19 99.86 -14.76 -18.70
C PRO E 19 98.74 -14.16 -19.55
N THR E 20 98.41 -12.89 -19.33
CA THR E 20 97.35 -12.22 -20.09
C THR E 20 97.64 -12.27 -21.57
N CYS E 21 98.88 -11.94 -21.93
CA CYS E 21 99.29 -11.87 -23.32
C CYS E 21 99.42 -13.23 -23.95
N SER E 22 99.84 -14.22 -23.17
CA SER E 22 99.90 -15.62 -23.63
C SER E 22 98.54 -16.15 -23.99
N VAL E 23 97.54 -15.85 -23.17
CA VAL E 23 96.16 -16.23 -23.47
C VAL E 23 95.65 -15.50 -24.73
N ILE E 24 95.92 -14.19 -24.84
CA ILE E 24 95.54 -13.43 -26.04
C ILE E 24 96.17 -14.07 -27.29
N ALA E 25 97.47 -14.40 -27.26
CA ALA E 25 98.13 -15.04 -28.41
C ALA E 25 97.49 -16.39 -28.76
N HIS E 26 97.23 -17.17 -27.72
CA HIS E 26 96.59 -18.47 -27.84
C HIS E 26 95.19 -18.37 -28.43
N MET E 27 94.44 -17.33 -28.04
CA MET E 27 93.05 -17.17 -28.53
C MET E 27 92.94 -16.41 -29.85
N CYS E 28 94.02 -15.72 -30.24
CA CYS E 28 94.01 -14.88 -31.43
C CYS E 28 95.22 -15.16 -32.30
N PRO E 29 95.19 -16.25 -33.10
CA PRO E 29 96.37 -16.64 -33.91
C PRO E 29 96.82 -15.60 -34.94
N GLU E 30 95.92 -14.72 -35.32
CA GLU E 30 96.18 -13.71 -36.33
C GLU E 30 96.75 -12.40 -35.76
N ILE E 31 97.00 -12.37 -34.44
CA ILE E 31 97.64 -11.24 -33.76
C ILE E 31 99.02 -11.65 -33.25
N ARG E 32 100.04 -10.86 -33.60
CA ARG E 32 101.39 -11.05 -33.06
C ARG E 32 101.49 -10.32 -31.71
N VAL E 33 101.86 -11.08 -30.68
CA VAL E 33 101.86 -10.61 -29.30
C VAL E 33 103.29 -10.70 -28.77
N THR E 34 103.87 -9.53 -28.48
CA THR E 34 105.26 -9.45 -28.04
C THR E 34 105.29 -8.84 -26.63
N VAL E 35 105.71 -9.66 -25.68
CA VAL E 35 105.83 -9.23 -24.29
C VAL E 35 107.28 -8.82 -24.07
N VAL E 36 107.46 -7.59 -23.58
CA VAL E 36 108.80 -7.03 -23.37
C VAL E 36 109.03 -6.60 -21.92
N ASP E 37 110.29 -6.55 -21.54
CA ASP E 37 110.69 -6.22 -20.18
C ASP E 37 112.17 -5.82 -20.17
N VAL E 38 112.54 -4.94 -19.24
CA VAL E 38 113.94 -4.57 -19.05
C VAL E 38 114.72 -5.71 -18.38
N ASN E 39 114.02 -6.55 -17.62
CA ASN E 39 114.64 -7.66 -16.91
C ASN E 39 114.97 -8.79 -17.86
N GLU E 40 116.25 -8.88 -18.21
CA GLU E 40 116.71 -9.76 -19.28
C GLU E 40 116.58 -11.22 -18.92
N SER E 41 116.91 -11.55 -17.67
CA SER E 41 116.82 -12.92 -17.19
C SER E 41 115.37 -13.38 -17.11
N ARG E 42 114.47 -12.48 -16.74
CA ARG E 42 113.04 -12.76 -16.75
C ARG E 42 112.58 -13.12 -18.17
N ILE E 43 112.90 -12.26 -19.14
CA ILE E 43 112.53 -12.52 -20.55
C ILE E 43 113.10 -13.85 -21.04
N ASN E 44 114.38 -14.10 -20.74
CA ASN E 44 115.06 -15.33 -21.16
C ASN E 44 114.42 -16.56 -20.53
N ALA E 45 113.90 -16.40 -19.31
CA ALA E 45 113.14 -17.45 -18.60
C ALA E 45 111.78 -17.75 -19.23
N TRP E 46 111.11 -16.70 -19.72
CA TRP E 46 109.84 -16.87 -20.46
C TRP E 46 110.04 -17.72 -21.73
N ASN E 47 111.23 -17.68 -22.31
CA ASN E 47 111.58 -18.53 -23.44
C ASN E 47 112.23 -19.84 -23.05
N SER E 48 112.32 -20.13 -21.75
CA SER E 48 112.96 -21.34 -21.24
C SER E 48 111.94 -22.46 -20.92
N PRO E 49 112.43 -23.70 -20.68
CA PRO E 49 111.57 -24.77 -20.21
C PRO E 49 110.92 -24.56 -18.84
N THR E 50 111.40 -23.59 -18.06
CA THR E 50 110.84 -23.27 -16.75
C THR E 50 110.49 -21.78 -16.70
N LEU E 51 109.20 -21.48 -16.75
CA LEU E 51 108.73 -20.10 -16.83
C LEU E 51 108.96 -19.37 -15.50
N PRO E 52 109.12 -18.04 -15.56
CA PRO E 52 109.41 -17.27 -14.36
C PRO E 52 108.18 -17.02 -13.45
N ILE E 53 106.99 -17.38 -13.93
CA ILE E 53 105.75 -17.33 -13.18
C ILE E 53 105.19 -18.75 -13.19
N TYR E 54 104.91 -19.32 -12.02
CA TYR E 54 104.14 -20.57 -11.97
C TYR E 54 102.64 -20.28 -11.83
N GLU E 55 101.89 -20.62 -12.87
CA GLU E 55 100.43 -20.66 -12.83
C GLU E 55 100.02 -21.97 -13.52
N PRO E 56 99.10 -22.75 -12.90
CA PRO E 56 98.58 -23.94 -13.60
C PRO E 56 98.03 -23.59 -14.98
N GLY E 57 98.35 -24.42 -15.98
CA GLY E 57 97.93 -24.19 -17.37
C GLY E 57 98.82 -23.26 -18.18
N LEU E 58 99.61 -22.41 -17.52
CA LEU E 58 100.35 -21.36 -18.24
C LEU E 58 101.39 -21.96 -19.19
N LYS E 59 102.09 -22.97 -18.73
CA LYS E 59 103.15 -23.58 -19.52
C LYS E 59 102.60 -24.08 -20.85
N GLU E 60 101.46 -24.78 -20.79
CA GLU E 60 100.79 -25.28 -21.96
C GLU E 60 100.33 -24.15 -22.90
N VAL E 61 99.73 -23.10 -22.35
CA VAL E 61 99.30 -21.96 -23.19
C VAL E 61 100.53 -21.34 -23.88
N VAL E 62 101.56 -21.00 -23.11
CA VAL E 62 102.76 -20.41 -23.69
C VAL E 62 103.38 -21.28 -24.78
N GLU E 63 103.54 -22.57 -24.48
CA GLU E 63 104.21 -23.46 -25.42
C GLU E 63 103.38 -23.69 -26.68
N SER E 64 102.08 -23.49 -26.61
CA SER E 64 101.22 -23.66 -27.78
C SER E 64 101.40 -22.57 -28.83
N CYS E 65 101.94 -21.41 -28.45
CA CYS E 65 102.05 -20.31 -29.42
C CYS E 65 103.35 -19.50 -29.39
N ARG E 66 104.21 -19.72 -28.39
CA ARG E 66 105.52 -19.09 -28.35
C ARG E 66 106.31 -19.39 -29.63
N GLY E 67 106.90 -18.34 -30.20
CA GLY E 67 107.62 -18.48 -31.46
C GLY E 67 106.72 -18.54 -32.68
N LYS E 68 105.41 -18.67 -32.49
CA LYS E 68 104.46 -18.53 -33.62
C LYS E 68 103.92 -17.12 -33.67
N ASN E 69 103.07 -16.78 -32.70
CA ASN E 69 102.56 -15.43 -32.55
C ASN E 69 102.74 -14.83 -31.16
N LEU E 70 103.50 -15.54 -30.31
CA LEU E 70 103.81 -15.07 -28.96
C LEU E 70 105.33 -14.98 -28.83
N PHE E 71 105.81 -13.79 -28.43
CA PHE E 71 107.23 -13.50 -28.36
C PHE E 71 107.55 -12.79 -27.06
N PHE E 72 108.74 -13.08 -26.53
CA PHE E 72 109.25 -12.44 -25.31
C PHE E 72 110.61 -11.83 -25.65
N SER E 73 110.77 -10.53 -25.40
CA SER E 73 111.97 -9.82 -25.81
C SER E 73 112.36 -8.64 -24.92
N THR E 74 113.65 -8.31 -24.89
CA THR E 74 114.12 -7.09 -24.22
C THR E 74 114.27 -5.94 -25.22
N ASN E 75 113.96 -6.21 -26.49
CA ASN E 75 113.91 -5.16 -27.51
C ASN E 75 112.54 -4.46 -27.41
N ILE E 76 112.46 -3.57 -26.43
CA ILE E 76 111.25 -2.82 -26.10
C ILE E 76 110.91 -1.80 -27.19
N ASP E 77 111.93 -1.12 -27.72
CA ASP E 77 111.70 -0.03 -28.67
C ASP E 77 111.06 -0.50 -29.97
N ASP E 78 111.52 -1.62 -30.50
CA ASP E 78 110.98 -2.14 -31.75
C ASP E 78 109.57 -2.70 -31.58
N ALA E 79 109.28 -3.28 -30.41
CA ALA E 79 107.97 -3.83 -30.14
C ALA E 79 106.93 -2.70 -30.03
N ILE E 80 107.31 -1.59 -29.40
CA ILE E 80 106.45 -0.40 -29.38
C ILE E 80 106.28 0.15 -30.79
N LYS E 81 107.40 0.29 -31.50
CA LYS E 81 107.40 0.92 -32.80
C LYS E 81 106.42 0.23 -33.78
N GLU E 82 106.35 -1.10 -33.71
CA GLU E 82 105.51 -1.91 -34.59
C GLU E 82 104.06 -2.12 -34.12
N ALA E 83 103.77 -1.79 -32.86
CA ALA E 83 102.51 -2.18 -32.23
C ALA E 83 101.35 -1.29 -32.62
N ASP E 84 100.18 -1.91 -32.77
CA ASP E 84 98.89 -1.21 -32.83
C ASP E 84 98.38 -0.87 -31.42
N LEU E 85 98.62 -1.81 -30.51
CA LEU E 85 98.19 -1.74 -29.13
C LEU E 85 99.39 -2.01 -28.22
N VAL E 86 99.64 -1.08 -27.30
CA VAL E 86 100.66 -1.24 -26.28
C VAL E 86 99.98 -1.35 -24.91
N PHE E 87 100.13 -2.50 -24.25
CA PHE E 87 99.74 -2.63 -22.85
C PHE E 87 100.86 -2.07 -21.98
N ILE E 88 100.48 -1.29 -20.97
CA ILE E 88 101.40 -0.93 -19.89
C ILE E 88 101.00 -1.85 -18.74
N SER E 89 101.86 -2.82 -18.44
CA SER E 89 101.59 -3.84 -17.43
C SER E 89 102.76 -3.93 -16.44
N VAL E 90 103.27 -2.77 -16.06
CA VAL E 90 104.41 -2.70 -15.16
C VAL E 90 103.87 -2.60 -13.75
N ASN E 91 104.72 -2.82 -12.76
CA ASN E 91 104.29 -2.79 -11.36
C ASN E 91 104.04 -1.35 -10.87
N THR E 92 103.10 -1.20 -9.94
CA THR E 92 102.86 0.06 -9.25
C THR E 92 102.98 -0.24 -7.76
N PRO E 93 104.22 -0.28 -7.24
CA PRO E 93 104.45 -0.68 -5.87
C PRO E 93 104.06 0.41 -4.90
N THR E 94 103.78 0.04 -3.65
CA THR E 94 103.44 1.04 -2.64
C THR E 94 104.67 1.91 -2.35
N LYS E 95 104.46 3.22 -2.27
CA LYS E 95 105.53 4.14 -1.90
C LYS E 95 106.01 3.75 -0.51
N THR E 96 107.31 3.50 -0.38
CA THR E 96 107.91 3.22 0.93
C THR E 96 108.55 4.48 1.52
N TYR E 97 108.04 5.65 1.15
CA TYR E 97 108.71 6.93 1.40
C TYR E 97 107.81 8.11 1.06
N GLY E 98 108.11 9.27 1.65
CA GLY E 98 107.50 10.54 1.25
C GLY E 98 105.99 10.63 1.43
N MET E 99 105.36 11.45 0.59
CA MET E 99 103.90 11.60 0.52
C MET E 99 103.23 10.25 0.28
N GLY E 100 102.28 9.91 1.16
CA GLY E 100 101.50 8.68 1.04
C GLY E 100 102.30 7.42 1.32
N LYS E 101 103.38 7.56 2.08
CA LYS E 101 104.22 6.42 2.50
C LYS E 101 103.36 5.29 3.07
N GLY E 102 103.59 4.08 2.57
CA GLY E 102 102.86 2.90 3.01
C GLY E 102 101.46 2.72 2.42
N ARG E 103 100.98 3.69 1.64
CA ARG E 103 99.60 3.67 1.15
C ARG E 103 99.40 4.11 -0.30
N ALA E 104 100.09 5.17 -0.72
CA ALA E 104 100.08 5.63 -2.11
C ALA E 104 100.84 4.66 -3.04
N ALA E 105 100.39 4.54 -4.28
CA ALA E 105 101.12 3.78 -5.31
C ALA E 105 102.22 4.64 -5.95
N ASP E 106 103.34 4.02 -6.27
CA ASP E 106 104.44 4.69 -6.94
C ASP E 106 104.22 4.53 -8.44
N LEU E 107 104.11 5.67 -9.13
CA LEU E 107 103.88 5.70 -10.58
C LEU E 107 105.15 5.81 -11.41
N LYS E 108 106.31 5.66 -10.80
CA LYS E 108 107.55 5.88 -11.52
C LYS E 108 107.70 4.99 -12.76
N TYR E 109 107.24 3.74 -12.66
CA TYR E 109 107.37 2.80 -13.80
C TYR E 109 106.35 3.10 -14.88
N ILE E 110 105.09 3.36 -14.49
CA ILE E 110 104.07 3.78 -15.46
C ILE E 110 104.56 5.00 -16.26
N GLU E 111 105.13 5.97 -15.57
CA GLU E 111 105.59 7.20 -16.23
C GLU E 111 106.74 6.92 -17.21
N ALA E 112 107.72 6.14 -16.79
CA ALA E 112 108.81 5.73 -17.66
C ALA E 112 108.31 5.05 -18.92
N CYS E 113 107.33 4.15 -18.76
CA CYS E 113 106.72 3.47 -19.91
C CYS E 113 106.16 4.48 -20.87
N ALA E 114 105.30 5.36 -20.34
CA ALA E 114 104.63 6.40 -21.12
C ALA E 114 105.63 7.25 -21.88
N ARG E 115 106.66 7.70 -21.19
CA ARG E 115 107.71 8.49 -21.82
C ARG E 115 108.40 7.73 -22.95
N ARG E 116 108.62 6.45 -22.75
CA ARG E 116 109.26 5.62 -23.77
C ARG E 116 108.33 5.33 -24.95
N ILE E 117 107.05 5.11 -24.67
CA ILE E 117 106.06 4.90 -25.71
C ILE E 117 106.02 6.07 -26.66
N VAL E 118 105.89 7.28 -26.12
CA VAL E 118 105.76 8.46 -26.97
C VAL E 118 107.07 8.70 -27.74
N GLN E 119 108.19 8.39 -27.10
CA GLN E 119 109.50 8.52 -27.71
C GLN E 119 109.64 7.62 -28.94
N ASN E 120 109.09 6.40 -28.86
CA ASN E 120 109.26 5.39 -29.89
C ASN E 120 108.04 5.22 -30.80
N SER E 121 107.11 6.16 -30.77
CA SER E 121 105.87 6.01 -31.51
C SER E 121 105.72 7.06 -32.61
N ASN E 122 105.17 6.61 -33.73
CA ASN E 122 104.67 7.47 -34.79
C ASN E 122 103.29 6.97 -35.20
N GLY E 123 102.46 7.88 -35.69
CA GLY E 123 101.13 7.52 -36.17
C GLY E 123 100.19 7.08 -35.07
N TYR E 124 99.31 6.15 -35.43
CA TYR E 124 98.24 5.70 -34.53
C TYR E 124 98.63 4.48 -33.67
N LYS E 125 98.37 4.60 -32.37
CA LYS E 125 98.44 3.46 -31.42
C LYS E 125 97.43 3.57 -30.28
N ILE E 126 97.04 2.41 -29.74
CA ILE E 126 96.17 2.31 -28.59
C ILE E 126 97.02 1.91 -27.39
N VAL E 127 97.06 2.77 -26.37
CA VAL E 127 97.85 2.55 -25.15
C VAL E 127 96.91 2.27 -23.99
N THR E 128 97.06 1.09 -23.40
CA THR E 128 96.08 0.53 -22.49
C THR E 128 96.75 0.22 -21.15
N GLU E 129 96.21 0.80 -20.08
CA GLU E 129 96.66 0.48 -18.73
C GLU E 129 96.11 -0.89 -18.36
N LYS E 130 97.00 -1.87 -18.22
CA LYS E 130 96.64 -3.21 -17.79
C LYS E 130 96.93 -3.33 -16.29
N SER E 131 97.83 -2.48 -15.79
CA SER E 131 98.24 -2.43 -14.38
C SER E 131 97.14 -1.89 -13.49
N THR E 132 97.10 -2.39 -12.24
CA THR E 132 96.29 -1.73 -11.21
C THR E 132 96.94 -0.39 -10.94
N VAL E 133 96.17 0.67 -11.14
CA VAL E 133 96.66 2.03 -11.07
C VAL E 133 95.74 2.86 -10.19
N PRO E 134 96.27 3.95 -9.58
CA PRO E 134 95.38 4.92 -8.93
C PRO E 134 94.48 5.64 -9.93
N VAL E 135 93.32 6.07 -9.47
CA VAL E 135 92.32 6.71 -10.34
C VAL E 135 92.90 8.00 -10.90
N ARG E 136 92.72 8.21 -12.21
CA ARG E 136 93.30 9.34 -12.96
C ARG E 136 94.78 9.21 -13.35
N ALA E 137 95.40 8.06 -13.08
CA ALA E 137 96.65 7.68 -13.72
C ALA E 137 96.59 7.90 -15.24
N ALA E 138 95.49 7.48 -15.87
CA ALA E 138 95.31 7.66 -17.32
C ALA E 138 95.49 9.13 -17.72
N GLU E 139 95.00 10.06 -16.90
CA GLU E 139 95.15 11.48 -17.18
C GLU E 139 96.62 11.89 -17.32
N SER E 140 97.47 11.35 -16.46
CA SER E 140 98.90 11.69 -16.49
C SER E 140 99.58 11.19 -17.76
N ILE E 141 99.25 9.96 -18.15
CA ILE E 141 99.71 9.40 -19.42
C ILE E 141 99.29 10.29 -20.59
N ARG E 142 98.03 10.73 -20.62
CA ARG E 142 97.59 11.66 -21.68
C ARG E 142 98.38 12.96 -21.70
N ARG E 143 98.67 13.48 -20.50
CA ARG E 143 99.43 14.72 -20.36
C ARG E 143 100.88 14.59 -20.83
N ILE E 144 101.51 13.45 -20.51
CA ILE E 144 102.83 13.17 -21.01
C ILE E 144 102.80 13.08 -22.55
N PHE E 145 101.79 12.38 -23.08
CA PHE E 145 101.64 12.28 -24.52
C PHE E 145 101.37 13.64 -25.19
N ASP E 146 100.45 14.44 -24.63
CA ASP E 146 100.15 15.77 -25.19
C ASP E 146 101.39 16.68 -25.20
N ALA E 147 102.09 16.74 -24.07
CA ALA E 147 103.30 17.56 -23.92
C ALA E 147 104.43 17.12 -24.87
N ASN E 148 104.38 15.88 -25.37
CA ASN E 148 105.43 15.33 -26.23
C ASN E 148 104.95 14.88 -27.61
N THR E 149 103.91 15.52 -28.12
CA THR E 149 103.33 15.13 -29.40
C THR E 149 104.24 15.47 -30.59
N LYS E 150 103.94 14.81 -31.71
CA LYS E 150 104.63 14.96 -32.97
C LYS E 150 103.54 15.07 -34.04
N PRO E 151 103.93 15.47 -35.26
CA PRO E 151 102.95 15.45 -36.35
C PRO E 151 102.43 14.04 -36.64
N ASN E 152 101.11 13.91 -36.73
CA ASN E 152 100.44 12.64 -37.02
C ASN E 152 100.44 11.58 -35.91
N LEU E 153 101.01 11.90 -34.74
CA LEU E 153 100.98 11.01 -33.60
C LEU E 153 99.58 11.01 -33.02
N ASN E 154 98.93 9.84 -33.00
CA ASN E 154 97.61 9.72 -32.40
C ASN E 154 97.58 8.55 -31.41
N LEU E 155 97.84 8.87 -30.15
CA LEU E 155 97.88 7.88 -29.07
C LEU E 155 96.61 7.97 -28.22
N GLN E 156 95.82 6.91 -28.26
CA GLN E 156 94.56 6.84 -27.54
C GLN E 156 94.76 6.01 -26.27
N VAL E 157 94.41 6.60 -25.13
CA VAL E 157 94.61 5.94 -23.83
C VAL E 157 93.33 5.26 -23.32
N LEU E 158 93.46 3.96 -23.02
CA LEU E 158 92.38 3.15 -22.48
C LEU E 158 92.81 2.59 -21.14
N SER E 159 91.82 2.19 -20.32
CA SER E 159 92.04 1.39 -19.13
C SER E 159 91.44 -0.02 -19.31
N ASN E 160 92.17 -1.04 -18.90
CA ASN E 160 91.74 -2.43 -19.03
C ASN E 160 92.30 -3.24 -17.84
N PRO E 161 91.68 -3.08 -16.67
CA PRO E 161 92.18 -3.72 -15.46
C PRO E 161 92.21 -5.26 -15.47
N GLU E 162 93.06 -5.80 -14.61
CA GLU E 162 93.26 -7.23 -14.46
C GLU E 162 92.41 -7.70 -13.28
N PHE E 163 91.78 -8.85 -13.45
CA PHE E 163 91.01 -9.52 -12.40
C PHE E 163 91.46 -10.98 -12.25
N LEU E 164 92.78 -11.19 -12.14
CA LEU E 164 93.33 -12.53 -11.92
C LEU E 164 93.40 -12.86 -10.43
N ALA E 165 92.97 -14.05 -10.07
CA ALA E 165 93.21 -14.56 -8.73
C ALA E 165 94.40 -15.51 -8.82
N GLU E 166 95.28 -15.40 -7.83
CA GLU E 166 96.47 -16.24 -7.72
C GLU E 166 96.08 -17.72 -7.64
N GLY E 167 96.75 -18.53 -8.47
CA GLY E 167 96.45 -19.95 -8.58
C GLY E 167 95.42 -20.32 -9.65
N THR E 168 94.63 -19.33 -10.10
CA THR E 168 93.58 -19.57 -11.09
C THR E 168 93.63 -18.61 -12.28
N ALA E 169 94.79 -17.98 -12.50
CA ALA E 169 94.96 -16.95 -13.52
C ALA E 169 94.50 -17.40 -14.91
N ILE E 170 94.90 -18.59 -15.33
CA ILE E 170 94.55 -19.07 -16.67
C ILE E 170 93.04 -19.29 -16.82
N LYS E 171 92.41 -19.96 -15.87
CA LYS E 171 90.96 -20.15 -15.93
C LYS E 171 90.22 -18.80 -15.87
N ASP E 172 90.74 -17.88 -15.06
CA ASP E 172 90.18 -16.54 -14.94
C ASP E 172 90.31 -15.78 -16.26
N LEU E 173 91.46 -15.91 -16.92
CA LEU E 173 91.67 -15.32 -18.24
C LEU E 173 90.79 -15.93 -19.37
N LYS E 174 90.58 -17.24 -19.33
CA LYS E 174 89.79 -17.91 -20.37
C LYS E 174 88.28 -17.80 -20.20
N ASN E 175 87.83 -17.60 -18.96
CA ASN E 175 86.41 -17.57 -18.65
C ASN E 175 86.12 -16.49 -17.60
N PRO E 176 86.42 -15.22 -17.94
CA PRO E 176 86.27 -14.15 -16.98
C PRO E 176 84.81 -13.81 -16.72
N ASP E 177 84.50 -13.47 -15.47
CA ASP E 177 83.19 -12.93 -15.11
C ASP E 177 82.90 -11.71 -15.95
N ARG E 178 83.89 -10.84 -16.11
CA ARG E 178 83.79 -9.78 -17.12
C ARG E 178 85.14 -9.28 -17.58
N VAL E 179 85.11 -8.62 -18.73
CA VAL E 179 86.24 -7.83 -19.21
C VAL E 179 85.83 -6.37 -19.12
N LEU E 180 86.71 -5.57 -18.52
CA LEU E 180 86.45 -4.17 -18.25
C LEU E 180 87.39 -3.30 -19.10
N ILE E 181 86.79 -2.43 -19.92
CA ILE E 181 87.54 -1.50 -20.76
C ILE E 181 86.96 -0.10 -20.58
N GLY E 182 87.82 0.85 -20.19
CA GLY E 182 87.47 2.26 -20.15
C GLY E 182 88.18 3.11 -21.19
N GLY E 183 87.45 4.06 -21.76
CA GLY E 183 88.02 5.05 -22.66
C GLY E 183 87.13 6.28 -22.61
N ASP E 184 87.54 7.35 -23.28
CA ASP E 184 86.69 8.54 -23.28
C ASP E 184 85.59 8.43 -24.32
N GLU E 185 84.57 9.27 -24.14
CA GLU E 185 83.35 9.23 -24.96
C GLU E 185 83.52 9.87 -26.33
N THR E 186 84.73 10.26 -26.69
CA THR E 186 85.00 10.83 -28.02
C THR E 186 84.94 9.74 -29.11
N PRO E 187 84.68 10.13 -30.36
CA PRO E 187 84.72 9.18 -31.48
C PRO E 187 86.03 8.37 -31.55
N GLU E 188 87.15 9.03 -31.26
CA GLU E 188 88.45 8.36 -31.24
C GLU E 188 88.60 7.37 -30.08
N GLY E 189 88.17 7.77 -28.90
CA GLY E 189 88.23 6.91 -27.73
C GLY E 189 87.35 5.69 -27.90
N GLN E 190 86.21 5.88 -28.55
CA GLN E 190 85.26 4.81 -28.76
C GLN E 190 85.69 3.83 -29.84
N ARG E 191 86.36 4.33 -30.88
CA ARG E 191 86.99 3.45 -31.87
C ARG E 191 88.11 2.61 -31.27
N ALA E 192 88.88 3.21 -30.37
CA ALA E 192 89.94 2.51 -29.67
C ALA E 192 89.35 1.41 -28.77
N VAL E 193 88.32 1.75 -28.00
CA VAL E 193 87.64 0.80 -27.11
C VAL E 193 87.13 -0.39 -27.94
N GLN E 194 86.44 -0.10 -29.03
CA GLN E 194 85.88 -1.12 -29.93
C GLN E 194 86.96 -2.06 -30.48
N ALA E 195 88.11 -1.50 -30.83
CA ALA E 195 89.25 -2.29 -31.36
C ALA E 195 89.78 -3.31 -30.34
N LEU E 196 89.86 -2.90 -29.08
CA LEU E 196 90.24 -3.82 -28.00
C LEU E 196 89.13 -4.83 -27.69
N CYS E 197 87.85 -4.42 -27.73
CA CYS E 197 86.74 -5.36 -27.57
C CYS E 197 86.81 -6.50 -28.57
N ALA E 198 87.07 -6.15 -29.82
CA ALA E 198 87.23 -7.11 -30.91
C ALA E 198 88.27 -8.18 -30.58
N VAL E 199 89.33 -7.80 -29.87
CA VAL E 199 90.36 -8.75 -29.46
C VAL E 199 89.75 -9.75 -28.48
N TYR E 200 89.19 -9.24 -27.38
CA TYR E 200 88.58 -10.12 -26.37
C TYR E 200 87.42 -10.94 -26.93
N GLU E 201 86.68 -10.36 -27.87
CA GLU E 201 85.57 -11.08 -28.50
C GLU E 201 85.98 -12.35 -29.23
N HIS E 202 87.28 -12.58 -29.43
CA HIS E 202 87.73 -13.88 -29.94
C HIS E 202 87.39 -15.02 -28.98
N TRP E 203 87.25 -14.74 -27.67
CA TRP E 203 86.89 -15.81 -26.72
C TRP E 203 85.97 -15.44 -25.56
N VAL E 204 85.68 -14.15 -25.40
CA VAL E 204 84.79 -13.65 -24.38
C VAL E 204 83.50 -13.18 -25.04
N PRO E 205 82.34 -13.71 -24.59
CA PRO E 205 81.05 -13.25 -25.11
C PRO E 205 80.90 -11.74 -24.97
N ARG E 206 80.29 -11.10 -25.97
CA ARG E 206 80.19 -9.64 -25.94
C ARG E 206 79.46 -9.17 -24.66
N GLU E 207 78.47 -9.93 -24.21
CA GLU E 207 77.70 -9.56 -23.00
C GLU E 207 78.54 -9.51 -21.72
N LYS E 208 79.69 -10.18 -21.70
CA LYS E 208 80.57 -10.14 -20.54
C LYS E 208 81.74 -9.15 -20.77
N ILE E 209 81.62 -8.29 -21.79
CA ILE E 209 82.60 -7.21 -21.99
C ILE E 209 81.93 -5.88 -21.64
N LEU E 210 82.47 -5.16 -20.65
CA LEU E 210 81.85 -3.94 -20.15
C LEU E 210 82.72 -2.74 -20.48
N THR E 211 82.13 -1.77 -21.16
CA THR E 211 82.85 -0.56 -21.51
C THR E 211 82.30 0.61 -20.70
N THR E 212 83.22 1.37 -20.11
CA THR E 212 82.88 2.50 -19.24
C THR E 212 83.77 3.69 -19.64
N ASN E 213 83.64 4.81 -18.96
CA ASN E 213 84.67 5.85 -19.07
C ASN E 213 85.94 5.38 -18.36
N THR E 214 87.04 6.06 -18.65
CA THR E 214 88.35 5.66 -18.16
C THR E 214 88.43 5.68 -16.66
N TRP E 215 87.88 6.72 -16.05
CA TRP E 215 87.92 6.89 -14.59
C TRP E 215 87.06 5.83 -13.89
N SER E 216 85.91 5.49 -14.46
CA SER E 216 85.08 4.44 -13.89
C SER E 216 85.82 3.11 -13.88
N SER E 217 86.55 2.84 -14.96
CA SER E 217 87.33 1.61 -15.09
C SER E 217 88.43 1.50 -14.03
N GLU E 218 89.25 2.54 -13.90
CA GLU E 218 90.30 2.57 -12.87
C GLU E 218 89.72 2.42 -11.45
N LEU E 219 88.63 3.13 -11.17
CA LEU E 219 88.02 3.09 -9.83
C LEU E 219 87.40 1.71 -9.51
N SER E 220 86.77 1.10 -10.51
CA SER E 220 86.09 -0.19 -10.39
C SER E 220 87.01 -1.31 -9.87
N LYS E 221 88.25 -1.33 -10.35
CA LYS E 221 89.20 -2.33 -9.89
C LYS E 221 89.49 -2.25 -8.38
N LEU E 222 89.73 -1.04 -7.86
CA LEU E 222 90.10 -0.87 -6.46
C LEU E 222 88.87 -1.11 -5.61
N ALA E 223 87.73 -0.63 -6.11
CA ALA E 223 86.47 -0.77 -5.43
C ALA E 223 86.02 -2.25 -5.41
N ALA E 224 86.27 -2.99 -6.50
CA ALA E 224 85.94 -4.41 -6.51
C ALA E 224 86.66 -5.14 -5.38
N ASN E 225 87.97 -4.93 -5.26
CA ASN E 225 88.75 -5.60 -4.19
C ASN E 225 88.31 -5.18 -2.79
N ALA E 226 87.98 -3.89 -2.63
CA ALA E 226 87.49 -3.34 -1.37
C ALA E 226 86.14 -3.96 -0.95
N PHE E 227 85.22 -4.14 -1.89
CA PHE E 227 83.94 -4.84 -1.64
C PHE E 227 84.23 -6.32 -1.28
N LEU E 228 85.16 -6.96 -2.00
CA LEU E 228 85.56 -8.32 -1.69
C LEU E 228 86.10 -8.43 -0.25
N ALA E 229 87.14 -7.66 0.05
CA ALA E 229 87.77 -7.65 1.38
C ALA E 229 86.81 -7.25 2.52
N GLN E 230 85.80 -6.44 2.19
CA GLN E 230 84.77 -6.00 3.14
C GLN E 230 83.82 -7.12 3.57
N ARG E 231 83.41 -7.94 2.61
CA ARG E 231 82.65 -9.15 2.94
C ARG E 231 83.38 -10.00 3.98
N ILE E 232 84.68 -10.24 3.78
CA ILE E 232 85.49 -11.00 4.74
C ILE E 232 85.57 -10.32 6.13
N SER E 233 85.87 -9.03 6.16
CA SER E 233 85.91 -8.31 7.41
C SER E 233 84.53 -8.24 8.09
N SER E 234 83.47 -8.17 7.30
CA SER E 234 82.12 -8.16 7.86
C SER E 234 81.79 -9.50 8.50
N ILE E 235 82.11 -10.61 7.85
CA ILE E 235 81.85 -11.93 8.44
C ILE E 235 82.76 -12.21 9.63
N ASN E 236 84.01 -11.75 9.54
CA ASN E 236 84.94 -11.86 10.65
C ASN E 236 84.46 -11.08 11.87
N SER E 237 83.94 -9.87 11.66
CA SER E 237 83.38 -9.10 12.77
C SER E 237 82.26 -9.88 13.45
N ILE E 238 81.45 -10.57 12.63
CA ILE E 238 80.28 -11.30 13.11
C ILE E 238 80.72 -12.55 13.89
N SER E 239 81.81 -13.15 13.48
CA SER E 239 82.39 -14.29 14.19
C SER E 239 82.74 -13.95 15.62
N ALA E 240 83.21 -12.73 15.87
CA ALA E 240 83.53 -12.27 17.23
C ALA E 240 82.26 -12.18 18.07
N LEU E 241 81.21 -11.61 17.48
CA LEU E 241 79.90 -11.56 18.14
C LEU E 241 79.33 -12.97 18.40
N CYS E 242 79.57 -13.91 17.48
CA CYS E 242 79.10 -15.29 17.63
C CYS E 242 79.68 -15.96 18.87
N GLU E 243 80.99 -15.86 19.02
CA GLU E 243 81.67 -16.38 20.19
C GLU E 243 81.10 -15.80 21.48
N ALA E 244 80.65 -14.54 21.44
CA ALA E 244 80.15 -13.87 22.62
C ALA E 244 78.70 -14.25 22.96
N THR E 245 77.99 -14.88 22.02
CA THR E 245 76.54 -15.00 22.13
C THR E 245 75.99 -16.42 22.00
N GLY E 246 76.82 -17.42 21.76
CA GLY E 246 76.33 -18.80 21.52
C GLY E 246 75.87 -19.10 20.10
N ALA E 247 75.99 -18.12 19.20
CA ALA E 247 75.78 -18.29 17.77
C ALA E 247 77.03 -18.91 17.12
N ASP E 248 76.82 -19.44 15.92
CA ASP E 248 77.85 -20.10 15.14
C ASP E 248 77.94 -19.37 13.80
N VAL E 249 79.12 -18.86 13.47
CA VAL E 249 79.27 -18.02 12.28
C VAL E 249 79.04 -18.78 10.95
N GLU E 250 79.21 -20.08 10.97
CA GLU E 250 78.92 -20.89 9.79
C GLU E 250 77.41 -21.01 9.57
N GLU E 251 76.66 -21.12 10.63
CA GLU E 251 75.20 -21.08 10.52
C GLU E 251 74.71 -19.71 10.03
N VAL E 252 75.30 -18.64 10.59
CA VAL E 252 74.94 -17.27 10.20
C VAL E 252 75.31 -17.01 8.75
N ALA E 253 76.52 -17.41 8.36
CA ALA E 253 76.97 -17.24 6.97
C ALA E 253 76.04 -17.91 5.98
N THR E 254 75.62 -19.14 6.30
CA THR E 254 74.66 -19.87 5.48
C THR E 254 73.33 -19.11 5.37
N ALA E 255 72.82 -18.66 6.51
CA ALA E 255 71.53 -17.97 6.59
C ALA E 255 71.52 -16.68 5.76
N ILE E 256 72.55 -15.85 5.94
CA ILE E 256 72.62 -14.61 5.18
C ILE E 256 72.95 -14.86 3.69
N GLY E 257 73.81 -15.84 3.41
CA GLY E 257 74.22 -16.15 2.04
C GLY E 257 73.10 -16.63 1.14
N MET E 258 72.05 -17.19 1.74
CA MET E 258 70.87 -17.62 0.99
C MET E 258 70.02 -16.47 0.49
N ASP E 259 70.27 -15.25 0.99
CA ASP E 259 69.64 -14.05 0.43
C ASP E 259 70.36 -13.83 -0.89
N GLN E 260 69.65 -13.94 -2.00
CA GLN E 260 70.31 -13.76 -3.30
C GLN E 260 70.80 -12.32 -3.54
N ARG E 261 70.30 -11.36 -2.78
CA ARG E 261 70.83 -9.99 -2.82
C ARG E 261 72.20 -9.85 -2.15
N ILE E 262 72.47 -10.75 -1.21
CA ILE E 262 73.76 -10.82 -0.49
C ILE E 262 74.70 -11.81 -1.18
N GLY E 263 74.18 -12.99 -1.53
CA GLY E 263 74.99 -14.04 -2.16
C GLY E 263 75.81 -14.81 -1.13
N ASN E 264 76.29 -15.99 -1.52
CA ASN E 264 76.90 -16.96 -0.60
C ASN E 264 78.42 -17.07 -0.72
N LYS E 265 79.03 -16.23 -1.54
CA LYS E 265 80.49 -16.21 -1.71
C LYS E 265 81.18 -15.22 -0.77
N PHE E 266 82.44 -15.50 -0.45
CA PHE E 266 83.28 -14.67 0.40
C PHE E 266 82.71 -14.43 1.81
N LEU E 267 82.13 -15.49 2.39
CA LEU E 267 81.59 -15.48 3.76
C LEU E 267 82.24 -16.58 4.62
N LYS E 268 83.50 -16.92 4.31
CA LYS E 268 84.24 -17.90 5.10
C LYS E 268 85.09 -17.15 6.11
N ALA E 269 84.62 -17.12 7.35
CA ALA E 269 85.38 -16.44 8.42
C ALA E 269 86.77 -17.04 8.55
N SER E 270 87.75 -16.20 8.90
CA SER E 270 89.16 -16.60 8.98
C SER E 270 89.90 -15.75 10.00
N VAL E 271 91.13 -16.15 10.31
CA VAL E 271 92.05 -15.34 11.13
C VAL E 271 92.39 -13.98 10.45
N GLY E 272 92.26 -13.93 9.12
CA GLY E 272 92.30 -12.67 8.39
C GLY E 272 92.72 -12.87 6.96
N PHE E 273 92.23 -12.02 6.06
CA PHE E 273 92.62 -12.10 4.65
C PHE E 273 94.05 -11.62 4.45
N GLY E 274 94.73 -12.25 3.49
CA GLY E 274 96.07 -11.88 3.11
C GLY E 274 96.19 -11.75 1.61
N GLY E 275 97.41 -11.90 1.10
CA GLY E 275 97.68 -11.67 -0.30
C GLY E 275 98.22 -10.29 -0.56
N SER E 276 98.87 -10.13 -1.70
CA SER E 276 99.51 -8.89 -2.06
C SER E 276 98.55 -7.85 -2.63
N CYS E 277 97.26 -8.17 -2.74
CA CYS E 277 96.32 -7.25 -3.42
C CYS E 277 95.37 -6.48 -2.50
N PHE E 278 94.66 -7.18 -1.63
CA PHE E 278 93.54 -6.60 -0.86
C PHE E 278 93.96 -5.45 0.06
N GLN E 279 94.92 -5.67 0.95
CA GLN E 279 95.32 -4.61 1.86
C GLN E 279 95.91 -3.43 1.09
N LYS E 280 96.76 -3.73 0.11
CA LYS E 280 97.39 -2.71 -0.72
C LYS E 280 96.34 -1.84 -1.44
N ASP E 281 95.36 -2.47 -2.07
CA ASP E 281 94.35 -1.74 -2.83
C ASP E 281 93.38 -0.94 -1.97
N VAL E 282 92.95 -1.50 -0.85
CA VAL E 282 92.11 -0.79 0.11
C VAL E 282 92.87 0.41 0.69
N LEU E 283 94.11 0.20 1.08
CA LEU E 283 94.95 1.32 1.56
C LEU E 283 95.12 2.40 0.50
N ASN E 284 95.33 1.99 -0.75
CA ASN E 284 95.39 2.96 -1.84
C ASN E 284 94.10 3.77 -1.97
N LEU E 285 92.97 3.07 -1.85
CA LEU E 285 91.65 3.70 -1.88
C LEU E 285 91.46 4.69 -0.75
N VAL E 286 91.90 4.31 0.45
CA VAL E 286 91.83 5.23 1.58
C VAL E 286 92.65 6.48 1.32
N TYR E 287 93.86 6.29 0.80
CA TYR E 287 94.76 7.42 0.55
C TYR E 287 94.14 8.37 -0.49
N LEU E 288 93.56 7.80 -1.54
CA LEU E 288 92.91 8.55 -2.62
C LEU E 288 91.77 9.41 -2.09
N CYS E 289 91.00 8.85 -1.15
CA CYS E 289 89.92 9.57 -0.51
C CYS E 289 90.44 10.74 0.29
N GLU E 290 91.53 10.52 1.04
CA GLU E 290 92.12 11.62 1.82
C GLU E 290 92.59 12.75 0.90
N ALA E 291 93.29 12.36 -0.16
CA ALA E 291 93.79 13.31 -1.15
C ALA E 291 92.68 14.12 -1.83
N LEU E 292 91.53 13.47 -2.05
CA LEU E 292 90.39 14.13 -2.69
C LEU E 292 89.45 14.76 -1.67
N ASN E 293 89.94 14.95 -0.44
CA ASN E 293 89.18 15.57 0.64
C ASN E 293 87.84 14.90 0.91
N LEU E 294 87.90 13.58 0.99
CA LEU E 294 86.76 12.75 1.34
C LEU E 294 87.11 11.92 2.56
N PRO E 295 87.28 12.58 3.72
CA PRO E 295 87.69 11.88 4.96
C PRO E 295 86.64 10.90 5.52
N GLU E 296 85.36 11.18 5.29
CA GLU E 296 84.30 10.23 5.64
C GLU E 296 84.41 8.91 4.90
N VAL E 297 84.67 8.98 3.59
CA VAL E 297 84.82 7.79 2.77
C VAL E 297 86.13 7.06 3.11
N ALA E 298 87.20 7.82 3.35
CA ALA E 298 88.47 7.26 3.77
C ALA E 298 88.30 6.38 4.99
N ARG E 299 87.66 6.91 6.02
CA ARG E 299 87.54 6.18 7.27
C ARG E 299 86.49 5.06 7.21
N TYR E 300 85.52 5.18 6.29
CA TYR E 300 84.64 4.07 5.96
C TYR E 300 85.44 2.85 5.50
N TRP E 301 86.27 3.05 4.48
CA TRP E 301 87.03 1.93 3.93
C TRP E 301 88.16 1.49 4.84
N GLN E 302 88.65 2.38 5.71
CA GLN E 302 89.72 2.03 6.64
C GLN E 302 89.30 0.95 7.62
N GLN E 303 88.02 0.92 7.96
CA GLN E 303 87.46 -0.11 8.82
C GLN E 303 87.65 -1.56 8.32
N VAL E 304 87.74 -1.74 7.01
CA VAL E 304 88.07 -3.07 6.45
C VAL E 304 89.47 -3.55 6.89
N ILE E 305 90.45 -2.63 6.87
CA ILE E 305 91.81 -2.96 7.31
C ILE E 305 91.87 -3.07 8.84
N ASP E 306 91.26 -2.12 9.53
CA ASP E 306 91.21 -2.17 11.00
C ASP E 306 90.55 -3.44 11.54
N MET E 307 89.43 -3.86 10.94
CA MET E 307 88.78 -5.10 11.34
C MET E 307 89.67 -6.31 11.11
N ASN E 308 90.30 -6.38 9.94
CA ASN E 308 91.22 -7.48 9.64
C ASN E 308 92.38 -7.55 10.64
N ASP E 309 92.93 -6.39 10.99
CA ASP E 309 94.01 -6.30 11.99
C ASP E 309 93.51 -6.77 13.36
N TYR E 310 92.29 -6.38 13.72
CA TYR E 310 91.67 -6.84 14.97
C TYR E 310 91.45 -8.36 15.02
N GLN E 311 90.95 -8.95 13.93
CA GLN E 311 90.75 -10.39 13.86
C GLN E 311 92.06 -11.15 14.16
N ARG E 312 93.17 -10.67 13.63
CA ARG E 312 94.48 -11.31 13.86
C ARG E 312 94.96 -11.07 15.27
N ARG E 313 94.93 -9.81 15.70
CA ARG E 313 95.41 -9.46 17.04
C ARG E 313 94.59 -10.20 18.11
N ARG E 314 93.28 -10.31 17.92
CA ARG E 314 92.45 -10.96 18.94
C ARG E 314 92.63 -12.49 19.00
N PHE E 315 92.92 -13.10 17.84
CA PHE E 315 93.24 -14.53 17.74
C PHE E 315 94.57 -14.85 18.46
N ALA E 316 95.58 -14.02 18.24
CA ALA E 316 96.84 -14.09 18.98
C ALA E 316 96.64 -13.92 20.50
N SER E 317 95.80 -12.96 20.90
CA SER E 317 95.53 -12.75 22.32
C SER E 317 94.78 -13.93 22.94
N ARG E 318 93.87 -14.56 22.18
CA ARG E 318 93.16 -15.75 22.65
C ARG E 318 94.11 -16.89 22.95
N ILE E 319 95.12 -17.07 22.10
CA ILE E 319 96.15 -18.09 22.31
C ILE E 319 96.92 -17.81 23.60
N ILE E 320 97.39 -16.58 23.78
CA ILE E 320 98.18 -16.17 24.95
C ILE E 320 97.36 -16.30 26.25
N ASP E 321 96.13 -15.81 26.20
CA ASP E 321 95.23 -15.89 27.35
C ASP E 321 94.87 -17.34 27.72
N SER E 322 94.71 -18.20 26.73
CA SER E 322 94.43 -19.63 26.98
C SER E 322 95.61 -20.37 27.63
N LEU E 323 96.83 -19.99 27.25
CA LEU E 323 98.04 -20.56 27.82
C LEU E 323 98.48 -19.73 29.05
N PHE E 324 97.49 -19.43 29.91
CA PHE E 324 97.73 -18.79 31.22
C PHE E 324 98.57 -17.50 31.12
N ASN E 325 98.33 -16.73 30.05
CA ASN E 325 98.97 -15.44 29.82
C ASN E 325 100.50 -15.43 29.82
N THR E 326 101.09 -16.58 29.53
CA THR E 326 102.54 -16.68 29.40
C THR E 326 102.89 -17.76 28.38
N VAL E 327 103.66 -17.38 27.37
CA VAL E 327 104.12 -18.31 26.35
C VAL E 327 105.64 -18.23 26.20
N THR E 328 106.31 -17.59 27.16
CA THR E 328 107.76 -17.53 27.15
C THR E 328 108.31 -18.96 27.15
N ASP E 329 109.12 -19.25 26.14
CA ASP E 329 109.72 -20.57 25.96
C ASP E 329 108.72 -21.71 25.72
N LYS E 330 107.45 -21.38 25.51
CA LYS E 330 106.47 -22.42 25.23
C LYS E 330 106.56 -22.79 23.76
N LYS E 331 106.57 -24.08 23.50
CA LYS E 331 106.54 -24.58 22.13
C LYS E 331 105.10 -24.51 21.60
N ILE E 332 104.95 -23.95 20.41
CA ILE E 332 103.66 -23.80 19.75
C ILE E 332 103.82 -24.19 18.27
N ALA E 333 102.96 -25.08 17.79
CA ALA E 333 102.94 -25.43 16.36
C ALA E 333 102.09 -24.45 15.57
N ILE E 334 102.70 -23.87 14.53
CA ILE E 334 102.01 -23.06 13.54
C ILE E 334 101.83 -23.92 12.29
N LEU E 335 100.59 -24.34 12.04
CA LEU E 335 100.27 -25.12 10.85
C LEU E 335 99.64 -24.23 9.79
N GLY E 336 100.40 -23.99 8.71
CA GLY E 336 99.96 -23.15 7.62
C GLY E 336 100.61 -21.76 7.68
N PHE E 337 101.34 -21.42 6.61
CA PHE E 337 102.00 -20.13 6.49
C PHE E 337 101.58 -19.34 5.22
N ALA E 338 101.11 -20.07 4.19
CA ALA E 338 100.64 -19.42 2.97
C ALA E 338 99.40 -18.57 3.28
N PHE E 339 99.16 -17.55 2.47
CA PHE E 339 98.04 -16.64 2.71
C PHE E 339 96.70 -17.29 2.44
N LYS E 340 96.73 -18.41 1.72
CA LYS E 340 95.57 -19.27 1.54
C LYS E 340 96.11 -20.64 1.15
N LYS E 341 95.23 -21.63 1.02
CA LYS E 341 95.71 -22.97 0.68
C LYS E 341 96.09 -23.04 -0.79
N ASP E 342 96.84 -24.08 -1.12
CA ASP E 342 97.23 -24.43 -2.49
C ASP E 342 98.12 -23.38 -3.15
N THR E 343 98.93 -22.71 -2.34
CA THR E 343 99.99 -21.85 -2.85
C THR E 343 101.15 -21.85 -1.86
N GLY E 344 102.31 -21.41 -2.31
CA GLY E 344 103.47 -21.18 -1.45
C GLY E 344 103.67 -19.69 -1.19
N ASP E 345 102.73 -18.88 -1.68
CA ASP E 345 102.76 -17.43 -1.54
C ASP E 345 102.37 -17.04 -0.12
N THR E 346 103.17 -16.18 0.51
CA THR E 346 102.95 -15.77 1.90
C THR E 346 102.66 -14.29 2.06
N ARG E 347 102.55 -13.56 0.96
CA ARG E 347 102.46 -12.11 1.06
C ARG E 347 101.22 -11.67 1.86
N GLU E 348 101.48 -10.85 2.88
CA GLU E 348 100.48 -10.38 3.86
C GLU E 348 99.67 -11.49 4.54
N SER E 349 100.26 -12.68 4.63
CA SER E 349 99.64 -13.80 5.27
C SER E 349 99.47 -13.52 6.77
N SER E 350 98.29 -13.85 7.26
CA SER E 350 97.95 -13.79 8.67
C SER E 350 98.89 -14.62 9.54
N SER E 351 99.45 -15.69 8.97
CA SER E 351 100.41 -16.53 9.69
C SER E 351 101.61 -15.71 10.13
N ILE E 352 101.99 -14.73 9.32
CA ILE E 352 103.13 -13.87 9.63
C ILE E 352 102.81 -13.04 10.88
N TYR E 353 101.61 -12.48 10.93
CA TYR E 353 101.21 -11.60 12.00
C TYR E 353 100.93 -12.36 13.29
N ILE E 354 100.23 -13.49 13.19
CA ILE E 354 100.00 -14.33 14.37
C ILE E 354 101.35 -14.78 14.95
N SER E 355 102.25 -15.25 14.09
CA SER E 355 103.58 -15.72 14.50
C SER E 355 104.41 -14.62 15.18
N LYS E 356 104.45 -13.44 14.57
CA LYS E 356 105.17 -12.31 15.15
C LYS E 356 104.62 -11.88 16.51
N TYR E 357 103.29 -11.90 16.66
CA TYR E 357 102.67 -11.63 17.98
C TYR E 357 103.15 -12.60 19.05
N LEU E 358 103.22 -13.88 18.69
CA LEU E 358 103.66 -14.92 19.61
C LEU E 358 105.18 -14.84 19.86
N MET E 359 105.94 -14.54 18.81
CA MET E 359 107.38 -14.28 18.95
C MET E 359 107.65 -13.12 19.90
N ASP E 360 106.83 -12.07 19.81
CA ASP E 360 106.95 -10.91 20.71
C ASP E 360 106.79 -11.31 22.17
N GLU E 361 106.14 -12.44 22.40
CA GLU E 361 105.90 -12.97 23.75
C GLU E 361 106.94 -14.01 24.19
N GLY E 362 107.92 -14.29 23.34
CA GLY E 362 108.97 -15.26 23.64
C GLY E 362 108.64 -16.72 23.33
N ALA E 363 107.55 -16.95 22.58
CA ALA E 363 107.15 -18.31 22.22
C ALA E 363 108.17 -18.95 21.30
N HIS E 364 108.36 -20.26 21.47
CA HIS E 364 109.14 -21.07 20.53
C HIS E 364 108.23 -21.65 19.45
N LEU E 365 108.31 -21.08 18.25
CA LEU E 365 107.43 -21.46 17.14
C LEU E 365 108.05 -22.54 16.27
N HIS E 366 107.31 -23.63 16.09
CA HIS E 366 107.61 -24.65 15.10
C HIS E 366 106.57 -24.55 13.97
N ILE E 367 107.04 -24.22 12.77
CA ILE E 367 106.18 -23.85 11.65
C ILE E 367 106.21 -24.92 10.56
N TYR E 368 105.05 -25.47 10.24
CA TYR E 368 104.92 -26.38 9.11
C TYR E 368 103.98 -25.80 8.06
N ASP E 369 104.46 -25.79 6.82
CA ASP E 369 103.61 -25.55 5.67
C ASP E 369 104.07 -26.53 4.57
N PRO E 370 103.11 -27.18 3.86
CA PRO E 370 103.49 -28.15 2.84
C PRO E 370 104.09 -27.55 1.57
N LYS E 371 103.84 -26.27 1.29
CA LYS E 371 104.35 -25.64 0.06
C LYS E 371 105.31 -24.47 0.27
N VAL E 372 105.16 -23.69 1.34
CA VAL E 372 106.03 -22.52 1.51
C VAL E 372 107.48 -22.98 1.70
N PRO E 373 108.43 -22.38 0.96
CA PRO E 373 109.84 -22.71 1.19
C PRO E 373 110.32 -22.22 2.54
N ARG E 374 111.25 -22.94 3.16
CA ARG E 374 111.79 -22.57 4.48
C ARG E 374 112.38 -21.16 4.50
N GLU E 375 113.06 -20.81 3.41
CA GLU E 375 113.76 -19.53 3.29
C GLU E 375 112.80 -18.33 3.28
N GLN E 376 111.61 -18.51 2.70
CA GLN E 376 110.60 -17.46 2.73
C GLN E 376 110.14 -17.18 4.17
N ILE E 377 109.91 -18.26 4.92
CA ILE E 377 109.40 -18.14 6.28
C ILE E 377 110.40 -17.36 7.15
N VAL E 378 111.69 -17.70 7.01
CA VAL E 378 112.75 -16.99 7.73
C VAL E 378 112.75 -15.51 7.37
N VAL E 379 112.75 -15.21 6.07
CA VAL E 379 112.70 -13.82 5.60
C VAL E 379 111.46 -13.08 6.15
N ASP E 380 110.29 -13.71 6.01
CA ASP E 380 109.02 -13.15 6.48
C ASP E 380 109.01 -12.78 7.97
N LEU E 381 109.63 -13.62 8.79
CA LEU E 381 109.64 -13.41 10.23
C LEU E 381 110.86 -12.63 10.71
N SER E 382 111.71 -12.21 9.77
CA SER E 382 112.89 -11.39 10.09
C SER E 382 112.61 -9.88 10.03
N HIS E 383 113.46 -9.11 10.72
CA HIS E 383 113.38 -7.65 10.72
C HIS E 383 114.31 -7.06 9.65
N GLN E 391 116.08 -12.92 16.82
CA GLN E 391 114.79 -13.41 17.31
C GLN E 391 114.25 -14.62 16.53
N VAL E 392 114.39 -14.60 15.20
CA VAL E 392 114.01 -15.75 14.36
C VAL E 392 114.85 -16.97 14.75
N SER E 393 116.18 -16.81 14.70
CA SER E 393 117.08 -17.91 15.08
C SER E 393 116.86 -18.33 16.54
N ARG E 394 116.51 -17.39 17.41
CA ARG E 394 116.24 -17.70 18.80
C ARG E 394 114.93 -18.48 18.97
N LEU E 395 113.87 -18.01 18.31
CA LEU E 395 112.50 -18.46 18.60
C LEU E 395 111.85 -19.35 17.53
N VAL E 396 112.37 -19.35 16.31
CA VAL E 396 111.66 -19.99 15.17
C VAL E 396 112.32 -21.26 14.65
N THR E 397 111.52 -22.33 14.53
CA THR E 397 111.95 -23.61 13.98
C THR E 397 111.02 -23.97 12.81
N ILE E 398 111.58 -24.31 11.66
CA ILE E 398 110.79 -24.75 10.52
C ILE E 398 110.77 -26.26 10.46
N SER E 399 109.60 -26.85 10.63
CA SER E 399 109.45 -28.31 10.72
C SER E 399 109.21 -28.93 9.34
N LYS E 400 109.64 -30.18 9.19
CA LYS E 400 109.51 -30.92 7.93
C LYS E 400 108.18 -31.65 7.87
N ASP E 401 107.59 -31.90 9.03
CA ASP E 401 106.24 -32.46 9.08
C ASP E 401 105.49 -31.98 10.32
N PRO E 402 104.15 -32.08 10.31
CA PRO E 402 103.35 -31.49 11.39
C PRO E 402 103.58 -32.12 12.77
N TYR E 403 103.94 -33.39 12.78
CA TYR E 403 104.09 -34.15 14.02
C TYR E 403 105.32 -33.70 14.83
N GLU E 404 106.41 -33.42 14.13
CA GLU E 404 107.57 -32.76 14.71
C GLU E 404 107.13 -31.46 15.38
N ALA E 405 106.40 -30.65 14.62
CA ALA E 405 105.93 -29.33 15.04
C ALA E 405 105.08 -29.37 16.32
N CYS E 406 104.25 -30.39 16.45
CA CYS E 406 103.34 -30.54 17.60
C CYS E 406 103.96 -31.31 18.76
N ASP E 407 105.10 -31.95 18.51
CA ASP E 407 105.77 -32.76 19.54
C ASP E 407 106.25 -31.86 20.69
N GLY E 408 105.67 -32.06 21.87
CA GLY E 408 105.99 -31.22 23.02
C GLY E 408 105.24 -29.89 23.05
N ALA E 409 104.44 -29.60 22.02
CA ALA E 409 103.74 -28.33 21.92
C ALA E 409 102.64 -28.19 23.00
N HIS E 410 102.38 -26.94 23.38
CA HIS E 410 101.25 -26.58 24.27
C HIS E 410 100.00 -26.35 23.45
N ALA E 411 100.20 -25.88 22.22
CA ALA E 411 99.11 -25.44 21.36
C ALA E 411 99.46 -25.74 19.92
N VAL E 412 98.44 -26.12 19.14
CA VAL E 412 98.52 -26.26 17.70
C VAL E 412 97.67 -25.14 17.09
N VAL E 413 98.24 -24.36 16.19
CA VAL E 413 97.58 -23.15 15.66
C VAL E 413 97.48 -23.20 14.13
N ILE E 414 96.26 -23.40 13.63
CA ILE E 414 96.01 -23.56 12.20
C ILE E 414 95.68 -22.20 11.60
N CYS E 415 96.55 -21.72 10.72
CA CYS E 415 96.39 -20.39 10.12
C CYS E 415 96.08 -20.42 8.62
N THR E 416 96.30 -21.57 7.98
CA THR E 416 96.03 -21.74 6.55
C THR E 416 95.26 -23.05 6.35
N GLU E 417 94.27 -23.00 5.46
CA GLU E 417 93.24 -24.04 5.36
C GLU E 417 93.62 -25.25 4.48
N TRP E 418 94.86 -25.70 4.59
CA TRP E 418 95.33 -26.89 3.86
C TRP E 418 94.50 -28.12 4.25
N ASP E 419 93.95 -28.80 3.24
CA ASP E 419 93.06 -29.97 3.47
C ASP E 419 93.70 -31.06 4.31
N MET E 420 95.03 -31.19 4.24
CA MET E 420 95.74 -32.22 5.00
C MET E 420 95.61 -32.09 6.52
N PHE E 421 95.39 -30.88 7.03
CA PHE E 421 95.39 -30.65 8.48
C PHE E 421 94.23 -31.36 9.19
N LYS E 422 93.06 -31.45 8.55
CA LYS E 422 91.95 -32.20 9.15
C LYS E 422 92.16 -33.73 9.08
N GLU E 423 93.15 -34.16 8.31
CA GLU E 423 93.48 -35.57 8.16
C GLU E 423 94.57 -36.05 9.12
N LEU E 424 95.05 -35.15 9.99
CA LEU E 424 96.16 -35.50 10.89
C LEU E 424 95.74 -36.51 11.96
N ASP E 425 96.72 -37.24 12.47
CA ASP E 425 96.50 -38.20 13.56
C ASP E 425 96.53 -37.43 14.88
N TYR E 426 95.36 -36.98 15.33
CA TYR E 426 95.27 -36.11 16.50
C TYR E 426 95.40 -36.86 17.83
N GLU E 427 95.15 -38.17 17.81
CA GLU E 427 95.43 -39.01 18.98
C GLU E 427 96.94 -39.07 19.19
N ARG E 428 97.66 -39.38 18.12
CA ARG E 428 99.12 -39.36 18.16
C ARG E 428 99.63 -38.00 18.66
N ILE E 429 99.14 -36.92 18.04
CA ILE E 429 99.52 -35.55 18.42
C ILE E 429 99.25 -35.28 19.92
N HIS E 430 98.05 -35.63 20.39
CA HIS E 430 97.67 -35.34 21.77
C HIS E 430 98.60 -35.99 22.80
N LYS E 431 99.01 -37.24 22.55
CA LYS E 431 99.84 -37.98 23.51
C LYS E 431 101.13 -37.26 23.83
N LYS E 432 101.77 -36.69 22.81
CA LYS E 432 103.07 -36.03 23.01
C LYS E 432 103.01 -34.52 23.30
N MET E 433 101.81 -33.94 23.33
CA MET E 433 101.67 -32.53 23.71
C MET E 433 101.70 -32.36 25.22
N LEU E 434 102.11 -31.18 25.68
CA LEU E 434 101.99 -30.81 27.09
C LEU E 434 100.53 -30.51 27.38
N LYS E 435 100.11 -30.78 28.61
CA LYS E 435 98.72 -30.66 29.00
C LYS E 435 98.55 -29.47 29.95
N PRO E 436 97.49 -28.66 29.75
CA PRO E 436 96.43 -28.82 28.76
C PRO E 436 96.86 -28.53 27.31
N ALA E 437 96.33 -29.34 26.40
CA ALA E 437 96.69 -29.31 24.98
C ALA E 437 95.61 -28.54 24.21
N PHE E 438 96.01 -27.44 23.56
CA PHE E 438 95.07 -26.60 22.82
C PHE E 438 95.20 -26.76 21.31
N ILE E 439 94.07 -26.76 20.63
CA ILE E 439 94.04 -26.55 19.17
C ILE E 439 93.32 -25.23 18.90
N PHE E 440 93.98 -24.36 18.13
CA PHE E 440 93.38 -23.09 17.70
C PHE E 440 93.17 -23.12 16.19
N ASP E 441 91.92 -23.30 15.79
CA ASP E 441 91.58 -23.40 14.38
C ASP E 441 91.18 -22.01 13.81
N GLY E 442 92.13 -21.37 13.14
CA GLY E 442 91.91 -20.03 12.59
C GLY E 442 91.21 -20.03 11.24
N ARG E 443 90.86 -21.23 10.76
CA ARG E 443 90.28 -21.40 9.42
C ARG E 443 88.98 -22.23 9.38
N ARG E 444 88.49 -22.69 10.53
CA ARG E 444 87.29 -23.55 10.59
C ARG E 444 87.43 -24.84 9.74
N VAL E 445 88.62 -25.44 9.74
CA VAL E 445 88.87 -26.67 8.97
C VAL E 445 88.55 -27.95 9.73
N LEU E 446 88.52 -27.86 11.06
CA LEU E 446 88.29 -29.02 11.92
C LEU E 446 86.83 -29.14 12.38
N ASP E 447 85.93 -28.34 11.81
CA ASP E 447 84.50 -28.50 12.09
C ASP E 447 84.14 -29.97 11.80
N GLY E 448 83.45 -30.62 12.71
CA GLY E 448 83.12 -32.02 12.50
C GLY E 448 84.14 -33.00 13.03
N LEU E 449 85.32 -32.51 13.43
CA LEU E 449 86.23 -33.27 14.27
C LEU E 449 86.10 -32.86 15.74
N HIS E 450 85.24 -31.89 16.04
CA HIS E 450 85.17 -31.27 17.37
C HIS E 450 84.83 -32.27 18.48
N ASN E 451 83.78 -33.06 18.26
CA ASN E 451 83.39 -34.10 19.21
C ASN E 451 84.55 -35.02 19.56
N GLU E 452 85.21 -35.55 18.54
CA GLU E 452 86.24 -36.55 18.77
C GLU E 452 87.53 -35.94 19.35
N LEU E 453 87.87 -34.73 18.93
CA LEU E 453 89.05 -34.03 19.48
C LEU E 453 88.87 -33.74 20.97
N GLN E 454 87.64 -33.41 21.37
CA GLN E 454 87.33 -33.18 22.78
C GLN E 454 87.39 -34.48 23.60
N THR E 455 86.95 -35.59 23.00
CA THR E 455 87.05 -36.91 23.64
C THR E 455 88.51 -37.32 23.85
N ILE E 456 89.34 -37.07 22.83
CA ILE E 456 90.79 -37.30 22.92
C ILE E 456 91.40 -36.47 24.06
N GLY E 457 90.86 -35.27 24.28
CA GLY E 457 91.26 -34.42 25.42
C GLY E 457 91.78 -33.03 25.09
N PHE E 458 91.53 -32.56 23.87
CA PHE E 458 91.92 -31.23 23.46
C PHE E 458 90.95 -30.19 23.99
N GLN E 459 91.48 -29.01 24.30
CA GLN E 459 90.68 -27.80 24.39
C GLN E 459 90.67 -27.20 22.98
N ILE E 460 89.51 -27.26 22.32
CA ILE E 460 89.36 -26.78 20.94
C ILE E 460 88.83 -25.34 20.94
N GLU E 461 89.56 -24.45 20.28
CA GLU E 461 89.19 -23.04 20.17
C GLU E 461 89.11 -22.70 18.69
N THR E 462 87.98 -22.15 18.25
CA THR E 462 87.79 -21.84 16.84
C THR E 462 87.23 -20.44 16.64
N ILE E 463 87.23 -19.98 15.39
CA ILE E 463 86.75 -18.66 15.07
C ILE E 463 85.25 -18.71 14.81
N GLY E 464 84.48 -17.92 15.55
CA GLY E 464 83.04 -17.81 15.31
C GLY E 464 82.18 -18.89 15.94
N LYS E 465 82.74 -19.56 16.95
CA LYS E 465 81.99 -20.55 17.71
C LYS E 465 82.74 -20.89 18.99
N LYS E 466 81.99 -21.07 20.08
CA LYS E 466 82.53 -21.76 21.26
C LYS E 466 82.17 -23.26 21.21
N VAL E 467 83.20 -24.11 21.26
CA VAL E 467 83.05 -25.56 21.07
C VAL E 467 82.75 -26.31 22.37
N MET F 2 53.67 -36.57 15.33
CA MET F 2 53.97 -35.15 15.00
C MET F 2 52.80 -34.24 15.36
N PHE F 3 53.11 -33.10 15.96
CA PHE F 3 52.10 -32.10 16.34
C PHE F 3 51.75 -31.23 15.14
N GLU F 4 50.46 -31.02 14.90
CA GLU F 4 50.03 -30.17 13.79
C GLU F 4 49.45 -28.86 14.30
N ILE F 5 49.99 -27.75 13.80
CA ILE F 5 49.46 -26.42 14.13
C ILE F 5 48.17 -26.21 13.34
N LYS F 6 47.07 -25.97 14.04
CA LYS F 6 45.77 -25.75 13.38
C LYS F 6 45.17 -24.37 13.66
N LYS F 7 45.64 -23.71 14.73
CA LYS F 7 45.25 -22.32 15.01
C LYS F 7 46.47 -21.51 15.27
N ILE F 8 46.63 -20.43 14.52
CA ILE F 8 47.74 -19.50 14.70
C ILE F 8 47.21 -18.15 15.17
N CYS F 9 47.88 -17.60 16.20
CA CYS F 9 47.66 -16.22 16.63
C CYS F 9 48.93 -15.40 16.35
N CYS F 10 48.76 -14.20 15.82
CA CYS F 10 49.87 -13.28 15.61
C CYS F 10 49.59 -11.98 16.33
N ILE F 11 50.42 -11.64 17.30
CA ILE F 11 50.33 -10.38 18.02
C ILE F 11 51.15 -9.34 17.27
N GLY F 12 50.46 -8.35 16.70
CA GLY F 12 51.07 -7.32 15.90
C GLY F 12 50.55 -7.42 14.48
N ALA F 13 49.69 -6.49 14.10
CA ALA F 13 49.07 -6.47 12.76
C ALA F 13 49.66 -5.35 11.92
N GLY F 14 50.98 -5.31 11.84
CA GLY F 14 51.66 -4.31 11.04
C GLY F 14 52.05 -4.79 9.67
N TYR F 15 53.15 -4.23 9.17
CA TYR F 15 53.68 -4.53 7.85
C TYR F 15 54.26 -5.95 7.76
N VAL F 16 54.60 -6.56 8.90
CA VAL F 16 55.02 -7.97 8.94
C VAL F 16 53.83 -8.89 9.26
N GLY F 17 53.12 -8.63 10.36
CA GLY F 17 52.07 -9.50 10.84
C GLY F 17 50.88 -9.71 9.92
N GLY F 18 50.36 -8.62 9.36
CA GLY F 18 49.28 -8.70 8.39
C GLY F 18 49.62 -9.52 7.17
N PRO F 19 50.64 -9.09 6.40
CA PRO F 19 51.09 -9.86 5.23
C PRO F 19 51.58 -11.28 5.48
N THR F 20 52.37 -11.51 6.53
CA THR F 20 52.84 -12.87 6.83
C THR F 20 51.65 -13.79 7.07
N CYS F 21 50.72 -13.32 7.89
CA CYS F 21 49.56 -14.12 8.23
C CYS F 21 48.61 -14.35 7.06
N SER F 22 48.43 -13.32 6.24
CA SER F 22 47.60 -13.40 5.03
C SER F 22 48.14 -14.47 4.08
N VAL F 23 49.46 -14.54 3.90
CA VAL F 23 50.05 -15.57 3.04
C VAL F 23 49.95 -16.97 3.65
N ILE F 24 50.18 -17.10 4.95
CA ILE F 24 49.96 -18.40 5.62
C ILE F 24 48.52 -18.92 5.43
N ALA F 25 47.55 -18.05 5.67
CA ALA F 25 46.15 -18.40 5.52
C ALA F 25 45.86 -18.84 4.07
N HIS F 26 46.34 -18.06 3.12
CA HIS F 26 46.20 -18.33 1.68
C HIS F 26 46.81 -19.69 1.29
N MET F 27 47.97 -20.02 1.86
CA MET F 27 48.67 -21.26 1.51
C MET F 27 48.26 -22.47 2.34
N CYS F 28 47.63 -22.24 3.49
CA CYS F 28 47.25 -23.29 4.43
C CYS F 28 45.77 -23.19 4.75
N PRO F 29 44.91 -23.62 3.80
CA PRO F 29 43.47 -23.42 3.96
C PRO F 29 42.87 -24.05 5.23
N GLU F 30 43.55 -25.04 5.78
CA GLU F 30 43.08 -25.78 6.95
C GLU F 30 43.55 -25.19 8.31
N ILE F 31 44.32 -24.10 8.25
CA ILE F 31 44.82 -23.46 9.47
C ILE F 31 44.07 -22.15 9.69
N ARG F 32 43.54 -21.97 10.90
CA ARG F 32 42.93 -20.72 11.27
C ARG F 32 44.02 -19.74 11.67
N VAL F 33 44.05 -18.56 11.05
CA VAL F 33 45.02 -17.53 11.37
C VAL F 33 44.33 -16.25 11.84
N THR F 34 44.62 -15.86 13.08
CA THR F 34 44.05 -14.67 13.68
C THR F 34 45.15 -13.66 14.03
N VAL F 35 45.07 -12.50 13.41
CA VAL F 35 46.03 -11.42 13.61
C VAL F 35 45.40 -10.44 14.59
N VAL F 36 46.13 -10.15 15.67
CA VAL F 36 45.61 -9.27 16.73
C VAL F 36 46.55 -8.10 17.03
N ASP F 37 45.97 -7.01 17.54
CA ASP F 37 46.66 -5.76 17.81
C ASP F 37 45.89 -5.00 18.87
N VAL F 38 46.60 -4.15 19.61
CA VAL F 38 45.99 -3.18 20.53
C VAL F 38 45.39 -1.98 19.79
N ASN F 39 45.86 -1.72 18.57
CA ASN F 39 45.38 -0.61 17.75
C ASN F 39 44.06 -0.97 17.04
N GLU F 40 42.93 -0.47 17.58
CA GLU F 40 41.61 -0.77 17.06
C GLU F 40 41.39 -0.22 15.64
N SER F 41 41.92 0.97 15.33
CA SER F 41 41.65 1.55 14.02
C SER F 41 42.40 0.77 12.93
N ARG F 42 43.57 0.23 13.28
CA ARG F 42 44.38 -0.58 12.40
C ARG F 42 43.67 -1.89 12.07
N ILE F 43 43.18 -2.57 13.11
CA ILE F 43 42.41 -3.79 12.95
C ILE F 43 41.12 -3.52 12.13
N ASN F 44 40.41 -2.46 12.47
CA ASN F 44 39.21 -2.05 11.71
C ASN F 44 39.51 -1.82 10.22
N ALA F 45 40.64 -1.18 9.93
CA ALA F 45 41.14 -1.04 8.55
C ALA F 45 41.43 -2.37 7.86
N TRP F 46 42.08 -3.31 8.57
CA TRP F 46 42.36 -4.64 8.00
C TRP F 46 41.09 -5.38 7.59
N ASN F 47 39.97 -5.05 8.27
CA ASN F 47 38.67 -5.65 8.01
C ASN F 47 37.79 -4.82 7.06
N SER F 48 38.37 -3.78 6.44
CA SER F 48 37.64 -2.89 5.55
C SER F 48 38.10 -3.03 4.08
N PRO F 49 37.42 -2.32 3.14
CA PRO F 49 37.93 -2.21 1.76
C PRO F 49 39.24 -1.43 1.60
N THR F 50 39.65 -0.68 2.62
CA THR F 50 40.89 0.09 2.56
C THR F 50 41.85 -0.38 3.64
N LEU F 51 42.82 -1.22 3.24
CA LEU F 51 43.79 -1.76 4.19
C LEU F 51 44.63 -0.62 4.76
N PRO F 52 45.18 -0.82 5.98
CA PRO F 52 45.95 0.27 6.63
C PRO F 52 47.36 0.46 6.07
N ILE F 53 47.78 -0.43 5.19
CA ILE F 53 49.05 -0.30 4.50
C ILE F 53 48.84 -0.55 3.00
N TYR F 54 49.69 0.07 2.19
CA TYR F 54 49.70 -0.19 0.75
C TYR F 54 50.85 -1.13 0.41
N GLU F 55 50.49 -2.31 -0.06
CA GLU F 55 51.44 -3.34 -0.42
C GLU F 55 50.90 -4.03 -1.67
N PRO F 56 51.66 -4.01 -2.79
CA PRO F 56 51.14 -4.60 -4.02
C PRO F 56 50.74 -6.09 -3.90
N GLY F 57 49.52 -6.42 -4.32
CA GLY F 57 49.00 -7.78 -4.26
C GLY F 57 48.37 -8.20 -2.93
N LEU F 58 48.53 -7.37 -1.89
CA LEU F 58 48.07 -7.70 -0.53
C LEU F 58 46.55 -7.77 -0.42
N LYS F 59 45.86 -6.79 -1.00
CA LYS F 59 44.40 -6.73 -0.92
C LYS F 59 43.75 -8.01 -1.44
N GLU F 60 44.32 -8.57 -2.50
CA GLU F 60 43.81 -9.78 -3.13
C GLU F 60 44.01 -11.00 -2.23
N VAL F 61 45.18 -11.11 -1.61
CA VAL F 61 45.42 -12.18 -0.65
C VAL F 61 44.45 -12.07 0.54
N VAL F 62 44.34 -10.87 1.13
CA VAL F 62 43.46 -10.70 2.30
C VAL F 62 42.03 -11.13 1.97
N GLU F 63 41.48 -10.55 0.91
CA GLU F 63 40.08 -10.79 0.55
C GLU F 63 39.73 -12.23 0.20
N SER F 64 40.70 -13.01 -0.27
CA SER F 64 40.43 -14.41 -0.59
C SER F 64 40.28 -15.27 0.69
N CYS F 65 40.85 -14.82 1.80
CA CYS F 65 40.87 -15.59 3.05
C CYS F 65 40.09 -14.97 4.20
N ARG F 66 39.95 -13.66 4.19
CA ARG F 66 39.38 -12.97 5.34
C ARG F 66 37.97 -13.46 5.59
N GLY F 67 37.67 -13.81 6.84
CA GLY F 67 36.37 -14.33 7.21
C GLY F 67 36.17 -15.82 6.95
N LYS F 68 37.15 -16.43 6.27
CA LYS F 68 37.20 -17.86 6.03
C LYS F 68 38.19 -18.49 7.01
N ASN F 69 39.47 -18.30 6.79
CA ASN F 69 40.48 -18.73 7.76
C ASN F 69 41.44 -17.63 8.23
N LEU F 70 41.24 -16.40 7.73
CA LEU F 70 42.03 -15.24 8.14
C LEU F 70 41.12 -14.25 8.89
N PHE F 71 41.50 -13.91 10.11
CA PHE F 71 40.75 -12.97 10.94
C PHE F 71 41.68 -11.92 11.52
N PHE F 72 41.14 -10.72 11.72
CA PHE F 72 41.81 -9.61 12.36
C PHE F 72 40.96 -9.18 13.53
N SER F 73 41.56 -9.05 14.71
CA SER F 73 40.78 -8.80 15.94
C SER F 73 41.58 -8.00 16.98
N THR F 74 40.87 -7.30 17.86
CA THR F 74 41.48 -6.66 19.03
C THR F 74 41.28 -7.53 20.28
N ASN F 75 40.57 -8.66 20.14
CA ASN F 75 40.49 -9.62 21.23
C ASN F 75 41.76 -10.49 21.28
N ILE F 76 42.80 -9.92 21.90
CA ILE F 76 44.12 -10.56 21.95
C ILE F 76 44.07 -11.83 22.82
N ASP F 77 43.33 -11.74 23.92
CA ASP F 77 43.31 -12.81 24.92
C ASP F 77 42.74 -14.12 24.41
N ASP F 78 41.57 -14.08 23.77
CA ASP F 78 40.95 -15.30 23.26
C ASP F 78 41.73 -15.89 22.09
N ALA F 79 42.38 -15.02 21.31
CA ALA F 79 43.21 -15.46 20.21
C ALA F 79 44.40 -16.24 20.74
N ILE F 80 45.00 -15.78 21.84
CA ILE F 80 46.09 -16.50 22.49
C ILE F 80 45.64 -17.85 23.05
N LYS F 81 44.53 -17.84 23.79
CA LYS F 81 44.00 -19.03 24.45
C LYS F 81 43.77 -20.20 23.48
N GLU F 82 43.20 -19.88 22.32
CA GLU F 82 42.81 -20.87 21.32
C GLU F 82 43.97 -21.37 20.46
N ALA F 83 45.06 -20.60 20.42
CA ALA F 83 46.15 -20.81 19.46
C ALA F 83 47.08 -21.99 19.79
N ASP F 84 47.49 -22.72 18.75
CA ASP F 84 48.56 -23.72 18.84
C ASP F 84 49.92 -23.05 18.73
N LEU F 85 49.99 -22.02 17.90
CA LEU F 85 51.20 -21.22 17.74
C LEU F 85 50.89 -19.73 17.84
N VAL F 86 51.72 -19.01 18.59
CA VAL F 86 51.58 -17.58 18.75
C VAL F 86 52.84 -16.89 18.18
N PHE F 87 52.67 -16.10 17.12
CA PHE F 87 53.75 -15.25 16.61
C PHE F 87 53.83 -13.97 17.44
N ILE F 88 55.05 -13.55 17.73
CA ILE F 88 55.33 -12.19 18.25
C ILE F 88 55.92 -11.40 17.09
N SER F 89 55.14 -10.44 16.59
CA SER F 89 55.51 -9.68 15.38
C SER F 89 55.31 -8.19 15.64
N VAL F 90 55.62 -7.78 16.85
CA VAL F 90 55.40 -6.41 17.28
C VAL F 90 56.63 -5.59 16.94
N ASN F 91 56.48 -4.28 17.03
CA ASN F 91 57.60 -3.37 16.76
C ASN F 91 58.72 -3.42 17.81
N THR F 92 59.94 -3.18 17.33
CA THR F 92 61.14 -3.16 18.13
C THR F 92 61.97 -1.92 17.71
N PRO F 93 61.45 -0.71 17.99
CA PRO F 93 62.15 0.52 17.59
C PRO F 93 63.39 0.80 18.44
N THR F 94 64.21 1.72 17.96
CA THR F 94 65.30 2.22 18.77
C THR F 94 64.68 2.96 19.95
N LYS F 95 65.25 2.77 21.13
CA LYS F 95 64.86 3.53 22.32
C LYS F 95 65.14 5.02 22.11
N THR F 96 64.15 5.86 22.39
CA THR F 96 64.28 7.30 22.23
C THR F 96 64.56 7.98 23.57
N TYR F 97 64.96 7.19 24.56
CA TYR F 97 65.08 7.64 25.95
C TYR F 97 65.97 6.67 26.74
N GLY F 98 66.53 7.14 27.85
CA GLY F 98 67.13 6.26 28.83
C GLY F 98 68.51 5.74 28.50
N MET F 99 68.84 4.60 29.09
CA MET F 99 70.09 3.91 28.80
C MET F 99 70.01 3.44 27.36
N GLY F 100 71.03 3.80 26.59
CA GLY F 100 71.11 3.38 25.20
C GLY F 100 70.24 4.21 24.28
N LYS F 101 69.83 5.40 24.74
CA LYS F 101 69.06 6.32 23.90
C LYS F 101 69.72 6.45 22.51
N GLY F 102 68.93 6.31 21.44
CA GLY F 102 69.43 6.46 20.08
C GLY F 102 70.18 5.25 19.50
N ARG F 103 70.29 4.17 20.27
CA ARG F 103 71.09 2.99 19.87
C ARG F 103 70.40 1.67 20.22
N ALA F 104 70.13 1.46 21.50
CA ALA F 104 69.58 0.21 22.01
C ALA F 104 68.18 -0.06 21.47
N ALA F 105 67.87 -1.35 21.30
CA ALA F 105 66.54 -1.80 20.90
C ALA F 105 65.58 -1.64 22.07
N ASP F 106 64.35 -1.22 21.78
CA ASP F 106 63.32 -1.10 22.80
C ASP F 106 62.46 -2.35 22.83
N LEU F 107 62.59 -3.09 23.93
CA LEU F 107 61.96 -4.41 24.06
C LEU F 107 60.62 -4.38 24.82
N LYS F 108 60.08 -3.17 25.08
CA LYS F 108 58.89 -3.06 25.94
C LYS F 108 57.65 -3.72 25.33
N TYR F 109 57.55 -3.74 24.00
CA TYR F 109 56.41 -4.41 23.34
C TYR F 109 56.56 -5.92 23.34
N ILE F 110 57.78 -6.39 23.16
CA ILE F 110 58.09 -7.81 23.20
C ILE F 110 57.74 -8.34 24.60
N GLU F 111 58.22 -7.67 25.65
CA GLU F 111 57.93 -8.12 27.00
C GLU F 111 56.43 -8.12 27.32
N ALA F 112 55.69 -7.12 26.83
CA ALA F 112 54.26 -7.10 27.07
C ALA F 112 53.56 -8.30 26.42
N CYS F 113 54.02 -8.74 25.25
CA CYS F 113 53.51 -9.96 24.60
C CYS F 113 53.81 -11.20 25.44
N ALA F 114 55.04 -11.33 25.92
CA ALA F 114 55.43 -12.49 26.74
C ALA F 114 54.54 -12.62 27.97
N ARG F 115 54.30 -11.50 28.65
CA ARG F 115 53.48 -11.49 29.87
C ARG F 115 52.03 -11.84 29.56
N ARG F 116 51.54 -11.27 28.47
CA ARG F 116 50.15 -11.49 28.04
C ARG F 116 49.92 -12.93 27.61
N ILE F 117 50.95 -13.52 27.01
CA ILE F 117 50.88 -14.93 26.57
C ILE F 117 50.76 -15.88 27.77
N VAL F 118 51.71 -15.79 28.70
CA VAL F 118 51.70 -16.71 29.82
C VAL F 118 50.46 -16.48 30.70
N GLN F 119 49.99 -15.24 30.79
CA GLN F 119 48.73 -14.94 31.49
C GLN F 119 47.51 -15.62 30.84
N ASN F 120 47.51 -15.79 29.53
CA ASN F 120 46.35 -16.31 28.81
C ASN F 120 46.52 -17.72 28.26
N SER F 121 47.61 -18.37 28.63
CA SER F 121 47.91 -19.67 28.08
C SER F 121 47.78 -20.81 29.10
N ASN F 122 47.26 -21.91 28.59
CA ASN F 122 47.27 -23.21 29.27
C ASN F 122 47.61 -24.26 28.23
N GLY F 123 48.14 -25.39 28.70
CA GLY F 123 48.47 -26.48 27.82
C GLY F 123 49.71 -26.19 27.02
N TYR F 124 49.73 -26.72 25.80
CA TYR F 124 50.88 -26.65 24.91
C TYR F 124 50.68 -25.57 23.84
N LYS F 125 51.71 -24.76 23.66
CA LYS F 125 51.77 -23.75 22.60
C LYS F 125 53.23 -23.53 22.21
N ILE F 126 53.43 -23.20 20.94
CA ILE F 126 54.72 -22.78 20.41
C ILE F 126 54.66 -21.26 20.28
N VAL F 127 55.63 -20.57 20.88
CA VAL F 127 55.68 -19.11 20.86
C VAL F 127 56.86 -18.73 19.98
N THR F 128 56.55 -18.08 18.86
CA THR F 128 57.55 -17.82 17.83
C THR F 128 57.88 -16.33 17.76
N GLU F 129 59.13 -16.02 18.06
CA GLU F 129 59.68 -14.68 17.98
C GLU F 129 60.06 -14.34 16.52
N LYS F 130 59.19 -13.60 15.84
CA LYS F 130 59.42 -13.12 14.48
C LYS F 130 59.96 -11.69 14.46
N SER F 131 59.65 -10.91 15.50
CA SER F 131 60.26 -9.59 15.65
C SER F 131 61.79 -9.65 15.58
N THR F 132 62.40 -8.61 15.02
CA THR F 132 63.83 -8.47 15.03
C THR F 132 64.23 -8.01 16.42
N VAL F 133 65.05 -8.83 17.08
CA VAL F 133 65.45 -8.61 18.46
C VAL F 133 66.95 -8.68 18.63
N PRO F 134 67.47 -8.06 19.70
CA PRO F 134 68.86 -8.36 20.06
C PRO F 134 69.10 -9.87 20.26
N VAL F 135 70.31 -10.34 19.95
CA VAL F 135 70.65 -11.75 20.20
C VAL F 135 70.45 -12.06 21.69
N ARG F 136 69.85 -13.22 21.97
CA ARG F 136 69.52 -13.72 23.34
C ARG F 136 68.17 -13.25 23.89
N ALA F 137 67.41 -12.46 23.12
CA ALA F 137 66.12 -11.97 23.59
C ALA F 137 65.17 -13.11 23.96
N ALA F 138 65.16 -14.18 23.16
CA ALA F 138 64.35 -15.37 23.42
C ALA F 138 64.62 -15.99 24.81
N GLU F 139 65.83 -15.80 25.33
CA GLU F 139 66.16 -16.27 26.67
C GLU F 139 65.34 -15.56 27.76
N SER F 140 65.06 -14.29 27.55
CA SER F 140 64.23 -13.52 28.47
C SER F 140 62.78 -13.99 28.40
N ILE F 141 62.31 -14.28 27.20
CA ILE F 141 60.96 -14.83 27.03
C ILE F 141 60.86 -16.18 27.77
N ARG F 142 61.87 -17.04 27.60
CA ARG F 142 61.92 -18.32 28.31
C ARG F 142 61.92 -18.15 29.83
N ARG F 143 62.67 -17.18 30.33
CA ARG F 143 62.77 -16.98 31.78
C ARG F 143 61.43 -16.48 32.36
N ILE F 144 60.74 -15.62 31.63
CA ILE F 144 59.41 -15.15 32.06
C ILE F 144 58.44 -16.31 32.17
N PHE F 145 58.46 -17.18 31.16
CA PHE F 145 57.62 -18.37 31.12
C PHE F 145 57.99 -19.35 32.22
N ASP F 146 59.28 -19.66 32.38
CA ASP F 146 59.72 -20.56 33.45
C ASP F 146 59.29 -20.04 34.82
N ALA F 147 59.37 -18.72 35.03
CA ALA F 147 59.03 -18.12 36.32
C ALA F 147 57.53 -18.10 36.62
N ASN F 148 56.71 -18.24 35.58
CA ASN F 148 55.26 -18.21 35.72
C ASN F 148 54.58 -19.48 35.20
N THR F 149 55.11 -20.64 35.59
CA THR F 149 54.53 -21.92 35.18
C THR F 149 53.14 -22.13 35.78
N LYS F 150 52.38 -23.00 35.12
CA LYS F 150 51.12 -23.52 35.63
C LYS F 150 51.18 -25.03 35.33
N PRO F 151 50.39 -25.84 36.06
CA PRO F 151 50.33 -27.27 35.75
C PRO F 151 49.90 -27.55 34.30
N ASN F 152 50.66 -28.39 33.61
CA ASN F 152 50.41 -28.74 32.21
C ASN F 152 50.60 -27.60 31.21
N LEU F 153 51.24 -26.51 31.64
CA LEU F 153 51.62 -25.43 30.73
C LEU F 153 52.97 -25.78 30.13
N ASN F 154 53.02 -25.84 28.80
CA ASN F 154 54.27 -26.08 28.10
C ASN F 154 54.41 -25.08 26.95
N LEU F 155 55.21 -24.04 27.18
CA LEU F 155 55.43 -22.98 26.20
C LEU F 155 56.84 -23.13 25.63
N GLN F 156 56.89 -23.51 24.36
CA GLN F 156 58.13 -23.71 23.64
C GLN F 156 58.41 -22.47 22.82
N VAL F 157 59.64 -21.96 22.89
CA VAL F 157 60.00 -20.71 22.25
C VAL F 157 60.91 -20.93 21.05
N LEU F 158 60.48 -20.43 19.90
CA LEU F 158 61.30 -20.46 18.68
C LEU F 158 61.64 -19.06 18.20
N SER F 159 62.72 -18.99 17.41
CA SER F 159 63.07 -17.80 16.63
C SER F 159 62.72 -18.04 15.16
N ASN F 160 62.04 -17.08 14.55
CA ASN F 160 61.60 -17.20 13.16
C ASN F 160 61.56 -15.83 12.53
N PRO F 161 62.74 -15.25 12.28
CA PRO F 161 62.81 -13.90 11.76
C PRO F 161 62.22 -13.77 10.37
N GLU F 162 62.02 -12.51 9.96
CA GLU F 162 61.35 -12.19 8.71
C GLU F 162 62.29 -11.46 7.77
N PHE F 163 62.23 -11.81 6.48
CA PHE F 163 63.12 -11.25 5.46
C PHE F 163 62.42 -10.49 4.34
N LEU F 164 61.09 -10.39 4.39
CA LEU F 164 60.35 -9.62 3.40
C LEU F 164 60.84 -8.16 3.32
N ALA F 165 60.72 -7.56 2.14
CA ALA F 165 60.87 -6.13 1.97
C ALA F 165 59.52 -5.54 1.60
N GLU F 166 59.19 -4.39 2.19
CA GLU F 166 58.00 -3.66 1.78
C GLU F 166 58.11 -3.30 0.30
N GLY F 167 56.98 -3.34 -0.40
CA GLY F 167 56.92 -3.13 -1.83
C GLY F 167 56.96 -4.43 -2.62
N THR F 168 57.58 -5.46 -2.04
CA THR F 168 57.62 -6.79 -2.66
C THR F 168 57.22 -7.90 -1.65
N ALA F 169 56.47 -7.52 -0.60
CA ALA F 169 56.20 -8.42 0.55
C ALA F 169 55.57 -9.73 0.11
N ILE F 170 54.53 -9.64 -0.72
CA ILE F 170 53.76 -10.83 -1.10
C ILE F 170 54.58 -11.81 -1.95
N LYS F 171 55.30 -11.30 -2.95
CA LYS F 171 56.25 -12.11 -3.73
C LYS F 171 57.29 -12.75 -2.82
N ASP F 172 57.86 -11.94 -1.93
CA ASP F 172 58.90 -12.37 -0.99
C ASP F 172 58.39 -13.45 -0.03
N LEU F 173 57.11 -13.34 0.36
CA LEU F 173 56.51 -14.29 1.29
C LEU F 173 56.08 -15.58 0.59
N LYS F 174 55.60 -15.46 -0.65
CA LYS F 174 55.15 -16.62 -1.41
C LYS F 174 56.32 -17.41 -1.97
N ASN F 175 57.44 -16.73 -2.25
CA ASN F 175 58.63 -17.37 -2.79
C ASN F 175 59.91 -16.91 -2.08
N PRO F 176 60.03 -17.19 -0.78
CA PRO F 176 61.21 -16.70 -0.07
C PRO F 176 62.50 -17.36 -0.54
N ASP F 177 63.60 -16.60 -0.57
CA ASP F 177 64.93 -17.21 -0.80
C ASP F 177 65.18 -18.29 0.26
N ARG F 178 64.78 -17.99 1.49
CA ARG F 178 64.79 -18.97 2.55
C ARG F 178 63.91 -18.55 3.73
N VAL F 179 63.50 -19.55 4.50
CA VAL F 179 62.80 -19.44 5.77
C VAL F 179 63.81 -19.92 6.84
N LEU F 180 63.96 -19.15 7.91
CA LEU F 180 64.89 -19.44 8.99
C LEU F 180 64.14 -19.64 10.30
N ILE F 181 64.42 -20.77 10.96
CA ILE F 181 63.82 -21.13 12.23
C ILE F 181 64.95 -21.54 13.18
N GLY F 182 64.89 -21.03 14.41
CA GLY F 182 65.83 -21.41 15.46
C GLY F 182 65.11 -21.88 16.69
N GLY F 183 65.63 -22.94 17.30
CA GLY F 183 65.14 -23.43 18.59
C GLY F 183 66.26 -24.18 19.30
N ASP F 184 66.03 -24.59 20.55
CA ASP F 184 67.08 -25.31 21.25
C ASP F 184 67.19 -26.76 20.77
N GLU F 185 68.29 -27.41 21.17
CA GLU F 185 68.60 -28.75 20.71
C GLU F 185 67.82 -29.84 21.44
N THR F 186 66.95 -29.46 22.38
CA THR F 186 66.21 -30.46 23.17
C THR F 186 65.13 -31.14 22.32
N PRO F 187 64.66 -32.33 22.77
CA PRO F 187 63.56 -33.02 22.10
C PRO F 187 62.29 -32.17 21.92
N GLU F 188 61.87 -31.46 22.96
CA GLU F 188 60.71 -30.56 22.87
C GLU F 188 60.97 -29.40 21.88
N GLY F 189 62.16 -28.79 21.98
CA GLY F 189 62.53 -27.70 21.08
C GLY F 189 62.49 -28.13 19.62
N GLN F 190 63.08 -29.29 19.35
CA GLN F 190 63.13 -29.80 17.98
C GLN F 190 61.76 -30.23 17.48
N ARG F 191 60.90 -30.75 18.36
CA ARG F 191 59.50 -31.01 18.00
C ARG F 191 58.75 -29.72 17.63
N ALA F 192 59.05 -28.63 18.35
CA ALA F 192 58.50 -27.31 18.04
C ALA F 192 58.99 -26.80 16.68
N VAL F 193 60.29 -26.89 16.44
CA VAL F 193 60.91 -26.51 15.16
C VAL F 193 60.23 -27.27 13.99
N GLN F 194 60.07 -28.58 14.13
CA GLN F 194 59.45 -29.39 13.09
C GLN F 194 57.96 -29.01 12.87
N ALA F 195 57.22 -28.73 13.94
CA ALA F 195 55.84 -28.24 13.79
C ALA F 195 55.76 -26.94 12.98
N LEU F 196 56.65 -25.98 13.24
CA LEU F 196 56.67 -24.73 12.48
C LEU F 196 57.11 -24.97 11.03
N CYS F 197 58.14 -25.80 10.83
CA CYS F 197 58.54 -26.21 9.49
C CYS F 197 57.38 -26.76 8.67
N ALA F 198 56.57 -27.62 9.29
CA ALA F 198 55.43 -28.24 8.62
C ALA F 198 54.43 -27.21 8.10
N VAL F 199 54.27 -26.10 8.81
CA VAL F 199 53.47 -24.97 8.30
C VAL F 199 54.09 -24.43 6.99
N TYR F 200 55.35 -24.01 7.04
CA TYR F 200 55.99 -23.41 5.86
C TYR F 200 56.08 -24.38 4.67
N GLU F 201 56.19 -25.68 4.95
CA GLU F 201 56.29 -26.69 3.90
C GLU F 201 55.05 -26.83 3.01
N HIS F 202 53.92 -26.28 3.44
CA HIS F 202 52.74 -26.19 2.58
C HIS F 202 53.05 -25.44 1.28
N TRP F 203 54.04 -24.55 1.29
CA TRP F 203 54.40 -23.82 0.05
C TRP F 203 55.90 -23.51 -0.15
N VAL F 204 56.73 -23.76 0.85
CA VAL F 204 58.17 -23.51 0.72
C VAL F 204 58.89 -24.85 0.62
N PRO F 205 59.66 -25.07 -0.45
CA PRO F 205 60.44 -26.30 -0.53
C PRO F 205 61.29 -26.52 0.70
N ARG F 206 61.39 -27.77 1.12
CA ARG F 206 62.08 -28.10 2.35
C ARG F 206 63.55 -27.62 2.36
N GLU F 207 64.19 -27.64 1.20
CA GLU F 207 65.59 -27.25 1.10
C GLU F 207 65.80 -25.74 1.25
N LYS F 208 64.72 -24.96 1.20
CA LYS F 208 64.77 -23.52 1.47
C LYS F 208 64.44 -23.16 2.94
N ILE F 209 64.21 -24.17 3.78
CA ILE F 209 63.96 -23.97 5.21
C ILE F 209 65.22 -24.35 5.99
N LEU F 210 65.83 -23.34 6.61
CA LEU F 210 67.02 -23.53 7.46
C LEU F 210 66.65 -23.58 8.92
N THR F 211 67.08 -24.63 9.61
CA THR F 211 66.91 -24.71 11.06
C THR F 211 68.30 -24.58 11.72
N THR F 212 68.37 -23.80 12.78
CA THR F 212 69.63 -23.47 13.47
C THR F 212 69.37 -23.46 14.98
N ASN F 213 70.36 -23.10 15.80
CA ASN F 213 70.07 -22.80 17.22
C ASN F 213 69.36 -21.45 17.32
N THR F 214 68.83 -21.12 18.49
CA THR F 214 68.00 -19.92 18.63
C THR F 214 68.78 -18.62 18.39
N TRP F 215 70.06 -18.63 18.79
CA TRP F 215 70.91 -17.43 18.81
C TRP F 215 71.50 -17.13 17.44
N SER F 216 71.86 -18.18 16.72
CA SER F 216 72.26 -18.05 15.31
C SER F 216 71.13 -17.46 14.47
N SER F 217 69.90 -17.85 14.80
CA SER F 217 68.74 -17.38 14.05
C SER F 217 68.53 -15.88 14.32
N GLU F 218 68.52 -15.49 15.60
CA GLU F 218 68.38 -14.08 15.97
C GLU F 218 69.49 -13.25 15.35
N LEU F 219 70.73 -13.71 15.51
CA LEU F 219 71.88 -13.00 14.98
C LEU F 219 71.84 -12.92 13.46
N SER F 220 71.39 -13.99 12.81
CA SER F 220 71.36 -14.01 11.33
C SER F 220 70.55 -12.85 10.74
N LYS F 221 69.46 -12.49 11.41
CA LYS F 221 68.58 -11.44 10.95
C LYS F 221 69.27 -10.07 11.06
N LEU F 222 69.92 -9.81 12.20
CA LEU F 222 70.66 -8.56 12.39
C LEU F 222 71.79 -8.44 11.35
N ALA F 223 72.51 -9.54 11.16
CA ALA F 223 73.64 -9.60 10.23
C ALA F 223 73.22 -9.44 8.80
N ALA F 224 72.15 -10.12 8.39
CA ALA F 224 71.59 -9.98 7.03
C ALA F 224 71.26 -8.54 6.71
N ASN F 225 70.52 -7.89 7.60
CA ASN F 225 70.15 -6.47 7.40
C ASN F 225 71.39 -5.56 7.41
N ALA F 226 72.36 -5.89 8.25
CA ALA F 226 73.61 -5.14 8.33
C ALA F 226 74.41 -5.26 7.03
N PHE F 227 74.51 -6.47 6.48
CA PHE F 227 75.21 -6.68 5.20
C PHE F 227 74.53 -5.94 4.04
N LEU F 228 73.20 -5.94 4.02
CA LEU F 228 72.43 -5.24 2.99
C LEU F 228 72.61 -3.72 3.08
N ALA F 229 72.42 -3.17 4.28
CA ALA F 229 72.68 -1.75 4.52
C ALA F 229 74.11 -1.36 4.14
N GLN F 230 75.05 -2.25 4.44
CA GLN F 230 76.45 -2.01 4.13
C GLN F 230 76.75 -1.97 2.63
N ARG F 231 76.05 -2.77 1.83
CA ARG F 231 76.22 -2.69 0.38
C ARG F 231 75.83 -1.30 -0.12
N ILE F 232 74.75 -0.77 0.45
CA ILE F 232 74.23 0.54 0.07
C ILE F 232 75.17 1.68 0.48
N SER F 233 75.68 1.62 1.70
CA SER F 233 76.62 2.62 2.19
C SER F 233 77.94 2.54 1.46
N SER F 234 78.35 1.33 1.06
CA SER F 234 79.61 1.18 0.32
C SER F 234 79.50 1.76 -1.08
N ILE F 235 78.39 1.51 -1.77
CA ILE F 235 78.19 2.09 -3.10
C ILE F 235 77.95 3.60 -3.03
N ASN F 236 77.28 4.06 -1.97
CA ASN F 236 77.17 5.49 -1.69
C ASN F 236 78.52 6.14 -1.32
N SER F 237 79.40 5.46 -0.58
CA SER F 237 80.76 5.98 -0.34
C SER F 237 81.43 6.20 -1.72
N ILE F 238 81.20 5.26 -2.62
CA ILE F 238 81.78 5.30 -3.97
C ILE F 238 81.20 6.43 -4.84
N SER F 239 79.90 6.73 -4.69
CA SER F 239 79.27 7.86 -5.38
C SER F 239 80.04 9.15 -5.11
N ALA F 240 80.45 9.38 -3.87
CA ALA F 240 81.19 10.58 -3.51
C ALA F 240 82.51 10.65 -4.28
N LEU F 241 83.24 9.53 -4.32
CA LEU F 241 84.49 9.40 -5.08
C LEU F 241 84.33 9.64 -6.58
N CYS F 242 83.22 9.16 -7.14
CA CYS F 242 82.88 9.36 -8.55
C CYS F 242 82.69 10.84 -8.86
N GLU F 243 81.91 11.50 -8.02
CA GLU F 243 81.71 12.95 -8.11
C GLU F 243 83.02 13.73 -8.09
N ALA F 244 83.99 13.24 -7.33
CA ALA F 244 85.28 13.89 -7.18
C ALA F 244 86.23 13.60 -8.34
N THR F 245 86.00 12.49 -9.06
CA THR F 245 86.95 12.01 -10.07
C THR F 245 86.46 12.08 -11.51
N GLY F 246 85.14 12.06 -11.71
CA GLY F 246 84.58 11.97 -13.05
C GLY F 246 84.29 10.53 -13.42
N ALA F 247 84.50 9.61 -12.48
CA ALA F 247 83.97 8.27 -12.61
C ALA F 247 82.46 8.34 -12.43
N ASP F 248 81.75 7.33 -12.91
CA ASP F 248 80.29 7.29 -12.78
C ASP F 248 79.86 6.09 -11.95
N VAL F 249 79.10 6.32 -10.88
CA VAL F 249 78.78 5.25 -9.92
C VAL F 249 77.97 4.11 -10.51
N GLU F 250 77.06 4.40 -11.44
CA GLU F 250 76.32 3.35 -12.15
C GLU F 250 77.23 2.45 -12.98
N GLU F 251 78.22 3.06 -13.64
CA GLU F 251 79.27 2.30 -14.32
C GLU F 251 80.11 1.46 -13.36
N VAL F 252 80.62 2.10 -12.32
CA VAL F 252 81.39 1.38 -11.30
C VAL F 252 80.58 0.25 -10.66
N ALA F 253 79.30 0.52 -10.35
CA ALA F 253 78.42 -0.50 -9.76
C ALA F 253 78.23 -1.73 -10.65
N THR F 254 78.05 -1.49 -11.94
CA THR F 254 77.95 -2.58 -12.92
C THR F 254 79.23 -3.39 -12.98
N ALA F 255 80.36 -2.70 -13.05
CA ALA F 255 81.66 -3.35 -13.10
C ALA F 255 81.85 -4.26 -11.89
N ILE F 256 81.57 -3.75 -10.69
CA ILE F 256 81.82 -4.56 -9.49
C ILE F 256 80.77 -5.68 -9.37
N GLY F 257 79.51 -5.37 -9.68
CA GLY F 257 78.43 -6.35 -9.63
C GLY F 257 78.57 -7.54 -10.56
N MET F 258 79.39 -7.42 -11.61
CA MET F 258 79.63 -8.55 -12.52
C MET F 258 80.64 -9.56 -11.98
N ASP F 259 81.36 -9.22 -10.90
CA ASP F 259 82.09 -10.21 -10.11
C ASP F 259 81.02 -11.02 -9.38
N GLN F 260 80.96 -12.31 -9.68
CA GLN F 260 79.92 -13.18 -9.14
C GLN F 260 80.06 -13.45 -7.63
N ARG F 261 81.24 -13.21 -7.09
CA ARG F 261 81.44 -13.26 -5.63
C ARG F 261 80.84 -12.04 -4.92
N ILE F 262 80.73 -10.93 -5.64
CA ILE F 262 80.16 -9.70 -5.11
C ILE F 262 78.65 -9.67 -5.38
N GLY F 263 78.25 -10.04 -6.60
CA GLY F 263 76.84 -10.01 -7.00
C GLY F 263 76.38 -8.62 -7.36
N ASN F 264 75.25 -8.54 -8.08
CA ASN F 264 74.81 -7.29 -8.70
C ASN F 264 73.58 -6.63 -8.08
N LYS F 265 73.15 -7.09 -6.91
CA LYS F 265 72.03 -6.48 -6.23
C LYS F 265 72.50 -5.54 -5.13
N PHE F 266 71.65 -4.57 -4.82
CA PHE F 266 71.88 -3.61 -3.75
C PHE F 266 73.12 -2.72 -3.98
N LEU F 267 73.31 -2.35 -5.24
CA LEU F 267 74.39 -1.45 -5.66
C LEU F 267 73.82 -0.24 -6.40
N LYS F 268 72.65 0.21 -5.97
CA LYS F 268 72.04 1.41 -6.52
C LYS F 268 72.27 2.55 -5.52
N ALA F 269 73.08 3.52 -5.94
CA ALA F 269 73.34 4.68 -5.12
C ALA F 269 72.05 5.49 -4.92
N SER F 270 71.98 6.23 -3.82
CA SER F 270 70.78 6.94 -3.40
C SER F 270 71.16 8.09 -2.48
N VAL F 271 70.21 9.02 -2.32
CA VAL F 271 70.36 10.05 -1.29
C VAL F 271 70.56 9.39 0.09
N GLY F 272 70.07 8.18 0.28
CA GLY F 272 70.38 7.37 1.46
C GLY F 272 69.31 6.33 1.72
N PHE F 273 69.69 5.23 2.37
CA PHE F 273 68.70 4.22 2.74
C PHE F 273 67.77 4.68 3.86
N GLY F 274 66.49 4.32 3.70
CA GLY F 274 65.47 4.53 4.72
C GLY F 274 64.82 3.21 5.07
N GLY F 275 63.55 3.28 5.46
CA GLY F 275 62.80 2.10 5.92
C GLY F 275 62.88 1.98 7.43
N SER F 276 61.95 1.26 8.03
CA SER F 276 61.90 1.21 9.50
C SER F 276 63.07 0.51 10.19
N CYS F 277 63.80 -0.37 9.48
CA CYS F 277 64.69 -1.32 10.16
C CYS F 277 66.20 -1.23 10.00
N PHE F 278 66.71 -0.86 8.83
CA PHE F 278 68.15 -0.91 8.57
C PHE F 278 68.95 -0.11 9.58
N GLN F 279 68.60 1.16 9.76
CA GLN F 279 69.30 1.98 10.74
C GLN F 279 69.16 1.41 12.15
N LYS F 280 67.95 1.01 12.54
CA LYS F 280 67.74 0.59 13.93
C LYS F 280 68.40 -0.75 14.25
N ASP F 281 68.33 -1.68 13.30
CA ASP F 281 68.90 -3.00 13.45
C ASP F 281 70.42 -3.01 13.45
N VAL F 282 71.03 -2.15 12.65
CA VAL F 282 72.47 -1.93 12.71
C VAL F 282 72.86 -1.30 14.05
N LEU F 283 72.08 -0.30 14.49
CA LEU F 283 72.38 0.35 15.77
C LEU F 283 72.22 -0.59 16.97
N ASN F 284 71.23 -1.47 16.86
CA ASN F 284 71.06 -2.56 17.81
C ASN F 284 72.33 -3.41 17.86
N LEU F 285 72.84 -3.80 16.69
CA LEU F 285 74.06 -4.60 16.60
C LEU F 285 75.24 -3.88 17.26
N VAL F 286 75.40 -2.61 16.89
CA VAL F 286 76.36 -1.75 17.53
C VAL F 286 76.21 -1.73 19.06
N TYR F 287 75.01 -1.47 19.56
CA TYR F 287 74.76 -1.43 20.99
C TYR F 287 75.12 -2.75 21.69
N LEU F 288 74.75 -3.88 21.09
CA LEU F 288 75.09 -5.19 21.62
C LEU F 288 76.59 -5.41 21.71
N CYS F 289 77.29 -5.08 20.65
CA CYS F 289 78.74 -5.21 20.62
C CYS F 289 79.38 -4.43 21.75
N GLU F 290 78.92 -3.21 21.97
CA GLU F 290 79.40 -2.41 23.10
C GLU F 290 79.15 -3.09 24.44
N ALA F 291 77.92 -3.57 24.62
CA ALA F 291 77.52 -4.28 25.84
C ALA F 291 78.38 -5.53 26.07
N LEU F 292 78.79 -6.18 25.00
CA LEU F 292 79.61 -7.40 25.06
C LEU F 292 81.12 -7.14 24.96
N ASN F 293 81.52 -5.89 25.13
CA ASN F 293 82.92 -5.49 25.07
C ASN F 293 83.57 -5.83 23.74
N LEU F 294 82.88 -5.51 22.65
CA LEU F 294 83.39 -5.66 21.31
C LEU F 294 83.38 -4.30 20.62
N PRO F 295 84.20 -3.35 21.11
CA PRO F 295 84.18 -2.00 20.56
C PRO F 295 84.65 -1.87 19.11
N GLU F 296 85.51 -2.78 18.67
CA GLU F 296 86.01 -2.81 17.30
C GLU F 296 84.93 -3.23 16.33
N VAL F 297 84.18 -4.28 16.68
CA VAL F 297 83.03 -4.72 15.90
C VAL F 297 81.96 -3.61 15.90
N ALA F 298 81.78 -2.94 17.04
CA ALA F 298 80.82 -1.85 17.14
C ALA F 298 81.14 -0.69 16.20
N ARG F 299 82.40 -0.22 16.20
CA ARG F 299 82.76 0.88 15.29
C ARG F 299 82.82 0.49 13.79
N TYR F 300 83.10 -0.78 13.49
CA TYR F 300 83.03 -1.28 12.12
C TYR F 300 81.62 -1.06 11.55
N TRP F 301 80.63 -1.56 12.27
CA TRP F 301 79.24 -1.44 11.83
C TRP F 301 78.69 -0.03 11.91
N GLN F 302 79.16 0.77 12.87
CA GLN F 302 78.76 2.20 13.00
C GLN F 302 79.00 2.98 11.70
N GLN F 303 80.06 2.62 11.00
CA GLN F 303 80.37 3.25 9.72
C GLN F 303 79.23 3.19 8.70
N VAL F 304 78.45 2.10 8.72
CA VAL F 304 77.31 1.93 7.83
C VAL F 304 76.30 3.09 8.05
N ILE F 305 76.08 3.45 9.31
CA ILE F 305 75.14 4.53 9.65
C ILE F 305 75.77 5.92 9.40
N ASP F 306 77.01 6.10 9.84
CA ASP F 306 77.73 7.36 9.62
C ASP F 306 77.78 7.74 8.15
N MET F 307 78.03 6.75 7.28
CA MET F 307 78.10 6.97 5.85
C MET F 307 76.75 7.40 5.29
N ASN F 308 75.69 6.70 5.71
CA ASN F 308 74.33 7.05 5.28
C ASN F 308 73.99 8.51 5.65
N ASP F 309 74.36 8.91 6.87
CA ASP F 309 74.04 10.24 7.38
C ASP F 309 74.82 11.32 6.62
N TYR F 310 76.03 10.96 6.21
CA TYR F 310 76.86 11.80 5.36
C TYR F 310 76.30 11.93 3.95
N GLN F 311 75.92 10.82 3.35
CA GLN F 311 75.29 10.84 2.02
C GLN F 311 74.08 11.79 1.97
N ARG F 312 73.26 11.76 3.01
CA ARG F 312 72.06 12.62 3.11
C ARG F 312 72.39 14.10 3.31
N ARG F 313 73.32 14.36 4.22
CA ARG F 313 73.72 15.71 4.58
C ARG F 313 74.42 16.39 3.41
N ARG F 314 75.29 15.66 2.73
CA ARG F 314 75.98 16.22 1.58
C ARG F 314 75.04 16.46 0.39
N PHE F 315 73.97 15.67 0.29
CA PHE F 315 72.95 15.90 -0.73
C PHE F 315 72.23 17.22 -0.46
N ALA F 316 71.79 17.45 0.78
CA ALA F 316 71.18 18.73 1.16
C ALA F 316 72.09 19.94 0.97
N SER F 317 73.35 19.81 1.41
CA SER F 317 74.38 20.82 1.13
C SER F 317 74.54 21.15 -0.35
N ARG F 318 74.52 20.11 -1.18
CA ARG F 318 74.54 20.29 -2.64
C ARG F 318 73.46 21.26 -3.13
N ILE F 319 72.23 21.01 -2.68
CA ILE F 319 71.07 21.81 -3.05
C ILE F 319 71.25 23.27 -2.61
N ILE F 320 71.64 23.47 -1.35
CA ILE F 320 71.79 24.80 -0.79
C ILE F 320 72.95 25.53 -1.48
N ASP F 321 74.08 24.83 -1.65
CA ASP F 321 75.24 25.38 -2.34
C ASP F 321 74.93 25.73 -3.79
N SER F 322 74.19 24.89 -4.49
CA SER F 322 73.90 25.16 -5.91
C SER F 322 72.92 26.31 -6.07
N LEU F 323 71.96 26.42 -5.15
CA LEU F 323 71.03 27.54 -5.15
C LEU F 323 71.64 28.79 -4.50
N PHE F 324 72.88 29.10 -4.88
CA PHE F 324 73.56 30.35 -4.50
C PHE F 324 73.69 30.54 -2.97
N ASN F 325 73.78 29.43 -2.23
CA ASN F 325 74.07 29.42 -0.80
C ASN F 325 72.97 29.93 0.12
N THR F 326 71.76 30.00 -0.42
CA THR F 326 70.61 30.37 0.38
C THR F 326 69.36 29.79 -0.23
N VAL F 327 68.51 29.22 0.61
CA VAL F 327 67.23 28.68 0.16
C VAL F 327 66.06 29.23 0.97
N THR F 328 66.34 30.23 1.80
CA THR F 328 65.32 30.89 2.61
C THR F 328 64.28 31.51 1.69
N ASP F 329 63.01 31.19 1.95
CA ASP F 329 61.87 31.65 1.16
C ASP F 329 61.80 31.08 -0.28
N LYS F 330 62.71 30.19 -0.64
CA LYS F 330 62.71 29.64 -2.01
C LYS F 330 61.78 28.43 -2.06
N LYS F 331 60.90 28.42 -3.07
CA LYS F 331 60.07 27.26 -3.34
C LYS F 331 60.89 26.11 -3.94
N ILE F 332 60.76 24.94 -3.31
CA ILE F 332 61.47 23.75 -3.72
C ILE F 332 60.51 22.56 -3.74
N ALA F 333 60.42 21.88 -4.88
CA ALA F 333 59.59 20.68 -5.00
C ALA F 333 60.32 19.44 -4.48
N ILE F 334 59.66 18.70 -3.58
CA ILE F 334 60.14 17.39 -3.12
C ILE F 334 59.27 16.31 -3.78
N LEU F 335 59.89 15.55 -4.68
CA LEU F 335 59.19 14.50 -5.42
C LEU F 335 59.54 13.15 -4.83
N GLY F 336 58.60 12.57 -4.07
CA GLY F 336 58.84 11.31 -3.35
C GLY F 336 59.03 11.47 -1.86
N PHE F 337 58.16 10.85 -1.07
CA PHE F 337 58.24 10.89 0.38
C PHE F 337 58.38 9.49 1.01
N ALA F 338 57.77 8.48 0.41
CA ALA F 338 57.99 7.08 0.83
C ALA F 338 59.47 6.71 0.77
N PHE F 339 59.89 5.74 1.59
CA PHE F 339 61.32 5.42 1.72
C PHE F 339 61.88 4.65 0.50
N LYS F 340 60.97 4.13 -0.32
CA LYS F 340 61.26 3.44 -1.57
C LYS F 340 59.96 3.42 -2.36
N LYS F 341 60.01 2.98 -3.61
CA LYS F 341 58.80 2.90 -4.41
C LYS F 341 57.96 1.69 -3.97
N ASP F 342 56.69 1.78 -4.29
CA ASP F 342 55.71 0.71 -4.12
C ASP F 342 55.30 0.46 -2.69
N THR F 343 55.44 1.49 -1.85
CA THR F 343 54.95 1.46 -0.47
C THR F 343 54.41 2.85 -0.16
N GLY F 344 53.47 2.93 0.78
CA GLY F 344 53.08 4.22 1.35
C GLY F 344 53.82 4.53 2.65
N ASP F 345 54.73 3.64 3.05
CA ASP F 345 55.47 3.76 4.31
C ASP F 345 56.57 4.82 4.19
N THR F 346 56.67 5.67 5.22
CA THR F 346 57.65 6.77 5.27
C THR F 346 58.72 6.58 6.35
N ARG F 347 58.68 5.47 7.08
CA ARG F 347 59.56 5.30 8.23
C ARG F 347 61.04 5.40 7.85
N GLU F 348 61.71 6.42 8.42
CA GLU F 348 63.12 6.73 8.21
C GLU F 348 63.48 7.09 6.76
N SER F 349 62.48 7.54 6.00
CA SER F 349 62.72 7.97 4.63
C SER F 349 63.71 9.13 4.55
N SER F 350 64.65 9.05 3.61
CA SER F 350 65.56 10.15 3.39
C SER F 350 64.79 11.42 3.05
N SER F 351 63.60 11.30 2.46
CA SER F 351 62.76 12.46 2.16
C SER F 351 62.49 13.34 3.39
N ILE F 352 62.25 12.68 4.53
CA ILE F 352 62.04 13.37 5.79
C ILE F 352 63.30 14.17 6.16
N TYR F 353 64.46 13.54 6.02
CA TYR F 353 65.71 14.15 6.42
C TYR F 353 66.15 15.28 5.47
N ILE F 354 65.93 15.11 4.18
CA ILE F 354 66.21 16.21 3.24
C ILE F 354 65.24 17.39 3.48
N SER F 355 63.97 17.10 3.65
CA SER F 355 63.00 18.16 3.92
C SER F 355 63.36 18.98 5.16
N LYS F 356 63.67 18.29 6.25
CA LYS F 356 64.07 18.94 7.51
C LYS F 356 65.31 19.84 7.36
N TYR F 357 66.34 19.35 6.65
CA TYR F 357 67.52 20.15 6.38
C TYR F 357 67.13 21.48 5.69
N LEU F 358 66.24 21.36 4.71
CA LEU F 358 65.80 22.50 3.91
C LEU F 358 64.81 23.39 4.67
N MET F 359 63.97 22.80 5.51
CA MET F 359 63.18 23.57 6.47
C MET F 359 64.03 24.34 7.48
N ASP F 360 65.19 23.80 7.90
CA ASP F 360 66.07 24.53 8.85
C ASP F 360 66.57 25.83 8.26
N GLU F 361 66.60 25.88 6.93
CA GLU F 361 67.00 27.03 6.15
C GLU F 361 65.88 28.00 5.81
N GLY F 362 64.63 27.60 6.06
CA GLY F 362 63.47 28.41 5.72
C GLY F 362 63.02 28.28 4.27
N ALA F 363 63.34 27.15 3.64
CA ALA F 363 62.82 26.85 2.28
C ALA F 363 61.30 26.59 2.35
N HIS F 364 60.60 26.82 1.25
CA HIS F 364 59.15 26.53 1.16
C HIS F 364 58.97 25.26 0.38
N LEU F 365 58.80 24.15 1.08
CA LEU F 365 58.74 22.84 0.46
C LEU F 365 57.33 22.54 -0.03
N HIS F 366 57.25 22.08 -1.27
CA HIS F 366 56.00 21.56 -1.83
C HIS F 366 56.25 20.10 -2.19
N ILE F 367 55.51 19.20 -1.52
CA ILE F 367 55.85 17.77 -1.47
C ILE F 367 54.75 16.99 -2.19
N TYR F 368 55.15 16.12 -3.12
CA TYR F 368 54.26 15.20 -3.81
C TYR F 368 54.74 13.74 -3.69
N ASP F 369 53.81 12.86 -3.37
CA ASP F 369 54.05 11.41 -3.39
C ASP F 369 52.76 10.70 -3.84
N PRO F 370 52.85 9.76 -4.82
CA PRO F 370 51.63 9.09 -5.29
C PRO F 370 50.86 8.22 -4.29
N LYS F 371 51.50 7.81 -3.18
CA LYS F 371 50.87 6.87 -2.25
C LYS F 371 50.87 7.27 -0.80
N VAL F 372 51.82 8.10 -0.36
CA VAL F 372 51.84 8.54 1.03
C VAL F 372 50.67 9.48 1.33
N PRO F 373 49.90 9.20 2.40
CA PRO F 373 48.84 10.12 2.83
C PRO F 373 49.39 11.46 3.33
N ARG F 374 48.78 12.57 2.94
CA ARG F 374 49.28 13.89 3.33
C ARG F 374 49.39 14.08 4.83
N GLU F 375 48.48 13.47 5.59
CA GLU F 375 48.46 13.61 7.04
C GLU F 375 49.74 13.02 7.64
N GLN F 376 50.24 11.94 7.04
CA GLN F 376 51.48 11.31 7.50
C GLN F 376 52.68 12.21 7.27
N ILE F 377 52.72 12.86 6.11
CA ILE F 377 53.83 13.74 5.76
C ILE F 377 53.91 14.88 6.76
N VAL F 378 52.75 15.41 7.10
CA VAL F 378 52.63 16.48 8.09
C VAL F 378 53.12 16.02 9.47
N VAL F 379 52.69 14.85 9.90
CA VAL F 379 53.19 14.26 11.14
C VAL F 379 54.72 14.08 11.11
N ASP F 380 55.22 13.58 9.99
CA ASP F 380 56.66 13.26 9.87
C ASP F 380 57.57 14.50 10.00
N LEU F 381 57.08 15.64 9.51
CA LEU F 381 57.86 16.87 9.50
C LEU F 381 57.53 17.77 10.69
N SER F 382 56.62 17.33 11.57
CA SER F 382 56.25 18.08 12.77
C SER F 382 57.10 17.67 13.97
N HIS F 383 57.23 18.58 14.95
CA HIS F 383 58.06 18.36 16.14
C HIS F 383 57.61 17.13 16.94
N ASP F 389 52.47 21.95 14.57
CA ASP F 389 53.82 22.49 14.32
C ASP F 389 53.76 23.74 13.44
N ASP F 390 54.24 24.85 13.98
CA ASP F 390 54.23 26.15 13.31
C ASP F 390 55.17 26.18 12.09
N GLN F 391 56.31 25.51 12.19
CA GLN F 391 57.26 25.46 11.09
C GLN F 391 56.67 24.76 9.86
N VAL F 392 55.91 23.69 10.09
CA VAL F 392 55.27 22.95 9.01
C VAL F 392 54.17 23.80 8.36
N SER F 393 53.34 24.44 9.18
CA SER F 393 52.31 25.35 8.67
C SER F 393 52.90 26.45 7.80
N ARG F 394 54.05 26.99 8.21
CA ARG F 394 54.70 28.07 7.47
C ARG F 394 55.50 27.62 6.26
N LEU F 395 56.15 26.44 6.32
CA LEU F 395 57.14 26.04 5.29
C LEU F 395 56.74 24.89 4.35
N VAL F 396 55.74 24.10 4.73
CA VAL F 396 55.39 22.91 3.96
C VAL F 396 54.00 22.97 3.33
N THR F 397 53.91 22.58 2.06
CA THR F 397 52.65 22.43 1.33
C THR F 397 52.63 21.01 0.76
N ILE F 398 51.51 20.31 0.90
CA ILE F 398 51.37 18.98 0.28
C ILE F 398 50.67 19.18 -1.06
N SER F 399 51.36 18.83 -2.14
CA SER F 399 50.89 19.08 -3.51
C SER F 399 50.10 17.89 -4.04
N LYS F 400 49.15 18.19 -4.94
CA LYS F 400 48.23 17.17 -5.48
C LYS F 400 48.84 16.40 -6.64
N ASP F 401 49.68 17.07 -7.41
CA ASP F 401 50.39 16.47 -8.52
C ASP F 401 51.79 17.10 -8.60
N PRO F 402 52.72 16.44 -9.31
CA PRO F 402 54.09 16.97 -9.46
C PRO F 402 54.19 18.35 -10.09
N TYR F 403 53.31 18.67 -11.04
CA TYR F 403 53.33 19.97 -11.74
C TYR F 403 52.97 21.15 -10.84
N GLU F 404 52.07 20.91 -9.89
CA GLU F 404 51.72 21.88 -8.86
C GLU F 404 52.93 22.16 -7.97
N ALA F 405 53.57 21.08 -7.51
CA ALA F 405 54.80 21.16 -6.70
C ALA F 405 55.90 21.99 -7.38
N CYS F 406 56.06 21.82 -8.68
CA CYS F 406 57.13 22.45 -9.44
C CYS F 406 56.83 23.85 -9.92
N ASP F 407 55.57 24.27 -9.82
CA ASP F 407 55.13 25.56 -10.35
C ASP F 407 55.72 26.70 -9.51
N GLY F 408 56.65 27.44 -10.11
CA GLY F 408 57.35 28.53 -9.43
C GLY F 408 58.48 28.06 -8.52
N ALA F 409 58.83 26.79 -8.63
CA ALA F 409 59.93 26.22 -7.86
C ALA F 409 61.29 26.66 -8.43
N HIS F 410 62.30 26.71 -7.56
CA HIS F 410 63.69 26.92 -7.96
C HIS F 410 64.36 25.59 -8.27
N ALA F 411 63.95 24.54 -7.55
CA ALA F 411 64.55 23.22 -7.67
C ALA F 411 63.49 22.13 -7.56
N VAL F 412 63.75 21.04 -8.27
CA VAL F 412 63.00 19.79 -8.17
C VAL F 412 63.97 18.78 -7.58
N VAL F 413 63.58 18.22 -6.44
CA VAL F 413 64.42 17.29 -5.70
C VAL F 413 63.72 15.91 -5.66
N ILE F 414 64.28 14.95 -6.40
CA ILE F 414 63.75 13.59 -6.46
C ILE F 414 64.36 12.70 -5.36
N CYS F 415 63.51 12.24 -4.45
CA CYS F 415 63.94 11.49 -3.29
C CYS F 415 63.49 10.05 -3.23
N THR F 416 62.44 9.72 -3.99
CA THR F 416 61.91 8.35 -4.06
C THR F 416 61.80 7.95 -5.53
N GLU F 417 62.16 6.71 -5.83
CA GLU F 417 62.31 6.26 -7.21
C GLU F 417 61.01 5.78 -7.89
N TRP F 418 59.90 6.47 -7.60
CA TRP F 418 58.62 6.22 -8.29
C TRP F 418 58.79 6.34 -9.81
N ASP F 419 58.29 5.35 -10.56
CA ASP F 419 58.48 5.30 -12.03
C ASP F 419 57.98 6.56 -12.74
N MET F 420 56.92 7.16 -12.22
CA MET F 420 56.30 8.31 -12.85
C MET F 420 57.21 9.53 -13.02
N PHE F 421 58.21 9.68 -12.16
CA PHE F 421 59.01 10.93 -12.18
C PHE F 421 59.85 11.07 -13.43
N LYS F 422 60.37 9.95 -13.91
CA LYS F 422 61.10 9.86 -15.17
C LYS F 422 60.23 10.23 -16.38
N GLU F 423 58.92 10.03 -16.27
CA GLU F 423 57.99 10.22 -17.38
CA GLU F 423 58.01 10.23 -17.39
C GLU F 423 57.37 11.62 -17.39
N LEU F 424 57.70 12.45 -16.42
CA LEU F 424 57.15 13.81 -16.35
C LEU F 424 57.49 14.66 -17.59
N ASP F 425 56.66 15.66 -17.82
CA ASP F 425 56.84 16.62 -18.91
C ASP F 425 57.73 17.75 -18.40
N TYR F 426 59.03 17.55 -18.55
CA TYR F 426 60.01 18.49 -18.02
C TYR F 426 60.09 19.81 -18.77
N GLU F 427 59.62 19.82 -20.02
CA GLU F 427 59.57 21.06 -20.78
C GLU F 427 58.50 21.98 -20.21
N ARG F 428 57.31 21.41 -19.98
CA ARG F 428 56.24 22.11 -19.25
C ARG F 428 56.71 22.63 -17.87
N ILE F 429 57.43 21.79 -17.14
CA ILE F 429 57.94 22.13 -15.80
C ILE F 429 58.91 23.30 -15.84
N HIS F 430 59.86 23.26 -16.77
CA HIS F 430 60.86 24.32 -16.92
C HIS F 430 60.25 25.70 -17.16
N LYS F 431 59.15 25.72 -17.90
CA LYS F 431 58.53 26.98 -18.28
C LYS F 431 58.00 27.73 -17.07
N LYS F 432 57.48 27.01 -16.08
CA LYS F 432 56.89 27.65 -14.90
C LYS F 432 57.82 27.67 -13.68
N MET F 433 59.03 27.16 -13.83
CA MET F 433 60.01 27.25 -12.77
C MET F 433 60.66 28.62 -12.81
N LEU F 434 61.12 29.06 -11.64
CA LEU F 434 61.98 30.24 -11.56
C LEU F 434 63.35 29.84 -12.11
N LYS F 435 64.09 30.85 -12.56
CA LYS F 435 65.34 30.68 -13.29
C LYS F 435 66.55 31.29 -12.55
N PRO F 436 67.70 30.56 -12.53
CA PRO F 436 67.85 29.23 -13.13
C PRO F 436 67.07 28.11 -12.38
N ALA F 437 66.62 27.11 -13.16
CA ALA F 437 65.89 25.94 -12.68
C ALA F 437 66.88 24.80 -12.49
N PHE F 438 66.80 24.13 -11.34
CA PHE F 438 67.71 23.03 -11.02
C PHE F 438 66.88 21.77 -10.79
N ILE F 439 67.41 20.61 -11.21
CA ILE F 439 66.89 19.31 -10.78
C ILE F 439 67.98 18.60 -10.02
N PHE F 440 67.66 18.09 -8.83
CA PHE F 440 68.59 17.28 -8.02
C PHE F 440 68.02 15.87 -7.85
N ASP F 441 68.60 14.91 -8.56
CA ASP F 441 68.07 13.57 -8.64
C ASP F 441 68.81 12.64 -7.66
N GLY F 442 68.15 12.32 -6.56
CA GLY F 442 68.73 11.51 -5.49
C GLY F 442 68.56 10.02 -5.68
N ARG F 443 68.08 9.61 -6.85
CA ARG F 443 67.75 8.20 -7.14
C ARG F 443 68.29 7.69 -8.49
N ARG F 444 69.00 8.52 -9.24
CA ARG F 444 69.50 8.19 -10.58
C ARG F 444 68.39 7.74 -11.55
N VAL F 445 67.16 8.21 -11.38
CA VAL F 445 66.05 7.77 -12.23
C VAL F 445 65.98 8.55 -13.56
N LEU F 446 66.66 9.70 -13.61
CA LEU F 446 66.68 10.53 -14.80
C LEU F 446 67.93 10.35 -15.67
N ASP F 447 68.75 9.34 -15.37
CA ASP F 447 69.88 8.99 -16.24
C ASP F 447 69.39 8.75 -17.67
N GLY F 448 70.13 9.28 -18.63
CA GLY F 448 69.71 9.17 -20.02
C GLY F 448 68.88 10.34 -20.51
N LEU F 449 68.32 11.12 -19.57
CA LEU F 449 67.58 12.34 -19.90
C LEU F 449 68.42 13.61 -19.77
N HIS F 450 69.67 13.48 -19.31
CA HIS F 450 70.48 14.63 -18.92
C HIS F 450 70.70 15.65 -20.05
N ASN F 451 70.96 15.14 -21.26
CA ASN F 451 71.15 16.00 -22.43
C ASN F 451 69.87 16.72 -22.82
N GLU F 452 68.76 16.00 -22.85
CA GLU F 452 67.45 16.60 -23.13
C GLU F 452 67.15 17.66 -22.09
N LEU F 453 67.31 17.32 -20.81
CA LEU F 453 67.04 18.25 -19.70
C LEU F 453 67.96 19.47 -19.75
N GLN F 454 69.23 19.26 -20.08
CA GLN F 454 70.15 20.38 -20.27
C GLN F 454 69.75 21.27 -21.45
N THR F 455 69.27 20.66 -22.52
CA THR F 455 68.86 21.39 -23.71
C THR F 455 67.64 22.25 -23.40
N ILE F 456 66.74 21.70 -22.60
CA ILE F 456 65.57 22.44 -22.13
C ILE F 456 65.99 23.64 -21.27
N GLY F 457 67.07 23.48 -20.50
CA GLY F 457 67.62 24.57 -19.70
C GLY F 457 67.95 24.26 -18.25
N PHE F 458 67.53 23.10 -17.75
CA PHE F 458 67.80 22.73 -16.36
C PHE F 458 69.30 22.59 -16.11
N GLN F 459 69.71 22.90 -14.88
CA GLN F 459 70.96 22.41 -14.34
C GLN F 459 70.61 21.13 -13.60
N ILE F 460 71.08 20.00 -14.12
CA ILE F 460 70.70 18.73 -13.53
C ILE F 460 71.90 18.12 -12.84
N GLU F 461 71.66 17.69 -11.60
CA GLU F 461 72.66 17.06 -10.78
C GLU F 461 72.14 15.74 -10.20
N THR F 462 73.04 14.78 -10.09
CA THR F 462 72.72 13.50 -9.49
C THR F 462 73.91 12.97 -8.74
N ILE F 463 73.61 12.08 -7.81
CA ILE F 463 74.59 11.38 -7.00
CA ILE F 463 74.63 11.42 -7.01
C ILE F 463 75.51 10.52 -7.90
N GLY F 464 76.79 10.49 -7.58
CA GLY F 464 77.75 9.66 -8.29
C GLY F 464 78.06 10.07 -9.71
N LYS F 465 77.82 11.35 -10.03
CA LYS F 465 78.15 11.94 -11.32
C LYS F 465 78.72 13.35 -11.09
N LYS F 466 79.91 13.58 -11.63
CA LYS F 466 80.62 14.87 -11.55
C LYS F 466 79.80 15.93 -12.28
N VAL F 467 79.69 17.11 -11.68
CA VAL F 467 78.90 18.20 -12.28
C VAL F 467 79.71 18.92 -13.34
N MET G 2 -5.46 11.13 -37.04
CA MET G 2 -6.15 10.02 -36.33
C MET G 2 -7.66 10.28 -36.29
N PHE G 3 -8.46 9.23 -36.45
CA PHE G 3 -9.92 9.33 -36.39
C PHE G 3 -10.37 9.43 -34.94
N GLU G 4 -11.29 10.37 -34.64
CA GLU G 4 -11.84 10.51 -33.29
C GLU G 4 -13.28 10.00 -33.17
N ILE G 5 -13.47 9.03 -32.29
CA ILE G 5 -14.80 8.56 -31.91
C ILE G 5 -15.42 9.64 -31.03
N LYS G 6 -16.59 10.16 -31.42
CA LYS G 6 -17.30 11.15 -30.62
C LYS G 6 -18.72 10.75 -30.26
N LYS G 7 -19.25 9.73 -30.91
CA LYS G 7 -20.53 9.11 -30.52
C LYS G 7 -20.35 7.60 -30.46
N ILE G 8 -20.67 7.03 -29.29
CA ILE G 8 -20.68 5.58 -29.09
C ILE G 8 -22.11 5.09 -28.88
N CYS G 9 -22.46 4.02 -29.58
CA CYS G 9 -23.68 3.27 -29.31
C CYS G 9 -23.35 1.90 -28.71
N CYS G 10 -23.97 1.54 -27.59
CA CYS G 10 -23.88 0.19 -27.07
C CYS G 10 -25.23 -0.53 -27.16
N ILE G 11 -25.26 -1.61 -27.93
CA ILE G 11 -26.44 -2.49 -28.03
C ILE G 11 -26.33 -3.54 -26.93
N GLY G 12 -27.16 -3.41 -25.91
CA GLY G 12 -27.06 -4.26 -24.72
C GLY G 12 -26.81 -3.42 -23.48
N ALA G 13 -27.88 -3.17 -22.73
CA ALA G 13 -27.80 -2.40 -21.48
C ALA G 13 -27.67 -3.32 -20.27
N GLY G 14 -26.94 -4.43 -20.43
CA GLY G 14 -26.82 -5.45 -19.40
C GLY G 14 -25.67 -5.24 -18.44
N TYR G 15 -25.24 -6.33 -17.83
CA TYR G 15 -24.19 -6.32 -16.82
C TYR G 15 -22.86 -5.77 -17.33
N VAL G 16 -22.51 -6.10 -18.57
CA VAL G 16 -21.29 -5.60 -19.19
C VAL G 16 -21.48 -4.22 -19.84
N GLY G 17 -22.52 -4.05 -20.66
CA GLY G 17 -22.70 -2.84 -21.46
C GLY G 17 -22.98 -1.58 -20.67
N GLY G 18 -23.83 -1.67 -19.66
CA GLY G 18 -24.18 -0.49 -18.86
C GLY G 18 -22.99 0.09 -18.13
N PRO G 19 -22.37 -0.70 -17.24
CA PRO G 19 -21.20 -0.24 -16.48
C PRO G 19 -20.01 0.23 -17.32
N THR G 20 -19.65 -0.54 -18.35
CA THR G 20 -18.52 -0.18 -19.20
C THR G 20 -18.72 1.19 -19.86
N CYS G 21 -19.92 1.42 -20.38
CA CYS G 21 -20.27 2.68 -21.07
C CYS G 21 -20.43 3.84 -20.11
N SER G 22 -20.94 3.56 -18.91
CA SER G 22 -20.98 4.54 -17.83
C SER G 22 -19.59 5.06 -17.48
N VAL G 23 -18.62 4.15 -17.37
CA VAL G 23 -17.26 4.56 -17.05
C VAL G 23 -16.65 5.36 -18.21
N ILE G 24 -16.88 4.91 -19.44
CA ILE G 24 -16.37 5.60 -20.62
C ILE G 24 -16.87 7.03 -20.67
N ALA G 25 -18.18 7.23 -20.48
CA ALA G 25 -18.79 8.58 -20.46
C ALA G 25 -18.24 9.45 -19.32
N HIS G 26 -18.04 8.83 -18.16
CA HIS G 26 -17.48 9.50 -16.99
C HIS G 26 -16.04 9.97 -17.25
N MET G 27 -15.26 9.14 -17.97
CA MET G 27 -13.85 9.45 -18.26
C MET G 27 -13.66 10.27 -19.53
N CYS G 28 -14.66 10.27 -20.41
CA CYS G 28 -14.58 10.93 -21.72
C CYS G 28 -15.77 11.88 -21.92
N PRO G 29 -15.72 13.06 -21.29
CA PRO G 29 -16.86 13.99 -21.40
C PRO G 29 -17.16 14.49 -22.82
N GLU G 30 -16.21 14.35 -23.73
CA GLU G 30 -16.36 14.79 -25.12
C GLU G 30 -16.91 13.72 -26.08
N ILE G 31 -17.25 12.55 -25.52
CA ILE G 31 -17.93 11.49 -26.26
C ILE G 31 -19.35 11.36 -25.70
N ARG G 32 -20.34 11.36 -26.59
CA ARG G 32 -21.72 11.04 -26.24
C ARG G 32 -21.85 9.52 -26.29
N VAL G 33 -22.29 8.91 -25.18
CA VAL G 33 -22.45 7.45 -25.10
C VAL G 33 -23.93 7.11 -24.87
N THR G 34 -24.49 6.39 -25.83
CA THR G 34 -25.88 5.96 -25.76
C THR G 34 -25.90 4.43 -25.63
N VAL G 35 -26.53 3.99 -24.53
CA VAL G 35 -26.71 2.57 -24.26
C VAL G 35 -28.16 2.24 -24.65
N VAL G 36 -28.32 1.27 -25.56
CA VAL G 36 -29.62 0.92 -26.09
C VAL G 36 -29.97 -0.54 -25.78
N ASP G 37 -31.26 -0.85 -25.87
CA ASP G 37 -31.72 -2.19 -25.49
C ASP G 37 -33.17 -2.32 -25.93
N VAL G 38 -33.59 -3.52 -26.33
CA VAL G 38 -35.00 -3.78 -26.65
C VAL G 38 -35.86 -3.76 -25.39
N ASN G 39 -35.29 -4.23 -24.28
CA ASN G 39 -35.99 -4.28 -23.01
C ASN G 39 -36.26 -2.87 -22.44
N GLU G 40 -37.49 -2.41 -22.59
CA GLU G 40 -37.85 -1.05 -22.20
C GLU G 40 -37.80 -0.82 -20.69
N SER G 41 -38.29 -1.79 -19.92
CA SER G 41 -38.31 -1.65 -18.47
C SER G 41 -36.90 -1.59 -17.86
N ARG G 42 -35.96 -2.28 -18.49
CA ARG G 42 -34.54 -2.22 -18.13
C ARG G 42 -33.92 -0.82 -18.39
N ILE G 43 -34.13 -0.32 -19.60
CA ILE G 43 -33.72 1.05 -19.95
C ILE G 43 -34.28 2.07 -18.96
N ASN G 44 -35.58 1.96 -18.68
CA ASN G 44 -36.24 2.86 -17.73
C ASN G 44 -35.60 2.82 -16.37
N ALA G 45 -35.15 1.64 -15.97
CA ALA G 45 -34.47 1.43 -14.69
C ALA G 45 -33.11 2.14 -14.65
N TRP G 46 -32.37 2.04 -15.75
CA TRP G 46 -31.10 2.76 -15.94
C TRP G 46 -31.24 4.27 -15.81
N ASN G 47 -32.39 4.80 -16.24
CA ASN G 47 -32.74 6.21 -16.06
C ASN G 47 -33.47 6.52 -14.74
N SER G 48 -33.58 5.55 -13.84
CA SER G 48 -34.29 5.70 -12.57
C SER G 48 -33.33 5.83 -11.37
N PRO G 49 -33.86 6.15 -10.18
CA PRO G 49 -33.07 6.13 -8.94
C PRO G 49 -32.54 4.76 -8.52
N THR G 50 -33.13 3.68 -9.05
CA THR G 50 -32.74 2.32 -8.72
C THR G 50 -32.33 1.61 -10.01
N LEU G 51 -31.02 1.39 -10.16
CA LEU G 51 -30.49 0.82 -11.41
C LEU G 51 -30.77 -0.68 -11.48
N PRO G 52 -30.87 -1.22 -12.71
CA PRO G 52 -31.18 -2.64 -12.86
C PRO G 52 -30.01 -3.58 -12.52
N ILE G 53 -28.81 -3.01 -12.39
CA ILE G 53 -27.60 -3.76 -12.04
C ILE G 53 -27.08 -3.18 -10.72
N TYR G 54 -26.83 -4.03 -9.73
CA TYR G 54 -26.14 -3.58 -8.52
C TYR G 54 -24.65 -3.89 -8.57
N GLU G 55 -23.86 -2.81 -8.55
CA GLU G 55 -22.42 -2.87 -8.46
C GLU G 55 -21.99 -1.66 -7.64
N PRO G 56 -21.07 -1.85 -6.67
CA PRO G 56 -20.48 -0.74 -5.93
C PRO G 56 -19.90 0.36 -6.83
N GLY G 57 -20.25 1.61 -6.54
CA GLY G 57 -19.74 2.76 -7.29
C GLY G 57 -20.46 3.07 -8.59
N LEU G 58 -21.34 2.18 -9.04
CA LEU G 58 -21.97 2.30 -10.35
C LEU G 58 -22.98 3.44 -10.40
N LYS G 59 -23.80 3.54 -9.35
CA LYS G 59 -24.81 4.60 -9.25
C LYS G 59 -24.12 5.96 -9.34
N GLU G 60 -23.08 6.15 -8.54
CA GLU G 60 -22.33 7.41 -8.54
C GLU G 60 -21.77 7.73 -9.92
N VAL G 61 -21.22 6.74 -10.60
CA VAL G 61 -20.70 6.95 -11.97
C VAL G 61 -21.83 7.36 -12.93
N VAL G 62 -22.93 6.63 -12.92
CA VAL G 62 -24.07 6.88 -13.82
C VAL G 62 -24.63 8.29 -13.57
N GLU G 63 -24.87 8.60 -12.30
CA GLU G 63 -25.49 9.86 -11.97
C GLU G 63 -24.55 11.03 -12.20
N SER G 64 -23.24 10.78 -12.21
CA SER G 64 -22.28 11.85 -12.52
C SER G 64 -22.39 12.38 -13.95
N CYS G 65 -22.87 11.56 -14.88
CA CYS G 65 -22.90 11.99 -16.28
C CYS G 65 -24.17 11.67 -17.11
N ARG G 66 -25.13 10.95 -16.55
CA ARG G 66 -26.38 10.67 -17.26
C ARG G 66 -27.10 11.98 -17.57
N GLY G 67 -27.60 12.09 -18.79
CA GLY G 67 -28.24 13.31 -19.24
C GLY G 67 -27.27 14.36 -19.77
N LYS G 68 -25.96 14.15 -19.60
CA LYS G 68 -24.95 15.03 -20.19
C LYS G 68 -24.32 14.37 -21.41
N ASN G 69 -23.58 13.29 -21.19
CA ASN G 69 -22.98 12.53 -22.28
C ASN G 69 -23.18 11.02 -22.14
N LEU G 70 -24.07 10.63 -21.22
CA LEU G 70 -24.47 9.23 -21.03
C LEU G 70 -26.00 9.15 -21.15
N PHE G 71 -26.48 8.32 -22.08
CA PHE G 71 -27.91 8.20 -22.35
C PHE G 71 -28.33 6.73 -22.42
N PHE G 72 -29.56 6.44 -21.95
CA PHE G 72 -30.14 5.10 -22.05
C PHE G 72 -31.45 5.18 -22.83
N SER G 73 -31.58 4.38 -23.88
CA SER G 73 -32.71 4.49 -24.79
C SER G 73 -33.13 3.17 -25.42
N THR G 74 -34.41 3.06 -25.76
CA THR G 74 -34.94 1.97 -26.56
C THR G 74 -34.88 2.31 -28.06
N ASN G 75 -34.52 3.56 -28.38
CA ASN G 75 -34.32 3.99 -29.77
C ASN G 75 -32.95 3.50 -30.26
N ILE G 76 -32.92 2.21 -30.61
CA ILE G 76 -31.75 1.53 -31.11
C ILE G 76 -31.30 2.08 -32.47
N ASP G 77 -32.24 2.26 -33.40
CA ASP G 77 -31.89 2.65 -34.78
C ASP G 77 -31.14 3.98 -34.85
N ASP G 78 -31.65 5.02 -34.17
CA ASP G 78 -31.02 6.33 -34.18
C ASP G 78 -29.65 6.33 -33.53
N ALA G 79 -29.50 5.54 -32.46
CA ALA G 79 -28.22 5.47 -31.77
C ALA G 79 -27.15 4.84 -32.68
N ILE G 80 -27.53 3.81 -33.44
CA ILE G 80 -26.62 3.18 -34.43
C ILE G 80 -26.29 4.14 -35.55
N LYS G 81 -27.33 4.78 -36.08
CA LYS G 81 -27.25 5.66 -37.23
C LYS G 81 -26.22 6.79 -37.02
N GLU G 82 -26.21 7.34 -35.80
CA GLU G 82 -25.35 8.46 -35.44
C GLU G 82 -23.95 8.06 -34.95
N ALA G 83 -23.75 6.77 -34.67
CA ALA G 83 -22.56 6.33 -33.95
C ALA G 83 -21.31 6.29 -34.81
N ASP G 84 -20.16 6.59 -34.20
CA ASP G 84 -18.84 6.28 -34.79
C ASP G 84 -18.39 4.88 -34.44
N LEU G 85 -18.72 4.47 -33.23
CA LEU G 85 -18.41 3.15 -32.72
C LEU G 85 -19.66 2.53 -32.11
N VAL G 86 -19.97 1.31 -32.54
CA VAL G 86 -21.04 0.51 -31.98
C VAL G 86 -20.44 -0.69 -31.24
N PHE G 87 -20.70 -0.77 -29.95
CA PHE G 87 -20.41 -1.96 -29.17
C PHE G 87 -21.54 -2.98 -29.34
N ILE G 88 -21.18 -4.25 -29.54
CA ILE G 88 -22.13 -5.35 -29.46
C ILE G 88 -21.92 -5.97 -28.08
N SER G 89 -22.88 -5.76 -27.19
CA SER G 89 -22.76 -6.18 -25.79
C SER G 89 -24.02 -6.96 -25.40
N VAL G 90 -24.50 -7.77 -26.35
CA VAL G 90 -25.66 -8.62 -26.15
C VAL G 90 -25.20 -9.96 -25.57
N ASN G 91 -26.17 -10.73 -25.09
CA ASN G 91 -25.86 -12.03 -24.48
C ASN G 91 -25.64 -13.11 -25.53
N THR G 92 -24.74 -14.02 -25.19
CA THR G 92 -24.47 -15.20 -25.99
C THR G 92 -24.72 -16.39 -25.06
N PRO G 93 -25.98 -16.78 -24.89
CA PRO G 93 -26.30 -17.86 -23.97
C PRO G 93 -25.88 -19.21 -24.55
N THR G 94 -25.67 -20.19 -23.68
CA THR G 94 -25.38 -21.55 -24.15
C THR G 94 -26.61 -22.09 -24.87
N LYS G 95 -26.37 -22.72 -26.03
CA LYS G 95 -27.45 -23.42 -26.74
C LYS G 95 -28.02 -24.52 -25.83
N THR G 96 -29.34 -24.60 -25.75
CA THR G 96 -30.04 -25.62 -24.95
C THR G 96 -30.70 -26.66 -25.87
N TYR G 97 -30.23 -26.75 -27.10
CA TYR G 97 -30.90 -27.50 -28.17
C TYR G 97 -29.91 -27.77 -29.32
N GLY G 98 -30.22 -28.79 -30.12
CA GLY G 98 -29.48 -29.04 -31.35
C GLY G 98 -27.99 -29.25 -31.19
N MET G 99 -27.25 -28.94 -32.25
CA MET G 99 -25.77 -28.99 -32.29
C MET G 99 -25.11 -28.21 -31.16
N GLY G 100 -24.33 -28.91 -30.34
CA GLY G 100 -23.58 -28.29 -29.26
C GLY G 100 -24.44 -27.94 -28.05
N LYS G 101 -25.59 -28.61 -27.94
CA LYS G 101 -26.48 -28.43 -26.80
C LYS G 101 -25.68 -28.50 -25.50
N GLY G 102 -25.85 -27.48 -24.66
CA GLY G 102 -25.24 -27.45 -23.34
C GLY G 102 -23.81 -26.96 -23.30
N ARG G 103 -23.22 -26.66 -24.46
CA ARG G 103 -21.81 -26.29 -24.55
C ARG G 103 -21.51 -25.15 -25.52
N ALA G 104 -22.10 -25.20 -26.70
CA ALA G 104 -21.92 -24.17 -27.73
C ALA G 104 -22.71 -22.90 -27.41
N ALA G 105 -22.16 -21.76 -27.83
CA ALA G 105 -22.79 -20.45 -27.65
C ALA G 105 -23.84 -20.24 -28.73
N ASP G 106 -24.96 -19.63 -28.36
CA ASP G 106 -25.99 -19.24 -29.31
C ASP G 106 -25.71 -17.81 -29.77
N LEU G 107 -25.44 -17.66 -31.07
CA LEU G 107 -25.10 -16.36 -31.68
C LEU G 107 -26.30 -15.65 -32.28
N LYS G 108 -27.51 -16.05 -31.93
CA LYS G 108 -28.71 -15.46 -32.52
C LYS G 108 -28.85 -13.98 -32.20
N TYR G 109 -28.43 -13.57 -31.00
CA TYR G 109 -28.47 -12.14 -30.63
C TYR G 109 -27.35 -11.34 -31.26
N ILE G 110 -26.15 -11.92 -31.34
CA ILE G 110 -25.04 -11.28 -32.06
C ILE G 110 -25.45 -11.02 -33.52
N GLU G 111 -25.98 -12.06 -34.18
CA GLU G 111 -26.39 -11.93 -35.58
C GLU G 111 -27.52 -10.91 -35.79
N ALA G 112 -28.51 -10.91 -34.92
CA ALA G 112 -29.58 -9.95 -35.00
C ALA G 112 -29.01 -8.50 -34.95
N CYS G 113 -28.07 -8.26 -34.04
CA CYS G 113 -27.42 -6.94 -33.92
C CYS G 113 -26.67 -6.57 -35.17
N ALA G 114 -25.89 -7.53 -35.68
CA ALA G 114 -25.09 -7.33 -36.90
C ALA G 114 -25.94 -6.92 -38.09
N ARG G 115 -27.08 -7.59 -38.28
CA ARG G 115 -28.00 -7.29 -39.37
C ARG G 115 -28.68 -5.94 -39.18
N ARG G 116 -28.98 -5.60 -37.94
CA ARG G 116 -29.56 -4.30 -37.61
C ARG G 116 -28.56 -3.17 -37.82
N ILE G 117 -27.31 -3.40 -37.42
CA ILE G 117 -26.26 -2.39 -37.62
C ILE G 117 -26.11 -2.03 -39.10
N VAL G 118 -25.92 -3.04 -39.96
CA VAL G 118 -25.74 -2.79 -41.40
C VAL G 118 -26.98 -2.18 -42.04
N GLN G 119 -28.17 -2.57 -41.58
CA GLN G 119 -29.42 -1.98 -42.05
C GLN G 119 -29.50 -0.48 -41.73
N ASN G 120 -28.98 -0.09 -40.57
CA ASN G 120 -29.10 1.30 -40.08
C ASN G 120 -27.84 2.14 -40.24
N SER G 121 -26.87 1.63 -40.99
CA SER G 121 -25.57 2.27 -41.10
C SER G 121 -25.30 2.76 -42.51
N ASN G 122 -24.66 3.93 -42.58
CA ASN G 122 -24.12 4.50 -43.80
C ASN G 122 -22.72 5.00 -43.48
N GLY G 123 -21.83 5.00 -44.46
CA GLY G 123 -20.48 5.50 -44.25
C GLY G 123 -19.62 4.64 -43.33
N TYR G 124 -18.75 5.30 -42.58
CA TYR G 124 -17.76 4.65 -41.73
C TYR G 124 -18.24 4.51 -40.27
N LYS G 125 -18.16 3.28 -39.76
CA LYS G 125 -18.37 2.97 -38.34
C LYS G 125 -17.44 1.85 -37.88
N ILE G 126 -17.06 1.89 -36.61
CA ILE G 126 -16.28 0.83 -35.96
C ILE G 126 -17.22 -0.04 -35.14
N VAL G 127 -17.26 -1.34 -35.42
CA VAL G 127 -18.15 -2.29 -34.72
C VAL G 127 -17.35 -3.24 -33.81
N THR G 128 -17.58 -3.12 -32.51
CA THR G 128 -16.74 -3.79 -31.54
C THR G 128 -17.51 -4.82 -30.71
N GLU G 129 -17.04 -6.07 -30.77
CA GLU G 129 -17.54 -7.15 -29.95
C GLU G 129 -17.15 -6.94 -28.50
N LYS G 130 -18.10 -6.50 -27.67
CA LYS G 130 -17.87 -6.30 -26.26
C LYS G 130 -18.27 -7.56 -25.46
N SER G 131 -19.17 -8.37 -26.04
CA SER G 131 -19.63 -9.65 -25.45
C SER G 131 -18.54 -10.70 -25.44
N THR G 132 -18.64 -11.67 -24.52
CA THR G 132 -17.86 -12.88 -24.65
C THR G 132 -18.51 -13.60 -25.81
N VAL G 133 -17.69 -13.94 -26.80
CA VAL G 133 -18.16 -14.58 -27.99
C VAL G 133 -17.28 -15.81 -28.22
N PRO G 134 -17.77 -16.78 -29.01
CA PRO G 134 -16.90 -17.84 -29.50
C PRO G 134 -15.89 -17.30 -30.48
N VAL G 135 -14.78 -18.03 -30.66
CA VAL G 135 -13.72 -17.60 -31.55
C VAL G 135 -14.18 -17.66 -33.01
N ARG G 136 -13.80 -16.64 -33.78
CA ARG G 136 -14.24 -16.40 -35.16
C ARG G 136 -15.68 -15.89 -35.30
N ALA G 137 -16.31 -15.53 -34.18
CA ALA G 137 -17.58 -14.79 -34.21
C ALA G 137 -17.48 -13.46 -35.00
N ALA G 138 -16.31 -12.82 -34.96
CA ALA G 138 -16.07 -11.59 -35.71
C ALA G 138 -16.09 -11.85 -37.22
N GLU G 139 -15.65 -13.05 -37.65
CA GLU G 139 -15.70 -13.43 -39.07
C GLU G 139 -17.15 -13.53 -39.58
N SER G 140 -18.07 -13.95 -38.73
CA SER G 140 -19.49 -14.04 -39.10
C SER G 140 -20.08 -12.66 -39.33
N ILE G 141 -19.76 -11.73 -38.41
CA ILE G 141 -20.22 -10.33 -38.48
C ILE G 141 -19.71 -9.67 -39.76
N ARG G 142 -18.44 -9.89 -40.09
CA ARG G 142 -17.83 -9.37 -41.31
C ARG G 142 -18.50 -9.90 -42.58
N ARG G 143 -18.79 -11.20 -42.59
CA ARG G 143 -19.51 -11.81 -43.70
C ARG G 143 -20.91 -11.23 -43.87
N ILE G 144 -21.61 -11.02 -42.77
CA ILE G 144 -22.91 -10.33 -42.78
C ILE G 144 -22.79 -8.90 -43.36
N PHE G 145 -21.81 -8.14 -42.89
CA PHE G 145 -21.58 -6.80 -43.42
C PHE G 145 -21.22 -6.84 -44.91
N ASP G 146 -20.35 -7.76 -45.31
CA ASP G 146 -19.95 -7.91 -46.72
C ASP G 146 -21.14 -8.29 -47.61
N ALA G 147 -21.95 -9.25 -47.18
CA ALA G 147 -23.12 -9.69 -47.95
C ALA G 147 -24.19 -8.60 -48.13
N ASN G 148 -24.13 -7.56 -47.30
CA ASN G 148 -25.14 -6.51 -47.27
C ASN G 148 -24.54 -5.11 -47.39
N THR G 149 -23.55 -4.95 -48.26
CA THR G 149 -22.85 -3.67 -48.37
C THR G 149 -23.58 -2.63 -49.24
N LYS G 150 -23.21 -1.38 -49.07
CA LYS G 150 -23.76 -0.26 -49.82
C LYS G 150 -22.60 0.54 -50.36
N PRO G 151 -22.87 1.44 -51.32
CA PRO G 151 -21.82 2.37 -51.69
C PRO G 151 -21.37 3.18 -50.48
N ASN G 152 -20.06 3.30 -50.28
CA ASN G 152 -19.49 4.10 -49.20
C ASN G 152 -19.64 3.52 -47.77
N LEU G 153 -20.32 2.39 -47.61
CA LEU G 153 -20.39 1.73 -46.30
C LEU G 153 -19.02 1.14 -45.97
N ASN G 154 -18.53 1.43 -44.78
CA ASN G 154 -17.24 0.91 -44.34
C ASN G 154 -17.31 0.57 -42.86
N LEU G 155 -17.64 -0.68 -42.56
CA LEU G 155 -17.78 -1.16 -41.19
C LEU G 155 -16.57 -2.00 -40.76
N GLN G 156 -15.76 -1.45 -39.87
CA GLN G 156 -14.58 -2.13 -39.34
C GLN G 156 -14.96 -2.90 -38.07
N VAL G 157 -14.61 -4.18 -38.02
CA VAL G 157 -14.97 -5.04 -36.89
C VAL G 157 -13.77 -5.24 -35.96
N LEU G 158 -13.97 -4.97 -34.66
CA LEU G 158 -12.95 -5.20 -33.64
C LEU G 158 -13.49 -6.12 -32.57
N SER G 159 -12.57 -6.69 -31.79
CA SER G 159 -12.87 -7.43 -30.57
C SER G 159 -12.34 -6.65 -29.36
N ASN G 160 -13.16 -6.55 -28.31
CA ASN G 160 -12.78 -5.81 -27.10
C ASN G 160 -13.43 -6.50 -25.90
N PRO G 161 -12.88 -7.65 -25.50
CA PRO G 161 -13.49 -8.44 -24.42
C PRO G 161 -13.59 -7.72 -23.06
N GLU G 162 -14.50 -8.21 -22.22
CA GLU G 162 -14.72 -7.69 -20.89
C GLU G 162 -14.00 -8.54 -19.84
N PHE G 163 -13.42 -7.88 -18.85
CA PHE G 163 -12.81 -8.57 -17.71
C PHE G 163 -13.36 -8.02 -16.39
N LEU G 164 -14.68 -7.89 -16.32
CA LEU G 164 -15.36 -7.52 -15.08
C LEU G 164 -15.50 -8.78 -14.26
N ALA G 165 -15.33 -8.65 -12.95
CA ALA G 165 -15.66 -9.72 -12.01
C ALA G 165 -16.81 -9.21 -11.15
N GLU G 166 -17.71 -10.12 -10.79
CA GLU G 166 -18.91 -9.75 -10.05
C GLU G 166 -18.52 -9.05 -8.74
N GLY G 167 -19.13 -7.90 -8.49
CA GLY G 167 -18.90 -7.14 -7.27
C GLY G 167 -17.75 -6.13 -7.30
N THR G 168 -16.87 -6.23 -8.30
CA THR G 168 -15.77 -5.27 -8.47
C THR G 168 -15.78 -4.57 -9.83
N ALA G 169 -16.89 -4.64 -10.55
CA ALA G 169 -17.01 -4.09 -11.92
C ALA G 169 -16.42 -2.68 -12.11
N ILE G 170 -16.78 -1.74 -11.23
CA ILE G 170 -16.32 -0.35 -11.37
C ILE G 170 -14.81 -0.21 -11.09
N LYS G 171 -14.30 -0.93 -10.10
CA LYS G 171 -12.86 -0.92 -9.80
C LYS G 171 -12.08 -1.53 -10.96
N ASP G 172 -12.61 -2.64 -11.50
CA ASP G 172 -12.04 -3.35 -12.64
C ASP G 172 -12.03 -2.53 -13.92
N LEU G 173 -13.04 -1.68 -14.08
CA LEU G 173 -13.16 -0.80 -15.25
C LEU G 173 -12.22 0.40 -15.14
N LYS G 174 -12.07 0.96 -13.94
CA LYS G 174 -11.27 2.17 -13.74
C LYS G 174 -9.77 1.90 -13.61
N ASN G 175 -9.41 0.68 -13.19
CA ASN G 175 -8.02 0.28 -13.05
C ASN G 175 -7.83 -1.17 -13.51
N PRO G 176 -8.07 -1.42 -14.81
CA PRO G 176 -7.96 -2.77 -15.32
C PRO G 176 -6.49 -3.23 -15.38
N ASP G 177 -6.25 -4.52 -15.13
CA ASP G 177 -4.95 -5.13 -15.35
C ASP G 177 -4.54 -4.91 -16.81
N ARG G 178 -5.47 -5.10 -17.73
CA ARG G 178 -5.27 -4.68 -19.12
C ARG G 178 -6.58 -4.45 -19.87
N VAL G 179 -6.49 -3.65 -20.93
CA VAL G 179 -7.51 -3.57 -21.96
C VAL G 179 -7.00 -4.28 -23.21
N LEU G 180 -7.86 -5.15 -23.74
CA LEU G 180 -7.52 -6.00 -24.88
C LEU G 180 -8.36 -5.61 -26.09
N ILE G 181 -7.68 -5.31 -27.21
CA ILE G 181 -8.35 -4.98 -28.47
C ILE G 181 -7.74 -5.77 -29.62
N GLY G 182 -8.60 -6.49 -30.34
CA GLY G 182 -8.21 -7.21 -31.53
C GLY G 182 -8.84 -6.62 -32.78
N GLY G 183 -8.05 -6.59 -33.85
CA GLY G 183 -8.47 -6.09 -35.14
C GLY G 183 -7.53 -6.71 -36.17
N ASP G 184 -7.83 -6.57 -37.45
CA ASP G 184 -6.97 -7.16 -38.46
C ASP G 184 -5.76 -6.28 -38.79
N GLU G 185 -4.80 -6.89 -39.49
CA GLU G 185 -3.49 -6.26 -39.74
C GLU G 185 -3.51 -5.20 -40.84
N THR G 186 -4.65 -5.00 -41.48
CA THR G 186 -4.76 -4.04 -42.57
C THR G 186 -4.67 -2.60 -42.07
N PRO G 187 -4.32 -1.67 -42.96
CA PRO G 187 -4.30 -0.26 -42.57
C PRO G 187 -5.62 0.24 -41.98
N GLU G 188 -6.75 -0.19 -42.54
CA GLU G 188 -8.06 0.20 -42.01
C GLU G 188 -8.31 -0.39 -40.62
N GLY G 189 -7.90 -1.64 -40.44
CA GLY G 189 -8.07 -2.35 -39.18
C GLY G 189 -7.27 -1.67 -38.08
N GLN G 190 -6.05 -1.30 -38.41
CA GLN G 190 -5.18 -0.62 -37.45
C GLN G 190 -5.65 0.80 -37.11
N ARG G 191 -6.25 1.50 -38.07
CA ARG G 191 -6.85 2.80 -37.78
C ARG G 191 -8.03 2.66 -36.83
N ALA G 192 -8.88 1.67 -37.08
CA ALA G 192 -9.98 1.33 -36.19
C ALA G 192 -9.46 1.04 -34.77
N VAL G 193 -8.51 0.13 -34.67
CA VAL G 193 -7.89 -0.22 -33.39
C VAL G 193 -7.37 1.01 -32.63
N GLN G 194 -6.66 1.89 -33.34
CA GLN G 194 -6.05 3.06 -32.73
C GLN G 194 -7.13 4.03 -32.21
N ALA G 195 -8.23 4.16 -32.94
CA ALA G 195 -9.34 5.01 -32.52
C ALA G 195 -9.98 4.54 -31.21
N LEU G 196 -10.16 3.22 -31.05
CA LEU G 196 -10.66 2.66 -29.79
C LEU G 196 -9.63 2.79 -28.66
N CYS G 197 -8.35 2.62 -28.97
CA CYS G 197 -7.28 2.83 -27.98
C CYS G 197 -7.34 4.23 -27.38
N ALA G 198 -7.54 5.23 -28.23
CA ALA G 198 -7.58 6.62 -27.81
C ALA G 198 -8.74 6.89 -26.83
N VAL G 199 -9.81 6.11 -26.94
CA VAL G 199 -10.92 6.23 -26.01
C VAL G 199 -10.42 5.79 -24.65
N TYR G 200 -9.90 4.55 -24.57
CA TYR G 200 -9.37 4.01 -23.31
C TYR G 200 -8.21 4.81 -22.73
N GLU G 201 -7.36 5.37 -23.59
CA GLU G 201 -6.22 6.18 -23.14
C GLU G 201 -6.60 7.43 -22.33
N HIS G 202 -7.87 7.81 -22.34
CA HIS G 202 -8.37 8.84 -21.43
C HIS G 202 -8.17 8.49 -19.95
N TRP G 203 -8.13 7.21 -19.60
CA TRP G 203 -7.84 6.82 -18.21
C TRP G 203 -6.96 5.57 -18.00
N VAL G 204 -6.69 4.82 -19.06
CA VAL G 204 -5.85 3.64 -18.99
C VAL G 204 -4.49 3.98 -19.61
N PRO G 205 -3.39 3.76 -18.85
CA PRO G 205 -2.04 3.90 -19.40
C PRO G 205 -1.86 3.06 -20.66
N ARG G 206 -1.13 3.59 -21.64
CA ARG G 206 -1.00 2.92 -22.91
C ARG G 206 -0.31 1.57 -22.78
N GLU G 207 0.58 1.44 -21.80
CA GLU G 207 1.29 0.16 -21.58
C GLU G 207 0.36 -0.93 -21.07
N LYS G 208 -0.80 -0.55 -20.55
CA LYS G 208 -1.82 -1.51 -20.13
C LYS G 208 -2.89 -1.74 -21.22
N ILE G 209 -2.68 -1.19 -22.41
CA ILE G 209 -3.56 -1.49 -23.56
C ILE G 209 -2.81 -2.40 -24.52
N LEU G 210 -3.35 -3.60 -24.72
CA LEU G 210 -2.76 -4.62 -25.56
C LEU G 210 -3.59 -4.79 -26.82
N THR G 211 -2.96 -4.63 -27.97
CA THR G 211 -3.63 -4.88 -29.23
C THR G 211 -3.06 -6.16 -29.88
N THR G 212 -3.98 -6.95 -30.43
CA THR G 212 -3.64 -8.27 -30.98
C THR G 212 -4.42 -8.42 -32.28
N ASN G 213 -4.32 -9.56 -32.95
CA ASN G 213 -5.27 -9.79 -34.05
C ASN G 213 -6.63 -10.17 -33.44
N THR G 214 -7.67 -10.12 -34.25
CA THR G 214 -9.03 -10.34 -33.77
C THR G 214 -9.22 -11.70 -33.12
N TRP G 215 -8.68 -12.72 -33.76
CA TRP G 215 -8.81 -14.09 -33.28
C TRP G 215 -8.08 -14.31 -31.95
N SER G 216 -6.90 -13.73 -31.81
CA SER G 216 -6.14 -13.80 -30.55
C SER G 216 -6.97 -13.15 -29.43
N SER G 217 -7.65 -12.05 -29.73
CA SER G 217 -8.47 -11.35 -28.76
C SER G 217 -9.64 -12.21 -28.24
N GLU G 218 -10.44 -12.76 -29.16
CA GLU G 218 -11.57 -13.62 -28.81
C GLU G 218 -11.14 -14.86 -28.01
N LEU G 219 -10.06 -15.50 -28.44
CA LEU G 219 -9.53 -16.72 -27.77
C LEU G 219 -9.00 -16.40 -26.38
N SER G 220 -8.30 -15.28 -26.25
CA SER G 220 -7.74 -14.83 -24.98
C SER G 220 -8.79 -14.77 -23.85
N LYS G 221 -9.99 -14.26 -24.16
CA LYS G 221 -11.05 -14.19 -23.14
C LYS G 221 -11.40 -15.58 -22.60
N LEU G 222 -11.62 -16.54 -23.48
CA LEU G 222 -12.02 -17.89 -23.08
C LEU G 222 -10.89 -18.59 -22.34
N ALA G 223 -9.69 -18.48 -22.90
CA ALA G 223 -8.45 -19.00 -22.33
C ALA G 223 -8.12 -18.39 -20.95
N ALA G 224 -8.30 -17.09 -20.81
CA ALA G 224 -8.03 -16.45 -19.51
C ALA G 224 -8.87 -17.12 -18.44
N ASN G 225 -10.18 -17.21 -18.68
CA ASN G 225 -11.11 -17.84 -17.73
C ASN G 225 -10.80 -19.33 -17.50
N ALA G 226 -10.37 -20.02 -18.55
CA ALA G 226 -9.96 -21.42 -18.44
C ALA G 226 -8.72 -21.58 -17.54
N PHE G 227 -7.73 -20.70 -17.71
CA PHE G 227 -6.51 -20.74 -16.89
C PHE G 227 -6.86 -20.48 -15.43
N LEU G 228 -7.74 -19.50 -15.19
CA LEU G 228 -8.22 -19.18 -13.84
C LEU G 228 -8.96 -20.36 -13.21
N ALA G 229 -9.96 -20.88 -13.91
CA ALA G 229 -10.69 -22.06 -13.42
C ALA G 229 -9.76 -23.27 -13.14
N GLN G 230 -8.75 -23.46 -13.98
CA GLN G 230 -7.80 -24.56 -13.88
C GLN G 230 -6.97 -24.51 -12.59
N ARG G 231 -6.56 -23.31 -12.20
CA ARG G 231 -5.85 -23.12 -10.94
C ARG G 231 -6.68 -23.62 -9.75
N ILE G 232 -7.98 -23.35 -9.80
CA ILE G 232 -8.92 -23.71 -8.75
C ILE G 232 -9.11 -25.22 -8.73
N SER G 233 -9.38 -25.80 -9.89
CA SER G 233 -9.50 -27.27 -9.99
C SER G 233 -8.17 -27.94 -9.60
N SER G 234 -7.05 -27.33 -9.95
CA SER G 234 -5.75 -27.89 -9.62
C SER G 234 -5.54 -27.94 -8.09
N ILE G 235 -5.77 -26.84 -7.40
CA ILE G 235 -5.64 -26.81 -5.92
C ILE G 235 -6.72 -27.70 -5.25
N ASN G 236 -7.90 -27.73 -5.84
CA ASN G 236 -8.94 -28.64 -5.38
C ASN G 236 -8.51 -30.09 -5.51
N SER G 237 -7.89 -30.45 -6.63
CA SER G 237 -7.37 -31.81 -6.76
C SER G 237 -6.36 -32.13 -5.63
N ILE G 238 -5.52 -31.14 -5.30
CA ILE G 238 -4.51 -31.30 -4.27
C ILE G 238 -5.15 -31.43 -2.88
N SER G 239 -6.28 -30.77 -2.66
CA SER G 239 -7.03 -30.89 -1.39
C SER G 239 -7.39 -32.36 -1.11
N ALA G 240 -7.83 -33.10 -2.14
CA ALA G 240 -8.17 -34.52 -1.99
C ALA G 240 -6.95 -35.35 -1.58
N LEU G 241 -5.81 -35.07 -2.20
CA LEU G 241 -4.55 -35.77 -1.89
C LEU G 241 -4.06 -35.43 -0.47
N CYS G 242 -4.23 -34.17 -0.07
CA CYS G 242 -3.88 -33.70 1.26
C CYS G 242 -4.65 -34.46 2.35
N GLU G 243 -5.96 -34.61 2.16
CA GLU G 243 -6.77 -35.36 3.09
C GLU G 243 -6.29 -36.81 3.22
N ALA G 244 -5.67 -37.35 2.18
CA ALA G 244 -5.24 -38.75 2.13
C ALA G 244 -3.83 -39.00 2.64
N THR G 245 -3.08 -37.93 2.92
CA THR G 245 -1.65 -38.04 3.22
C THR G 245 -1.16 -37.28 4.46
N GLY G 246 -2.04 -36.61 5.19
CA GLY G 246 -1.62 -35.82 6.35
C GLY G 246 -1.06 -34.43 6.01
N ALA G 247 -1.07 -34.06 4.73
CA ALA G 247 -0.70 -32.72 4.32
C ALA G 247 -1.90 -31.77 4.49
N ASP G 248 -1.62 -30.47 4.45
CA ASP G 248 -2.67 -29.44 4.57
C ASP G 248 -2.62 -28.55 3.32
N VAL G 249 -3.75 -28.42 2.62
CA VAL G 249 -3.77 -27.69 1.35
C VAL G 249 -3.44 -26.19 1.46
N GLU G 250 -3.71 -25.60 2.62
CA GLU G 250 -3.37 -24.21 2.87
C GLU G 250 -1.85 -24.00 3.04
N GLU G 251 -1.19 -24.97 3.65
CA GLU G 251 0.27 -25.01 3.71
C GLU G 251 0.89 -25.22 2.32
N VAL G 252 0.34 -26.18 1.57
CA VAL G 252 0.80 -26.45 0.20
C VAL G 252 0.57 -25.24 -0.70
N ALA G 253 -0.62 -24.64 -0.60
CA ALA G 253 -0.97 -23.48 -1.40
C ALA G 253 -0.02 -22.31 -1.13
N THR G 254 0.31 -22.08 0.14
CA THR G 254 1.29 -21.03 0.50
C THR G 254 2.65 -21.30 -0.13
N ALA G 255 3.11 -22.55 -0.02
CA ALA G 255 4.45 -22.93 -0.48
C ALA G 255 4.57 -22.82 -1.99
N ILE G 256 3.57 -23.30 -2.72
CA ILE G 256 3.65 -23.21 -4.18
C ILE G 256 3.42 -21.76 -4.65
N GLY G 257 2.55 -21.02 -3.95
CA GLY G 257 2.24 -19.65 -4.29
C GLY G 257 3.39 -18.68 -4.09
N MET G 258 4.37 -19.06 -3.27
CA MET G 258 5.57 -18.24 -3.08
C MET G 258 6.53 -18.29 -4.28
N ASP G 259 6.35 -19.28 -5.17
CA ASP G 259 7.07 -19.29 -6.44
C ASP G 259 6.43 -18.22 -7.29
N GLN G 260 7.23 -17.21 -7.65
CA GLN G 260 6.73 -16.09 -8.44
C GLN G 260 6.31 -16.47 -9.88
N ARG G 261 6.74 -17.63 -10.35
CA ARG G 261 6.31 -18.12 -11.65
C ARG G 261 4.90 -18.72 -11.59
N ILE G 262 4.52 -19.18 -10.40
CA ILE G 262 3.19 -19.71 -10.13
C ILE G 262 2.27 -18.59 -9.64
N GLY G 263 2.75 -17.78 -8.69
CA GLY G 263 1.93 -16.71 -8.13
C GLY G 263 0.97 -17.21 -7.06
N ASN G 264 0.49 -16.29 -6.22
CA ASN G 264 -0.23 -16.69 -5.02
C ASN G 264 -1.74 -16.49 -5.07
N LYS G 265 -2.26 -16.07 -6.22
CA LYS G 265 -3.72 -15.84 -6.38
C LYS G 265 -4.45 -17.07 -6.90
N PHE G 266 -5.74 -17.17 -6.56
CA PHE G 266 -6.60 -18.25 -7.05
C PHE G 266 -6.11 -19.67 -6.67
N LEU G 267 -5.53 -19.76 -5.47
CA LEU G 267 -5.15 -21.04 -4.85
C LEU G 267 -5.95 -21.28 -3.56
N LYS G 268 -7.19 -20.81 -3.54
CA LYS G 268 -8.09 -21.06 -2.39
C LYS G 268 -8.99 -22.25 -2.67
N ALA G 269 -8.72 -23.37 -2.03
CA ALA G 269 -9.48 -24.60 -2.24
C ALA G 269 -10.92 -24.40 -1.77
N SER G 270 -11.85 -25.04 -2.45
CA SER G 270 -13.27 -24.82 -2.24
C SER G 270 -14.05 -26.07 -2.59
N VAL G 271 -15.32 -26.10 -2.21
CA VAL G 271 -16.24 -27.18 -2.59
C VAL G 271 -16.44 -27.18 -4.12
N GLY G 272 -16.30 -26.01 -4.75
CA GLY G 272 -16.23 -25.89 -6.20
C GLY G 272 -16.38 -24.45 -6.66
N PHE G 273 -15.76 -24.09 -7.78
CA PHE G 273 -16.01 -22.77 -8.38
C PHE G 273 -17.38 -22.74 -9.03
N GLY G 274 -17.99 -21.55 -8.99
CA GLY G 274 -19.29 -21.29 -9.59
C GLY G 274 -19.24 -20.00 -10.36
N GLY G 275 -20.40 -19.34 -10.48
CA GLY G 275 -20.54 -18.12 -11.28
C GLY G 275 -21.00 -18.42 -12.70
N SER G 276 -21.47 -17.41 -13.41
CA SER G 276 -22.08 -17.62 -14.73
C SER G 276 -21.04 -17.71 -15.87
N CYS G 277 -19.75 -17.67 -15.54
CA CYS G 277 -18.70 -17.53 -16.54
C CYS G 277 -17.78 -18.74 -16.72
N PHE G 278 -17.20 -19.24 -15.62
CA PHE G 278 -16.12 -20.25 -15.75
C PHE G 278 -16.55 -21.55 -16.44
N GLN G 279 -17.59 -22.20 -15.94
CA GLN G 279 -18.03 -23.46 -16.52
C GLN G 279 -18.43 -23.23 -17.99
N LYS G 280 -19.18 -22.16 -18.22
CA LYS G 280 -19.74 -21.82 -19.53
C LYS G 280 -18.68 -21.61 -20.58
N ASP G 281 -17.66 -20.83 -20.24
CA ASP G 281 -16.55 -20.52 -21.14
C ASP G 281 -15.63 -21.71 -21.36
N VAL G 282 -15.34 -22.45 -20.30
CA VAL G 282 -14.54 -23.66 -20.43
C VAL G 282 -15.30 -24.70 -21.28
N LEU G 283 -16.61 -24.87 -21.05
CA LEU G 283 -17.42 -25.76 -21.91
C LEU G 283 -17.41 -25.28 -23.35
N ASN G 284 -17.51 -23.96 -23.55
CA ASN G 284 -17.41 -23.39 -24.90
C ASN G 284 -16.07 -23.70 -25.58
N LEU G 285 -14.99 -23.61 -24.81
CA LEU G 285 -13.64 -23.88 -25.31
C LEU G 285 -13.50 -25.35 -25.70
N VAL G 286 -13.97 -26.26 -24.85
CA VAL G 286 -14.05 -27.69 -25.21
C VAL G 286 -14.83 -27.93 -26.52
N TYR G 287 -16.02 -27.34 -26.64
CA TYR G 287 -16.84 -27.51 -27.83
C TYR G 287 -16.10 -27.01 -29.07
N LEU G 288 -15.46 -25.84 -28.93
CA LEU G 288 -14.68 -25.24 -30.00
C LEU G 288 -13.56 -26.20 -30.47
N CYS G 289 -12.80 -26.75 -29.52
CA CYS G 289 -11.75 -27.73 -29.81
C CYS G 289 -12.28 -28.95 -30.57
N GLU G 290 -13.43 -29.47 -30.13
CA GLU G 290 -14.04 -30.59 -30.83
C GLU G 290 -14.44 -30.20 -32.24
N ALA G 291 -15.10 -29.05 -32.38
CA ALA G 291 -15.48 -28.53 -33.70
C ALA G 291 -14.28 -28.41 -34.64
N LEU G 292 -13.12 -28.05 -34.09
CA LEU G 292 -11.89 -27.90 -34.87
C LEU G 292 -11.01 -29.16 -34.94
N ASN G 293 -11.59 -30.33 -34.62
CA ASN G 293 -10.88 -31.60 -34.68
C ASN G 293 -9.59 -31.59 -33.88
N LEU G 294 -9.73 -31.14 -32.62
CA LEU G 294 -8.63 -31.15 -31.65
C LEU G 294 -9.11 -31.88 -30.40
N PRO G 295 -9.35 -33.22 -30.49
CA PRO G 295 -9.84 -33.98 -29.34
C PRO G 295 -8.89 -33.95 -28.13
N GLU G 296 -7.59 -33.86 -28.37
CA GLU G 296 -6.61 -33.82 -27.27
C GLU G 296 -6.76 -32.59 -26.41
N VAL G 297 -6.84 -31.42 -27.06
CA VAL G 297 -7.07 -30.15 -26.38
C VAL G 297 -8.44 -30.13 -25.69
N ALA G 298 -9.46 -30.64 -26.37
CA ALA G 298 -10.78 -30.73 -25.77
C ALA G 298 -10.76 -31.48 -24.43
N ARG G 299 -10.21 -32.68 -24.42
CA ARG G 299 -10.28 -33.44 -23.17
C ARG G 299 -9.32 -32.92 -22.10
N TYR G 300 -8.22 -32.30 -22.51
CA TYR G 300 -7.34 -31.54 -21.59
C TYR G 300 -8.12 -30.48 -20.77
N TRP G 301 -8.87 -29.63 -21.46
CA TRP G 301 -9.66 -28.60 -20.78
C TRP G 301 -10.92 -29.12 -20.10
N GLN G 302 -11.45 -30.23 -20.60
CA GLN G 302 -12.62 -30.84 -20.00
C GLN G 302 -12.32 -31.28 -18.55
N GLN G 303 -11.07 -31.62 -18.27
CA GLN G 303 -10.65 -32.00 -16.91
C GLN G 303 -10.87 -30.93 -15.83
N VAL G 304 -10.82 -29.66 -16.24
CA VAL G 304 -11.10 -28.55 -15.32
C VAL G 304 -12.54 -28.65 -14.80
N ILE G 305 -13.47 -28.96 -15.70
CA ILE G 305 -14.88 -29.14 -15.34
C ILE G 305 -15.10 -30.48 -14.61
N ASP G 306 -14.47 -31.54 -15.11
CA ASP G 306 -14.61 -32.85 -14.44
C ASP G 306 -14.09 -32.80 -13.01
N MET G 307 -12.94 -32.17 -12.80
CA MET G 307 -12.40 -31.98 -11.46
C MET G 307 -13.37 -31.20 -10.56
N ASN G 308 -13.89 -30.08 -11.05
CA ASN G 308 -14.85 -29.27 -10.28
C ASN G 308 -16.12 -30.07 -9.88
N ASP G 309 -16.59 -30.92 -10.78
CA ASP G 309 -17.75 -31.75 -10.51
C ASP G 309 -17.46 -32.81 -9.47
N TYR G 310 -16.25 -33.37 -9.51
CA TYR G 310 -15.79 -34.36 -8.55
C TYR G 310 -15.60 -33.81 -7.14
N GLN G 311 -14.98 -32.63 -7.04
CA GLN G 311 -14.85 -31.94 -5.77
C GLN G 311 -16.21 -31.75 -5.08
N ARG G 312 -17.23 -31.41 -5.86
CA ARG G 312 -18.59 -31.26 -5.31
C ARG G 312 -19.22 -32.60 -4.90
N ARG G 313 -19.26 -33.55 -5.84
CA ARG G 313 -19.77 -34.89 -5.59
C ARG G 313 -19.12 -35.51 -4.36
N ARG G 314 -17.81 -35.37 -4.24
CA ARG G 314 -17.12 -36.03 -3.13
C ARG G 314 -17.42 -35.35 -1.78
N PHE G 315 -17.56 -34.02 -1.79
CA PHE G 315 -17.95 -33.28 -0.58
C PHE G 315 -19.35 -33.73 -0.12
N ALA G 316 -20.25 -33.90 -1.09
CA ALA G 316 -21.57 -34.44 -0.80
C ALA G 316 -21.51 -35.87 -0.27
N SER G 317 -20.66 -36.71 -0.86
CA SER G 317 -20.52 -38.11 -0.41
C SER G 317 -19.92 -38.19 0.99
N ARG G 318 -18.98 -37.30 1.31
CA ARG G 318 -18.39 -37.27 2.64
C ARG G 318 -19.45 -37.03 3.69
N ILE G 319 -20.38 -36.14 3.40
CA ILE G 319 -21.47 -35.80 4.30
C ILE G 319 -22.39 -36.99 4.53
N ILE G 320 -22.78 -37.64 3.43
CA ILE G 320 -23.65 -38.80 3.47
C ILE G 320 -22.99 -39.96 4.22
N ASP G 321 -21.74 -40.24 3.89
CA ASP G 321 -20.99 -41.29 4.55
C ASP G 321 -20.84 -41.04 6.05
N SER G 322 -20.45 -39.81 6.41
CA SER G 322 -20.28 -39.45 7.83
C SER G 322 -21.57 -39.61 8.65
N LEU G 323 -22.70 -39.27 8.05
CA LEU G 323 -24.01 -39.46 8.67
C LEU G 323 -24.50 -40.89 8.46
N PHE G 324 -23.60 -41.86 8.67
CA PHE G 324 -23.92 -43.30 8.71
C PHE G 324 -24.61 -43.79 7.45
N ASN G 325 -24.17 -43.23 6.31
CA ASN G 325 -24.61 -43.66 4.98
C ASN G 325 -26.10 -43.52 4.75
N THR G 326 -26.76 -42.73 5.59
CA THR G 326 -28.21 -42.51 5.50
C THR G 326 -28.53 -41.10 5.99
N VAL G 327 -29.29 -40.34 5.19
CA VAL G 327 -29.70 -38.98 5.55
C VAL G 327 -31.17 -38.69 5.22
N THR G 328 -31.95 -39.74 4.94
CA THR G 328 -33.39 -39.58 4.73
C THR G 328 -34.01 -39.04 6.00
N ASP G 329 -34.74 -37.93 5.87
CA ASP G 329 -35.38 -37.21 6.97
C ASP G 329 -34.42 -36.49 7.93
N LYS G 330 -33.11 -36.60 7.69
CA LYS G 330 -32.14 -35.92 8.53
C LYS G 330 -32.12 -34.41 8.21
N LYS G 331 -32.26 -33.60 9.26
CA LYS G 331 -32.16 -32.16 9.13
C LYS G 331 -30.70 -31.78 8.93
N ILE G 332 -30.44 -31.02 7.87
CA ILE G 332 -29.10 -30.52 7.58
C ILE G 332 -29.19 -29.03 7.29
N ALA G 333 -28.34 -28.26 7.97
CA ALA G 333 -28.16 -26.84 7.71
C ALA G 333 -27.21 -26.63 6.53
N ILE G 334 -27.67 -25.85 5.54
CA ILE G 334 -26.82 -25.34 4.48
C ILE G 334 -26.55 -23.84 4.73
N LEU G 335 -25.32 -23.53 5.11
CA LEU G 335 -24.89 -22.15 5.37
C LEU G 335 -24.11 -21.58 4.19
N GLY G 336 -24.80 -20.75 3.40
CA GLY G 336 -24.26 -20.10 2.23
C GLY G 336 -24.80 -20.71 0.95
N PHE G 337 -25.43 -19.88 0.11
CA PHE G 337 -26.01 -20.32 -1.16
C PHE G 337 -25.45 -19.60 -2.41
N ALA G 338 -24.98 -18.36 -2.24
CA ALA G 338 -24.36 -17.59 -3.31
C ALA G 338 -23.06 -18.29 -3.78
N PHE G 339 -22.65 -17.99 -5.01
CA PHE G 339 -21.52 -18.70 -5.62
C PHE G 339 -20.18 -18.25 -5.04
N LYS G 340 -20.18 -17.07 -4.43
CA LYS G 340 -19.08 -16.60 -3.59
C LYS G 340 -19.66 -15.65 -2.57
N LYS G 341 -18.82 -15.15 -1.66
CA LYS G 341 -19.31 -14.25 -0.63
C LYS G 341 -19.57 -12.85 -1.19
N ASP G 342 -20.28 -12.06 -0.41
CA ASP G 342 -20.60 -10.66 -0.71
C ASP G 342 -21.42 -10.47 -1.99
N THR G 343 -22.29 -11.44 -2.28
CA THR G 343 -23.22 -11.33 -3.41
C THR G 343 -24.49 -12.13 -3.15
N GLY G 344 -25.58 -11.73 -3.81
CA GLY G 344 -26.82 -12.51 -3.84
C GLY G 344 -26.88 -13.47 -5.03
N ASP G 345 -25.87 -13.39 -5.89
CA ASP G 345 -25.79 -14.18 -7.13
C ASP G 345 -25.54 -15.67 -6.81
N THR G 346 -26.39 -16.54 -7.34
CA THR G 346 -26.33 -17.99 -7.05
C THR G 346 -25.94 -18.80 -8.27
N ARG G 347 -25.63 -18.13 -9.39
CA ARG G 347 -25.43 -18.83 -10.64
C ARG G 347 -24.25 -19.82 -10.59
N GLU G 348 -24.56 -21.07 -10.92
CA GLU G 348 -23.65 -22.20 -10.82
C GLU G 348 -23.02 -22.37 -9.44
N SER G 349 -23.72 -21.96 -8.39
CA SER G 349 -23.18 -22.11 -7.05
C SER G 349 -23.08 -23.59 -6.68
N SER G 350 -21.95 -23.98 -6.10
CA SER G 350 -21.76 -25.32 -5.55
C SER G 350 -22.83 -25.71 -4.53
N SER G 351 -23.41 -24.70 -3.87
CA SER G 351 -24.50 -24.89 -2.92
C SER G 351 -25.77 -25.48 -3.56
N ILE G 352 -26.06 -25.08 -4.80
CA ILE G 352 -27.13 -25.72 -5.58
C ILE G 352 -26.86 -27.22 -5.72
N TYR G 353 -25.65 -27.56 -6.15
CA TYR G 353 -25.30 -28.95 -6.44
C TYR G 353 -25.23 -29.81 -5.20
N ILE G 354 -24.67 -29.27 -4.12
CA ILE G 354 -24.56 -30.01 -2.85
C ILE G 354 -25.95 -30.27 -2.28
N SER G 355 -26.77 -29.21 -2.26
CA SER G 355 -28.15 -29.32 -1.80
C SER G 355 -28.88 -30.41 -2.59
N LYS G 356 -28.74 -30.38 -3.92
CA LYS G 356 -29.39 -31.36 -4.78
C LYS G 356 -28.95 -32.80 -4.52
N TYR G 357 -27.65 -33.05 -4.32
CA TYR G 357 -27.17 -34.36 -3.89
C TYR G 357 -27.82 -34.83 -2.57
N LEU G 358 -27.96 -33.91 -1.63
CA LEU G 358 -28.54 -34.22 -0.32
C LEU G 358 -30.06 -34.38 -0.45
N MET G 359 -30.68 -33.57 -1.31
CA MET G 359 -32.08 -33.73 -1.64
C MET G 359 -32.39 -35.09 -2.27
N ASP G 360 -31.51 -35.58 -3.15
CA ASP G 360 -31.69 -36.91 -3.74
C ASP G 360 -31.71 -38.02 -2.70
N GLU G 361 -31.07 -37.77 -1.55
CA GLU G 361 -31.06 -38.71 -0.44
C GLU G 361 -32.22 -38.54 0.55
N GLY G 362 -33.06 -37.54 0.33
CA GLY G 362 -34.19 -37.29 1.20
C GLY G 362 -33.85 -36.48 2.44
N ALA G 363 -32.79 -35.69 2.39
CA ALA G 363 -32.43 -34.82 3.51
C ALA G 363 -33.45 -33.71 3.64
N HIS G 364 -33.68 -33.27 4.88
CA HIS G 364 -34.43 -32.05 5.13
C HIS G 364 -33.47 -30.86 5.25
N LEU G 365 -33.37 -30.07 4.17
CA LEU G 365 -32.45 -28.94 4.12
C LEU G 365 -33.05 -27.65 4.68
N HIS G 366 -32.28 -26.98 5.53
CA HIS G 366 -32.59 -25.67 6.01
C HIS G 366 -31.44 -24.78 5.53
N ILE G 367 -31.78 -23.86 4.66
CA ILE G 367 -30.81 -23.08 3.90
C ILE G 367 -30.82 -21.65 4.38
N TYR G 368 -29.68 -21.18 4.86
CA TYR G 368 -29.50 -19.77 5.18
C TYR G 368 -28.42 -19.13 4.31
N ASP G 369 -28.73 -17.95 3.78
CA ASP G 369 -27.75 -17.06 3.19
C ASP G 369 -28.15 -15.61 3.53
N PRO G 370 -27.18 -14.76 3.94
CA PRO G 370 -27.52 -13.38 4.29
C PRO G 370 -28.00 -12.48 3.15
N LYS G 371 -27.66 -12.80 1.90
CA LYS G 371 -27.98 -11.90 0.79
C LYS G 371 -28.86 -12.51 -0.31
N VAL G 372 -28.88 -13.84 -0.45
CA VAL G 372 -29.67 -14.45 -1.52
C VAL G 372 -31.17 -14.39 -1.16
N PRO G 373 -32.01 -13.89 -2.08
CA PRO G 373 -33.45 -13.90 -1.80
C PRO G 373 -33.99 -15.33 -1.64
N ARG G 374 -35.05 -15.49 -0.85
CA ARG G 374 -35.64 -16.81 -0.60
C ARG G 374 -36.21 -17.42 -1.87
N GLU G 375 -36.73 -16.57 -2.74
CA GLU G 375 -37.39 -16.99 -3.97
C GLU G 375 -36.39 -17.57 -4.96
N GLN G 376 -35.17 -17.04 -4.96
CA GLN G 376 -34.13 -17.53 -5.85
C GLN G 376 -33.70 -18.94 -5.48
N ILE G 377 -33.57 -19.20 -4.17
CA ILE G 377 -33.19 -20.50 -3.66
C ILE G 377 -34.21 -21.55 -4.11
N VAL G 378 -35.49 -21.25 -3.91
CA VAL G 378 -36.57 -22.15 -4.34
C VAL G 378 -36.51 -22.45 -5.84
N VAL G 379 -36.26 -21.43 -6.64
CA VAL G 379 -36.15 -21.60 -8.10
C VAL G 379 -34.95 -22.49 -8.46
N ASP G 380 -33.81 -22.26 -7.82
CA ASP G 380 -32.60 -23.02 -8.10
C ASP G 380 -32.72 -24.50 -7.76
N LEU G 381 -33.44 -24.82 -6.70
CA LEU G 381 -33.55 -26.19 -6.22
C LEU G 381 -34.73 -26.94 -6.84
N SER G 382 -35.52 -26.23 -7.65
CA SER G 382 -36.69 -26.81 -8.30
C SER G 382 -36.35 -27.41 -9.66
N HIS G 383 -37.09 -28.47 -10.04
CA HIS G 383 -36.87 -29.18 -11.30
C HIS G 383 -37.93 -28.79 -12.33
N ASP G 390 -42.43 -29.89 -5.93
CA ASP G 390 -42.47 -31.33 -5.65
C ASP G 390 -41.54 -31.71 -4.49
N GLN G 391 -40.26 -31.90 -4.80
CA GLN G 391 -39.25 -32.26 -3.79
C GLN G 391 -38.86 -31.08 -2.91
N VAL G 392 -38.90 -29.88 -3.50
CA VAL G 392 -38.49 -28.64 -2.81
C VAL G 392 -39.41 -28.28 -1.65
N SER G 393 -40.73 -28.40 -1.86
CA SER G 393 -41.70 -28.16 -0.79
C SER G 393 -41.62 -29.25 0.28
N ARG G 394 -41.29 -30.47 -0.15
CA ARG G 394 -41.16 -31.60 0.77
C ARG G 394 -39.90 -31.48 1.64
N LEU G 395 -38.78 -31.07 1.03
CA LEU G 395 -37.45 -31.19 1.65
C LEU G 395 -36.74 -29.87 2.04
N VAL G 396 -37.15 -28.74 1.48
CA VAL G 396 -36.37 -27.49 1.60
C VAL G 396 -37.05 -26.40 2.45
N THR G 397 -36.31 -25.91 3.46
CA THR G 397 -36.74 -24.78 4.30
C THR G 397 -35.73 -23.63 4.14
N ILE G 398 -36.25 -22.41 3.98
CA ILE G 398 -35.39 -21.23 3.89
C ILE G 398 -35.39 -20.58 5.25
N SER G 399 -34.26 -20.66 5.95
CA SER G 399 -34.13 -20.14 7.31
C SER G 399 -33.88 -18.63 7.28
N LYS G 400 -34.46 -17.93 8.26
CA LYS G 400 -34.29 -16.48 8.40
C LYS G 400 -32.97 -16.15 9.10
N ASP G 401 -32.49 -17.06 9.94
CA ASP G 401 -31.16 -16.92 10.56
C ASP G 401 -30.50 -18.29 10.72
N PRO G 402 -29.16 -18.30 10.93
CA PRO G 402 -28.41 -19.56 10.96
C PRO G 402 -28.77 -20.48 12.11
N TYR G 403 -29.23 -19.91 13.23
CA TYR G 403 -29.53 -20.71 14.42
C TYR G 403 -30.77 -21.59 14.24
N GLU G 404 -31.78 -21.03 13.57
CA GLU G 404 -32.96 -21.80 13.15
C GLU G 404 -32.54 -22.97 12.28
N ALA G 405 -31.66 -22.71 11.31
CA ALA G 405 -31.18 -23.72 10.36
C ALA G 405 -30.45 -24.87 11.05
N CYS G 406 -29.67 -24.56 12.09
CA CYS G 406 -28.89 -25.55 12.84
C CYS G 406 -29.66 -26.23 13.98
N ASP G 407 -30.78 -25.63 14.39
CA ASP G 407 -31.58 -26.17 15.50
C ASP G 407 -32.17 -27.53 15.13
N GLY G 408 -31.65 -28.58 15.76
CA GLY G 408 -32.11 -29.94 15.51
C GLY G 408 -31.34 -30.63 14.40
N ALA G 409 -30.36 -29.93 13.82
CA ALA G 409 -29.61 -30.45 12.68
C ALA G 409 -28.59 -31.52 13.10
N HIS G 410 -28.35 -32.47 12.21
CA HIS G 410 -27.30 -33.47 12.37
C HIS G 410 -25.96 -32.91 11.91
N ALA G 411 -26.02 -32.02 10.92
CA ALA G 411 -24.83 -31.47 10.31
C ALA G 411 -25.03 -30.02 9.87
N VAL G 412 -23.94 -29.25 9.90
CA VAL G 412 -23.89 -27.88 9.38
C VAL G 412 -22.91 -27.88 8.21
N VAL G 413 -23.36 -27.38 7.05
CA VAL G 413 -22.57 -27.47 5.83
C VAL G 413 -22.36 -26.07 5.25
N ILE G 414 -21.12 -25.57 5.35
CA ILE G 414 -20.76 -24.24 4.86
C ILE G 414 -20.32 -24.32 3.41
N CYS G 415 -21.08 -23.70 2.52
CA CYS G 415 -20.78 -23.72 1.10
C CYS G 415 -20.31 -22.39 0.54
N THR G 416 -20.50 -21.32 1.29
CA THR G 416 -20.10 -19.99 0.86
C THR G 416 -19.35 -19.31 2.01
N GLU G 417 -18.26 -18.64 1.66
CA GLU G 417 -17.31 -18.10 2.62
C GLU G 417 -17.69 -16.75 3.25
N TRP G 418 -18.98 -16.57 3.55
CA TRP G 418 -19.45 -15.41 4.29
C TRP G 418 -18.72 -15.27 5.63
N ASP G 419 -18.22 -14.07 5.89
CA ASP G 419 -17.39 -13.79 7.07
C ASP G 419 -18.12 -14.06 8.37
N MET G 420 -19.43 -13.81 8.38
CA MET G 420 -20.28 -14.02 9.54
C MET G 420 -20.31 -15.46 10.06
N PHE G 421 -20.05 -16.44 9.19
CA PHE G 421 -20.12 -17.84 9.60
C PHE G 421 -19.07 -18.20 10.65
N LYS G 422 -17.89 -17.59 10.58
CA LYS G 422 -16.88 -17.84 11.62
C LYS G 422 -17.16 -17.11 12.95
N GLU G 423 -18.13 -16.19 12.96
CA GLU G 423 -18.51 -15.47 14.18
C GLU G 423 -19.74 -16.07 14.88
N LEU G 424 -20.30 -17.14 14.34
CA LEU G 424 -21.47 -17.77 14.96
C LEU G 424 -21.16 -18.34 16.36
N ASP G 425 -22.19 -18.43 17.18
CA ASP G 425 -22.09 -19.02 18.51
C ASP G 425 -22.21 -20.54 18.40
N TYR G 426 -21.08 -21.22 18.21
CA TYR G 426 -21.06 -22.67 17.94
C TYR G 426 -21.33 -23.52 19.18
N GLU G 427 -21.07 -22.96 20.36
CA GLU G 427 -21.40 -23.63 21.61
C GLU G 427 -22.92 -23.74 21.70
N ARG G 428 -23.59 -22.62 21.45
CA ARG G 428 -25.04 -22.58 21.35
C ARG G 428 -25.59 -23.56 20.32
N ILE G 429 -24.97 -23.56 19.13
CA ILE G 429 -25.42 -24.42 18.04
C ILE G 429 -25.33 -25.89 18.42
N HIS G 430 -24.18 -26.28 18.99
CA HIS G 430 -23.92 -27.65 19.40
C HIS G 430 -24.95 -28.19 20.40
N LYS G 431 -25.37 -27.35 21.34
CA LYS G 431 -26.35 -27.75 22.35
C LYS G 431 -27.62 -28.30 21.72
N LYS G 432 -28.08 -27.65 20.65
CA LYS G 432 -29.39 -27.95 20.04
C LYS G 432 -29.32 -28.88 18.83
N MET G 433 -28.11 -29.33 18.46
CA MET G 433 -27.94 -30.29 17.37
C MET G 433 -28.16 -31.72 17.89
N LEU G 434 -28.50 -32.62 16.98
CA LEU G 434 -28.51 -34.04 17.29
C LEU G 434 -27.07 -34.52 17.28
N LYS G 435 -26.80 -35.60 17.99
CA LYS G 435 -25.44 -36.10 18.19
C LYS G 435 -25.26 -37.47 17.51
N PRO G 436 -24.10 -37.69 16.85
CA PRO G 436 -22.98 -36.76 16.73
C PRO G 436 -23.30 -35.57 15.81
N ALA G 437 -22.75 -34.40 16.16
CA ALA G 437 -23.00 -33.18 15.40
C ALA G 437 -21.80 -32.92 14.49
N PHE G 438 -22.07 -32.75 13.19
CA PHE G 438 -21.02 -32.55 12.20
C PHE G 438 -21.01 -31.12 11.65
N ILE G 439 -19.80 -30.58 11.47
CA ILE G 439 -19.59 -29.36 10.71
C ILE G 439 -18.76 -29.73 9.48
N PHE G 440 -19.30 -29.43 8.30
CA PHE G 440 -18.59 -29.60 7.02
C PHE G 440 -18.26 -28.24 6.45
N ASP G 441 -16.98 -27.87 6.56
CA ASP G 441 -16.51 -26.58 6.08
C ASP G 441 -16.03 -26.71 4.64
N GLY G 442 -16.86 -26.27 3.69
CA GLY G 442 -16.53 -26.35 2.27
C GLY G 442 -15.70 -25.19 1.76
N ARG G 443 -15.40 -24.23 2.63
CA ARG G 443 -14.69 -23.02 2.24
C ARG G 443 -13.41 -22.72 3.03
N ARG G 444 -13.05 -23.58 3.98
CA ARG G 444 -11.92 -23.33 4.89
C ARG G 444 -12.08 -21.99 5.64
N VAL G 445 -13.29 -21.69 6.11
CA VAL G 445 -13.53 -20.45 6.87
C VAL G 445 -13.38 -20.62 8.39
N LEU G 446 -13.46 -21.86 8.88
CA LEU G 446 -13.36 -22.17 10.30
C LEU G 446 -11.96 -22.57 10.77
N ASP G 447 -10.95 -22.45 9.91
CA ASP G 447 -9.55 -22.71 10.30
C ASP G 447 -9.18 -21.88 11.54
N GLY G 448 -8.57 -22.51 12.53
CA GLY G 448 -8.25 -21.79 13.77
C GLY G 448 -9.42 -21.63 14.73
N LEU G 449 -10.56 -22.23 14.39
CA LEU G 449 -11.59 -22.54 15.38
C LEU G 449 -11.64 -24.05 15.62
N HIS G 450 -10.72 -24.81 15.02
CA HIS G 450 -10.82 -26.27 15.02
C HIS G 450 -10.68 -26.88 16.40
N ASN G 451 -9.65 -26.47 17.15
CA ASN G 451 -9.47 -26.91 18.53
C ASN G 451 -10.69 -26.62 19.39
N GLU G 452 -11.15 -25.37 19.32
CA GLU G 452 -12.32 -24.92 20.05
C GLU G 452 -13.57 -25.75 19.68
N LEU G 453 -13.88 -25.83 18.39
CA LEU G 453 -15.04 -26.59 17.91
C LEU G 453 -14.97 -28.07 18.32
N GLN G 454 -13.77 -28.61 18.42
CA GLN G 454 -13.57 -30.00 18.86
C GLN G 454 -13.86 -30.16 20.36
N THR G 455 -13.31 -29.25 21.16
CA THR G 455 -13.57 -29.19 22.59
C THR G 455 -15.07 -29.13 22.87
N ILE G 456 -15.76 -28.22 22.18
CA ILE G 456 -17.22 -28.12 22.26
C ILE G 456 -17.85 -29.49 22.03
N GLY G 457 -17.36 -30.21 21.02
CA GLY G 457 -17.82 -31.57 20.73
C GLY G 457 -18.28 -31.85 19.30
N PHE G 458 -17.90 -30.98 18.37
CA PHE G 458 -18.18 -31.23 16.95
C PHE G 458 -17.21 -32.23 16.33
N GLN G 459 -17.71 -32.96 15.32
CA GLN G 459 -16.84 -33.58 14.34
C GLN G 459 -16.68 -32.59 13.20
N ILE G 460 -15.46 -32.05 13.08
CA ILE G 460 -15.14 -31.04 12.06
C ILE G 460 -14.53 -31.70 10.84
N GLU G 461 -15.12 -31.45 9.68
CA GLU G 461 -14.65 -32.00 8.41
C GLU G 461 -14.40 -30.83 7.46
N THR G 462 -13.20 -30.77 6.87
CA THR G 462 -12.91 -29.69 5.96
C THR G 462 -12.15 -30.17 4.75
N ILE G 463 -12.17 -29.35 3.70
CA ILE G 463 -11.47 -29.63 2.47
C ILE G 463 -9.96 -29.47 2.65
N GLY G 464 -9.20 -30.45 2.20
CA GLY G 464 -7.74 -30.36 2.17
C GLY G 464 -7.01 -30.47 3.51
N LYS G 465 -7.69 -31.03 4.51
CA LYS G 465 -7.09 -31.30 5.81
C LYS G 465 -8.00 -32.22 6.61
N LYS G 466 -7.40 -33.19 7.30
CA LYS G 466 -8.07 -33.90 8.41
C LYS G 466 -7.70 -33.22 9.75
N VAL G 467 -8.74 -32.77 10.48
CA VAL G 467 -8.56 -31.97 11.71
C VAL G 467 -8.25 -32.83 12.92
N MET H 2 19.64 -23.21 19.54
CA MET H 2 20.71 -23.68 20.48
C MET H 2 21.76 -24.55 19.76
N PHE H 3 21.31 -25.48 18.92
CA PHE H 3 22.22 -26.37 18.19
C PHE H 3 22.71 -25.74 16.90
N GLU H 4 24.03 -25.68 16.72
CA GLU H 4 24.63 -25.12 15.51
C GLU H 4 25.19 -26.20 14.61
N ILE H 5 24.75 -26.17 13.36
CA ILE H 5 25.28 -27.08 12.35
C ILE H 5 26.63 -26.52 11.91
N LYS H 6 27.67 -27.34 12.02
CA LYS H 6 29.02 -26.90 11.67
C LYS H 6 29.68 -27.78 10.62
N LYS H 7 29.17 -29.01 10.44
CA LYS H 7 29.64 -29.90 9.40
C LYS H 7 28.44 -30.48 8.67
N ILE H 8 28.44 -30.34 7.35
CA ILE H 8 27.37 -30.82 6.50
C ILE H 8 27.89 -31.87 5.54
N CYS H 9 27.19 -33.00 5.48
CA CYS H 9 27.39 -34.00 4.44
C CYS H 9 26.19 -34.02 3.48
N CYS H 10 26.47 -34.03 2.18
CA CYS H 10 25.42 -34.20 1.18
C CYS H 10 25.70 -35.43 0.33
N ILE H 11 24.78 -36.37 0.34
CA ILE H 11 24.91 -37.58 -0.45
C ILE H 11 24.23 -37.37 -1.79
N GLY H 12 25.04 -37.38 -2.86
CA GLY H 12 24.56 -37.07 -4.19
C GLY H 12 25.23 -35.79 -4.64
N ALA H 13 26.11 -35.90 -5.65
CA ALA H 13 26.90 -34.78 -6.14
C ALA H 13 26.49 -34.42 -7.57
N GLY H 14 25.19 -34.32 -7.81
CA GLY H 14 24.69 -33.98 -9.13
C GLY H 14 24.32 -32.52 -9.27
N TYR H 15 23.35 -32.27 -10.13
CA TYR H 15 22.85 -30.94 -10.45
C TYR H 15 22.19 -30.24 -9.25
N VAL H 16 21.75 -31.02 -8.25
CA VAL H 16 21.28 -30.43 -7.01
C VAL H 16 22.36 -30.40 -5.92
N GLY H 17 22.93 -31.57 -5.61
CA GLY H 17 23.87 -31.71 -4.51
C GLY H 17 25.08 -30.77 -4.63
N GLY H 18 25.69 -30.73 -5.82
CA GLY H 18 26.86 -29.88 -6.03
C GLY H 18 26.61 -28.39 -5.86
N PRO H 19 25.68 -27.83 -6.63
CA PRO H 19 25.35 -26.41 -6.52
C PRO H 19 24.79 -25.94 -5.17
N THR H 20 23.85 -26.70 -4.60
CA THR H 20 23.28 -26.34 -3.30
C THR H 20 24.36 -26.25 -2.24
N CYS H 21 25.27 -27.22 -2.24
CA CYS H 21 26.39 -27.26 -1.28
C CYS H 21 27.46 -26.17 -1.48
N SER H 22 27.75 -25.86 -2.75
CA SER H 22 28.68 -24.84 -3.12
C SER H 22 28.19 -23.47 -2.67
N VAL H 23 26.89 -23.20 -2.85
CA VAL H 23 26.26 -21.99 -2.35
C VAL H 23 26.20 -21.93 -0.82
N ILE H 24 25.81 -23.01 -0.15
CA ILE H 24 25.92 -23.07 1.33
C ILE H 24 27.34 -22.69 1.79
N ALA H 25 28.35 -23.32 1.19
CA ALA H 25 29.74 -23.11 1.59
C ALA H 25 30.14 -21.65 1.43
N HIS H 26 29.82 -21.13 0.25
CA HIS H 26 29.99 -19.72 -0.10
C HIS H 26 29.39 -18.76 0.93
N MET H 27 28.18 -19.07 1.42
CA MET H 27 27.43 -18.17 2.30
C MET H 27 27.65 -18.42 3.79
N CYS H 28 28.28 -19.57 4.10
CA CYS H 28 28.50 -20.02 5.48
C CYS H 28 29.96 -20.44 5.64
N PRO H 29 30.88 -19.47 5.68
CA PRO H 29 32.32 -19.76 5.75
C PRO H 29 32.75 -20.66 6.92
N GLU H 30 32.02 -20.62 8.02
CA GLU H 30 32.35 -21.42 9.21
C GLU H 30 31.86 -22.88 9.16
N ILE H 31 31.03 -23.20 8.16
CA ILE H 31 30.49 -24.55 8.04
C ILE H 31 31.33 -25.33 7.02
N ARG H 32 31.74 -26.53 7.40
CA ARG H 32 32.38 -27.45 6.45
C ARG H 32 31.30 -28.22 5.70
N VAL H 33 31.44 -28.31 4.37
CA VAL H 33 30.43 -28.92 3.52
C VAL H 33 31.08 -29.94 2.59
N THR H 34 30.80 -31.22 2.80
CA THR H 34 31.36 -32.30 2.00
C THR H 34 30.26 -32.96 1.15
N VAL H 35 30.48 -32.97 -0.15
CA VAL H 35 29.54 -33.51 -1.12
C VAL H 35 30.13 -34.84 -1.54
N VAL H 36 29.37 -35.92 -1.32
CA VAL H 36 29.87 -37.27 -1.60
C VAL H 36 28.98 -37.98 -2.63
N ASP H 37 29.53 -39.02 -3.25
CA ASP H 37 28.87 -39.73 -4.35
C ASP H 37 29.58 -41.07 -4.56
N VAL H 38 28.82 -42.05 -5.03
CA VAL H 38 29.40 -43.34 -5.44
C VAL H 38 30.14 -43.17 -6.76
N ASN H 39 29.74 -42.20 -7.58
CA ASN H 39 30.36 -41.95 -8.88
C ASN H 39 31.74 -41.24 -8.73
N GLU H 40 32.81 -42.01 -8.87
CA GLU H 40 34.18 -41.52 -8.73
C GLU H 40 34.59 -40.52 -9.81
N SER H 41 34.28 -40.86 -11.05
CA SER H 41 34.53 -39.98 -12.18
C SER H 41 33.87 -38.62 -11.97
N ARG H 42 32.66 -38.62 -11.42
CA ARG H 42 31.91 -37.39 -11.18
C ARG H 42 32.55 -36.56 -10.07
N ILE H 43 32.98 -37.21 -8.99
CA ILE H 43 33.65 -36.53 -7.87
C ILE H 43 34.96 -35.93 -8.35
N ASN H 44 35.75 -36.72 -9.07
CA ASN H 44 37.00 -36.23 -9.65
C ASN H 44 36.81 -34.98 -10.51
N ALA H 45 35.75 -34.94 -11.32
CA ALA H 45 35.44 -33.77 -12.15
C ALA H 45 35.09 -32.53 -11.30
N TRP H 46 34.43 -32.73 -10.16
CA TRP H 46 34.15 -31.62 -9.24
C TRP H 46 35.43 -31.04 -8.63
N ASN H 47 36.49 -31.85 -8.53
CA ASN H 47 37.77 -31.41 -8.01
C ASN H 47 38.75 -30.97 -9.10
N SER H 48 38.29 -30.93 -10.34
CA SER H 48 39.11 -30.60 -11.51
C SER H 48 38.76 -29.22 -12.04
N PRO H 49 39.53 -28.72 -13.01
CA PRO H 49 39.19 -27.46 -13.68
C PRO H 49 38.01 -27.55 -14.64
N THR H 50 37.44 -28.74 -14.82
CA THR H 50 36.32 -28.95 -15.71
C THR H 50 35.23 -29.69 -14.93
N LEU H 51 34.29 -28.92 -14.40
CA LEU H 51 33.18 -29.46 -13.60
C LEU H 51 32.35 -30.47 -14.40
N PRO H 52 31.68 -31.41 -13.69
CA PRO H 52 30.92 -32.45 -14.40
C PRO H 52 29.66 -31.94 -15.09
N ILE H 53 29.24 -30.73 -14.77
CA ILE H 53 28.04 -30.12 -15.33
C ILE H 53 28.35 -28.68 -15.74
N TYR H 54 27.48 -28.11 -16.56
CA TYR H 54 27.57 -26.71 -16.95
C TYR H 54 26.40 -25.92 -16.39
N GLU H 55 26.72 -24.89 -15.62
CA GLU H 55 25.73 -24.10 -14.94
C GLU H 55 26.36 -22.72 -14.80
N PRO H 56 25.79 -21.68 -15.44
CA PRO H 56 26.41 -20.35 -15.33
C PRO H 56 26.72 -19.93 -13.90
N GLY H 57 27.96 -19.49 -13.68
CA GLY H 57 28.39 -18.97 -12.40
C GLY H 57 28.81 -20.02 -11.40
N LEU H 58 28.60 -21.30 -11.70
CA LEU H 58 28.94 -22.39 -10.77
C LEU H 58 30.45 -22.49 -10.55
N LYS H 59 31.23 -22.41 -11.62
CA LYS H 59 32.68 -22.58 -11.52
C LYS H 59 33.31 -21.58 -10.53
N GLU H 60 32.81 -20.34 -10.57
CA GLU H 60 33.29 -19.28 -9.70
C GLU H 60 32.95 -19.53 -8.23
N VAL H 61 31.75 -20.03 -7.95
CA VAL H 61 31.32 -20.35 -6.59
C VAL H 61 32.15 -21.52 -6.04
N VAL H 62 32.24 -22.59 -6.83
CA VAL H 62 33.05 -23.77 -6.49
C VAL H 62 34.50 -23.39 -6.16
N GLU H 63 35.12 -22.60 -7.03
CA GLU H 63 36.54 -22.29 -6.93
C GLU H 63 36.87 -21.33 -5.78
N SER H 64 35.88 -20.56 -5.32
CA SER H 64 36.04 -19.71 -4.16
C SER H 64 36.09 -20.50 -2.82
N CYS H 65 35.57 -21.71 -2.81
CA CYS H 65 35.36 -22.45 -1.56
C CYS H 65 36.06 -23.78 -1.52
N ARG H 66 36.30 -24.38 -2.68
CA ARG H 66 36.81 -25.74 -2.75
C ARG H 66 38.17 -25.88 -2.09
N GLY H 67 38.27 -26.84 -1.18
CA GLY H 67 39.48 -27.03 -0.41
C GLY H 67 39.57 -26.10 0.79
N LYS H 68 38.66 -25.15 0.89
CA LYS H 68 38.59 -24.29 2.07
C LYS H 68 37.55 -24.88 3.01
N ASN H 69 36.27 -24.72 2.67
CA ASN H 69 35.20 -25.35 3.44
C ASN H 69 34.24 -26.21 2.58
N LEU H 70 34.59 -26.38 1.29
CA LEU H 70 33.81 -27.16 0.34
C LEU H 70 34.68 -28.30 -0.19
N PHE H 71 34.22 -29.54 0.02
CA PHE H 71 34.97 -30.75 -0.36
C PHE H 71 34.07 -31.70 -1.16
N PHE H 72 34.71 -32.43 -2.08
CA PHE H 72 34.06 -33.44 -2.91
C PHE H 72 34.83 -34.73 -2.72
N SER H 73 34.13 -35.78 -2.32
CA SER H 73 34.79 -37.04 -1.96
C SER H 73 33.94 -38.27 -2.28
N THR H 74 34.62 -39.41 -2.41
CA THR H 74 33.94 -40.71 -2.50
C THR H 74 33.87 -41.40 -1.12
N ASN H 75 34.55 -40.81 -0.12
CA ASN H 75 34.50 -41.35 1.24
C ASN H 75 33.20 -40.98 1.95
N ILE H 76 32.15 -41.73 1.59
CA ILE H 76 30.78 -41.45 2.05
C ILE H 76 30.67 -41.71 3.55
N ASP H 77 31.25 -42.82 4.00
CA ASP H 77 31.17 -43.25 5.39
C ASP H 77 31.72 -42.23 6.38
N ASP H 78 32.90 -41.69 6.09
CA ASP H 78 33.52 -40.69 6.96
C ASP H 78 32.80 -39.34 6.90
N ALA H 79 32.23 -38.99 5.76
CA ALA H 79 31.50 -37.73 5.63
C ALA H 79 30.27 -37.77 6.53
N ILE H 80 29.57 -38.90 6.49
CA ILE H 80 28.39 -39.13 7.32
C ILE H 80 28.77 -39.12 8.79
N LYS H 81 29.78 -39.91 9.14
CA LYS H 81 30.29 -40.04 10.51
C LYS H 81 30.54 -38.70 11.21
N GLU H 82 31.12 -37.75 10.49
CA GLU H 82 31.50 -36.44 11.07
C GLU H 82 30.39 -35.40 11.02
N ALA H 83 29.34 -35.65 10.25
CA ALA H 83 28.39 -34.61 9.88
C ALA H 83 27.40 -34.30 11.01
N ASP H 84 27.01 -33.04 11.10
CA ASP H 84 25.88 -32.60 11.94
C ASP H 84 24.58 -32.76 11.18
N LEU H 85 24.63 -32.44 9.88
CA LEU H 85 23.53 -32.57 8.98
C LEU H 85 23.93 -33.41 7.78
N VAL H 86 23.04 -34.31 7.38
CA VAL H 86 23.23 -35.14 6.19
C VAL H 86 22.04 -34.88 5.27
N PHE H 87 22.32 -34.24 4.13
CA PHE H 87 21.36 -34.14 3.05
C PHE H 87 21.33 -35.47 2.27
N ILE H 88 20.11 -35.91 1.94
CA ILE H 88 19.87 -36.93 0.91
C ILE H 88 19.43 -36.18 -0.35
N SER H 89 20.30 -36.18 -1.37
CA SER H 89 20.11 -35.41 -2.61
C SER H 89 20.36 -36.28 -3.85
N VAL H 90 20.01 -37.55 -3.72
CA VAL H 90 20.23 -38.53 -4.77
C VAL H 90 19.05 -38.51 -5.74
N ASN H 91 19.24 -39.17 -6.89
CA ASN H 91 18.20 -39.22 -7.93
C ASN H 91 16.99 -40.07 -7.56
N THR H 92 15.83 -39.65 -8.05
CA THR H 92 14.59 -40.38 -7.85
C THR H 92 13.89 -40.53 -9.22
N PRO H 93 14.48 -41.34 -10.10
CA PRO H 93 13.90 -41.49 -11.44
C PRO H 93 12.62 -42.33 -11.42
N THR H 94 11.87 -42.27 -12.50
CA THR H 94 10.73 -43.17 -12.68
C THR H 94 11.27 -44.60 -12.79
N LYS H 95 10.58 -45.52 -12.14
CA LYS H 95 10.84 -46.95 -12.29
C LYS H 95 10.63 -47.39 -13.73
N THR H 96 11.61 -48.10 -14.27
CA THR H 96 11.54 -48.61 -15.64
C THR H 96 11.35 -50.13 -15.63
N TYR H 97 10.80 -50.64 -14.53
CA TYR H 97 10.69 -52.07 -14.31
C TYR H 97 9.67 -52.28 -13.21
N GLY H 98 9.10 -53.48 -13.15
CA GLY H 98 8.28 -53.89 -12.03
C GLY H 98 6.92 -53.23 -11.93
N MET H 99 6.39 -53.25 -10.72
CA MET H 99 5.15 -52.57 -10.37
C MET H 99 5.36 -51.05 -10.52
N GLY H 100 4.42 -50.42 -11.23
CA GLY H 100 4.46 -48.99 -11.44
C GLY H 100 5.47 -48.58 -12.50
N LYS H 101 5.92 -49.54 -13.31
CA LYS H 101 6.79 -49.25 -14.44
C LYS H 101 6.24 -48.07 -15.29
N GLY H 102 7.10 -47.09 -15.54
CA GLY H 102 6.73 -45.89 -16.30
C GLY H 102 5.94 -44.83 -15.53
N ARG H 103 5.78 -45.01 -14.21
CA ARG H 103 4.88 -44.18 -13.39
C ARG H 103 5.45 -43.92 -11.98
N ALA H 104 5.67 -45.01 -11.24
CA ALA H 104 6.15 -44.94 -9.85
C ALA H 104 7.57 -44.37 -9.74
N ALA H 105 7.80 -43.59 -8.68
CA ALA H 105 9.14 -43.18 -8.29
C ALA H 105 9.99 -44.40 -7.84
N ASP H 106 11.26 -44.39 -8.24
CA ASP H 106 12.22 -45.42 -7.84
C ASP H 106 12.98 -44.91 -6.63
N LEU H 107 12.85 -45.65 -5.53
CA LEU H 107 13.34 -45.22 -4.23
C LEU H 107 14.56 -46.01 -3.77
N LYS H 108 15.12 -46.85 -4.63
CA LYS H 108 16.27 -47.67 -4.23
C LYS H 108 17.45 -46.80 -3.75
N TYR H 109 17.69 -45.68 -4.42
CA TYR H 109 18.82 -44.81 -4.05
C TYR H 109 18.59 -44.14 -2.68
N ILE H 110 17.37 -43.67 -2.46
CA ILE H 110 16.95 -43.09 -1.18
C ILE H 110 17.13 -44.09 -0.03
N GLU H 111 16.64 -45.31 -0.21
CA GLU H 111 16.80 -46.34 0.83
C GLU H 111 18.26 -46.71 1.08
N ALA H 112 19.04 -46.80 0.01
CA ALA H 112 20.46 -47.03 0.12
C ALA H 112 21.13 -46.00 1.03
N CYS H 113 20.79 -44.73 0.85
CA CYS H 113 21.28 -43.65 1.72
C CYS H 113 20.89 -43.85 3.18
N ALA H 114 19.62 -44.19 3.42
CA ALA H 114 19.10 -44.31 4.77
C ALA H 114 19.81 -45.43 5.52
N ARG H 115 20.02 -46.55 4.82
CA ARG H 115 20.73 -47.68 5.41
C ARG H 115 22.18 -47.30 5.71
N ARG H 116 22.81 -46.57 4.79
CA ARG H 116 24.20 -46.18 4.96
C ARG H 116 24.36 -45.18 6.08
N ILE H 117 23.44 -44.22 6.16
CA ILE H 117 23.47 -43.22 7.22
C ILE H 117 23.38 -43.88 8.62
N VAL H 118 22.37 -44.71 8.86
CA VAL H 118 22.22 -45.32 10.20
C VAL H 118 23.40 -46.24 10.53
N GLN H 119 23.93 -46.86 9.50
CA GLN H 119 25.09 -47.72 9.63
C GLN H 119 26.34 -46.97 10.08
N ASN H 120 26.48 -45.71 9.66
CA ASN H 120 27.70 -44.93 9.85
C ASN H 120 27.56 -43.76 10.83
N SER H 121 26.46 -43.76 11.59
CA SER H 121 26.10 -42.65 12.46
C SER H 121 26.07 -43.03 13.94
N ASN H 122 26.58 -42.12 14.76
CA ASN H 122 26.39 -42.15 16.21
C ASN H 122 26.01 -40.75 16.71
N GLY H 123 25.43 -40.67 17.89
CA GLY H 123 25.07 -39.40 18.48
C GLY H 123 23.94 -38.72 17.72
N TYR H 124 23.99 -37.39 17.68
CA TYR H 124 22.92 -36.58 17.12
C TYR H 124 23.20 -36.18 15.67
N LYS H 125 22.26 -36.46 14.77
CA LYS H 125 22.34 -35.91 13.42
C LYS H 125 20.96 -35.51 12.91
N ILE H 126 20.96 -34.50 12.03
CA ILE H 126 19.78 -34.12 11.30
C ILE H 126 19.92 -34.69 9.89
N VAL H 127 18.94 -35.48 9.48
CA VAL H 127 18.92 -36.10 8.17
C VAL H 127 17.83 -35.42 7.36
N THR H 128 18.24 -34.73 6.30
CA THR H 128 17.32 -33.91 5.51
C THR H 128 17.16 -34.48 4.12
N GLU H 129 15.91 -34.77 3.82
CA GLU H 129 15.49 -35.28 2.53
C GLU H 129 15.25 -34.12 1.55
N LYS H 130 16.20 -33.92 0.64
CA LYS H 130 16.12 -32.84 -0.35
C LYS H 130 15.64 -33.36 -1.71
N SER H 131 15.86 -34.64 -1.98
CA SER H 131 15.31 -35.31 -3.13
C SER H 131 13.80 -35.16 -3.20
N THR H 132 13.28 -35.14 -4.42
CA THR H 132 11.84 -35.15 -4.64
C THR H 132 11.39 -36.60 -4.46
N VAL H 133 10.43 -36.77 -3.54
CA VAL H 133 9.95 -38.09 -3.16
C VAL H 133 8.44 -38.12 -3.16
N PRO H 134 7.84 -39.32 -3.20
CA PRO H 134 6.42 -39.43 -2.94
C PRO H 134 6.11 -38.95 -1.52
N VAL H 135 4.91 -38.45 -1.32
CA VAL H 135 4.49 -38.01 0.00
C VAL H 135 4.51 -39.22 0.93
N ARG H 136 5.01 -38.99 2.13
CA ARG H 136 5.19 -40.00 3.18
C ARG H 136 6.51 -40.78 3.11
N ALA H 137 7.37 -40.49 2.13
CA ALA H 137 8.67 -41.17 2.05
C ALA H 137 9.52 -40.99 3.32
N ALA H 138 9.50 -39.80 3.93
CA ALA H 138 10.28 -39.53 5.16
C ALA H 138 9.94 -40.51 6.29
N GLU H 139 8.69 -40.98 6.31
CA GLU H 139 8.23 -41.99 7.27
C GLU H 139 9.00 -43.31 7.13
N SER H 140 9.20 -43.73 5.89
CA SER H 140 10.02 -44.92 5.62
C SER H 140 11.43 -44.81 6.21
N ILE H 141 12.01 -43.61 6.11
CA ILE H 141 13.37 -43.37 6.61
C ILE H 141 13.39 -43.42 8.14
N ARG H 142 12.41 -42.75 8.76
CA ARG H 142 12.24 -42.77 10.22
C ARG H 142 12.09 -44.19 10.74
N ARG H 143 11.34 -45.01 10.02
CA ARG H 143 11.12 -46.42 10.40
C ARG H 143 12.41 -47.24 10.37
N ILE H 144 13.24 -47.03 9.34
CA ILE H 144 14.54 -47.71 9.22
C ILE H 144 15.48 -47.30 10.36
N PHE H 145 15.55 -46.00 10.62
CA PHE H 145 16.28 -45.46 11.75
C PHE H 145 15.77 -46.00 13.08
N ASP H 146 14.45 -45.92 13.29
CA ASP H 146 13.82 -46.46 14.52
C ASP H 146 14.11 -47.95 14.73
N ALA H 147 14.13 -48.72 13.64
CA ALA H 147 14.37 -50.18 13.70
C ALA H 147 15.82 -50.57 13.93
N ASN H 148 16.72 -49.60 13.76
CA ASN H 148 18.17 -49.82 13.83
C ASN H 148 18.85 -48.85 14.82
N THR H 149 18.25 -48.72 16.01
CA THR H 149 18.80 -47.86 17.06
C THR H 149 20.14 -48.36 17.62
N LYS H 150 20.91 -47.38 18.12
CA LYS H 150 22.08 -47.62 18.95
C LYS H 150 21.92 -46.73 20.17
N PRO H 151 22.56 -47.11 21.29
CA PRO H 151 22.54 -46.19 22.44
C PRO H 151 23.13 -44.83 22.06
N ASN H 152 22.41 -43.77 22.42
CA ASN H 152 22.78 -42.36 22.16
C ASN H 152 22.63 -41.85 20.71
N LEU H 153 22.06 -42.68 19.83
CA LEU H 153 21.83 -42.29 18.44
C LEU H 153 20.50 -41.54 18.36
N ASN H 154 20.54 -40.34 17.81
CA ASN H 154 19.35 -39.54 17.64
C ASN H 154 19.35 -38.94 16.23
N LEU H 155 18.61 -39.58 15.33
CA LEU H 155 18.50 -39.12 13.95
C LEU H 155 17.15 -38.45 13.71
N GLN H 156 17.17 -37.14 13.51
CA GLN H 156 15.96 -36.38 13.22
C GLN H 156 15.83 -36.20 11.72
N VAL H 157 14.68 -36.60 11.18
CA VAL H 157 14.45 -36.52 9.74
C VAL H 157 13.63 -35.26 9.39
N LEU H 158 14.17 -34.48 8.45
CA LEU H 158 13.47 -33.33 7.90
C LEU H 158 13.25 -33.51 6.40
N SER H 159 12.30 -32.73 5.90
CA SER H 159 12.07 -32.53 4.46
C SER H 159 12.56 -31.14 4.08
N ASN H 160 13.27 -31.02 2.98
CA ASN H 160 13.79 -29.74 2.52
C ASN H 160 13.93 -29.81 1.01
N PRO H 161 12.80 -29.77 0.29
CA PRO H 161 12.85 -29.94 -1.17
C PRO H 161 13.54 -28.78 -1.87
N GLU H 162 13.88 -29.01 -3.13
CA GLU H 162 14.67 -28.05 -3.86
C GLU H 162 13.86 -27.43 -5.00
N PHE H 163 14.00 -26.13 -5.20
CA PHE H 163 13.24 -25.43 -6.24
C PHE H 163 14.09 -24.79 -7.33
N LEU H 164 15.42 -24.98 -7.26
CA LEU H 164 16.32 -24.48 -8.31
C LEU H 164 15.90 -25.00 -9.71
N ALA H 165 16.09 -24.17 -10.71
CA ALA H 165 16.01 -24.59 -12.10
C ALA H 165 17.42 -24.59 -12.70
N GLU H 166 17.72 -25.57 -13.54
CA GLU H 166 19.00 -25.61 -14.24
C GLU H 166 19.08 -24.49 -15.25
N GLY H 167 20.28 -23.92 -15.44
CA GLY H 167 20.45 -22.74 -16.24
C GLY H 167 20.49 -21.45 -15.44
N THR H 168 19.74 -21.42 -14.33
CA THR H 168 19.72 -20.31 -13.39
C THR H 168 19.99 -20.78 -11.95
N ALA H 169 20.64 -21.93 -11.76
CA ALA H 169 20.76 -22.53 -10.43
C ALA H 169 21.40 -21.59 -9.38
N ILE H 170 22.47 -20.91 -9.74
CA ILE H 170 23.20 -20.06 -8.79
C ILE H 170 22.34 -18.88 -8.30
N LYS H 171 21.72 -18.16 -9.23
CA LYS H 171 20.78 -17.10 -8.90
C LYS H 171 19.64 -17.60 -8.01
N ASP H 172 19.04 -18.73 -8.39
CA ASP H 172 17.92 -19.35 -7.64
C ASP H 172 18.31 -19.75 -6.22
N LEU H 173 19.52 -20.24 -6.08
CA LEU H 173 20.07 -20.63 -4.77
C LEU H 173 20.49 -19.44 -3.90
N LYS H 174 21.05 -18.40 -4.51
CA LYS H 174 21.49 -17.24 -3.76
C LYS H 174 20.29 -16.39 -3.38
N ASN H 175 19.26 -16.38 -4.20
CA ASN H 175 18.10 -15.55 -3.94
C ASN H 175 16.78 -16.31 -4.15
N PRO H 176 16.56 -17.37 -3.35
CA PRO H 176 15.36 -18.18 -3.58
C PRO H 176 14.07 -17.41 -3.25
N ASP H 177 13.02 -17.66 -4.02
CA ASP H 177 11.69 -17.09 -3.71
C ASP H 177 11.24 -17.57 -2.33
N ARG H 178 11.55 -18.83 -2.04
CA ARG H 178 11.39 -19.35 -0.69
C ARG H 178 12.22 -20.63 -0.46
N VAL H 179 12.43 -20.90 0.82
CA VAL H 179 13.02 -22.14 1.32
C VAL H 179 11.93 -22.84 2.12
N LEU H 180 11.68 -24.11 1.81
CA LEU H 180 10.66 -24.92 2.48
C LEU H 180 11.33 -26.01 3.28
N ILE H 181 10.98 -26.06 4.57
CA ILE H 181 11.46 -27.07 5.49
C ILE H 181 10.27 -27.69 6.18
N GLY H 182 10.23 -29.02 6.22
CA GLY H 182 9.19 -29.74 6.92
C GLY H 182 9.77 -30.67 7.96
N GLY H 183 9.12 -30.72 9.12
CA GLY H 183 9.50 -31.62 10.20
C GLY H 183 8.27 -31.89 11.03
N ASP H 184 8.38 -32.84 11.98
CA ASP H 184 7.24 -33.12 12.86
C ASP H 184 7.13 -32.04 13.94
N GLU H 185 5.99 -32.04 14.63
CA GLU H 185 5.68 -30.99 15.60
C GLU H 185 6.34 -31.21 16.96
N THR H 186 7.18 -32.24 17.08
CA THR H 186 7.76 -32.59 18.37
C THR H 186 8.86 -31.61 18.73
N PRO H 187 9.15 -31.48 20.04
CA PRO H 187 10.26 -30.64 20.47
C PRO H 187 11.57 -30.94 19.73
N GLU H 188 11.93 -32.21 19.61
CA GLU H 188 13.12 -32.62 18.86
C GLU H 188 12.97 -32.23 17.38
N GLY H 189 11.80 -32.47 16.80
CA GLY H 189 11.55 -32.13 15.40
C GLY H 189 11.73 -30.64 15.13
N GLN H 190 11.21 -29.83 16.04
CA GLN H 190 11.26 -28.38 15.88
C GLN H 190 12.65 -27.81 16.13
N ARG H 191 13.40 -28.41 17.07
CA ARG H 191 14.81 -28.05 17.26
C ARG H 191 15.62 -28.29 15.98
N ALA H 192 15.35 -29.42 15.33
CA ALA H 192 16.02 -29.80 14.08
C ALA H 192 15.67 -28.83 12.97
N VAL H 193 14.37 -28.54 12.82
CA VAL H 193 13.88 -27.56 11.85
C VAL H 193 14.53 -26.19 12.05
N GLN H 194 14.69 -25.77 13.31
CA GLN H 194 15.30 -24.48 13.61
C GLN H 194 16.82 -24.48 13.32
N ALA H 195 17.51 -25.57 13.61
CA ALA H 195 18.94 -25.67 13.27
C ALA H 195 19.17 -25.55 11.74
N LEU H 196 18.31 -26.15 10.92
CA LEU H 196 18.41 -26.02 9.45
C LEU H 196 18.04 -24.60 8.99
N CYS H 197 17.01 -24.00 9.58
CA CYS H 197 16.64 -22.61 9.29
C CYS H 197 17.81 -21.67 9.53
N ALA H 198 18.55 -21.93 10.60
CA ALA H 198 19.72 -21.14 10.95
C ALA H 198 20.81 -21.16 9.87
N VAL H 199 21.02 -22.30 9.22
CA VAL H 199 21.92 -22.36 8.03
C VAL H 199 21.44 -21.39 6.95
N TYR H 200 20.20 -21.58 6.50
CA TYR H 200 19.65 -20.74 5.44
C TYR H 200 19.62 -19.25 5.78
N GLU H 201 19.44 -18.93 7.06
CA GLU H 201 19.37 -17.55 7.52
C GLU H 201 20.69 -16.79 7.40
N HIS H 202 21.78 -17.47 7.07
CA HIS H 202 23.03 -16.80 6.77
C HIS H 202 22.85 -15.91 5.54
N TRP H 203 21.93 -16.28 4.64
CA TRP H 203 21.74 -15.48 3.43
C TRP H 203 20.29 -15.37 2.93
N VAL H 204 19.34 -16.08 3.54
CA VAL H 204 17.93 -15.98 3.16
C VAL H 204 17.19 -15.25 4.30
N PRO H 205 16.39 -14.21 3.97
CA PRO H 205 15.54 -13.58 4.99
C PRO H 205 14.58 -14.56 5.64
N ARG H 206 14.37 -14.43 6.96
CA ARG H 206 13.51 -15.36 7.66
C ARG H 206 12.08 -15.42 7.08
N GLU H 207 11.57 -14.27 6.65
CA GLU H 207 10.24 -14.19 6.02
C GLU H 207 10.10 -15.06 4.75
N LYS H 208 11.22 -15.39 4.10
CA LYS H 208 11.20 -16.25 2.91
C LYS H 208 11.48 -17.72 3.23
N ILE H 209 11.54 -18.07 4.51
CA ILE H 209 11.71 -19.44 4.97
C ILE H 209 10.40 -19.97 5.55
N LEU H 210 9.76 -20.88 4.84
CA LEU H 210 8.52 -21.51 5.30
C LEU H 210 8.81 -22.82 6.01
N THR H 211 8.18 -23.02 7.16
CA THR H 211 8.26 -24.29 7.88
C THR H 211 6.84 -24.86 7.95
N THR H 212 6.74 -26.18 7.80
CA THR H 212 5.45 -26.85 7.66
C THR H 212 5.61 -28.23 8.26
N ASN H 213 4.56 -29.05 8.26
CA ASN H 213 4.80 -30.46 8.62
C ASN H 213 5.52 -31.16 7.44
N THR H 214 6.00 -32.36 7.69
CA THR H 214 6.80 -33.10 6.74
C THR H 214 6.07 -33.42 5.44
N TRP H 215 4.80 -33.81 5.58
CA TRP H 215 3.99 -34.27 4.46
C TRP H 215 3.59 -33.11 3.57
N SER H 216 3.25 -31.99 4.18
CA SER H 216 2.96 -30.75 3.44
C SER H 216 4.19 -30.28 2.65
N SER H 217 5.39 -30.49 3.21
CA SER H 217 6.63 -30.10 2.54
C SER H 217 6.88 -30.97 1.30
N GLU H 218 6.82 -32.29 1.49
CA GLU H 218 6.94 -33.25 0.39
C GLU H 218 5.92 -33.04 -0.74
N LEU H 219 4.65 -32.93 -0.37
CA LEU H 219 3.59 -32.69 -1.35
C LEU H 219 3.75 -31.33 -2.06
N SER H 220 4.19 -30.30 -1.33
CA SER H 220 4.40 -28.96 -1.92
C SER H 220 5.34 -29.00 -3.13
N LYS H 221 6.39 -29.82 -3.04
CA LYS H 221 7.36 -29.94 -4.13
C LYS H 221 6.72 -30.57 -5.37
N LEU H 222 6.04 -31.71 -5.18
CA LEU H 222 5.33 -32.37 -6.28
C LEU H 222 4.31 -31.44 -6.92
N ALA H 223 3.47 -30.82 -6.08
CA ALA H 223 2.45 -29.88 -6.53
C ALA H 223 3.01 -28.69 -7.31
N ALA H 224 4.12 -28.12 -6.83
CA ALA H 224 4.75 -26.97 -7.48
C ALA H 224 5.17 -27.29 -8.90
N ASN H 225 5.88 -28.41 -9.06
CA ASN H 225 6.33 -28.87 -10.38
C ASN H 225 5.14 -29.18 -11.30
N ALA H 226 4.07 -29.71 -10.73
CA ALA H 226 2.85 -30.04 -11.49
C ALA H 226 2.16 -28.78 -12.01
N PHE H 227 2.04 -27.78 -11.14
CA PHE H 227 1.44 -26.48 -11.50
C PHE H 227 2.20 -25.79 -12.63
N LEU H 228 3.53 -25.82 -12.53
CA LEU H 228 4.43 -25.25 -13.54
C LEU H 228 4.38 -26.00 -14.87
N ALA H 229 4.45 -27.33 -14.82
CA ALA H 229 4.27 -28.18 -15.99
C ALA H 229 2.88 -27.99 -16.61
N GLN H 230 1.88 -27.86 -15.76
CA GLN H 230 0.53 -27.62 -16.24
C GLN H 230 0.39 -26.30 -17.00
N ARG H 231 1.12 -25.26 -16.61
CA ARG H 231 1.08 -23.98 -17.33
C ARG H 231 1.64 -24.08 -18.74
N ILE H 232 2.76 -24.78 -18.85
CA ILE H 232 3.38 -25.12 -20.14
C ILE H 232 2.46 -25.96 -21.03
N SER H 233 1.88 -27.03 -20.47
CA SER H 233 0.93 -27.84 -21.26
C SER H 233 -0.34 -27.05 -21.63
N SER H 234 -0.76 -26.15 -20.75
CA SER H 234 -1.95 -25.32 -21.01
C SER H 234 -1.71 -24.36 -22.17
N ILE H 235 -0.57 -23.67 -22.18
CA ILE H 235 -0.25 -22.78 -23.29
C ILE H 235 0.09 -23.58 -24.58
N ASN H 236 0.69 -24.76 -24.43
CA ASN H 236 0.84 -25.66 -25.58
C ASN H 236 -0.47 -26.13 -26.22
N SER H 237 -1.48 -26.44 -25.41
CA SER H 237 -2.79 -26.79 -25.96
C SER H 237 -3.39 -25.62 -26.73
N ILE H 238 -3.19 -24.42 -26.18
CA ILE H 238 -3.65 -23.19 -26.84
C ILE H 238 -2.93 -22.95 -28.17
N SER H 239 -1.66 -23.37 -28.24
CA SER H 239 -0.87 -23.24 -29.46
C SER H 239 -1.51 -24.02 -30.61
N ALA H 240 -2.02 -25.23 -30.32
CA ALA H 240 -2.75 -26.03 -31.30
C ALA H 240 -3.98 -25.29 -31.79
N LEU H 241 -4.76 -24.74 -30.85
CA LEU H 241 -5.92 -23.90 -31.16
C LEU H 241 -5.60 -22.68 -31.99
N CYS H 242 -4.46 -22.06 -31.70
CA CYS H 242 -4.03 -20.89 -32.46
C CYS H 242 -3.78 -21.24 -33.93
N GLU H 243 -3.13 -22.38 -34.15
CA GLU H 243 -2.84 -22.86 -35.49
C GLU H 243 -4.12 -23.21 -36.28
N ALA H 244 -5.17 -23.64 -35.57
CA ALA H 244 -6.43 -24.02 -36.23
C ALA H 244 -7.31 -22.81 -36.47
N THR H 245 -7.05 -21.68 -35.80
CA THR H 245 -7.99 -20.55 -35.82
C THR H 245 -7.44 -19.26 -36.40
N GLY H 246 -6.11 -19.11 -36.46
CA GLY H 246 -5.52 -17.84 -36.86
C GLY H 246 -5.12 -16.94 -35.71
N ALA H 247 -5.46 -17.32 -34.48
CA ALA H 247 -4.91 -16.68 -33.28
C ALA H 247 -3.40 -16.96 -33.19
N ASP H 248 -2.70 -16.15 -32.42
CA ASP H 248 -1.26 -16.31 -32.23
C ASP H 248 -0.97 -16.53 -30.76
N VAL H 249 -0.19 -17.57 -30.46
CA VAL H 249 -0.04 -18.02 -29.09
C VAL H 249 0.75 -17.04 -28.23
N GLU H 250 1.65 -16.28 -28.83
CA GLU H 250 2.40 -15.25 -28.11
C GLU H 250 1.49 -14.08 -27.74
N GLU H 251 0.59 -13.73 -28.66
CA GLU H 251 -0.45 -12.73 -28.39
C GLU H 251 -1.41 -13.19 -27.28
N VAL H 252 -1.90 -14.41 -27.40
CA VAL H 252 -2.77 -15.00 -26.38
C VAL H 252 -2.06 -15.12 -25.02
N ALA H 253 -0.82 -15.62 -25.02
CA ALA H 253 -0.03 -15.75 -23.80
C ALA H 253 0.15 -14.38 -23.09
N THR H 254 0.36 -13.34 -23.88
CA THR H 254 0.54 -11.99 -23.37
C THR H 254 -0.78 -11.47 -22.77
N ALA H 255 -1.88 -11.70 -23.48
CA ALA H 255 -3.20 -11.29 -23.01
C ALA H 255 -3.53 -11.95 -21.67
N ILE H 256 -3.37 -13.27 -21.58
CA ILE H 256 -3.74 -13.95 -20.34
C ILE H 256 -2.75 -13.65 -19.22
N GLY H 257 -1.47 -13.50 -19.53
CA GLY H 257 -0.45 -13.21 -18.52
C GLY H 257 -0.51 -11.84 -17.88
N MET H 258 -1.22 -10.90 -18.49
CA MET H 258 -1.41 -9.56 -17.92
C MET H 258 -2.50 -9.54 -16.84
N ASP H 259 -3.29 -10.60 -16.75
CA ASP H 259 -4.13 -10.84 -15.56
C ASP H 259 -3.18 -11.21 -14.42
N GLN H 260 -3.16 -10.39 -13.39
CA GLN H 260 -2.20 -10.55 -12.29
C GLN H 260 -2.48 -11.77 -11.40
N ARG H 261 -3.69 -12.32 -11.50
CA ARG H 261 -4.04 -13.58 -10.85
C ARG H 261 -3.45 -14.80 -11.58
N ILE H 262 -3.34 -14.72 -12.91
CA ILE H 262 -2.72 -15.77 -13.70
C ILE H 262 -1.19 -15.63 -13.71
N GLY H 263 -0.68 -14.41 -13.89
CA GLY H 263 0.76 -14.18 -13.93
C GLY H 263 1.32 -14.46 -15.32
N ASN H 264 2.49 -13.91 -15.60
CA ASN H 264 3.03 -13.91 -16.95
C ASN H 264 4.25 -14.82 -17.19
N LYS H 265 4.61 -15.61 -16.18
CA LYS H 265 5.68 -16.59 -16.30
C LYS H 265 5.20 -17.96 -16.75
N PHE H 266 6.08 -18.69 -17.42
CA PHE H 266 5.83 -20.07 -17.85
C PHE H 266 4.66 -20.20 -18.85
N LEU H 267 4.54 -19.21 -19.74
CA LEU H 267 3.52 -19.19 -20.79
C LEU H 267 4.17 -19.09 -22.16
N LYS H 268 5.36 -19.70 -22.27
CA LYS H 268 6.15 -19.69 -23.49
C LYS H 268 6.00 -21.04 -24.18
N ALA H 269 5.23 -21.06 -25.27
CA ALA H 269 4.92 -22.30 -25.97
C ALA H 269 6.20 -22.92 -26.52
N SER H 270 6.20 -24.25 -26.59
CA SER H 270 7.34 -25.02 -27.05
C SER H 270 6.90 -26.33 -27.66
N VAL H 271 7.86 -26.96 -28.32
CA VAL H 271 7.71 -28.32 -28.82
C VAL H 271 7.36 -29.29 -27.66
N GLY H 272 7.84 -28.98 -26.45
CA GLY H 272 7.41 -29.67 -25.24
C GLY H 272 8.39 -29.49 -24.12
N PHE H 273 7.92 -29.56 -22.88
CA PHE H 273 8.84 -29.52 -21.74
C PHE H 273 9.72 -30.77 -21.67
N GLY H 274 10.99 -30.54 -21.32
CA GLY H 274 11.92 -31.59 -20.96
C GLY H 274 12.42 -31.35 -19.56
N GLY H 275 13.63 -31.84 -19.29
CA GLY H 275 14.20 -31.81 -17.94
C GLY H 275 13.94 -33.10 -17.20
N SER H 276 14.77 -33.36 -16.20
CA SER H 276 14.79 -34.64 -15.52
C SER H 276 13.57 -34.92 -14.66
N CYS H 277 12.86 -33.88 -14.25
CA CYS H 277 11.87 -33.99 -13.19
C CYS H 277 10.40 -33.71 -13.50
N PHE H 278 10.07 -32.84 -14.46
CA PHE H 278 8.64 -32.49 -14.67
C PHE H 278 7.79 -33.71 -15.00
N GLN H 279 8.18 -34.50 -15.99
CA GLN H 279 7.42 -35.71 -16.35
C GLN H 279 7.37 -36.72 -15.20
N LYS H 280 8.52 -37.02 -14.60
CA LYS H 280 8.59 -38.06 -13.57
C LYS H 280 7.91 -37.64 -12.26
N ASP H 281 7.96 -36.35 -11.92
CA ASP H 281 7.33 -35.87 -10.68
C ASP H 281 5.78 -35.85 -10.81
N VAL H 282 5.29 -35.47 -11.98
CA VAL H 282 3.86 -35.53 -12.26
C VAL H 282 3.36 -36.98 -12.31
N LEU H 283 4.13 -37.87 -12.93
CA LEU H 283 3.78 -39.29 -12.98
C LEU H 283 3.84 -39.95 -11.59
N ASN H 284 4.76 -39.47 -10.74
CA ASN H 284 4.82 -39.85 -9.32
C ASN H 284 3.51 -39.49 -8.64
N LEU H 285 3.09 -38.24 -8.84
CA LEU H 285 1.85 -37.73 -8.30
C LEU H 285 0.65 -38.57 -8.75
N VAL H 286 0.58 -38.86 -10.05
CA VAL H 286 -0.48 -39.68 -10.63
C VAL H 286 -0.54 -41.07 -9.98
N TYR H 287 0.62 -41.71 -9.90
CA TYR H 287 0.75 -43.03 -9.30
C TYR H 287 0.35 -43.10 -7.82
N LEU H 288 0.70 -42.09 -7.06
CA LEU H 288 0.31 -41.99 -5.65
C LEU H 288 -1.19 -41.87 -5.50
N CYS H 289 -1.79 -41.11 -6.39
CA CYS H 289 -3.23 -40.89 -6.39
C CYS H 289 -3.96 -42.20 -6.66
N GLU H 290 -3.48 -42.95 -7.63
CA GLU H 290 -4.06 -44.26 -7.92
C GLU H 290 -3.95 -45.18 -6.72
N ALA H 291 -2.77 -45.22 -6.11
CA ALA H 291 -2.53 -45.99 -4.89
C ALA H 291 -3.48 -45.59 -3.73
N LEU H 292 -3.78 -44.29 -3.62
CA LEU H 292 -4.64 -43.76 -2.57
C LEU H 292 -6.11 -43.72 -2.98
N ASN H 293 -6.43 -44.34 -4.12
CA ASN H 293 -7.82 -44.48 -4.56
C ASN H 293 -8.42 -43.11 -4.89
N LEU H 294 -7.66 -42.32 -5.63
CA LEU H 294 -8.07 -41.02 -6.12
C LEU H 294 -7.87 -41.03 -7.63
N PRO H 295 -8.67 -41.83 -8.36
CA PRO H 295 -8.45 -41.93 -9.79
C PRO H 295 -8.77 -40.65 -10.58
N GLU H 296 -9.75 -39.88 -10.11
CA GLU H 296 -10.12 -38.60 -10.74
C GLU H 296 -8.96 -37.62 -10.66
N VAL H 297 -8.32 -37.55 -9.50
CA VAL H 297 -7.14 -36.71 -9.32
C VAL H 297 -5.98 -37.20 -10.20
N ALA H 298 -5.85 -38.53 -10.33
CA ALA H 298 -4.82 -39.13 -11.16
C ALA H 298 -4.99 -38.75 -12.65
N ARG H 299 -6.21 -38.90 -13.16
CA ARG H 299 -6.44 -38.60 -14.59
C ARG H 299 -6.40 -37.10 -14.91
N TYR H 300 -6.70 -36.29 -13.90
CA TYR H 300 -6.57 -34.84 -13.99
C TYR H 300 -5.11 -34.45 -14.32
N TRP H 301 -4.17 -35.00 -13.56
CA TRP H 301 -2.78 -34.65 -13.75
C TRP H 301 -2.10 -35.41 -14.89
N GLN H 302 -2.63 -36.59 -15.24
CA GLN H 302 -2.14 -37.34 -16.40
C GLN H 302 -2.22 -36.49 -17.65
N GLN H 303 -3.27 -35.68 -17.75
CA GLN H 303 -3.42 -34.75 -18.87
C GLN H 303 -2.24 -33.83 -19.13
N VAL H 304 -1.52 -33.41 -18.09
CA VAL H 304 -0.31 -32.58 -18.28
C VAL H 304 0.71 -33.31 -19.19
N ILE H 305 0.86 -34.62 -18.97
CA ILE H 305 1.80 -35.44 -19.74
C ILE H 305 1.25 -35.76 -21.12
N ASP H 306 -0.02 -36.17 -21.20
CA ASP H 306 -0.62 -36.51 -22.47
C ASP H 306 -0.59 -35.33 -23.41
N MET H 307 -0.80 -34.13 -22.88
CA MET H 307 -0.72 -32.92 -23.67
C MET H 307 0.70 -32.68 -24.20
N ASN H 308 1.72 -32.85 -23.34
CA ASN H 308 3.12 -32.71 -23.72
C ASN H 308 3.56 -33.74 -24.78
N ASP H 309 3.11 -34.98 -24.63
CA ASP H 309 3.43 -36.03 -25.58
C ASP H 309 2.81 -35.71 -26.94
N TYR H 310 1.57 -35.27 -26.91
CA TYR H 310 0.85 -34.82 -28.10
C TYR H 310 1.48 -33.63 -28.82
N GLN H 311 1.95 -32.64 -28.06
CA GLN H 311 2.63 -31.48 -28.64
C GLN H 311 3.91 -31.88 -29.39
N ARG H 312 4.68 -32.80 -28.79
CA ARG H 312 5.88 -33.35 -29.42
C ARG H 312 5.55 -34.17 -30.68
N ARG H 313 4.62 -35.10 -30.54
CA ARG H 313 4.24 -35.96 -31.64
C ARG H 313 3.70 -35.13 -32.82
N ARG H 314 2.84 -34.14 -32.53
CA ARG H 314 2.31 -33.31 -33.61
C ARG H 314 3.35 -32.39 -34.26
N PHE H 315 4.39 -31.97 -33.52
CA PHE H 315 5.52 -31.25 -34.12
C PHE H 315 6.28 -32.12 -35.12
N ALA H 316 6.51 -33.38 -34.78
CA ALA H 316 7.21 -34.32 -35.66
C ALA H 316 6.41 -34.64 -36.94
N SER H 317 5.09 -34.80 -36.82
CA SER H 317 4.21 -35.09 -37.94
C SER H 317 4.15 -33.91 -38.89
N ARG H 318 4.10 -32.71 -38.32
CA ARG H 318 4.21 -31.48 -39.10
C ARG H 318 5.43 -31.48 -40.02
N ILE H 319 6.58 -31.86 -39.49
CA ILE H 319 7.82 -31.89 -40.25
C ILE H 319 7.71 -32.92 -41.38
N ILE H 320 7.27 -34.12 -40.99
CA ILE H 320 7.09 -35.21 -41.93
C ILE H 320 6.04 -34.89 -42.99
N ASP H 321 4.90 -34.38 -42.54
CA ASP H 321 3.81 -33.99 -43.45
C ASP H 321 4.26 -32.86 -44.37
N SER H 322 4.90 -31.83 -43.83
CA SER H 322 5.40 -30.71 -44.66
C SER H 322 6.46 -31.13 -45.70
N LEU H 323 7.31 -32.09 -45.35
CA LEU H 323 8.34 -32.61 -46.28
C LEU H 323 7.79 -33.71 -47.22
N PHE H 324 6.60 -33.46 -47.77
CA PHE H 324 5.99 -34.29 -48.79
C PHE H 324 5.70 -35.71 -48.28
N ASN H 325 5.41 -35.81 -46.98
CA ASN H 325 5.01 -37.05 -46.31
C ASN H 325 6.07 -38.13 -46.25
N THR H 326 7.33 -37.76 -46.48
CA THR H 326 8.43 -38.70 -46.40
C THR H 326 9.73 -37.98 -46.08
N VAL H 327 10.46 -38.48 -45.08
CA VAL H 327 11.78 -37.97 -44.73
C VAL H 327 12.90 -39.03 -44.81
N THR H 328 12.57 -40.24 -45.30
CA THR H 328 13.57 -41.28 -45.46
C THR H 328 14.73 -40.78 -46.32
N ASP H 329 15.96 -40.94 -45.80
CA ASP H 329 17.19 -40.47 -46.46
C ASP H 329 17.29 -38.95 -46.63
N LYS H 330 16.44 -38.19 -45.98
CA LYS H 330 16.56 -36.73 -46.04
C LYS H 330 17.43 -36.22 -44.89
N LYS H 331 18.33 -35.31 -45.25
CA LYS H 331 19.16 -34.61 -44.27
C LYS H 331 18.31 -33.54 -43.58
N ILE H 332 18.19 -33.67 -42.26
CA ILE H 332 17.49 -32.70 -41.45
C ILE H 332 18.44 -32.24 -40.34
N ALA H 333 18.56 -30.93 -40.20
CA ALA H 333 19.36 -30.34 -39.13
C ALA H 333 18.52 -30.19 -37.85
N ILE H 334 19.06 -30.68 -36.73
CA ILE H 334 18.49 -30.47 -35.40
C ILE H 334 19.34 -29.42 -34.65
N LEU H 335 18.80 -28.23 -34.49
CA LEU H 335 19.49 -27.17 -33.74
C LEU H 335 18.96 -27.13 -32.30
N GLY H 336 19.80 -27.62 -31.38
CA GLY H 336 19.52 -27.62 -29.95
C GLY H 336 19.18 -29.02 -29.46
N PHE H 337 19.95 -29.50 -28.49
CA PHE H 337 19.73 -30.83 -27.91
C PHE H 337 19.47 -30.80 -26.39
N ALA H 338 19.97 -29.76 -25.71
CA ALA H 338 19.66 -29.52 -24.29
C ALA H 338 18.15 -29.34 -24.11
N PHE H 339 17.66 -29.64 -22.91
CA PHE H 339 16.21 -29.51 -22.64
C PHE H 339 15.76 -28.06 -22.57
N LYS H 340 16.73 -27.17 -22.36
CA LYS H 340 16.55 -25.73 -22.36
C LYS H 340 17.93 -25.09 -22.56
N LYS H 341 17.95 -23.78 -22.71
CA LYS H 341 19.21 -23.08 -22.83
C LYS H 341 19.90 -22.91 -21.47
N ASP H 342 21.20 -22.68 -21.55
CA ASP H 342 22.12 -22.46 -20.42
C ASP H 342 22.42 -23.72 -19.60
N THR H 343 22.19 -24.88 -20.19
CA THR H 343 22.55 -26.14 -19.55
C THR H 343 23.13 -27.04 -20.64
N GLY H 344 23.97 -27.98 -20.22
CA GLY H 344 24.36 -29.10 -21.07
C GLY H 344 23.55 -30.36 -20.75
N ASP H 345 22.60 -30.23 -19.82
CA ASP H 345 21.75 -31.36 -19.46
C ASP H 345 20.77 -31.67 -20.59
N THR H 346 20.64 -32.94 -20.95
CA THR H 346 19.72 -33.38 -22.00
C THR H 346 18.57 -34.23 -21.48
N ARG H 347 18.47 -34.38 -20.16
CA ARG H 347 17.53 -35.35 -19.62
C ARG H 347 16.10 -35.00 -20.01
N GLU H 348 15.43 -35.97 -20.64
CA GLU H 348 14.06 -35.84 -21.18
C GLU H 348 13.87 -34.69 -22.16
N SER H 349 14.94 -34.24 -22.81
CA SER H 349 14.82 -33.14 -23.76
C SER H 349 13.89 -33.53 -24.89
N SER H 350 13.08 -32.57 -25.34
CA SER H 350 12.20 -32.81 -26.48
C SER H 350 13.02 -33.11 -27.73
N SER H 351 14.28 -32.65 -27.77
CA SER H 351 15.18 -32.91 -28.90
C SER H 351 15.37 -34.41 -29.11
N ILE H 352 15.43 -35.16 -28.01
CA ILE H 352 15.59 -36.61 -28.07
C ILE H 352 14.40 -37.25 -28.75
N TYR H 353 13.21 -36.82 -28.35
CA TYR H 353 11.97 -37.43 -28.82
C TYR H 353 11.71 -37.06 -30.28
N ILE H 354 11.89 -35.78 -30.63
CA ILE H 354 11.81 -35.38 -32.04
C ILE H 354 12.81 -36.13 -32.90
N SER H 355 14.06 -36.25 -32.44
CA SER H 355 15.09 -36.97 -33.20
C SER H 355 14.69 -38.43 -33.43
N LYS H 356 14.21 -39.06 -32.36
CA LYS H 356 13.76 -40.45 -32.43
C LYS H 356 12.61 -40.64 -33.41
N TYR H 357 11.60 -39.77 -33.38
CA TYR H 357 10.53 -39.84 -34.37
C TYR H 357 11.07 -39.80 -35.80
N LEU H 358 12.04 -38.93 -36.04
CA LEU H 358 12.61 -38.73 -37.35
C LEU H 358 13.52 -39.88 -37.79
N MET H 359 14.29 -40.43 -36.85
CA MET H 359 15.05 -41.64 -37.07
C MET H 359 14.19 -42.87 -37.39
N ASP H 360 12.97 -42.94 -36.86
CA ASP H 360 12.02 -44.04 -37.19
C ASP H 360 11.61 -44.00 -38.65
N GLU H 361 11.72 -42.82 -39.25
CA GLU H 361 11.43 -42.59 -40.66
C GLU H 361 12.64 -42.83 -41.56
N GLY H 362 13.82 -42.99 -40.95
CA GLY H 362 15.07 -43.17 -41.67
C GLY H 362 15.67 -41.88 -42.17
N ALA H 363 15.37 -40.78 -41.47
CA ALA H 363 15.96 -39.46 -41.77
C ALA H 363 17.43 -39.41 -41.35
N HIS H 364 18.20 -38.49 -41.94
CA HIS H 364 19.61 -38.30 -41.60
C HIS H 364 19.76 -37.03 -40.79
N LEU H 365 19.88 -37.21 -39.48
CA LEU H 365 19.97 -36.09 -38.56
C LEU H 365 21.39 -35.63 -38.38
N HIS H 366 21.60 -34.33 -38.57
CA HIS H 366 22.83 -33.67 -38.21
C HIS H 366 22.48 -32.71 -37.08
N ILE H 367 23.04 -32.99 -35.90
CA ILE H 367 22.63 -32.37 -34.65
C ILE H 367 23.72 -31.40 -34.20
N TYR H 368 23.32 -30.18 -33.87
CA TYR H 368 24.22 -29.21 -33.29
C TYR H 368 23.68 -28.68 -31.95
N ASP H 369 24.52 -28.73 -30.92
CA ASP H 369 24.27 -28.02 -29.67
C ASP H 369 25.57 -27.39 -29.18
N PRO H 370 25.54 -26.12 -28.75
CA PRO H 370 26.75 -25.41 -28.32
C PRO H 370 27.33 -25.83 -26.95
N LYS H 371 26.59 -26.60 -26.16
CA LYS H 371 27.07 -27.00 -24.83
C LYS H 371 27.02 -28.50 -24.57
N VAL H 372 26.03 -29.22 -25.11
CA VAL H 372 25.91 -30.64 -24.87
C VAL H 372 27.07 -31.40 -25.52
N PRO H 373 27.77 -32.22 -24.73
CA PRO H 373 28.89 -33.01 -25.26
C PRO H 373 28.41 -34.10 -26.25
N ARG H 374 29.16 -34.31 -27.33
CA ARG H 374 28.72 -35.19 -28.39
C ARG H 374 28.49 -36.64 -27.96
N GLU H 375 29.28 -37.10 -26.99
CA GLU H 375 29.15 -38.47 -26.50
C GLU H 375 27.77 -38.70 -25.91
N GLN H 376 27.25 -37.69 -25.22
CA GLN H 376 25.93 -37.78 -24.60
C GLN H 376 24.80 -37.88 -25.62
N ILE H 377 24.92 -37.15 -26.74
CA ILE H 377 23.90 -37.15 -27.77
C ILE H 377 23.78 -38.56 -28.35
N VAL H 378 24.94 -39.16 -28.62
CA VAL H 378 25.03 -40.54 -29.09
C VAL H 378 24.33 -41.48 -28.11
N VAL H 379 24.67 -41.35 -26.83
CA VAL H 379 24.03 -42.18 -25.81
C VAL H 379 22.50 -42.00 -25.81
N ASP H 380 22.05 -40.75 -25.84
CA ASP H 380 20.60 -40.45 -25.78
C ASP H 380 19.80 -41.03 -26.95
N LEU H 381 20.40 -41.08 -28.13
CA LEU H 381 19.72 -41.59 -29.33
C LEU H 381 19.95 -43.09 -29.58
N SER H 382 20.74 -43.74 -28.71
CA SER H 382 21.04 -45.17 -28.79
C SER H 382 20.11 -46.01 -27.92
N HIS H 383 19.96 -47.29 -28.27
CA HIS H 383 18.99 -48.20 -27.61
C HIS H 383 19.25 -48.39 -26.12
N ASP H 389 25.01 -48.65 -31.32
CA ASP H 389 23.71 -48.68 -31.99
C ASP H 389 23.87 -48.39 -33.49
N ASP H 390 23.51 -49.39 -34.31
CA ASP H 390 23.63 -49.30 -35.78
C ASP H 390 22.77 -48.18 -36.37
N GLN H 391 21.60 -47.94 -35.76
CA GLN H 391 20.67 -46.92 -36.23
C GLN H 391 21.25 -45.51 -36.05
N VAL H 392 21.82 -45.25 -34.87
CA VAL H 392 22.52 -44.00 -34.61
C VAL H 392 23.71 -43.91 -35.54
N SER H 393 24.42 -45.03 -35.71
CA SER H 393 25.57 -45.07 -36.58
C SER H 393 25.19 -44.77 -38.04
N ARG H 394 24.05 -45.27 -38.50
CA ARG H 394 23.57 -45.00 -39.87
C ARG H 394 22.94 -43.60 -40.05
N LEU H 395 22.19 -43.12 -39.05
CA LEU H 395 21.31 -41.96 -39.24
C LEU H 395 21.76 -40.66 -38.55
N VAL H 396 22.68 -40.74 -37.58
CA VAL H 396 23.03 -39.58 -36.74
C VAL H 396 24.46 -39.06 -36.97
N THR H 397 24.56 -37.77 -37.27
CA THR H 397 25.85 -37.07 -37.36
C THR H 397 25.80 -35.92 -36.37
N ILE H 398 26.83 -35.80 -35.53
CA ILE H 398 26.89 -34.70 -34.58
C ILE H 398 27.76 -33.61 -35.22
N SER H 399 27.18 -32.44 -35.45
CA SER H 399 27.86 -31.37 -36.18
C SER H 399 28.61 -30.45 -35.23
N LYS H 400 29.65 -29.81 -35.74
CA LYS H 400 30.51 -28.94 -34.94
C LYS H 400 30.07 -27.48 -35.01
N ASP H 401 29.35 -27.14 -36.07
CA ASP H 401 28.70 -25.85 -36.15
C ASP H 401 27.39 -25.97 -36.92
N PRO H 402 26.48 -25.00 -36.73
CA PRO H 402 25.15 -25.10 -37.32
C PRO H 402 25.12 -25.12 -38.85
N TYR H 403 26.09 -24.44 -39.49
CA TYR H 403 26.14 -24.35 -40.95
C TYR H 403 26.46 -25.71 -41.56
N GLU H 404 27.32 -26.46 -40.87
CA GLU H 404 27.65 -27.83 -41.24
C GLU H 404 26.39 -28.68 -41.20
N ALA H 405 25.67 -28.61 -40.07
CA ALA H 405 24.39 -29.28 -39.90
C ALA H 405 23.36 -28.92 -40.98
N CYS H 406 23.34 -27.66 -41.40
CA CYS H 406 22.35 -27.16 -42.35
C CYS H 406 22.74 -27.33 -43.82
N ASP H 407 24.02 -27.60 -44.08
CA ASP H 407 24.57 -27.76 -45.43
C ASP H 407 23.96 -28.98 -46.10
N GLY H 408 23.19 -28.75 -47.16
CA GLY H 408 22.49 -29.84 -47.86
C GLY H 408 21.26 -30.39 -47.15
N ALA H 409 20.83 -29.72 -46.09
CA ALA H 409 19.63 -30.11 -45.36
C ALA H 409 18.36 -29.71 -46.14
N HIS H 410 17.31 -30.52 -45.99
CA HIS H 410 15.97 -30.19 -46.47
C HIS H 410 15.27 -29.26 -45.47
N ALA H 411 15.60 -29.42 -44.19
CA ALA H 411 14.89 -28.76 -43.10
C ALA H 411 15.81 -28.46 -41.93
N VAL H 412 15.49 -27.38 -41.23
CA VAL H 412 16.19 -26.96 -40.00
C VAL H 412 15.14 -26.98 -38.90
N VAL H 413 15.41 -27.71 -37.83
CA VAL H 413 14.43 -27.87 -36.74
C VAL H 413 15.06 -27.32 -35.45
N ILE H 414 14.52 -26.20 -34.98
CA ILE H 414 14.98 -25.59 -33.75
C ILE H 414 14.23 -26.18 -32.57
N CYS H 415 14.97 -26.87 -31.70
CA CYS H 415 14.39 -27.56 -30.54
C CYS H 415 14.72 -26.94 -29.19
N THR H 416 15.79 -26.16 -29.12
CA THR H 416 16.25 -25.48 -27.90
C THR H 416 16.50 -24.00 -28.17
N GLU H 417 16.14 -23.16 -27.18
CA GLU H 417 16.11 -21.70 -27.36
C GLU H 417 17.43 -20.99 -27.10
N TRP H 418 18.53 -21.59 -27.56
CA TRP H 418 19.86 -20.94 -27.50
C TRP H 418 19.81 -19.67 -28.32
N ASP H 419 20.34 -18.58 -27.76
CA ASP H 419 20.27 -17.23 -28.35
C ASP H 419 20.88 -17.13 -29.74
N MET H 420 21.90 -17.93 -30.00
CA MET H 420 22.61 -17.91 -31.27
C MET H 420 21.77 -18.29 -32.49
N PHE H 421 20.71 -19.08 -32.32
CA PHE H 421 20.00 -19.59 -33.50
C PHE H 421 19.29 -18.46 -34.22
N LYS H 422 18.77 -17.52 -33.46
CA LYS H 422 18.18 -16.28 -33.98
C LYS H 422 19.17 -15.47 -34.83
N GLU H 423 20.45 -15.56 -34.49
CA GLU H 423 21.49 -14.73 -35.08
CA GLU H 423 21.48 -14.72 -35.10
C GLU H 423 22.21 -15.38 -36.26
N LEU H 424 21.84 -16.62 -36.60
CA LEU H 424 22.49 -17.30 -37.74
C LEU H 424 22.29 -16.54 -39.07
N ASP H 425 23.21 -16.81 -40.00
CA ASP H 425 23.13 -16.27 -41.34
C ASP H 425 22.22 -17.14 -42.21
N TYR H 426 20.94 -16.80 -42.24
CA TYR H 426 19.96 -17.65 -42.88
C TYR H 426 19.97 -17.54 -44.40
N GLU H 427 20.50 -16.45 -44.94
CA GLU H 427 20.75 -16.35 -46.37
C GLU H 427 21.81 -17.36 -46.78
N ARG H 428 22.91 -17.37 -46.03
CA ARG H 428 23.98 -18.35 -46.23
C ARG H 428 23.44 -19.78 -46.11
N ILE H 429 22.64 -20.03 -45.10
CA ILE H 429 22.04 -21.35 -44.90
C ILE H 429 21.16 -21.73 -46.10
N HIS H 430 20.23 -20.85 -46.46
CA HIS H 430 19.34 -21.11 -47.61
C HIS H 430 20.11 -21.48 -48.90
N LYS H 431 21.17 -20.75 -49.20
CA LYS H 431 21.97 -21.01 -50.41
C LYS H 431 22.37 -22.49 -50.51
N LYS H 432 22.73 -23.09 -49.39
CA LYS H 432 23.26 -24.47 -49.39
C LYS H 432 22.26 -25.57 -48.99
N MET H 433 21.02 -25.19 -48.72
CA MET H 433 20.00 -26.19 -48.42
C MET H 433 19.43 -26.74 -49.73
N LEU H 434 18.88 -27.94 -49.66
CA LEU H 434 18.08 -28.49 -50.74
C LEU H 434 16.72 -27.80 -50.74
N LYS H 435 16.09 -27.79 -51.92
CA LYS H 435 14.91 -26.95 -52.18
C LYS H 435 13.68 -27.79 -52.57
N PRO H 436 12.50 -27.42 -52.05
CA PRO H 436 12.30 -26.26 -51.17
C PRO H 436 12.83 -26.48 -49.75
N ALA H 437 13.31 -25.41 -49.13
CA ALA H 437 13.93 -25.44 -47.81
C ALA H 437 12.91 -25.05 -46.71
N PHE H 438 13.01 -25.73 -45.57
CA PHE H 438 12.07 -25.55 -44.45
C PHE H 438 12.81 -25.23 -43.17
N ILE H 439 12.21 -24.35 -42.38
CA ILE H 439 12.54 -24.16 -40.96
C ILE H 439 11.32 -24.47 -40.12
N PHE H 440 11.47 -25.34 -39.13
CA PHE H 440 10.43 -25.56 -38.11
C PHE H 440 10.95 -25.04 -36.75
N ASP H 441 10.35 -23.95 -36.28
CA ASP H 441 10.75 -23.32 -35.01
C ASP H 441 9.87 -23.86 -33.88
N GLY H 442 10.47 -24.73 -33.04
CA GLY H 442 9.78 -25.35 -31.92
C GLY H 442 9.87 -24.54 -30.64
N ARG H 443 10.36 -23.31 -30.75
CA ARG H 443 10.65 -22.45 -29.60
C ARG H 443 10.20 -20.99 -29.76
N ARG H 444 9.61 -20.63 -30.90
CA ARG H 444 9.26 -19.23 -31.18
C ARG H 444 10.44 -18.25 -31.14
N VAL H 445 11.67 -18.71 -31.38
CA VAL H 445 12.82 -17.80 -31.32
C VAL H 445 12.98 -16.93 -32.61
N LEU H 446 12.33 -17.33 -33.70
CA LEU H 446 12.48 -16.63 -34.99
C LEU H 446 11.32 -15.68 -35.30
N ASP H 447 10.47 -15.43 -34.31
CA ASP H 447 9.39 -14.47 -34.46
C ASP H 447 9.98 -13.11 -34.84
N GLY H 448 9.40 -12.48 -35.84
CA GLY H 448 9.88 -11.18 -36.28
C GLY H 448 10.85 -11.30 -37.44
N LEU H 449 11.36 -12.51 -37.71
CA LEU H 449 12.18 -12.74 -38.89
C LEU H 449 11.40 -13.42 -40.01
N HIS H 450 10.14 -13.76 -39.76
CA HIS H 450 9.37 -14.60 -40.71
C HIS H 450 9.32 -14.02 -42.13
N ASN H 451 9.10 -12.71 -42.24
CA ASN H 451 9.11 -12.03 -43.53
C ASN H 451 10.45 -12.07 -44.21
N GLU H 452 11.51 -11.80 -43.44
CA GLU H 452 12.85 -11.86 -44.00
C GLU H 452 13.14 -13.29 -44.47
N LEU H 453 12.79 -14.28 -43.65
CA LEU H 453 13.02 -15.68 -44.00
C LEU H 453 12.21 -16.09 -45.22
N GLN H 454 10.98 -15.62 -45.32
CA GLN H 454 10.16 -15.92 -46.47
C GLN H 454 10.74 -15.29 -47.72
N THR H 455 11.26 -14.07 -47.59
CA THR H 455 11.88 -13.37 -48.72
C THR H 455 13.13 -14.08 -49.22
N ILE H 456 13.93 -14.59 -48.30
CA ILE H 456 15.08 -15.42 -48.66
C ILE H 456 14.59 -16.69 -49.37
N GLY H 457 13.46 -17.22 -48.92
CA GLY H 457 12.76 -18.28 -49.63
C GLY H 457 12.33 -19.48 -48.81
N PHE H 458 12.51 -19.41 -47.49
CA PHE H 458 12.15 -20.50 -46.62
C PHE H 458 10.65 -20.62 -46.53
N GLN H 459 10.18 -21.85 -46.37
CA GLN H 459 8.90 -22.10 -45.76
C GLN H 459 9.20 -22.16 -44.27
N ILE H 460 8.62 -21.26 -43.49
CA ILE H 460 8.88 -21.16 -42.06
C ILE H 460 7.61 -21.50 -41.29
N GLU H 461 7.75 -22.36 -40.29
CA GLU H 461 6.62 -22.78 -39.49
C GLU H 461 7.01 -22.75 -38.02
N THR H 462 6.08 -22.31 -37.19
CA THR H 462 6.30 -22.33 -35.76
C THR H 462 5.03 -22.68 -35.03
N ILE H 463 5.23 -23.12 -33.80
CA ILE H 463 4.17 -23.56 -32.92
C ILE H 463 3.25 -22.36 -32.60
N GLY H 464 1.94 -22.57 -32.67
CA GLY H 464 0.96 -21.55 -32.25
C GLY H 464 0.78 -20.43 -33.25
N LYS H 465 1.10 -20.70 -34.51
CA LYS H 465 0.95 -19.76 -35.60
C LYS H 465 0.43 -20.52 -36.82
N LYS H 466 -0.68 -20.06 -37.37
CA LYS H 466 -1.28 -20.69 -38.53
C LYS H 466 -0.35 -20.52 -39.73
N VAL H 467 -0.25 -21.56 -40.53
CA VAL H 467 0.52 -21.52 -41.78
C VAL H 467 -0.40 -21.02 -42.91
PA NAD I . -104.23 19.53 -7.27
O1A NAD I . -105.20 18.44 -7.41
O2A NAD I . -104.06 20.08 -5.91
O5B NAD I . -104.67 20.75 -8.22
C5B NAD I . -104.74 20.55 -9.60
C4B NAD I . -105.79 21.50 -10.13
O4B NAD I . -105.76 21.42 -11.53
C3B NAD I . -107.21 21.17 -9.66
O3B NAD I . -107.74 22.25 -8.91
C2B NAD I . -108.00 21.00 -10.94
O2B NAD I . -109.29 21.58 -10.83
C1B NAD I . -107.10 21.68 -11.96
N9A NAD I . -107.21 21.22 -13.35
C8A NAD I . -107.08 19.96 -13.84
N7A NAD I . -107.26 20.03 -15.18
C5A NAD I . -107.49 21.31 -15.53
C6A NAD I . -107.73 21.93 -16.76
N6A NAD I . -107.77 21.22 -17.89
N1A NAD I . -107.94 23.30 -16.79
C2A NAD I . -107.91 24.05 -15.63
N3A NAD I . -107.67 23.43 -14.42
C4A NAD I . -107.46 22.08 -14.39
O3 NAD I . -102.86 19.00 -7.92
PN NAD I . -101.38 19.34 -7.38
O1N NAD I . -101.09 18.35 -6.30
O2N NAD I . -101.20 20.80 -7.14
O5D NAD I . -100.51 18.97 -8.70
C1' UGA J . -91.90 14.49 -0.32
C2' UGA J . -90.46 15.03 -0.46
O2' UGA J . -89.86 15.12 0.84
C3' UGA J . -90.46 16.40 -1.17
O3' UGA J . -89.14 16.82 -1.45
C4' UGA J . -91.23 16.31 -2.49
O4' UGA J . -91.28 17.59 -3.14
C5' UGA J . -92.64 15.79 -2.21
O5' UGA J . -92.56 14.49 -1.58
C6' UGA J . -93.34 15.73 -3.53
O'P UGA J . -93.01 14.84 -4.35
O'Q UGA J . -94.24 16.57 -3.76
PB UGA J . -93.58 14.60 1.79
O1B UGA J . -94.08 13.26 1.38
O2B UGA J . -94.75 15.65 2.06
O3B UGA J . -92.61 15.27 0.69
O3A UGA J . -92.84 14.63 3.27
PA UGA J . -91.56 13.77 3.78
O1A UGA J . -90.77 14.54 4.79
O2A UGA J . -90.62 13.31 2.57
O5D UGA J . -92.15 12.43 4.46
C5D UGA J . -92.69 11.35 3.71
C4D UGA J . -92.72 10.08 4.60
O4D UGA J . -91.37 9.69 4.95
C3D UGA J . -93.46 10.36 5.92
O3D UGA J . -94.25 9.22 6.22
C2D UGA J . -92.31 10.49 6.93
O2D UGA J . -92.76 10.19 8.25
C1D UGA J . -91.37 9.43 6.39
N1 UGA J . -89.96 9.50 6.83
C6 UGA J . -89.16 10.61 6.46
C2 UGA J . -89.42 8.46 7.61
O2 UGA J . -90.10 7.49 7.94
N3 UGA J . -88.07 8.56 7.99
C4 UGA J . -87.28 9.66 7.63
O4 UGA J . -86.11 9.73 8.00
C5 UGA J . -87.83 10.69 6.87
CL CL K . -52.95 9.32 -14.24
CL CL L . -71.77 -5.92 23.70
PA NAD M . -55.38 -7.84 2.93
O1A NAD M . -55.60 -9.14 2.28
O2A NAD M . -54.75 -6.87 1.99
O5B NAD M . -54.47 -7.97 4.25
C5B NAD M . -54.76 -8.88 5.28
C4B NAD M . -53.46 -9.51 5.73
O4B NAD M . -53.68 -10.39 6.81
C3B NAD M . -52.74 -10.29 4.62
O3B NAD M . -51.45 -9.72 4.41
C2B NAD M . -52.67 -11.72 5.15
O2B NAD M . -51.49 -12.42 4.84
C1B NAD M . -52.80 -11.48 6.65
N9A NAD M . -53.24 -12.63 7.45
C8A NAD M . -54.32 -13.43 7.24
N7A NAD M . -54.36 -14.35 8.23
C5A NAD M . -53.33 -14.12 9.07
C6A NAD M . -52.93 -14.75 10.23
N6A NAD M . -53.64 -15.80 10.69
N1A NAD M . -51.82 -14.28 10.89
C2A NAD M . -51.12 -13.19 10.42
N3A NAD M . -51.52 -12.55 9.27
C4A NAD M . -52.62 -13.03 8.60
O3 NAD M . -56.81 -7.27 3.44
PN NAD M . -57.15 -5.72 3.74
O1N NAD M . -57.59 -5.06 2.50
O2N NAD M . -56.07 -5.09 4.54
O5D NAD M . -58.45 -5.78 4.68
C5D NAD M . -58.42 -6.36 5.97
C4D NAD M . -59.77 -6.18 6.66
O4D NAD M . -60.14 -4.80 6.68
C3D NAD M . -60.90 -6.92 5.94
O3D NAD M . -61.72 -7.60 6.87
C2D NAD M . -61.69 -5.83 5.22
O2D NAD M . -63.04 -6.19 5.06
C1D NAD M . -61.44 -4.60 6.11
N1N NAD M . -61.39 -3.29 5.45
C2N NAD M . -60.69 -3.11 4.27
C3N NAD M . -60.61 -1.82 3.70
C7N NAD M . -59.88 -1.57 2.40
O7N NAD M . -60.09 -0.38 1.69
N7N NAD M . -59.05 -2.50 1.96
C4N NAD M . -61.24 -0.74 4.33
C5N NAD M . -61.94 -0.94 5.50
C6N NAD M . -62.00 -2.21 6.06
C1' UGA N . -64.93 1.63 0.36
C2' UGA N . -65.56 2.66 1.27
O2' UGA N . -65.61 3.91 0.60
C3' UGA N . -64.75 2.80 2.57
O3' UGA N . -65.44 3.71 3.46
C4' UGA N . -64.59 1.43 3.23
O4' UGA N . -63.73 1.55 4.36
C5' UGA N . -64.03 0.41 2.22
O5' UGA N . -64.83 0.37 0.99
C6' UGA N . -63.89 -1.05 2.70
O'P UGA N . -64.52 -1.51 3.69
O'Q UGA N . -63.09 -1.74 2.05
PB UGA N . -63.03 1.62 -1.48
O1B UGA N . -63.63 0.32 -1.93
O2B UGA N . -61.44 1.55 -1.29
O3B UGA N . -63.63 2.09 -0.07
O3A UGA N . -63.19 2.79 -2.53
PA UGA N . -64.56 3.60 -2.92
O1A UGA N . -64.14 5.02 -3.15
O2A UGA N . -65.74 3.47 -1.88
O5D UGA N . -65.17 3.03 -4.30
C5D UGA N . -65.54 1.67 -4.47
C4D UGA N . -65.94 1.40 -5.89
O4D UGA N . -67.03 2.30 -6.18
C3D UGA N . -64.77 1.74 -6.85
O3D UGA N . -64.77 0.79 -7.93
C2D UGA N . -65.15 3.12 -7.33
O2D UGA N . -64.56 3.39 -8.60
C1D UGA N . -66.67 2.97 -7.42
N1 UGA N . -67.47 4.20 -7.33
C6 UGA N . -67.39 5.02 -6.19
C2 UGA N . -68.35 4.55 -8.39
O2 UGA N . -68.46 3.84 -9.39
N3 UGA N . -69.11 5.72 -8.28
C4 UGA N . -69.00 6.53 -7.15
O4 UGA N . -69.68 7.55 -7.09
C5 UGA N . -68.14 6.19 -6.10
C1 EDO O . -83.37 -1.10 -3.13
O1 EDO O . -83.72 -0.31 -4.24
C2 EDO O . -82.16 -1.90 -3.55
O2 EDO O . -81.25 -2.05 -2.48
PA NAD P . 28.26 20.77 1.82
O1A NAD P . 29.21 21.39 2.77
O2A NAD P . 28.01 19.34 2.11
O5B NAD P . 28.84 20.96 0.33
C5B NAD P . 28.94 22.26 -0.20
C4B NAD P . 30.13 22.28 -1.13
O4B NAD P . 30.31 23.58 -1.66
C3B NAD P . 31.44 21.91 -0.43
O3B NAD P . 31.88 20.65 -0.90
C2B NAD P . 32.39 23.04 -0.78
O2B NAD P . 33.69 22.58 -1.10
C1B NAD P . 31.68 23.72 -1.95
N9A NAD P . 31.97 25.14 -2.18
C8A NAD P . 31.83 26.22 -1.31
N7A NAD P . 32.20 27.34 -1.97
C5A NAD P . 32.56 27.01 -3.23
C6A NAD P . 33.01 27.75 -4.32
N6A NAD P . 33.15 29.07 -4.22
N1A NAD P . 33.30 27.11 -5.51
C2A NAD P . 33.15 25.74 -5.63
N3A NAD P . 32.71 25.01 -4.55
C4A NAD P . 32.41 25.62 -3.38
O3 NAD P . 26.91 21.67 1.81
PN NAD P . 25.43 21.03 1.65
O1N NAD P . 25.06 20.33 2.91
O2N NAD P . 25.40 20.26 0.38
O5D NAD P . 24.52 22.35 1.53
C1' UGA Q . 15.15 17.51 8.18
C2' UGA Q . 13.78 17.49 7.50
O2' UGA Q . 13.08 16.30 7.88
C3' UGA Q . 13.91 17.59 5.98
O3' UGA Q . 12.64 17.81 5.36
C4' UGA Q . 14.83 18.77 5.61
O4' UGA Q . 15.03 18.79 4.20
C5' UGA Q . 16.17 18.62 6.34
O5' UGA Q . 16.01 18.60 7.78
C6' UGA Q . 17.04 19.75 5.86
O'P UGA Q . 16.68 20.94 6.08
O'Q UGA Q . 18.06 19.44 5.22
PB UGA Q . 16.86 15.67 9.05
O1B UGA Q . 17.29 16.65 10.07
O2B UGA Q . 18.07 14.97 8.23
O3B UGA Q . 15.85 16.28 7.93
O3A UGA Q . 16.11 14.36 9.71
PA UGA Q . 14.67 14.32 10.52
O1A UGA Q . 13.88 13.10 10.18
O2A UGA Q . 13.81 15.66 10.24
O5D UGA Q . 15.05 14.34 12.10
C5D UGA Q . 15.47 15.53 12.81
C4D UGA Q . 15.39 15.25 14.34
O4D UGA Q . 13.97 15.09 14.64
C3D UGA Q . 16.04 13.89 14.70
O3D UGA Q . 16.85 14.06 15.86
C2D UGA Q . 14.85 12.98 15.00
O2D UGA Q . 15.18 11.97 15.98
C1D UGA Q . 13.90 14.01 15.59
N1 UGA Q . 12.48 13.63 15.60
C6 UGA Q . 11.76 13.49 14.38
C2 UGA Q . 11.84 13.43 16.83
O2 UGA Q . 12.45 13.56 17.90
N3 UGA Q . 10.49 13.10 16.82
C4 UGA Q . 9.79 12.96 15.63
O4 UGA Q . 8.59 12.66 15.68
C5 UGA Q . 10.42 13.14 14.40
C1 EDO R . 6.22 27.56 20.07
O1 EDO R . 6.72 28.23 18.93
C2 EDO R . 5.07 28.41 20.61
O2 EDO R . 4.05 27.57 21.12
CL CL S . -22.59 34.60 3.35
CL CL T . -7.81 6.28 34.96
PA NAD U . -22.47 26.58 26.35
O1A NAD U . -22.20 27.67 27.30
O2A NAD U . -22.87 27.02 24.99
O5B NAD U . -23.56 25.58 26.98
C5B NAD U . -23.38 24.94 28.21
C4B NAD U . -24.72 24.95 28.94
O4B NAD U . -24.60 24.42 30.24
C3B NAD U . -25.27 26.37 29.09
O3B NAD U . -26.40 26.53 28.26
C2B NAD U . -25.58 26.50 30.57
O2B NAD U . -26.81 27.14 30.82
C1B NAD U . -25.58 25.04 31.04
N9A NAD U . -25.31 24.81 32.47
C8A NAD U . -24.28 25.28 33.23
N7A NAD U . -24.38 24.78 34.48
C5A NAD U . -25.47 23.98 34.52
C6A NAD U . -26.04 23.23 35.55
N6A NAD U . -25.46 23.24 36.74
N1A NAD U . -27.16 22.47 35.29
C2A NAD U . -27.73 22.48 34.03
N3A NAD U . -27.17 23.24 33.02
C4A NAD U . -26.07 23.98 33.27
O3 NAD U . -21.11 25.73 26.28
PN NAD U . -20.67 24.83 25.03
O1N NAD U . -20.08 25.67 23.98
O2N NAD U . -21.78 23.88 24.73
O5D NAD U . -19.43 24.03 25.65
C5D NAD U . -19.63 22.97 26.57
C4D NAD U . -18.30 22.29 26.86
O4D NAD U . -17.82 21.68 25.69
C3D NAD U . -17.20 23.22 27.34
O3D NAD U . -16.52 22.64 28.44
C2D NAD U . -16.26 23.36 26.15
O2D NAD U . -14.93 23.58 26.52
C1D NAD U . -16.47 22.03 25.43
N1N NAD U . -16.40 22.05 23.97
C2N NAD U . -17.01 23.06 23.25
C3N NAD U . -16.99 23.02 21.87
C7N NAD U . -17.63 24.12 21.05
O7N NAD U . -17.44 24.07 19.66
N7N NAD U . -18.36 25.07 21.64
C4N NAD U . -16.39 21.94 21.21
C5N NAD U . -15.79 20.93 21.95
C6N NAD U . -15.82 21.00 23.33
C1' UGA V . -12.33 24.24 17.68
C2' UGA V . -11.64 22.98 17.21
O2' UGA V . -11.41 23.12 15.79
C3' UGA V . -12.53 21.79 17.57
O3' UGA V . -11.90 20.55 17.26
C4' UGA V . -12.79 21.81 19.08
O4' UGA V . -13.64 20.72 19.48
C5' UGA V . -13.44 23.13 19.48
O5' UGA V . -12.70 24.26 19.08
C6' UGA V . -13.64 23.34 20.98
O'P UGA V . -13.00 22.67 21.84
O'Q UGA V . -14.47 24.23 21.27
PB UGA V . -14.00 25.95 16.67
O1B UGA V . -13.40 26.89 17.69
O2B UGA V . -15.59 25.93 16.70
O3B UGA V . -13.47 24.43 16.85
O3A UGA V . -13.75 26.38 15.13
PA UGA V . -12.38 26.36 14.32
O1A UGA V . -12.61 25.98 12.91
O2A UGA V . -11.26 25.52 15.04
O5D UGA V . -11.77 27.88 14.35
C5D UGA V . -11.43 28.55 15.55
C4D UGA V . -10.93 29.94 15.23
O4D UGA V . -9.72 29.74 14.48
C3D UGA V . -11.93 30.73 14.34
O3D UGA V . -11.89 32.13 14.68
C2D UGA V . -11.35 30.49 12.95
O2D UGA V . -11.75 31.50 12.01
C1D UGA V . -9.85 30.50 13.27
N1 UGA V . -8.98 29.89 12.25
C6 UGA V . -9.10 28.51 11.96
C2 UGA V . -8.01 30.66 11.56
O2 UGA V . -7.83 31.85 11.75
N3 UGA V . -7.21 30.03 10.60
C4 UGA V . -7.34 28.66 10.31
O4 UGA V . -6.62 28.16 9.46
C5 UGA V . -8.28 27.90 11.00
PA NAD W . 105.43 -7.65 -11.78
O1A NAD W . 106.32 -6.99 -10.82
O2A NAD W . 105.31 -9.11 -11.59
O5B NAD W . 105.98 -7.38 -13.27
C5B NAD W . 106.20 -6.05 -13.68
C4B NAD W . 107.32 -6.02 -14.70
O4B NAD W . 107.43 -4.73 -15.21
C3B NAD W . 108.69 -6.41 -14.09
O3B NAD W . 109.17 -7.60 -14.68
C2B NAD W . 109.57 -5.22 -14.39
O2B NAD W . 110.90 -5.58 -14.78
C1B NAD W . 108.81 -4.55 -15.52
N9A NAD W . 109.07 -3.12 -15.72
C8A NAD W . 109.00 -2.10 -14.80
N7A NAD W . 109.31 -0.95 -15.45
C5A NAD W . 109.56 -1.23 -16.75
C6A NAD W . 109.92 -0.44 -17.84
N6A NAD W . 110.08 0.89 -17.73
N1A NAD W . 110.09 -1.05 -19.07
C2A NAD W . 109.93 -2.42 -19.22
N3A NAD W . 109.59 -3.19 -18.14
C4A NAD W . 109.41 -2.61 -16.93
O3 NAD W . 104.06 -6.81 -11.71
PN NAD W . 102.59 -7.39 -11.96
O1N NAD W . 102.10 -7.97 -10.68
O2N NAD W . 102.56 -8.22 -13.19
O5D NAD W . 101.84 -5.98 -12.25
C1' UGA X . 92.27 -11.03 -5.28
C2' UGA X . 90.92 -11.06 -6.01
O2' UGA X . 90.17 -12.22 -5.61
C3' UGA X . 91.09 -11.02 -7.55
O3' UGA X . 89.82 -10.80 -8.17
C4' UGA X . 91.98 -9.83 -7.93
O4' UGA X . 92.20 -9.79 -9.35
C5' UGA X . 93.30 -9.90 -7.16
O5' UGA X . 93.07 -9.92 -5.74
C6' UGA X . 94.13 -8.73 -7.66
O'P UGA X . 93.86 -7.56 -7.29
O'Q UGA X . 95.06 -8.99 -8.45
PB UGA X . 93.88 -13.05 -4.35
O1B UGA X . 94.39 -12.10 -3.35
O2B UGA X . 94.99 -13.81 -5.21
O3B UGA X . 92.94 -12.32 -5.49
O3A UGA X . 93.14 -14.36 -3.71
PA UGA X . 91.70 -14.42 -2.93
O1A UGA X . 90.89 -15.62 -3.28
O2A UGA X . 90.87 -13.07 -3.13
O5D UGA X . 92.09 -14.45 -1.34
C5D UGA X . 92.48 -13.23 -0.68
C4D UGA X . 92.47 -13.39 0.84
O4D UGA X . 91.08 -13.50 1.22
C3D UGA X . 93.13 -14.72 1.26
O3D UGA X . 93.78 -14.49 2.49
C2D UGA X . 91.95 -15.67 1.45
O2D UGA X . 92.27 -16.73 2.36
C1D UGA X . 90.99 -14.69 2.10
N1 UGA X . 89.58 -15.09 2.15
C6 UGA X . 88.83 -15.18 0.97
C2 UGA X . 89.00 -15.34 3.41
O2 UGA X . 89.65 -15.25 4.46
N3 UGA X . 87.65 -15.69 3.45
C4 UGA X . 86.89 -15.78 2.25
O4 UGA X . 85.71 -16.11 2.32
C5 UGA X . 87.48 -15.53 1.02
CL CL Y . 54.56 5.75 -10.11
CL CL Z . 69.14 -22.45 21.71
PA NAD AA . 54.53 -2.13 12.96
O1A NAD AA . 54.79 -1.03 13.92
O2A NAD AA . 54.04 -1.68 11.65
O5B NAD AA . 53.53 -3.22 13.58
C5B NAD AA . 53.68 -3.74 14.87
C4B NAD AA . 52.32 -3.77 15.51
O4B NAD AA . 52.45 -4.36 16.80
C3B NAD AA . 51.64 -2.41 15.70
O3B NAD AA . 50.39 -2.34 15.02
C2B NAD AA . 51.45 -2.30 17.21
O2B NAD AA . 50.25 -1.68 17.61
C1B NAD AA . 51.48 -3.76 17.62
N9A NAD AA . 51.77 -3.99 19.05
C8A NAD AA . 52.81 -3.47 19.77
N7A NAD AA . 52.74 -3.94 21.02
C5A NAD AA . 51.65 -4.74 21.11
C6A NAD AA . 51.13 -5.47 22.17
N6A NAD AA . 51.76 -5.39 23.36
N1A NAD AA . 49.99 -6.22 21.98
C2A NAD AA . 49.38 -6.25 20.73
N3A NAD AA . 49.91 -5.53 19.68
C4A NAD AA . 51.02 -4.78 19.88
O3 NAD AA . 55.95 -2.89 12.84
PN NAD AA . 56.38 -3.84 11.63
O1N NAD AA . 56.99 -3.05 10.55
O2N NAD AA . 55.34 -4.82 11.29
O5D NAD AA . 57.58 -4.68 12.30
C5D NAD AA . 57.40 -5.81 13.15
C4D NAD AA . 58.72 -6.51 13.47
O4D NAD AA . 59.22 -7.13 12.31
C3D NAD AA . 59.83 -5.57 13.95
O3D NAD AA . 60.59 -6.14 15.02
C2D NAD AA . 60.70 -5.39 12.71
O2D NAD AA . 62.04 -5.12 13.04
C1D NAD AA . 60.53 -6.70 11.97
N1N NAD AA . 60.57 -6.69 10.49
C2N NAD AA . 60.00 -5.68 9.74
C3N NAD AA . 60.03 -5.78 8.34
C7N NAD AA . 59.42 -4.70 7.47
O7N NAD AA . 59.83 -4.60 6.11
N7N NAD AA . 58.51 -3.90 7.98
C4N NAD AA . 60.63 -6.87 7.71
C5N NAD AA . 61.20 -7.88 8.48
C6N NAD AA . 61.16 -7.77 9.87
C1' UGA BA . 64.85 -4.54 4.13
C2' UGA BA . 65.41 -5.86 3.63
O2' UGA BA . 65.53 -5.79 2.22
C3' UGA BA . 64.48 -7.02 4.02
O3' UGA BA . 65.09 -8.27 3.68
C4' UGA BA . 64.19 -6.96 5.53
O4' UGA BA . 63.22 -7.93 5.89
C5' UGA BA . 63.69 -5.59 5.94
O5' UGA BA . 64.66 -4.58 5.53
C6' UGA BA . 63.41 -5.35 7.43
O'P UGA BA . 63.94 -6.07 8.32
O'Q UGA BA . 62.63 -4.41 7.71
PB UGA BA . 63.09 -2.72 3.28
O1B UGA BA . 63.63 -1.72 4.24
O2B UGA BA . 61.52 -2.78 3.27
O3B UGA BA . 63.57 -4.25 3.54
O3A UGA BA . 63.35 -2.46 1.71
PA UGA BA . 64.78 -2.43 0.91
O1A UGA BA . 64.49 -2.70 -0.54
O2A UGA BA . 65.87 -3.34 1.52
O5D UGA BA . 65.32 -0.87 1.02
C5D UGA BA . 65.74 -0.18 2.21
C4D UGA BA . 66.26 1.21 1.84
O4D UGA BA . 67.44 0.92 1.00
C3D UGA BA . 65.24 1.97 0.95
O3D UGA BA . 65.18 3.38 1.27
C2D UGA BA . 65.80 1.74 -0.45
O2D UGA BA . 65.35 2.76 -1.34
C1D UGA BA . 67.31 1.73 -0.17
N1 UGA BA . 68.14 1.07 -1.20
C6 UGA BA . 67.97 -0.29 -1.49
C2 UGA BA . 69.10 1.81 -1.88
O2 UGA BA . 69.29 3.00 -1.62
N3 UGA BA . 69.88 1.17 -2.85
C4 UGA BA . 69.70 -0.18 -3.15
O4 UGA BA . 70.39 -0.72 -4.02
C5 UGA BA . 68.74 -0.90 -2.46
C1 EDO CA . 83.10 -1.16 6.92
O1 EDO CA . 83.76 -0.53 5.82
C2 EDO CA . 81.79 -0.43 7.14
O2 EDO CA . 80.88 -1.27 7.83
PA NAD DA . -27.05 -9.33 -20.27
O1A NAD DA . -28.06 -10.37 -20.52
O2A NAD DA . -26.94 -8.96 -18.83
O5B NAD DA . -27.45 -8.06 -21.16
C5B NAD DA . -27.52 -8.22 -22.55
C4B NAD DA . -28.63 -7.33 -23.06
O4B NAD DA . -28.70 -7.44 -24.46
C3B NAD DA . -30.00 -7.69 -22.51
O3B NAD DA . -30.43 -6.67 -21.64
C2B NAD DA . -30.90 -7.84 -23.74
O2B NAD DA . -32.18 -7.26 -23.58
C1B NAD DA . -30.05 -7.15 -24.81
N9A NAD DA . -30.23 -7.56 -26.22
C8A NAD DA . -30.14 -8.83 -26.74
N7A NAD DA . -30.35 -8.75 -28.08
C5A NAD DA . -30.55 -7.45 -28.40
C6A NAD DA . -30.80 -6.82 -29.62
N6A NAD DA . -30.87 -7.53 -30.75
N1A NAD DA . -30.97 -5.45 -29.63
C2A NAD DA . -30.90 -4.72 -28.46
N3A NAD DA . -30.64 -5.35 -27.26
C4A NAD DA . -30.47 -6.69 -27.24
O3 NAD DA . -25.64 -9.81 -20.92
PN NAD DA . -24.19 -9.44 -20.30
O1N NAD DA . -23.94 -10.26 -19.09
O2N NAD DA . -24.09 -7.96 -20.16
O5D NAD DA . -23.22 -9.93 -21.49
C1' UGA EA . -14.74 -14.30 -13.46
C2' UGA EA . -13.32 -13.75 -13.65
O2' UGA EA . -12.70 -13.60 -12.36
C3' UGA EA . -13.34 -12.40 -14.41
O3' UGA EA . -12.03 -11.97 -14.77
C4' UGA EA . -14.16 -12.56 -15.69
O4' UGA EA . -14.22 -11.33 -16.41
C5' UGA EA . -15.57 -13.05 -15.36
O5' UGA EA . -15.45 -14.35 -14.72
C6' UGA EA . -16.38 -13.06 -16.62
O'P UGA EA . -16.03 -13.80 -17.57
O'Q UGA EA . -17.35 -12.29 -16.69
PB UGA EA . -16.60 -14.10 -11.51
O1B UGA EA . -17.06 -15.44 -11.96
O2B UGA EA . -17.75 -12.98 -11.36
O3B UGA EA . -15.48 -13.47 -12.52
O3A UGA EA . -15.96 -14.12 -9.96
PA UGA EA . -14.60 -14.93 -9.47
O1A UGA EA . -13.86 -14.19 -8.42
O2A UGA EA . -13.68 -15.25 -10.73
O5D UGA EA . -15.09 -16.35 -8.86
C5D UGA EA . -15.61 -17.40 -9.67
C4D UGA EA . -15.67 -18.68 -8.81
O4D UGA EA . -14.32 -19.08 -8.44
C3D UGA EA . -16.40 -18.38 -7.49
O3D UGA EA . -17.28 -19.48 -7.20
C2D UGA EA . -15.29 -18.32 -6.44
O2D UGA EA . -15.77 -18.72 -5.15
C1D UGA EA . -14.38 -19.40 -7.01
N1 UGA EA . -13.01 -19.37 -6.51
C6 UGA EA . -12.19 -18.27 -6.87
C2 UGA EA . -12.52 -20.41 -5.72
O2 UGA EA . -13.20 -21.39 -5.38
N3 UGA EA . -11.19 -20.31 -5.29
C4 UGA EA . -10.38 -19.23 -5.62
O4 UGA EA . -9.21 -19.21 -5.22
C5 UGA EA . -10.88 -18.19 -6.41
C1 EDO FA . -6.31 -29.96 -16.43
O1 EDO FA . -6.77 -29.13 -17.49
C2 EDO FA . -4.99 -30.56 -16.87
O2 EDO FA . -4.28 -31.15 -15.79
CL CL GA . 24.01 -19.45 -27.53
CL CL HA . 5.31 -34.56 10.30
PA NAD IA . 21.66 -36.51 -10.40
O1A NAD IA . 21.44 -37.86 -10.94
O2A NAD IA . 22.25 -35.54 -11.35
O5B NAD IA . 22.54 -36.62 -9.05
C5B NAD IA . 22.27 -37.61 -8.08
C4B NAD IA . 23.58 -38.25 -7.67
O4B NAD IA . 23.36 -39.14 -6.58
C3B NAD IA . 24.25 -39.07 -8.77
O3B NAD IA . 25.51 -38.50 -9.11
C2B NAD IA . 24.38 -40.47 -8.19
O2B NAD IA . 25.60 -41.14 -8.47
C1B NAD IA . 24.26 -40.22 -6.70
N9A NAD IA . 23.81 -41.36 -5.90
C8A NAD IA . 22.72 -42.19 -6.09
N7A NAD IA . 22.69 -43.09 -5.08
C5A NAD IA . 23.72 -42.84 -4.25
C6A NAD IA . 24.14 -43.44 -3.08
N6A NAD IA . 23.47 -44.49 -2.58
N1A NAD IA . 25.25 -42.95 -2.45
C2A NAD IA . 25.95 -41.86 -2.96
N3A NAD IA . 25.54 -41.27 -4.13
C4A NAD IA . 24.44 -41.75 -4.76
O3 NAD IA . 20.21 -36.00 -9.92
PN NAD IA . 19.81 -34.50 -9.54
O1N NAD IA . 19.37 -33.78 -10.75
O2N NAD IA . 20.82 -33.86 -8.66
O5D NAD IA . 18.48 -34.70 -8.67
C5D NAD IA . 18.52 -34.92 -7.28
C4D NAD IA . 17.14 -34.83 -6.65
O4D NAD IA . 16.71 -33.48 -6.58
C3D NAD IA . 16.05 -35.61 -7.37
O3D NAD IA . 15.26 -36.28 -6.41
C2D NAD IA . 15.27 -34.55 -8.13
O2D NAD IA . 13.92 -34.90 -8.40
C1D NAD IA . 15.46 -33.32 -7.23
N1N NAD IA . 15.59 -32.01 -7.90
C2N NAD IA . 16.29 -31.87 -9.08
C3N NAD IA . 16.40 -30.61 -9.65
C7N NAD IA . 17.17 -30.41 -10.95
O7N NAD IA . 17.04 -29.18 -11.60
N7N NAD IA . 17.95 -31.37 -11.41
C4N NAD IA . 15.82 -29.49 -9.04
C5N NAD IA . 15.11 -29.65 -7.85
C6N NAD IA . 15.02 -30.92 -7.30
C1' UGA JA . 12.14 -27.22 -12.98
C2' UGA JA . 11.46 -26.17 -12.11
O2' UGA JA . 11.41 -24.94 -12.86
C3' UGA JA . 12.26 -26.03 -10.81
O3' UGA JA . 11.63 -25.17 -9.85
C4' UGA JA . 12.40 -27.42 -10.17
O4' UGA JA . 13.19 -27.30 -8.98
C5' UGA JA . 13.06 -28.40 -11.12
O5' UGA JA . 12.32 -28.49 -12.31
C6' UGA JA . 13.15 -29.84 -10.64
O'P UGA JA . 12.42 -30.26 -9.72
O'Q UGA JA . 13.95 -30.55 -11.25
PB UGA JA . 13.97 -27.16 -14.82
O1B UGA JA . 13.35 -28.44 -15.33
O2B UGA JA . 15.56 -27.20 -14.68
O3B UGA JA . 13.42 -26.74 -13.40
O3A UGA JA . 13.82 -25.85 -15.83
PA UGA JA . 12.53 -25.08 -16.36
O1A UGA JA . 12.82 -23.66 -16.64
O2A UGA JA . 11.34 -25.20 -15.37
O5D UGA JA . 12.00 -25.81 -17.73
C5D UGA JA . 11.58 -27.15 -17.85
C4D UGA JA . 11.19 -27.43 -19.29
O4D UGA JA . 10.06 -26.55 -19.53
C3D UGA JA . 12.30 -27.01 -20.26
O3D UGA JA . 12.35 -27.91 -21.36
C2D UGA JA . 11.88 -25.62 -20.70
O2D UGA JA . 12.36 -25.28 -21.99
C1D UGA JA . 10.37 -25.77 -20.73
N1 UGA JA . 9.57 -24.54 -20.64
C6 UGA JA . 9.67 -23.66 -19.52
C2 UGA JA . 8.69 -24.24 -21.68
O2 UGA JA . 8.57 -24.99 -22.67
N3 UGA JA . 7.92 -23.08 -21.59
C4 UGA JA . 8.01 -22.22 -20.51
O4 UGA JA . 7.29 -21.20 -20.51
C5 UGA JA . 8.89 -22.51 -19.45
#